data_9JKG
#
_entry.id   9JKG
#
_cell.length_a   1.00
_cell.length_b   1.00
_cell.length_c   1.00
_cell.angle_alpha   90.00
_cell.angle_beta   90.00
_cell.angle_gamma   90.00
#
_symmetry.space_group_name_H-M   'P 1'
#
loop_
_entity.id
_entity.type
_entity.pdbx_description
1 polymer 'Envelope glycoprotein gp160'
2 branched beta-D-mannopyranose-(1-4)-2-acetamido-2-deoxy-beta-D-glucopyranose-(1-4)-2-acetamido-2-deoxy-beta-D-glucopyranose
3 branched 2-acetamido-2-deoxy-beta-D-glucopyranose-(1-4)-2-acetamido-2-deoxy-beta-D-glucopyranose
4 branched alpha-D-mannopyranose-(1-6)-beta-D-mannopyranose-(1-4)-2-acetamido-2-deoxy-beta-D-glucopyranose-(1-4)-2-acetamido-2-deoxy-beta-D-glucopyranose
5 branched alpha-D-mannopyranose-(1-3)-beta-D-mannopyranose-(1-4)-2-acetamido-2-deoxy-beta-D-glucopyranose-(1-4)-2-acetamido-2-deoxy-beta-D-glucopyranose
6 branched alpha-D-mannopyranose-(1-2)-alpha-D-mannopyranose-(1-3)-[alpha-D-mannopyranose-(1-6)]beta-D-mannopyranose-(1-4)-2-acetamido-2-deoxy-beta-D-glucopyranose-(1-4)-2-acetamido-2-deoxy-beta-D-glucopyranose
7 branched alpha-D-mannopyranose-(1-3)-[alpha-D-mannopyranose-(1-6)]beta-D-mannopyranose-(1-4)-2-acetamido-2-deoxy-beta-D-glucopyranose-(1-4)-2-acetamido-2-deoxy-beta-D-glucopyranose
8 branched alpha-D-mannopyranose-(1-3)-[beta-D-mannopyranose-(1-4)]2-acetamido-2-deoxy-beta-D-glucopyranose-(1-4)-2-acetamido-2-deoxy-beta-D-glucopyranose
9 branched beta-D-mannopyranose-(1-4)-2-acetamido-2-deoxy-beta-D-glucopyranose-(1-4)-[alpha-L-fucopyranose-(1-6)]2-acetamido-2-deoxy-beta-D-glucopyranose
10 branched alpha-D-mannopyranose-(1-2)-alpha-D-mannopyranose-(1-3)-[alpha-D-mannopyranose-(1-3)-[alpha-D-mannopyranose-(1-6)]alpha-D-mannopyranose-(1-6)]beta-D-mannopyranose-(1-4)-2-acetamido-2-deoxy-beta-D-glucopyranose-(1-4)-2-acetamido-2-deoxy-beta-D-glucopyranose
11 branched alpha-D-mannopyranose-(1-2)-alpha-D-mannopyranose-(1-3)-[alpha-D-mannopyranose-(1-6)-alpha-D-mannopyranose-(1-6)]beta-D-mannopyranose-(1-4)-2-acetamido-2-deoxy-beta-D-glucopyranose-(1-4)-2-acetamido-2-deoxy-beta-D-glucopyranose
12 branched 2-acetamido-2-deoxy-beta-D-glucopyranose-(1-4)-[alpha-L-fucopyranose-(1-6)]2-acetamido-2-deoxy-beta-D-glucopyranose
13 non-polymer 2-acetamido-2-deoxy-beta-D-glucopyranose
14 non-polymer 1-[(2R)-4-(benzenecarbonyl)-2-methylpiperazin-1-yl]-2-(4-methoxy-1H-pyrrolo[2,3-b]pyridin-3-yl)ethane-1,2-dione
#
_entity_poly.entity_id   1
_entity_poly.type   'polypeptide(L)'
_entity_poly.pdbx_seq_one_letter_code
;MRVKEKYQHLWRWGWRWGTMLLGMLMICSATEKLWVTVYYGVPVWKEATTTLFCASDAKAYDTEVHNVWATHACVPTDPN
PQEVVLENVTENFNMWKNNMVEQMHEDIISLWDESLKPCVKLTPLCVTLNCTDLRNVTNINNSSEGMRGEIKNCSFNITT
SIRDKVKKDYALFYRLDVVPIDNDNTSYRLINCNTSTITQACPKVSFEPIPIHYCTPAGFAILKCKDKKFNGTGPCKNVS
TVQCTHGIRPVVSTQLLLNGSLAEEEVVIRSSNFTDNAKNIIVQLKESVEINCTRPNNNTRKSIHIGPGRAFYTTGDIIG
DIRQAHCNISRTKWNNTLNQIATKLKEQFGNNKTIVFNQSSGGDPEIVMHSFNCGGEFFYCNSTQLFNSTWNFNGTWNLT
QSNGTEGNDTITLPCRIKQIINMWQEVGKAMYAPPIRGQIRCSSNITGLILTRDGGNNHNNDTETFRPGGGDMRDNWRSE
LYKYKVVKIEPLGVAPTKAKRRVVQREKRAVGTIGAMFLGFLGAAGSTMGVASMTLTVQARQLLSGIVQQQNNLLRAIEA
QQHLLKLTVWGIKQLQARVLTVERYLRDQQLLGIWGCSGKLICTTAVPWNASWSNKTLDMIWNNMTWMEWEREIDNYTGL
IYTLIEESQNQQEKNEQELLELDKWASLWNWFDITNWLWYIKIFIMIVGGLIGLRIVFTVLSIVNRVRQGYSPGGGHHHH
HH
;
_entity_poly.pdbx_strand_id   B,C,D,E,A,F
#
loop_
_chem_comp.id
_chem_comp.type
_chem_comp.name
_chem_comp.formula
83G non-polymer 1-[(2R)-4-(benzenecarbonyl)-2-methylpiperazin-1-yl]-2-(4-methoxy-1H-pyrrolo[2,3-b]pyridin-3-yl)ethane-1,2-dione 'C22 H22 N4 O4'
BMA D-saccharide, beta linking beta-D-mannopyranose 'C6 H12 O6'
FUC L-saccharide, alpha linking alpha-L-fucopyranose 'C6 H12 O5'
MAN D-saccharide, alpha linking alpha-D-mannopyranose 'C6 H12 O6'
NAG D-saccharide, beta linking 2-acetamido-2-deoxy-beta-D-glucopyranose 'C8 H15 N O6'
#
# COMPACT_ATOMS: atom_id res chain seq x y z
N LEU A 519 6.56 -24.03 -20.74
CA LEU A 519 6.94 -22.85 -21.57
C LEU A 519 6.08 -21.66 -21.14
N GLY A 520 4.89 -21.91 -20.61
CA GLY A 520 3.98 -20.81 -20.20
C GLY A 520 3.17 -20.31 -21.37
N PHE A 521 3.39 -20.85 -22.57
CA PHE A 521 2.68 -20.33 -23.77
C PHE A 521 1.91 -21.46 -24.47
N LEU A 522 0.64 -21.22 -24.79
CA LEU A 522 -0.18 -22.22 -25.52
C LEU A 522 0.23 -22.23 -26.99
N GLY A 523 0.35 -21.05 -27.60
CA GLY A 523 0.70 -20.95 -29.04
C GLY A 523 -0.39 -21.56 -29.91
N ALA A 524 -0.05 -22.00 -31.13
CA ALA A 524 -1.05 -22.68 -31.99
C ALA A 524 -2.28 -21.80 -32.17
N ALA A 525 -2.13 -20.48 -32.02
CA ALA A 525 -3.25 -19.55 -32.23
C ALA A 525 -3.59 -19.50 -33.73
N GLY A 526 -2.56 -19.46 -34.57
CA GLY A 526 -2.78 -19.40 -36.03
C GLY A 526 -3.45 -20.64 -36.57
N SER A 527 -3.03 -21.82 -36.10
CA SER A 527 -3.66 -23.09 -36.54
C SER A 527 -5.17 -22.97 -36.40
N THR A 528 -5.92 -23.21 -37.47
CA THR A 528 -7.40 -23.06 -37.44
C THR A 528 -8.01 -24.13 -36.52
N MET A 529 -9.16 -23.83 -35.92
CA MET A 529 -9.79 -24.77 -34.97
C MET A 529 -9.90 -26.16 -35.62
N GLY A 530 -9.68 -27.22 -34.84
CA GLY A 530 -9.80 -28.59 -35.39
C GLY A 530 -8.46 -29.13 -35.83
N VAL A 531 -7.48 -28.25 -36.05
CA VAL A 531 -6.10 -28.71 -36.40
C VAL A 531 -5.60 -29.59 -35.25
N ALA A 532 -4.76 -30.60 -35.55
CA ALA A 532 -4.30 -31.53 -34.49
C ALA A 532 -3.90 -30.74 -33.25
N SER A 533 -3.25 -29.58 -33.43
CA SER A 533 -2.87 -28.72 -32.28
C SER A 533 -4.13 -28.35 -31.49
N MET A 534 -5.19 -27.95 -32.18
CA MET A 534 -6.46 -27.55 -31.50
C MET A 534 -7.08 -28.79 -30.85
N THR A 535 -6.79 -29.97 -31.38
CA THR A 535 -7.29 -31.22 -30.75
C THR A 535 -6.33 -31.62 -29.62
N LEU A 536 -5.08 -31.14 -29.68
CA LEU A 536 -4.08 -31.48 -28.63
C LEU A 536 -3.91 -30.29 -27.70
N THR A 537 -4.81 -29.29 -27.77
CA THR A 537 -4.74 -28.14 -26.85
C THR A 537 -4.79 -28.68 -25.42
N VAL A 538 -5.73 -29.58 -25.12
CA VAL A 538 -5.83 -30.18 -23.76
C VAL A 538 -4.43 -30.31 -23.16
N GLN A 539 -3.54 -31.03 -23.85
CA GLN A 539 -2.16 -31.26 -23.33
C GLN A 539 -1.50 -29.92 -23.03
N ALA A 540 -1.47 -29.01 -24.01
CA ALA A 540 -0.77 -27.72 -23.82
C ALA A 540 -1.43 -26.96 -22.67
N ARG A 541 -2.74 -27.14 -22.51
CA ARG A 541 -3.48 -26.47 -21.40
C ARG A 541 -3.06 -27.12 -20.07
N GLN A 542 -3.11 -28.45 -19.99
CA GLN A 542 -2.64 -29.15 -18.77
C GLN A 542 -1.24 -28.59 -18.43
N LEU A 543 -0.39 -28.47 -19.45
CA LEU A 543 0.98 -27.92 -19.24
C LEU A 543 0.87 -26.50 -18.68
N LEU A 544 0.03 -25.65 -19.29
CA LEU A 544 -0.06 -24.23 -18.83
C LEU A 544 -0.58 -24.19 -17.39
N SER A 545 -1.71 -24.86 -17.13
CA SER A 545 -2.24 -24.91 -15.75
C SER A 545 -1.09 -25.30 -14.81
N GLY A 546 -0.25 -26.24 -15.24
CA GLY A 546 0.92 -26.65 -14.42
C GLY A 546 1.95 -25.54 -14.34
N ILE A 547 2.26 -24.91 -15.48
CA ILE A 547 3.25 -23.81 -15.51
C ILE A 547 2.84 -22.75 -14.47
N VAL A 548 1.54 -22.52 -14.31
CA VAL A 548 1.07 -21.47 -13.36
C VAL A 548 1.70 -21.76 -11.99
N GLN A 549 1.58 -23.01 -11.52
CA GLN A 549 2.20 -23.38 -10.21
C GLN A 549 3.72 -23.28 -10.34
N GLN A 550 4.29 -23.85 -11.41
CA GLN A 550 5.76 -23.79 -11.61
C GLN A 550 6.20 -22.34 -11.41
N GLN A 551 5.42 -21.39 -11.91
CA GLN A 551 5.75 -19.95 -11.69
C GLN A 551 5.36 -19.55 -10.27
N ASN A 552 4.10 -19.81 -9.87
CA ASN A 552 3.64 -19.37 -8.54
C ASN A 552 4.58 -19.96 -7.48
N ASN A 553 4.83 -21.27 -7.55
CA ASN A 553 5.70 -21.93 -6.54
C ASN A 553 7.05 -21.22 -6.56
N LEU A 554 7.62 -21.01 -7.75
CA LEU A 554 8.92 -20.29 -7.86
C LEU A 554 8.80 -18.95 -7.13
N LEU A 555 7.81 -18.13 -7.51
CA LEU A 555 7.64 -16.80 -6.89
C LEU A 555 7.56 -16.96 -5.37
N ARG A 556 6.69 -17.86 -4.90
CA ARG A 556 6.51 -18.05 -3.44
C ARG A 556 7.85 -18.38 -2.80
N ALA A 557 8.57 -19.36 -3.36
CA ALA A 557 9.88 -19.76 -2.79
C ALA A 557 10.76 -18.53 -2.60
N ILE A 558 10.81 -17.66 -3.61
CA ILE A 558 11.67 -16.44 -3.54
C ILE A 558 11.16 -15.53 -2.42
N GLU A 559 9.87 -15.18 -2.47
CA GLU A 559 9.29 -14.26 -1.45
C GLU A 559 9.60 -14.81 -0.05
N ALA A 560 9.74 -16.13 0.06
CA ALA A 560 10.10 -16.74 1.36
C ALA A 560 11.55 -16.39 1.70
N GLN A 561 12.44 -16.42 0.70
CA GLN A 561 13.88 -16.15 0.95
C GLN A 561 14.12 -14.63 1.02
N GLN A 562 14.01 -13.94 -0.12
CA GLN A 562 14.30 -12.48 -0.16
C GLN A 562 13.47 -11.77 0.92
N HIS A 563 12.15 -12.04 0.96
CA HIS A 563 11.23 -11.39 1.94
C HIS A 563 11.31 -9.86 1.83
N LEU A 564 11.58 -9.34 0.62
CA LEU A 564 11.57 -7.86 0.42
C LEU A 564 10.17 -7.48 -0.07
N LEU A 565 9.13 -8.13 0.45
CA LEU A 565 7.74 -7.86 0.02
C LEU A 565 7.37 -6.43 0.42
N LYS A 566 8.34 -5.69 0.97
CA LYS A 566 8.11 -4.27 1.35
C LYS A 566 7.49 -3.53 0.16
N LEU A 567 6.42 -2.78 0.41
CA LEU A 567 5.73 -2.02 -0.68
C LEU A 567 6.68 -0.96 -1.26
N THR A 568 7.67 -1.39 -2.06
CA THR A 568 8.56 -0.43 -2.75
C THR A 568 7.95 -0.09 -4.12
N VAL A 569 8.67 0.67 -4.95
CA VAL A 569 8.16 0.95 -6.33
C VAL A 569 7.91 -0.38 -7.02
N TRP A 570 8.89 -1.29 -6.99
CA TRP A 570 8.69 -2.65 -7.58
C TRP A 570 7.82 -3.48 -6.63
N GLY A 571 8.02 -3.33 -5.33
CA GLY A 571 7.22 -4.07 -4.34
C GLY A 571 5.74 -3.98 -4.66
N ILE A 572 5.22 -2.76 -4.75
CA ILE A 572 3.76 -2.57 -5.03
C ILE A 572 3.42 -3.27 -6.35
N LYS A 573 4.26 -3.09 -7.37
CA LYS A 573 4.03 -3.76 -8.68
C LYS A 573 3.83 -5.26 -8.42
N GLN A 574 4.82 -5.89 -7.79
CA GLN A 574 4.73 -7.35 -7.49
C GLN A 574 3.41 -7.64 -6.79
N LEU A 575 3.03 -6.78 -5.82
CA LEU A 575 1.78 -7.03 -5.05
C LEU A 575 0.58 -6.95 -6.00
N GLN A 576 0.48 -5.86 -6.77
CA GLN A 576 -0.62 -5.74 -7.76
C GLN A 576 -0.60 -6.99 -8.65
N ALA A 577 0.57 -7.31 -9.21
CA ALA A 577 0.66 -8.47 -10.13
C ALA A 577 0.08 -9.71 -9.44
N ARG A 578 0.53 -9.99 -8.22
CA ARG A 578 0.07 -11.20 -7.49
C ARG A 578 -1.47 -11.22 -7.48
N VAL A 579 -2.09 -10.11 -7.06
CA VAL A 579 -3.58 -10.06 -6.96
C VAL A 579 -4.19 -10.34 -8.34
N LEU A 580 -3.70 -9.65 -9.38
CA LEU A 580 -4.27 -9.83 -10.74
C LEU A 580 -4.31 -11.32 -11.09
N THR A 581 -3.18 -12.02 -10.92
CA THR A 581 -3.11 -13.45 -11.31
C THR A 581 -4.22 -14.23 -10.58
N VAL A 582 -4.37 -13.99 -9.28
CA VAL A 582 -5.39 -14.71 -8.47
C VAL A 582 -6.77 -14.44 -9.07
N GLU A 583 -7.10 -13.16 -9.29
CA GLU A 583 -8.42 -12.79 -9.85
C GLU A 583 -8.62 -13.52 -11.19
N ARG A 584 -7.61 -13.47 -12.06
CA ARG A 584 -7.69 -14.14 -13.38
C ARG A 584 -8.06 -15.61 -13.15
N TYR A 585 -7.24 -16.33 -12.39
CA TYR A 585 -7.49 -17.78 -12.16
C TYR A 585 -8.87 -17.95 -11.56
N LEU A 586 -9.19 -17.18 -10.52
CA LEU A 586 -10.48 -17.40 -9.83
C LEU A 586 -11.65 -17.13 -10.78
N ARG A 587 -11.64 -16.01 -11.49
CA ARG A 587 -12.82 -15.66 -12.34
C ARG A 587 -13.01 -16.78 -13.37
N ASP A 588 -11.95 -17.25 -14.03
CA ASP A 588 -12.18 -18.25 -15.11
C ASP A 588 -12.74 -19.54 -14.50
N GLN A 589 -12.31 -19.89 -13.28
CA GLN A 589 -12.79 -21.13 -12.62
C GLN A 589 -14.23 -20.92 -12.16
N GLN A 590 -14.53 -19.76 -11.57
CA GLN A 590 -15.91 -19.45 -11.11
C GLN A 590 -16.88 -19.79 -12.24
N LEU A 591 -16.71 -19.16 -13.41
CA LEU A 591 -17.61 -19.42 -14.56
C LEU A 591 -17.72 -20.94 -14.75
N LEU A 592 -16.59 -21.61 -14.99
CA LEU A 592 -16.60 -23.09 -15.18
C LEU A 592 -17.50 -23.73 -14.11
N GLY A 593 -17.27 -23.41 -12.84
CA GLY A 593 -18.05 -24.03 -11.75
C GLY A 593 -19.54 -23.80 -11.92
N ILE A 594 -19.94 -22.54 -12.13
CA ILE A 594 -21.38 -22.19 -12.29
C ILE A 594 -21.92 -22.90 -13.53
N TRP A 595 -21.11 -22.98 -14.59
CA TRP A 595 -21.53 -23.65 -15.85
C TRP A 595 -21.55 -25.16 -15.63
N GLY A 596 -21.04 -25.63 -14.49
CA GLY A 596 -20.97 -27.08 -14.23
C GLY A 596 -19.88 -27.72 -15.05
N CYS A 597 -18.79 -26.99 -15.30
CA CYS A 597 -17.69 -27.51 -16.16
C CYS A 597 -16.38 -27.51 -15.38
N SER A 598 -16.44 -27.30 -14.06
CA SER A 598 -15.21 -27.23 -13.22
C SER A 598 -14.39 -28.51 -13.38
N GLY A 599 -15.04 -29.61 -13.77
CA GLY A 599 -14.34 -30.90 -13.91
C GLY A 599 -13.11 -30.80 -14.81
N LYS A 600 -13.32 -30.60 -16.12
CA LYS A 600 -12.16 -30.58 -17.05
C LYS A 600 -12.29 -29.41 -18.03
N LEU A 601 -11.23 -29.16 -18.81
CA LEU A 601 -11.24 -28.03 -19.77
C LEU A 601 -12.44 -28.17 -20.71
N ILE A 602 -12.44 -29.21 -21.55
CA ILE A 602 -13.55 -29.42 -22.54
C ILE A 602 -14.79 -29.93 -21.79
N CYS A 603 -15.96 -29.36 -22.08
CA CYS A 603 -17.22 -29.85 -21.47
C CYS A 603 -18.38 -29.60 -22.42
N THR A 604 -19.03 -30.66 -22.91
CA THR A 604 -20.23 -30.49 -23.77
C THR A 604 -21.38 -30.00 -22.90
N THR A 605 -22.16 -29.05 -23.40
CA THR A 605 -23.33 -28.52 -22.64
C THR A 605 -24.62 -28.90 -23.36
N ALA A 606 -25.77 -28.70 -22.70
CA ALA A 606 -27.08 -29.05 -23.29
C ALA A 606 -27.66 -27.88 -24.09
N VAL A 607 -26.95 -26.76 -24.17
CA VAL A 607 -27.53 -25.55 -24.85
C VAL A 607 -27.33 -25.73 -26.37
N PRO A 608 -28.38 -25.71 -27.22
CA PRO A 608 -28.19 -25.78 -28.67
C PRO A 608 -27.75 -24.43 -29.25
N TRP A 609 -27.00 -24.46 -30.34
CA TRP A 609 -26.51 -23.19 -30.94
C TRP A 609 -27.60 -22.55 -31.79
N ASN A 610 -27.69 -21.22 -31.77
CA ASN A 610 -28.73 -20.50 -32.56
C ASN A 610 -28.10 -19.99 -33.86
N ALA A 611 -28.85 -20.04 -34.96
CA ALA A 611 -28.34 -19.53 -36.25
C ALA A 611 -27.95 -18.06 -36.08
N SER A 612 -28.64 -17.35 -35.17
CA SER A 612 -28.27 -15.93 -34.89
C SER A 612 -26.84 -15.88 -34.38
N TRP A 613 -26.48 -16.82 -33.50
CA TRP A 613 -25.08 -16.87 -32.98
C TRP A 613 -24.13 -17.09 -34.16
N SER A 614 -24.48 -18.01 -35.07
CA SER A 614 -23.66 -18.25 -36.29
C SER A 614 -24.42 -19.14 -37.29
N ASN A 615 -24.32 -18.84 -38.60
CA ASN A 615 -24.99 -19.68 -39.64
C ASN A 615 -23.92 -20.39 -40.49
N LYS A 616 -22.99 -21.13 -39.86
CA LYS A 616 -21.90 -21.77 -40.64
C LYS A 616 -21.83 -23.26 -40.28
N THR A 617 -21.34 -24.10 -41.20
CA THR A 617 -21.18 -25.55 -40.90
C THR A 617 -20.07 -25.72 -39.87
N LEU A 618 -20.13 -26.79 -39.07
CA LEU A 618 -19.07 -27.04 -38.07
C LEU A 618 -17.71 -26.99 -38.78
N ASP A 619 -17.62 -27.57 -39.98
CA ASP A 619 -16.34 -27.55 -40.74
C ASP A 619 -15.91 -26.09 -40.94
N MET A 620 -16.84 -25.23 -41.37
CA MET A 620 -16.52 -23.79 -41.55
C MET A 620 -16.07 -23.20 -40.22
N ILE A 621 -16.96 -23.18 -39.22
CA ILE A 621 -16.63 -22.55 -37.91
C ILE A 621 -15.31 -23.13 -37.39
N TRP A 622 -14.96 -24.35 -37.79
CA TRP A 622 -13.74 -25.01 -37.25
C TRP A 622 -12.62 -25.00 -38.28
N ASN A 623 -12.60 -25.99 -39.18
CA ASN A 623 -11.49 -26.15 -40.15
C ASN A 623 -11.17 -24.82 -40.84
N ASN A 624 -12.13 -23.90 -40.92
CA ASN A 624 -11.89 -22.64 -41.69
C ASN A 624 -11.55 -21.48 -40.76
N MET A 625 -12.05 -21.48 -39.53
CA MET A 625 -11.83 -20.30 -38.63
C MET A 625 -10.81 -20.63 -37.54
N THR A 626 -9.87 -19.72 -37.28
CA THR A 626 -8.92 -19.93 -36.16
C THR A 626 -9.65 -19.55 -34.88
N TRP A 627 -9.15 -19.99 -33.72
CA TRP A 627 -9.92 -19.73 -32.47
C TRP A 627 -10.08 -18.22 -32.26
N MET A 628 -8.97 -17.48 -32.37
CA MET A 628 -9.03 -16.00 -32.25
C MET A 628 -10.12 -15.48 -33.19
N GLU A 629 -10.04 -15.83 -34.47
CA GLU A 629 -11.03 -15.35 -35.47
C GLU A 629 -12.44 -15.75 -35.03
N TRP A 630 -12.61 -17.00 -34.60
CA TRP A 630 -13.96 -17.49 -34.22
C TRP A 630 -14.57 -16.60 -33.15
N GLU A 631 -13.97 -16.58 -31.96
CA GLU A 631 -14.50 -15.79 -30.82
C GLU A 631 -14.89 -14.39 -31.30
N ARG A 632 -14.04 -13.76 -32.12
CA ARG A 632 -14.33 -12.38 -32.60
C ARG A 632 -15.78 -12.30 -33.07
N GLU A 633 -16.22 -13.28 -33.86
CA GLU A 633 -17.60 -13.26 -34.41
C GLU A 633 -18.62 -13.57 -33.31
N ILE A 634 -18.29 -14.48 -32.40
CA ILE A 634 -19.27 -14.90 -31.36
C ILE A 634 -19.28 -13.91 -30.20
N ASP A 635 -18.25 -13.07 -30.09
CA ASP A 635 -18.16 -12.14 -28.94
C ASP A 635 -19.50 -11.41 -28.81
N ASN A 636 -20.12 -11.07 -29.93
CA ASN A 636 -21.41 -10.34 -29.93
C ASN A 636 -22.49 -11.15 -29.21
N TYR A 637 -22.26 -12.44 -28.97
CA TYR A 637 -23.31 -13.30 -28.36
C TYR A 637 -22.73 -14.07 -27.18
N THR A 638 -21.40 -14.00 -27.04
CA THR A 638 -20.69 -14.74 -25.96
C THR A 638 -21.49 -14.66 -24.66
N GLY A 639 -21.97 -13.48 -24.28
CA GLY A 639 -22.67 -13.32 -23.00
C GLY A 639 -23.95 -14.15 -22.97
N LEU A 640 -24.83 -13.95 -23.95
CA LEU A 640 -26.12 -14.68 -23.97
C LEU A 640 -25.86 -16.19 -23.98
N ILE A 641 -24.80 -16.62 -24.66
CA ILE A 641 -24.56 -18.09 -24.81
C ILE A 641 -24.24 -18.72 -23.45
N TYR A 642 -23.30 -18.15 -22.69
CA TYR A 642 -22.89 -18.83 -21.43
C TYR A 642 -23.38 -18.09 -20.19
N THR A 643 -23.21 -16.77 -20.14
CA THR A 643 -23.56 -16.03 -18.90
C THR A 643 -25.05 -16.21 -18.58
N LEU A 644 -25.84 -16.63 -19.58
CA LEU A 644 -27.30 -16.74 -19.36
C LEU A 644 -27.76 -18.19 -19.60
N ILE A 645 -28.04 -18.55 -20.85
CA ILE A 645 -28.60 -19.89 -21.15
C ILE A 645 -27.76 -20.98 -20.45
N GLU A 646 -26.44 -20.97 -20.64
CA GLU A 646 -25.62 -22.08 -20.08
C GLU A 646 -25.84 -22.15 -18.56
N GLU A 647 -25.73 -21.02 -17.87
CA GLU A 647 -25.89 -21.01 -16.39
C GLU A 647 -27.29 -21.51 -16.03
N SER A 648 -28.31 -20.99 -16.72
CA SER A 648 -29.72 -21.44 -16.48
C SER A 648 -29.77 -22.96 -16.62
N GLN A 649 -29.24 -23.49 -17.72
CA GLN A 649 -29.27 -24.96 -17.97
C GLN A 649 -28.85 -25.69 -16.69
N ASN A 650 -27.71 -25.27 -16.12
CA ASN A 650 -27.17 -25.95 -14.92
C ASN A 650 -28.15 -25.82 -13.75
N GLN A 651 -28.74 -24.64 -13.58
CA GLN A 651 -29.68 -24.42 -12.44
C GLN A 651 -30.83 -25.42 -12.58
N GLN A 652 -31.42 -25.50 -13.77
CA GLN A 652 -32.55 -26.42 -14.01
C GLN A 652 -32.09 -27.86 -13.78
N GLU A 653 -30.91 -28.21 -14.30
CA GLU A 653 -30.36 -29.57 -14.11
C GLU A 653 -30.22 -29.85 -12.62
N LYS A 654 -29.59 -28.93 -11.89
CA LYS A 654 -29.37 -29.13 -10.43
C LYS A 654 -30.71 -29.40 -9.74
N ASN A 655 -31.72 -28.56 -10.03
CA ASN A 655 -33.06 -28.75 -9.43
C ASN A 655 -33.57 -30.15 -9.76
N GLU A 656 -33.57 -30.50 -11.05
CA GLU A 656 -34.10 -31.83 -11.46
C GLU A 656 -33.35 -32.92 -10.70
N GLN A 657 -32.04 -32.77 -10.53
CA GLN A 657 -31.23 -33.80 -9.80
C GLN A 657 -31.89 -34.10 -8.46
N GLU A 658 -31.89 -33.13 -7.54
CA GLU A 658 -32.44 -33.37 -6.17
C GLU A 658 -33.94 -33.72 -6.29
N LEU A 659 -34.63 -33.13 -7.27
CA LEU A 659 -36.07 -33.43 -7.49
C LEU A 659 -36.23 -34.90 -7.90
N LEU A 660 -35.15 -35.51 -8.40
CA LEU A 660 -35.20 -36.96 -8.76
C LEU A 660 -34.63 -37.78 -7.62
N GLU A 661 -34.05 -37.13 -6.61
CA GLU A 661 -33.41 -37.86 -5.47
C GLU A 661 -34.46 -38.09 -4.37
N LEU A 662 -35.66 -37.54 -4.53
CA LEU A 662 -36.73 -37.77 -3.53
C LEU A 662 -37.53 -39.03 -3.93
N ASP A 663 -37.21 -39.62 -5.08
CA ASP A 663 -37.87 -40.88 -5.51
C ASP A 663 -37.62 -41.95 -4.43
N LYS A 664 -38.70 -42.41 -3.77
CA LYS A 664 -38.54 -43.39 -2.66
C LYS A 664 -38.00 -44.72 -3.20
N TRP A 665 -38.65 -45.29 -4.23
CA TRP A 665 -38.24 -46.63 -4.71
C TRP A 665 -36.76 -46.60 -5.11
N ALA A 666 -36.33 -45.53 -5.79
CA ALA A 666 -34.93 -45.46 -6.27
C ALA A 666 -33.99 -45.60 -5.07
N SER A 667 -34.21 -44.81 -4.02
CA SER A 667 -33.35 -44.86 -2.82
C SER A 667 -33.34 -46.28 -2.25
N LEU A 668 -34.52 -46.91 -2.14
CA LEU A 668 -34.61 -48.27 -1.54
C LEU A 668 -33.80 -49.24 -2.41
N TRP A 669 -34.00 -49.20 -3.73
CA TRP A 669 -33.20 -50.07 -4.64
C TRP A 669 -31.73 -49.70 -4.51
N ASN A 670 -31.41 -48.40 -4.54
CA ASN A 670 -30.00 -47.96 -4.38
C ASN A 670 -29.45 -48.52 -3.07
N TRP A 671 -30.24 -48.45 -1.99
CA TRP A 671 -29.81 -49.00 -0.69
C TRP A 671 -29.52 -50.50 -0.85
N PHE A 672 -30.43 -51.21 -1.53
CA PHE A 672 -30.23 -52.65 -1.78
C PHE A 672 -28.85 -52.85 -2.42
N ASP A 673 -28.48 -51.94 -3.33
CA ASP A 673 -27.17 -52.06 -4.02
C ASP A 673 -26.05 -51.99 -2.97
N ILE A 674 -26.19 -51.10 -1.99
CA ILE A 674 -25.13 -50.94 -0.94
C ILE A 674 -25.29 -52.06 0.08
N THR A 675 -26.50 -52.62 0.20
CA THR A 675 -26.73 -53.77 1.12
C THR A 675 -25.77 -54.88 0.69
N ASN A 676 -25.60 -55.06 -0.62
CA ASN A 676 -24.63 -56.07 -1.13
C ASN A 676 -23.39 -55.34 -1.64
N TRP A 677 -23.40 -54.00 -1.61
CA TRP A 677 -22.27 -53.21 -2.16
C TRP A 677 -21.96 -53.72 -3.57
N LEU A 678 -22.99 -54.04 -4.34
CA LEU A 678 -22.79 -54.53 -5.74
C LEU A 678 -21.66 -55.57 -5.76
N TRP A 679 -21.58 -56.43 -4.74
CA TRP A 679 -20.58 -57.51 -4.74
C TRP A 679 -21.24 -58.82 -5.15
N TYR A 680 -22.57 -58.88 -5.03
CA TYR A 680 -23.32 -60.11 -5.44
C TYR A 680 -23.04 -60.38 -6.91
N ILE A 681 -23.00 -59.32 -7.73
CA ILE A 681 -22.72 -59.48 -9.19
C ILE A 681 -21.29 -60.01 -9.36
N LYS A 682 -20.36 -59.56 -8.51
CA LYS A 682 -18.97 -60.05 -8.58
C LYS A 682 -18.98 -61.56 -8.29
N ILE A 683 -19.78 -62.00 -7.32
CA ILE A 683 -19.88 -63.46 -7.02
C ILE A 683 -20.38 -64.18 -8.27
N PHE A 684 -21.38 -63.61 -8.95
CA PHE A 684 -21.86 -64.20 -10.22
C PHE A 684 -20.67 -64.34 -11.17
N ILE A 685 -19.84 -63.29 -11.26
CA ILE A 685 -18.63 -63.34 -12.13
C ILE A 685 -17.71 -64.45 -11.63
N MET A 686 -17.58 -64.59 -10.31
CA MET A 686 -16.74 -65.67 -9.73
C MET A 686 -17.29 -67.02 -10.21
N ILE A 687 -18.61 -67.19 -10.17
CA ILE A 687 -19.25 -68.46 -10.66
C ILE A 687 -18.92 -68.61 -12.16
N VAL A 688 -19.09 -67.53 -12.93
CA VAL A 688 -18.78 -67.58 -14.39
C VAL A 688 -17.33 -68.01 -14.58
N LYS B 33 0.28 -54.51 -7.09
CA LYS B 33 1.08 -53.42 -7.70
C LYS B 33 0.93 -52.15 -6.85
N LEU B 34 1.89 -51.23 -6.95
CA LEU B 34 1.85 -49.99 -6.12
C LEU B 34 1.58 -48.77 -7.02
N TRP B 35 0.40 -48.16 -6.88
CA TRP B 35 0.07 -46.94 -7.67
C TRP B 35 0.07 -45.74 -6.73
N VAL B 36 0.86 -44.71 -7.05
CA VAL B 36 0.98 -43.53 -6.15
C VAL B 36 -0.41 -42.93 -5.93
N THR B 37 -0.76 -42.62 -4.68
CA THR B 37 -2.06 -41.97 -4.38
C THR B 37 -1.79 -40.61 -3.72
N VAL B 38 -2.42 -39.55 -4.23
CA VAL B 38 -2.22 -38.18 -3.65
C VAL B 38 -3.03 -38.06 -2.36
N TYR B 39 -2.39 -37.63 -1.27
CA TYR B 39 -3.10 -37.43 0.02
C TYR B 39 -3.04 -35.95 0.38
N TYR B 40 -4.16 -35.38 0.84
CA TYR B 40 -4.21 -33.93 1.15
C TYR B 40 -4.18 -33.74 2.67
N GLY B 41 -3.31 -32.84 3.14
CA GLY B 41 -3.24 -32.56 4.59
C GLY B 41 -2.26 -33.46 5.31
N VAL B 42 -1.33 -34.07 4.56
CA VAL B 42 -0.28 -34.92 5.21
C VAL B 42 0.46 -34.05 6.24
N PRO B 43 0.66 -34.53 7.48
CA PRO B 43 1.31 -33.72 8.53
C PRO B 43 2.79 -33.49 8.22
N VAL B 44 3.09 -32.49 7.37
CA VAL B 44 4.47 -32.21 6.98
C VAL B 44 4.67 -30.72 6.98
N TRP B 45 5.74 -30.26 7.63
CA TRP B 45 6.12 -28.86 7.64
C TRP B 45 7.55 -28.72 7.16
N LYS B 46 7.94 -27.47 6.90
CA LYS B 46 9.33 -27.19 6.44
C LYS B 46 9.73 -25.81 6.96
N GLU B 47 10.89 -25.72 7.63
CA GLU B 47 11.39 -24.41 8.11
C GLU B 47 11.18 -23.36 7.02
N ALA B 48 10.41 -22.30 7.31
CA ALA B 48 10.11 -21.28 6.30
C ALA B 48 10.21 -19.87 6.92
N THR B 49 10.20 -18.83 6.09
CA THR B 49 10.20 -17.46 6.64
C THR B 49 8.91 -16.76 6.19
N THR B 50 8.02 -16.42 7.12
CA THR B 50 6.72 -15.85 6.72
C THR B 50 6.43 -14.53 7.45
N THR B 51 5.70 -13.62 6.79
CA THR B 51 5.29 -12.34 7.43
C THR B 51 4.33 -12.66 8.58
N LEU B 52 4.62 -12.11 9.77
CA LEU B 52 3.78 -12.40 10.96
C LEU B 52 2.96 -11.15 11.32
N PHE B 53 1.69 -11.34 11.69
CA PHE B 53 0.80 -10.21 12.05
C PHE B 53 0.61 -10.16 13.57
N CYS B 54 0.76 -8.97 14.16
CA CYS B 54 0.56 -8.82 15.62
C CYS B 54 -0.92 -9.06 15.94
N ALA B 55 -1.21 -9.76 17.03
CA ALA B 55 -2.61 -9.95 17.46
C ALA B 55 -2.71 -9.56 18.94
N SER B 56 -3.42 -8.48 19.24
CA SER B 56 -3.61 -8.08 20.65
C SER B 56 -5.12 -7.92 20.90
N ASP B 57 -5.55 -8.09 22.15
CA ASP B 57 -7.00 -7.97 22.48
C ASP B 57 -7.50 -6.60 22.02
N ALA B 58 -6.58 -5.65 21.80
CA ALA B 58 -6.97 -4.29 21.36
C ALA B 58 -7.93 -3.70 22.39
N LYS B 59 -7.85 -4.20 23.63
CA LYS B 59 -8.73 -3.69 24.72
C LYS B 59 -8.45 -2.19 24.87
N ALA B 60 -7.41 -1.67 24.21
CA ALA B 60 -7.09 -0.24 24.40
C ALA B 60 -7.70 0.58 23.27
N TYR B 61 -8.31 -0.09 22.30
CA TYR B 61 -8.92 0.64 21.14
C TYR B 61 -10.07 1.51 21.64
N ASP B 62 -10.86 0.99 22.58
CA ASP B 62 -11.97 1.81 23.16
C ASP B 62 -11.36 3.14 23.61
N THR B 63 -10.18 3.11 24.25
CA THR B 63 -9.50 4.37 24.62
C THR B 63 -8.73 4.85 23.38
N GLU B 64 -9.44 5.20 22.31
CA GLU B 64 -8.79 5.62 21.04
C GLU B 64 -7.76 6.71 21.34
N VAL B 65 -8.10 7.63 22.25
CA VAL B 65 -7.18 8.76 22.61
C VAL B 65 -5.80 8.19 22.93
N HIS B 66 -5.76 7.01 23.56
CA HIS B 66 -4.47 6.39 23.95
C HIS B 66 -4.02 5.43 22.85
N ASN B 67 -2.81 5.65 22.31
CA ASN B 67 -2.26 4.75 21.25
C ASN B 67 -0.94 4.17 21.74
N VAL B 68 -0.67 2.91 21.45
CA VAL B 68 0.57 2.24 21.96
C VAL B 68 1.08 1.25 20.91
N TRP B 69 2.25 1.49 20.32
CA TRP B 69 2.84 0.53 19.35
C TRP B 69 1.75 0.00 18.41
N ALA B 70 0.94 0.91 17.85
CA ALA B 70 -0.15 0.51 16.92
C ALA B 70 -0.98 -0.62 17.53
N THR B 71 -1.60 -0.38 18.69
CA THR B 71 -2.48 -1.39 19.33
C THR B 71 -3.74 -1.60 18.49
N HIS B 72 -4.32 -0.52 17.96
CA HIS B 72 -5.60 -0.62 17.22
C HIS B 72 -5.49 -1.64 16.08
N ALA B 73 -4.43 -1.56 15.27
CA ALA B 73 -4.26 -2.48 14.12
C ALA B 73 -4.30 -3.92 14.61
N CYS B 74 -3.44 -4.27 15.57
CA CYS B 74 -3.38 -5.66 16.09
C CYS B 74 -4.80 -6.23 16.19
N VAL B 75 -5.11 -7.22 15.34
CA VAL B 75 -6.47 -7.85 15.36
C VAL B 75 -6.70 -8.52 16.71
N PRO B 76 -7.90 -8.44 17.31
CA PRO B 76 -8.19 -9.12 18.58
C PRO B 76 -7.78 -10.59 18.56
N THR B 77 -7.11 -11.06 19.61
CA THR B 77 -6.66 -12.47 19.69
C THR B 77 -7.89 -13.39 19.77
N ASP B 78 -7.74 -14.65 19.32
CA ASP B 78 -8.87 -15.61 19.45
C ASP B 78 -9.19 -15.80 20.94
N PRO B 79 -10.48 -15.73 21.35
CA PRO B 79 -10.86 -15.87 22.75
C PRO B 79 -10.50 -17.25 23.34
N ASN B 80 -10.43 -18.28 22.48
CA ASN B 80 -10.19 -19.66 22.98
C ASN B 80 -9.00 -20.29 22.25
N PRO B 81 -7.74 -19.87 22.51
CA PRO B 81 -6.57 -20.49 21.87
C PRO B 81 -6.37 -21.93 22.36
N GLN B 82 -5.94 -22.83 21.47
CA GLN B 82 -5.68 -24.23 21.87
C GLN B 82 -4.30 -24.67 21.37
N GLU B 83 -3.43 -25.14 22.28
CA GLU B 83 -2.10 -25.65 21.89
C GLU B 83 -2.21 -27.15 21.62
N VAL B 84 -2.08 -27.55 20.35
CA VAL B 84 -2.11 -29.01 20.02
C VAL B 84 -0.73 -29.59 20.31
N VAL B 85 -0.64 -30.47 21.31
CA VAL B 85 0.67 -31.08 21.69
C VAL B 85 1.08 -32.08 20.61
N LEU B 86 2.30 -31.96 20.10
CA LEU B 86 2.80 -32.89 19.04
C LEU B 86 3.35 -34.14 19.71
N GLU B 87 2.51 -35.17 19.87
CA GLU B 87 2.94 -36.42 20.54
C GLU B 87 3.98 -37.15 19.68
N ASN B 88 5.01 -37.72 20.29
CA ASN B 88 6.03 -38.51 19.54
C ASN B 88 6.66 -37.65 18.43
N VAL B 89 6.89 -36.37 18.71
CA VAL B 89 7.54 -35.46 17.71
C VAL B 89 8.81 -34.84 18.32
N THR B 90 9.92 -34.88 17.60
CA THR B 90 11.18 -34.23 18.07
C THR B 90 11.66 -33.24 17.00
N GLU B 91 11.97 -32.00 17.39
CA GLU B 91 12.35 -30.96 16.38
C GLU B 91 13.55 -30.17 16.90
N ASN B 92 14.35 -29.62 15.98
CA ASN B 92 15.50 -28.78 16.38
C ASN B 92 15.10 -27.30 16.34
N PHE B 93 15.33 -26.57 17.43
CA PHE B 93 15.00 -25.11 17.47
C PHE B 93 16.30 -24.32 17.64
N ASN B 94 16.61 -23.42 16.69
CA ASN B 94 17.81 -22.56 16.81
C ASN B 94 17.37 -21.18 17.29
N MET B 95 17.27 -21.00 18.60
CA MET B 95 16.76 -19.71 19.17
C MET B 95 17.49 -18.54 18.51
N TRP B 96 18.75 -18.75 18.11
CA TRP B 96 19.52 -17.68 17.42
C TRP B 96 19.14 -17.63 15.95
N LYS B 97 19.20 -18.76 15.25
CA LYS B 97 18.76 -18.79 13.83
C LYS B 97 17.23 -18.76 13.80
N ASN B 98 16.62 -17.88 14.61
CA ASN B 98 15.13 -17.75 14.62
C ASN B 98 14.74 -16.49 13.83
N ASN B 99 13.99 -16.67 12.73
CA ASN B 99 13.57 -15.53 11.89
C ASN B 99 12.66 -14.60 12.71
N MET B 100 11.85 -15.18 13.59
CA MET B 100 10.90 -14.37 14.39
C MET B 100 11.65 -13.22 15.08
N VAL B 101 12.72 -13.54 15.82
CA VAL B 101 13.52 -12.48 16.51
C VAL B 101 13.79 -11.36 15.52
N GLU B 102 14.19 -11.72 14.30
CA GLU B 102 14.55 -10.69 13.28
C GLU B 102 13.29 -9.90 12.95
N GLN B 103 12.17 -10.57 12.70
CA GLN B 103 10.93 -9.86 12.29
C GLN B 103 10.49 -8.93 13.42
N MET B 104 10.44 -9.43 14.66
CA MET B 104 10.06 -8.58 15.81
C MET B 104 10.94 -7.33 15.80
N HIS B 105 12.26 -7.53 15.65
CA HIS B 105 13.21 -6.39 15.67
C HIS B 105 12.78 -5.37 14.61
N GLU B 106 12.59 -5.83 13.37
CA GLU B 106 12.23 -4.91 12.26
C GLU B 106 10.89 -4.24 12.54
N ASP B 107 9.89 -5.01 12.98
CA ASP B 107 8.55 -4.43 13.27
C ASP B 107 8.68 -3.42 14.41
N ILE B 108 9.40 -3.78 15.48
CA ILE B 108 9.54 -2.87 16.66
C ILE B 108 10.14 -1.55 16.19
N ILE B 109 11.23 -1.60 15.42
CA ILE B 109 11.92 -0.36 14.95
C ILE B 109 10.93 0.43 14.07
N SER B 110 10.30 -0.25 13.11
CA SER B 110 9.38 0.44 12.18
C SER B 110 8.23 1.07 12.97
N LEU B 111 7.78 0.39 14.03
CA LEU B 111 6.71 0.97 14.90
C LEU B 111 7.18 2.33 15.41
N TRP B 112 8.41 2.40 15.94
CA TRP B 112 8.95 3.68 16.47
C TRP B 112 9.06 4.70 15.34
N ASP B 113 9.52 4.27 14.16
CA ASP B 113 9.60 5.19 13.00
C ASP B 113 8.21 5.80 12.77
N GLU B 114 7.18 4.95 12.71
CA GLU B 114 5.80 5.43 12.45
C GLU B 114 5.37 6.38 13.57
N SER B 115 5.69 6.04 14.83
CA SER B 115 5.24 6.86 15.98
C SER B 115 5.89 8.25 15.91
N LEU B 116 7.17 8.32 15.55
CA LEU B 116 7.89 9.62 15.56
C LEU B 116 7.66 10.36 14.23
N LYS B 117 7.25 9.65 13.19
CA LYS B 117 7.08 10.29 11.85
C LYS B 117 6.27 11.58 11.98
N PRO B 118 5.01 11.57 12.46
CA PRO B 118 4.18 12.78 12.52
C PRO B 118 4.54 13.68 13.71
N CYS B 119 5.36 13.18 14.65
CA CYS B 119 5.66 13.96 15.89
C CYS B 119 6.58 15.15 15.59
N VAL B 120 6.75 16.06 16.56
CA VAL B 120 7.56 17.30 16.35
C VAL B 120 9.06 16.96 16.38
N LYS B 121 9.92 17.91 16.00
CA LYS B 121 11.39 17.70 16.01
C LYS B 121 12.06 18.87 16.74
N LEU B 122 13.19 18.63 17.41
CA LEU B 122 13.87 19.70 18.21
C LEU B 122 14.97 20.35 17.36
N THR B 123 14.91 20.21 16.03
CA THR B 123 15.92 20.81 15.13
C THR B 123 16.25 22.25 15.57
N PRO B 124 15.28 23.18 15.69
CA PRO B 124 15.58 24.58 16.01
C PRO B 124 16.05 24.73 17.46
N LEU B 125 15.71 23.78 18.34
CA LEU B 125 16.04 23.90 19.78
C LEU B 125 17.53 23.62 20.00
N CYS B 126 18.21 23.02 19.02
CA CYS B 126 19.68 22.79 19.14
C CYS B 126 20.40 24.14 19.08
N VAL B 127 20.06 25.05 20.00
CA VAL B 127 20.72 26.38 20.04
C VAL B 127 21.74 26.37 21.20
N THR B 128 22.51 27.46 21.35
CA THR B 128 23.46 27.56 22.48
C THR B 128 22.65 27.78 23.76
N LEU B 129 22.71 26.81 24.69
CA LEU B 129 21.85 26.88 25.90
C LEU B 129 22.64 27.50 27.06
N ASN B 130 22.20 28.66 27.56
CA ASN B 130 22.85 29.28 28.74
C ASN B 130 22.36 28.53 29.98
N CYS B 131 22.97 27.38 30.27
CA CYS B 131 22.51 26.55 31.42
C CYS B 131 23.12 27.08 32.72
N THR B 132 22.28 27.57 33.63
CA THR B 132 22.76 28.11 34.93
C THR B 132 21.71 27.82 36.00
N ASP B 133 21.81 28.48 37.16
CA ASP B 133 20.85 28.26 38.28
C ASP B 133 20.53 26.76 38.34
N LEU B 134 21.57 25.94 38.47
CA LEU B 134 21.37 24.47 38.56
C LEU B 134 20.06 24.21 39.32
N ARG B 135 19.95 24.74 40.54
CA ARG B 135 18.72 24.55 41.35
C ARG B 135 18.43 25.87 42.09
N ASN B 136 17.15 26.13 42.39
CA ASN B 136 16.76 27.41 43.03
C ASN B 136 17.55 27.60 44.34
N VAL B 137 17.49 26.61 45.23
CA VAL B 137 18.17 26.75 46.55
C VAL B 137 19.32 25.73 46.63
N THR B 138 20.53 26.18 46.28
CA THR B 138 21.72 25.28 46.36
C THR B 138 21.96 24.90 47.82
N ASN B 139 21.07 25.33 48.72
CA ASN B 139 21.24 25.04 50.16
C ASN B 139 20.33 23.88 50.58
N ILE B 140 19.19 24.18 51.22
CA ILE B 140 18.30 23.10 51.75
C ILE B 140 17.94 22.13 50.64
N ASN B 141 17.57 22.61 49.44
CA ASN B 141 17.08 21.69 48.37
C ASN B 141 18.05 20.52 48.14
N ASN B 142 19.08 20.71 47.31
CA ASN B 142 20.01 19.60 46.98
C ASN B 142 20.75 19.17 48.26
N SER B 143 21.23 20.14 49.05
CA SER B 143 21.90 19.83 50.35
C SER B 143 22.74 18.55 50.28
N SER B 144 22.19 17.42 50.75
CA SER B 144 23.00 16.18 50.85
C SER B 144 22.79 15.32 49.60
N GLU B 145 21.60 15.40 48.99
CA GLU B 145 21.30 14.60 47.78
C GLU B 145 22.43 14.77 46.76
N GLY B 146 22.81 13.70 46.07
CA GLY B 146 23.85 13.79 45.01
C GLY B 146 23.30 14.49 43.78
N MET B 147 22.37 15.43 43.96
CA MET B 147 21.81 16.20 42.81
C MET B 147 22.96 16.96 42.15
N ARG B 148 23.69 17.75 42.94
CA ARG B 148 24.85 18.51 42.40
C ARG B 148 24.46 19.12 41.06
N GLY B 149 23.22 19.63 40.96
CA GLY B 149 22.77 20.31 39.72
C GLY B 149 22.51 19.33 38.60
N GLU B 150 21.82 18.22 38.87
CA GLU B 150 21.45 17.30 37.76
C GLU B 150 20.59 18.08 36.77
N ILE B 151 19.56 18.78 37.25
CA ILE B 151 18.72 19.61 36.34
C ILE B 151 19.32 21.02 36.30
N LYS B 152 19.04 21.78 35.23
CA LYS B 152 19.68 23.11 35.10
C LYS B 152 18.64 24.14 34.67
N ASN B 153 18.58 25.27 35.37
CA ASN B 153 17.67 26.37 34.93
C ASN B 153 18.27 26.93 33.64
N CYS B 154 18.24 26.15 32.55
CA CYS B 154 18.91 26.56 31.30
C CYS B 154 18.04 27.57 30.54
N SER B 155 18.65 28.68 30.11
CA SER B 155 17.91 29.74 29.36
C SER B 155 18.48 29.86 27.95
N PHE B 156 17.68 30.25 26.95
CA PHE B 156 18.22 30.29 25.57
C PHE B 156 17.45 31.29 24.68
N ASN B 157 18.16 32.03 23.84
CA ASN B 157 17.50 33.00 22.91
C ASN B 157 16.96 32.23 21.70
N ILE B 158 15.82 31.56 21.87
CA ILE B 158 15.21 30.77 20.75
C ILE B 158 14.00 31.51 20.19
N THR B 159 13.67 31.28 18.91
CA THR B 159 12.51 31.95 18.26
C THR B 159 11.24 31.10 18.43
N THR B 160 10.09 31.63 18.01
CA THR B 160 8.82 30.85 18.08
C THR B 160 8.10 30.96 16.73
N SER B 161 6.81 30.63 16.68
CA SER B 161 6.02 30.75 15.43
C SER B 161 6.04 32.21 14.97
N ILE B 162 5.85 33.14 15.91
CA ILE B 162 5.89 34.60 15.56
C ILE B 162 7.07 34.84 14.62
N ARG B 163 8.12 34.02 14.74
CA ARG B 163 9.32 34.16 13.85
C ARG B 163 10.03 35.48 14.13
N ASP B 164 9.36 36.60 13.87
CA ASP B 164 9.98 37.95 14.08
C ASP B 164 10.43 38.06 15.55
N LYS B 165 9.50 37.92 16.49
CA LYS B 165 9.84 38.07 17.94
C LYS B 165 10.67 36.88 18.42
N VAL B 166 11.71 37.13 19.22
CA VAL B 166 12.52 36.02 19.81
C VAL B 166 12.44 36.14 21.33
N LYS B 167 12.08 35.06 22.04
CA LYS B 167 11.89 35.13 23.51
C LYS B 167 12.81 34.12 24.20
N LYS B 168 13.29 34.43 25.39
CA LYS B 168 14.15 33.48 26.15
C LYS B 168 13.28 32.76 27.19
N ASP B 169 13.36 31.43 27.26
CA ASP B 169 12.55 30.65 28.22
C ASP B 169 13.48 29.75 29.04
N TYR B 170 12.98 29.23 30.16
CA TYR B 170 13.82 28.36 31.04
C TYR B 170 13.15 27.01 31.20
N ALA B 171 13.96 25.95 31.16
CA ALA B 171 13.40 24.57 31.23
C ALA B 171 14.45 23.65 31.87
N LEU B 172 14.04 22.85 32.86
CA LEU B 172 15.00 21.97 33.57
C LEU B 172 15.43 20.85 32.62
N PHE B 173 16.73 20.77 32.32
CA PHE B 173 17.26 19.68 31.47
C PHE B 173 18.23 18.83 32.28
N TYR B 174 18.13 17.50 32.19
CA TYR B 174 18.99 16.62 33.01
C TYR B 174 20.44 16.74 32.53
N ARG B 175 21.39 16.75 33.48
CA ARG B 175 22.82 16.83 33.10
C ARG B 175 23.12 15.69 32.13
N LEU B 176 22.37 14.59 32.22
CA LEU B 176 22.61 13.42 31.33
C LEU B 176 22.29 13.81 29.89
N ASP B 177 21.27 14.62 29.66
CA ASP B 177 20.85 14.99 28.28
C ASP B 177 21.62 16.22 27.81
N VAL B 178 22.37 16.87 28.70
CA VAL B 178 23.06 18.14 28.36
C VAL B 178 24.58 17.91 28.26
N VAL B 179 25.27 18.71 27.44
CA VAL B 179 26.74 18.57 27.27
C VAL B 179 27.40 19.95 27.34
N PRO B 180 28.48 20.18 28.12
CA PRO B 180 29.07 21.52 28.25
C PRO B 180 29.74 21.99 26.96
N ILE B 181 29.67 23.30 26.67
CA ILE B 181 30.29 23.85 25.44
C ILE B 181 31.27 24.95 25.85
N ASP B 182 32.45 25.00 25.20
CA ASP B 182 33.45 26.08 25.47
C ASP B 182 33.87 26.06 26.95
N ASN B 183 33.35 25.12 27.73
CA ASN B 183 33.70 25.03 29.19
C ASN B 183 33.72 26.44 29.79
N ASP B 184 32.75 27.28 29.43
CA ASP B 184 32.66 28.66 29.99
C ASP B 184 31.85 28.60 31.28
N ASN B 185 31.58 27.39 31.79
CA ASN B 185 30.75 27.22 33.01
C ASN B 185 29.35 27.80 32.73
N THR B 186 28.92 27.83 31.46
CA THR B 186 27.61 28.43 31.09
C THR B 186 27.06 27.81 29.79
N SER B 187 27.79 27.92 28.68
CA SER B 187 27.33 27.42 27.36
C SER B 187 27.21 25.89 27.40
N TYR B 188 26.02 25.36 27.08
CA TYR B 188 25.80 23.89 27.07
C TYR B 188 24.90 23.56 25.88
N ARG B 189 24.83 22.28 25.50
CA ARG B 189 23.92 21.86 24.39
C ARG B 189 23.41 20.44 24.70
N LEU B 190 22.74 19.80 23.74
CA LEU B 190 22.16 18.45 23.98
C LEU B 190 23.16 17.38 23.52
N ILE B 191 23.37 16.33 24.34
CA ILE B 191 24.40 15.31 24.01
C ILE B 191 24.45 15.00 22.51
N ASN B 192 23.29 14.82 21.86
CA ASN B 192 23.34 14.39 20.44
C ASN B 192 22.89 15.50 19.49
N CYS B 193 22.66 16.72 19.97
CA CYS B 193 22.10 17.78 19.08
C CYS B 193 22.94 17.98 17.82
N ASN B 194 24.25 18.17 17.93
CA ASN B 194 25.08 18.50 16.74
C ASN B 194 25.14 17.32 15.77
N THR B 195 25.29 16.09 16.28
CA THR B 195 25.49 14.92 15.37
C THR B 195 24.20 14.15 15.10
N SER B 196 23.07 14.49 15.76
CA SER B 196 21.84 13.67 15.58
C SER B 196 20.57 14.48 15.74
N THR B 197 19.58 14.23 14.88
CA THR B 197 18.28 14.96 14.96
C THR B 197 17.46 14.40 16.12
N ILE B 198 17.02 15.28 17.03
CA ILE B 198 16.14 14.83 18.15
C ILE B 198 14.69 15.09 17.76
N THR B 199 13.86 14.05 17.75
CA THR B 199 12.42 14.23 17.40
C THR B 199 11.57 14.11 18.68
N GLN B 200 10.84 15.17 19.02
CA GLN B 200 9.99 15.16 20.25
C GLN B 200 8.90 14.10 20.08
N ALA B 201 8.88 13.09 20.95
CA ALA B 201 7.81 12.07 20.88
C ALA B 201 6.46 12.72 21.22
N CYS B 202 5.39 12.33 20.52
CA CYS B 202 4.04 12.89 20.80
C CYS B 202 3.61 12.45 22.20
N PRO B 203 3.22 13.39 23.11
CA PRO B 203 2.88 13.04 24.49
C PRO B 203 1.65 12.11 24.56
N LYS B 204 0.63 12.36 23.72
CA LYS B 204 -0.62 11.55 23.76
C LYS B 204 -0.27 10.06 23.68
N VAL B 205 0.78 9.71 22.92
CA VAL B 205 1.16 8.28 22.74
C VAL B 205 1.79 7.76 24.03
N SER B 206 1.19 6.75 24.66
CA SER B 206 1.79 6.13 25.87
C SER B 206 2.91 5.19 25.45
N PHE B 207 3.83 4.83 26.36
CA PHE B 207 4.86 3.85 25.95
C PHE B 207 4.78 2.62 26.85
N GLU B 208 3.61 2.37 27.44
CA GLU B 208 3.41 1.15 28.27
C GLU B 208 3.39 -0.08 27.35
N PRO B 209 4.32 -1.03 27.47
CA PRO B 209 4.30 -2.26 26.66
C PRO B 209 3.02 -3.06 26.90
N ILE B 210 2.40 -3.56 25.83
CA ILE B 210 1.17 -4.40 25.96
C ILE B 210 1.50 -5.81 25.43
N PRO B 211 0.81 -6.89 25.87
CA PRO B 211 1.06 -8.21 25.31
C PRO B 211 0.76 -8.23 23.81
N ILE B 212 1.76 -8.48 22.98
CA ILE B 212 1.55 -8.59 21.51
C ILE B 212 1.72 -10.06 21.11
N HIS B 213 0.69 -10.66 20.50
CA HIS B 213 0.74 -12.10 20.13
C HIS B 213 1.12 -12.21 18.65
N TYR B 214 2.39 -12.53 18.37
CA TYR B 214 2.82 -12.63 16.96
C TYR B 214 2.18 -13.85 16.31
N CYS B 215 1.13 -13.64 15.51
CA CYS B 215 0.40 -14.79 14.96
C CYS B 215 0.85 -15.09 13.53
N THR B 216 1.00 -16.38 13.22
CA THR B 216 1.43 -16.79 11.86
C THR B 216 0.19 -16.85 10.96
N PRO B 217 0.30 -16.58 9.64
CA PRO B 217 -0.84 -16.73 8.74
C PRO B 217 -1.17 -18.21 8.51
N ALA B 218 -2.35 -18.52 7.97
CA ALA B 218 -2.69 -19.89 7.67
C ALA B 218 -1.72 -20.47 6.64
N GLY B 219 -1.59 -21.80 6.65
CA GLY B 219 -0.61 -22.44 5.76
C GLY B 219 0.77 -22.39 6.40
N PHE B 220 0.85 -21.80 7.59
CA PHE B 220 2.14 -21.76 8.34
C PHE B 220 1.87 -22.10 9.81
N ALA B 221 2.89 -22.53 10.54
CA ALA B 221 2.71 -22.92 11.95
C ALA B 221 3.94 -22.54 12.78
N ILE B 222 3.76 -22.35 14.09
CA ILE B 222 4.88 -21.99 15.02
C ILE B 222 5.08 -23.17 15.97
N LEU B 223 6.15 -23.93 15.79
CA LEU B 223 6.45 -25.07 16.71
C LEU B 223 6.86 -24.51 18.07
N LYS B 224 6.58 -25.23 19.15
CA LYS B 224 6.91 -24.75 20.51
C LYS B 224 7.69 -25.84 21.26
N CYS B 225 8.96 -25.57 21.58
CA CYS B 225 9.79 -26.55 22.27
C CYS B 225 9.46 -26.49 23.75
N LYS B 226 8.87 -27.56 24.27
CA LYS B 226 8.36 -27.59 25.64
C LYS B 226 9.28 -28.35 26.59
N ASP B 227 10.56 -28.49 26.24
CA ASP B 227 11.51 -29.12 27.19
C ASP B 227 11.62 -28.23 28.43
N LYS B 228 11.85 -28.83 29.61
CA LYS B 228 11.91 -28.02 30.86
C LYS B 228 12.93 -26.90 30.66
N LYS B 229 14.15 -27.24 30.24
CA LYS B 229 15.16 -26.20 29.93
C LYS B 229 15.73 -26.48 28.54
N PHE B 230 15.92 -25.43 27.74
CA PHE B 230 16.46 -25.62 26.37
C PHE B 230 17.81 -24.92 26.29
N ASN B 231 18.85 -25.68 25.86
CA ASN B 231 20.23 -25.14 25.69
C ASN B 231 20.18 -23.96 24.73
N GLY B 232 19.11 -23.84 23.94
CA GLY B 232 18.95 -22.74 22.97
C GLY B 232 19.03 -23.28 21.55
N THR B 233 19.69 -24.42 21.37
CA THR B 233 19.86 -24.98 20.01
C THR B 233 20.04 -26.51 20.13
N GLY B 234 19.17 -27.29 19.49
CA GLY B 234 19.33 -28.75 19.51
C GLY B 234 18.02 -29.49 19.39
N PRO B 235 18.03 -30.84 19.26
CA PRO B 235 16.80 -31.61 19.20
C PRO B 235 15.95 -31.40 20.44
N CYS B 236 14.64 -31.17 20.27
CA CYS B 236 13.74 -30.91 21.41
C CYS B 236 12.86 -32.13 21.65
N LYS B 237 12.92 -32.70 22.87
CA LYS B 237 12.03 -33.86 23.22
C LYS B 237 10.56 -33.42 23.15
N ASN B 238 10.03 -32.82 24.22
CA ASN B 238 8.63 -32.32 24.19
C ASN B 238 8.52 -31.20 23.16
N VAL B 239 7.64 -31.38 22.17
CA VAL B 239 7.39 -30.32 21.14
C VAL B 239 5.88 -30.15 20.98
N SER B 240 5.42 -28.91 20.77
CA SER B 240 3.98 -28.67 20.51
C SER B 240 3.90 -27.70 19.33
N THR B 241 2.69 -27.24 18.98
CA THR B 241 2.53 -26.25 17.88
C THR B 241 1.47 -25.21 18.26
N VAL B 242 1.68 -23.95 17.88
CA VAL B 242 0.73 -22.86 18.24
C VAL B 242 0.35 -22.08 16.98
N GLN B 243 -0.91 -21.65 16.88
CA GLN B 243 -1.34 -20.81 15.73
C GLN B 243 -0.76 -19.41 15.91
N CYS B 244 -0.77 -18.90 17.15
CA CYS B 244 -0.17 -17.58 17.45
C CYS B 244 0.83 -17.79 18.59
N THR B 245 1.83 -16.90 18.74
CA THR B 245 2.75 -17.00 19.89
C THR B 245 2.05 -16.53 21.16
N HIS B 246 2.58 -16.89 22.33
CA HIS B 246 1.97 -16.46 23.61
C HIS B 246 2.16 -14.95 23.68
N GLY B 247 1.39 -14.28 24.54
CA GLY B 247 1.58 -12.82 24.73
C GLY B 247 3.03 -12.49 25.00
N ILE B 248 3.64 -11.66 24.15
CA ILE B 248 5.06 -11.25 24.32
C ILE B 248 5.10 -9.72 24.49
N ARG B 249 5.67 -9.21 25.57
CA ARG B 249 5.61 -7.73 25.77
C ARG B 249 6.81 -7.08 25.04
N PRO B 250 6.62 -5.94 24.33
CA PRO B 250 7.72 -5.26 23.65
C PRO B 250 8.56 -4.47 24.65
N VAL B 251 9.15 -5.17 25.63
CA VAL B 251 9.96 -4.50 26.69
C VAL B 251 11.38 -4.28 26.17
N VAL B 252 11.89 -3.05 26.25
CA VAL B 252 13.31 -2.79 25.85
C VAL B 252 14.08 -2.40 27.12
N SER B 253 15.00 -3.25 27.55
CA SER B 253 15.79 -2.96 28.78
C SER B 253 17.24 -3.42 28.59
N THR B 254 18.11 -3.13 29.56
CA THR B 254 19.55 -3.49 29.45
C THR B 254 20.06 -4.10 30.75
N GLN B 255 20.90 -5.13 30.68
CA GLN B 255 21.55 -5.76 31.87
C GLN B 255 20.52 -6.54 32.68
N LEU B 256 19.23 -6.39 32.35
CA LEU B 256 18.14 -7.10 33.08
C LEU B 256 17.06 -7.50 32.06
N LEU B 257 16.09 -8.30 32.49
CA LEU B 257 14.93 -8.66 31.62
C LEU B 257 13.67 -8.43 32.45
N LEU B 258 12.83 -7.47 32.06
CA LEU B 258 11.65 -7.10 32.91
C LEU B 258 10.35 -7.69 32.33
N ASN B 259 9.32 -7.84 33.17
CA ASN B 259 8.00 -8.38 32.73
C ASN B 259 8.21 -9.43 31.64
N GLY B 260 9.19 -10.32 31.81
CA GLY B 260 9.39 -11.39 30.84
C GLY B 260 8.83 -12.70 31.32
N SER B 261 9.31 -13.78 30.70
CA SER B 261 8.88 -15.12 31.03
C SER B 261 9.83 -15.76 32.03
N LEU B 262 9.35 -16.84 32.67
CA LEU B 262 10.18 -17.51 33.72
C LEU B 262 10.68 -18.86 33.19
N ALA B 263 11.77 -19.36 33.77
CA ALA B 263 12.33 -20.67 33.35
C ALA B 263 11.55 -21.79 34.04
N GLU B 264 11.93 -23.05 33.78
CA GLU B 264 11.17 -24.20 34.33
C GLU B 264 11.98 -24.93 35.41
N GLU B 265 11.57 -24.82 36.68
CA GLU B 265 12.23 -25.58 37.77
C GLU B 265 13.73 -25.27 37.89
N GLU B 266 14.32 -24.49 36.99
CA GLU B 266 15.78 -24.27 37.08
C GLU B 266 16.21 -23.07 36.23
N VAL B 267 17.15 -22.27 36.72
CA VAL B 267 17.70 -21.14 35.92
C VAL B 267 18.39 -21.76 34.69
N VAL B 268 18.18 -21.17 33.52
CA VAL B 268 18.75 -21.75 32.27
C VAL B 268 19.67 -20.72 31.61
N ILE B 269 20.91 -21.13 31.29
CA ILE B 269 21.88 -20.22 30.63
C ILE B 269 21.84 -20.54 29.13
N ARG B 270 21.70 -19.52 28.28
CA ARG B 270 21.61 -19.75 26.81
C ARG B 270 22.60 -18.85 26.08
N SER B 271 23.39 -19.42 25.17
CA SER B 271 24.36 -18.62 24.39
C SER B 271 24.70 -19.34 23.09
N SER B 272 25.04 -18.60 22.04
CA SER B 272 25.44 -19.22 20.75
C SER B 272 26.72 -20.04 20.97
N ASN B 273 27.71 -19.45 21.65
CA ASN B 273 29.00 -20.15 21.89
C ASN B 273 29.51 -19.71 23.27
N PHE B 274 29.04 -20.37 24.32
CA PHE B 274 29.42 -19.98 25.71
C PHE B 274 30.93 -19.95 25.87
N THR B 275 31.60 -20.97 25.32
CA THR B 275 33.07 -21.05 25.49
C THR B 275 33.68 -19.86 24.74
N ASP B 276 32.91 -19.17 23.91
CA ASP B 276 33.39 -17.92 23.26
C ASP B 276 33.08 -16.79 24.25
N ASN B 277 33.95 -15.79 24.36
CA ASN B 277 33.74 -14.74 25.39
C ASN B 277 32.85 -13.64 24.82
N ALA B 278 33.01 -13.28 23.54
CA ALA B 278 32.22 -12.19 22.94
C ALA B 278 30.73 -12.53 23.00
N LYS B 279 30.33 -13.69 22.48
CA LYS B 279 28.89 -14.10 22.47
C LYS B 279 28.23 -13.65 23.78
N ASN B 280 27.16 -12.85 23.69
CA ASN B 280 26.44 -12.41 24.91
C ASN B 280 25.84 -13.62 25.62
N ILE B 281 25.84 -13.61 26.95
CA ILE B 281 25.30 -14.74 27.71
C ILE B 281 23.88 -14.39 28.10
N ILE B 282 22.93 -15.13 27.55
CA ILE B 282 21.52 -14.98 27.92
C ILE B 282 21.22 -15.92 29.07
N VAL B 283 20.67 -15.36 30.15
CA VAL B 283 20.23 -16.14 31.34
C VAL B 283 18.72 -15.92 31.51
N GLN B 284 17.97 -16.98 31.85
CA GLN B 284 16.52 -16.84 32.16
C GLN B 284 16.26 -17.39 33.57
N LEU B 285 15.59 -16.61 34.42
CA LEU B 285 15.35 -17.01 35.83
C LEU B 285 14.10 -17.90 35.92
N LYS B 286 14.07 -18.77 36.92
CA LYS B 286 12.95 -19.64 37.26
C LYS B 286 11.92 -18.96 38.15
N GLU B 287 12.36 -17.92 38.89
CA GLU B 287 11.46 -17.17 39.79
C GLU B 287 11.55 -15.68 39.44
N SER B 288 10.58 -14.88 39.87
CA SER B 288 10.56 -13.42 39.53
C SER B 288 11.08 -12.61 40.72
N VAL B 289 11.73 -11.48 40.44
CA VAL B 289 12.23 -10.58 41.54
C VAL B 289 11.53 -9.22 41.39
N GLU B 290 10.72 -8.84 42.37
CA GLU B 290 9.99 -7.55 42.32
C GLU B 290 11.01 -6.41 42.29
N ILE B 291 10.87 -5.48 41.35
CA ILE B 291 11.81 -4.32 41.22
C ILE B 291 11.02 -3.02 41.41
N ASN B 292 10.74 -2.65 42.66
CA ASN B 292 9.94 -1.42 42.95
C ASN B 292 10.72 -0.18 42.52
N CYS B 293 10.31 0.49 41.44
CA CYS B 293 11.00 1.66 40.95
C CYS B 293 10.03 2.82 40.82
N THR B 294 10.52 4.01 41.18
CA THR B 294 9.62 5.19 41.18
C THR B 294 10.44 6.48 41.17
N ARG B 295 9.93 7.53 40.53
CA ARG B 295 10.59 8.85 40.62
C ARG B 295 9.83 9.59 41.72
N PRO B 296 10.38 9.74 42.95
CA PRO B 296 9.61 10.31 44.05
C PRO B 296 9.62 11.85 44.03
N ASN B 297 9.08 12.43 42.96
CA ASN B 297 9.02 13.92 42.83
C ASN B 297 7.69 14.31 42.21
N ASN B 298 7.09 15.45 42.62
CA ASN B 298 5.85 15.96 41.97
C ASN B 298 6.33 16.96 40.91
N ASN B 299 6.18 16.63 39.61
CA ASN B 299 6.78 17.46 38.57
C ASN B 299 5.72 18.24 37.81
N THR B 300 5.89 19.56 37.76
CA THR B 300 5.05 20.39 36.92
C THR B 300 5.51 20.27 35.48
N ARG B 301 4.55 20.06 34.57
CA ARG B 301 4.86 19.76 33.18
C ARG B 301 4.65 21.02 32.34
N LYS B 302 5.68 21.87 32.32
CA LYS B 302 5.60 23.11 31.51
C LYS B 302 5.76 22.75 30.04
N SER B 303 5.07 23.47 29.16
CA SER B 303 5.16 23.24 27.69
C SER B 303 5.53 24.55 27.00
N ILE B 304 6.43 24.50 26.01
CA ILE B 304 6.92 25.74 25.33
C ILE B 304 6.57 25.67 23.84
N HIS B 305 5.78 26.62 23.33
CA HIS B 305 5.35 26.58 21.90
C HIS B 305 6.45 27.19 21.02
N ILE B 306 7.10 26.35 20.21
CA ILE B 306 8.18 26.83 19.30
C ILE B 306 7.86 26.39 17.86
N GLY B 307 7.51 27.33 16.99
CA GLY B 307 7.20 27.01 15.58
C GLY B 307 5.71 26.81 15.36
N PRO B 308 5.14 27.27 14.23
CA PRO B 308 3.69 27.17 14.00
C PRO B 308 3.19 25.73 14.16
N GLY B 309 2.20 25.52 15.03
CA GLY B 309 1.65 24.17 15.24
C GLY B 309 2.67 23.23 15.85
N ARG B 310 3.72 23.78 16.46
CA ARG B 310 4.77 22.94 17.11
C ARG B 310 4.99 23.42 18.55
N ALA B 311 4.92 22.51 19.52
CA ALA B 311 5.07 22.90 20.94
C ALA B 311 6.04 21.94 21.64
N PHE B 312 7.14 22.46 22.19
CA PHE B 312 8.07 21.61 22.97
C PHE B 312 7.49 21.38 24.37
N TYR B 313 7.75 20.22 24.97
CA TYR B 313 7.27 19.92 26.33
C TYR B 313 8.46 19.78 27.26
N THR B 314 8.39 20.36 28.46
CA THR B 314 9.54 20.34 29.39
C THR B 314 9.03 20.30 30.83
N THR B 315 9.85 20.76 31.79
CA THR B 315 9.45 20.75 33.21
C THR B 315 9.35 22.19 33.71
N GLY B 316 8.27 22.54 34.42
CA GLY B 316 8.13 23.90 34.96
C GLY B 316 8.30 23.93 36.46
N ASP B 317 9.54 23.73 36.96
CA ASP B 317 9.84 23.72 38.42
C ASP B 317 9.37 22.40 39.02
N ILE B 318 10.11 21.89 40.02
CA ILE B 318 9.69 20.64 40.72
C ILE B 318 8.91 21.05 41.98
N ILE B 319 7.64 20.67 42.06
CA ILE B 319 6.82 20.97 43.26
C ILE B 319 7.51 20.37 44.49
N GLY B 320 8.17 21.20 45.30
CA GLY B 320 8.87 20.72 46.49
C GLY B 320 10.35 20.51 46.24
N ASP B 321 10.98 19.60 46.98
CA ASP B 321 12.44 19.35 46.83
C ASP B 321 12.68 18.25 45.80
N ILE B 322 13.94 17.78 45.66
CA ILE B 322 14.28 16.76 44.63
C ILE B 322 14.65 15.45 45.33
N ARG B 323 13.90 14.38 45.06
CA ARG B 323 14.24 13.05 45.64
C ARG B 323 14.79 12.16 44.52
N GLN B 324 15.98 11.59 44.73
CA GLN B 324 16.63 10.80 43.66
C GLN B 324 15.83 9.53 43.35
N ALA B 325 15.52 9.29 42.09
CA ALA B 325 14.83 8.05 41.66
C ALA B 325 15.60 6.84 42.20
N HIS B 326 14.89 5.79 42.61
CA HIS B 326 15.57 4.62 43.23
C HIS B 326 14.75 3.35 43.01
N CYS B 327 15.42 2.19 43.04
CA CYS B 327 14.71 0.89 42.80
C CYS B 327 14.95 -0.03 44.00
N ASN B 328 13.95 -0.84 44.34
CA ASN B 328 14.05 -1.70 45.55
C ASN B 328 14.22 -3.17 45.15
N ILE B 329 15.30 -3.80 45.61
CA ILE B 329 15.56 -5.22 45.30
C ILE B 329 15.63 -6.00 46.62
N SER B 330 14.89 -7.11 46.73
CA SER B 330 14.99 -7.95 47.95
C SER B 330 16.45 -8.41 48.11
N ARG B 331 17.14 -7.90 49.12
CA ARG B 331 18.59 -8.22 49.28
C ARG B 331 18.78 -9.74 49.28
N THR B 332 17.98 -10.48 50.07
CA THR B 332 18.14 -11.95 50.16
C THR B 332 17.75 -12.59 48.83
N LYS B 333 16.53 -12.33 48.35
CA LYS B 333 16.06 -12.90 47.07
C LYS B 333 17.20 -12.79 46.04
N TRP B 334 17.76 -11.60 45.88
CA TRP B 334 18.84 -11.39 44.89
C TRP B 334 20.01 -12.32 45.21
N ASN B 335 20.44 -12.35 46.48
CA ASN B 335 21.56 -13.24 46.89
C ASN B 335 21.24 -14.66 46.42
N ASN B 336 20.01 -15.13 46.64
CA ASN B 336 19.63 -16.52 46.28
C ASN B 336 19.65 -16.65 44.75
N THR B 337 19.03 -15.70 44.04
CA THR B 337 18.93 -15.82 42.57
C THR B 337 20.34 -15.82 41.96
N LEU B 338 21.19 -14.91 42.42
CA LEU B 338 22.59 -14.84 41.90
C LEU B 338 23.27 -16.18 42.17
N ASN B 339 23.05 -16.75 43.36
CA ASN B 339 23.67 -18.05 43.72
C ASN B 339 23.17 -19.11 42.72
N GLN B 340 21.87 -19.10 42.43
CA GLN B 340 21.31 -20.07 41.44
C GLN B 340 22.05 -19.89 40.11
N ILE B 341 22.14 -18.66 39.62
CA ILE B 341 22.81 -18.39 38.32
C ILE B 341 24.26 -18.86 38.42
N ALA B 342 24.94 -18.56 39.53
CA ALA B 342 26.35 -18.94 39.71
C ALA B 342 26.49 -20.46 39.59
N THR B 343 25.62 -21.21 40.25
CA THR B 343 25.73 -22.69 40.24
C THR B 343 25.66 -23.16 38.78
N LYS B 344 24.71 -22.63 38.02
CA LYS B 344 24.54 -23.02 36.59
C LYS B 344 25.82 -22.64 35.83
N LEU B 345 26.39 -21.47 36.14
CA LEU B 345 27.66 -21.04 35.48
C LEU B 345 28.74 -22.07 35.82
N LYS B 346 28.76 -22.57 37.07
CA LYS B 346 29.73 -23.66 37.39
C LYS B 346 29.44 -24.81 36.44
N GLU B 347 28.17 -25.25 36.39
CA GLU B 347 27.79 -26.38 35.51
C GLU B 347 28.20 -26.07 34.07
N GLN B 348 28.59 -24.82 33.78
CA GLN B 348 28.88 -24.49 32.35
C GLN B 348 30.40 -24.46 32.12
N PHE B 349 31.18 -24.11 33.14
CA PHE B 349 32.65 -23.97 32.94
C PHE B 349 33.40 -24.72 34.04
N GLY B 350 32.78 -25.75 34.60
CA GLY B 350 33.43 -26.56 35.65
C GLY B 350 33.32 -25.90 37.01
N ASN B 351 32.94 -26.68 38.04
CA ASN B 351 32.78 -26.11 39.39
C ASN B 351 34.09 -25.42 39.79
N ASN B 352 35.23 -26.01 39.40
CA ASN B 352 36.56 -25.45 39.79
C ASN B 352 36.60 -23.93 39.52
N LYS B 353 36.02 -23.49 38.40
CA LYS B 353 36.10 -22.04 38.05
C LYS B 353 35.19 -21.24 39.01
N THR B 354 35.74 -20.20 39.65
CA THR B 354 34.94 -19.34 40.56
C THR B 354 34.09 -18.40 39.72
N ILE B 355 32.82 -18.21 40.12
CA ILE B 355 31.92 -17.27 39.37
C ILE B 355 32.08 -15.88 39.99
N VAL B 356 32.61 -14.93 39.22
CA VAL B 356 32.81 -13.53 39.73
C VAL B 356 31.87 -12.60 38.96
N PHE B 357 30.77 -12.18 39.59
CA PHE B 357 29.85 -11.22 38.93
C PHE B 357 30.42 -9.82 39.06
N ASN B 358 31.23 -9.39 38.08
CA ASN B 358 31.84 -8.04 38.11
C ASN B 358 30.83 -7.03 37.56
N GLN B 359 31.02 -5.75 37.85
CA GLN B 359 30.11 -4.69 37.31
C GLN B 359 30.39 -4.49 35.82
N SER B 360 29.55 -3.72 35.13
CA SER B 360 29.72 -3.52 33.67
C SER B 360 31.13 -3.01 33.36
N SER B 361 31.74 -3.52 32.28
CA SER B 361 33.11 -3.10 31.89
C SER B 361 33.14 -1.61 31.56
N GLY B 362 32.23 -1.16 30.69
CA GLY B 362 32.22 0.26 30.27
C GLY B 362 31.61 0.42 28.90
N GLY B 363 31.51 1.66 28.40
CA GLY B 363 30.87 1.93 27.09
C GLY B 363 29.75 2.94 27.20
N ASP B 364 28.71 2.81 26.36
CA ASP B 364 27.58 3.77 26.36
C ASP B 364 26.77 3.60 27.65
N PRO B 365 26.22 4.68 28.24
CA PRO B 365 25.46 4.60 29.48
C PRO B 365 24.34 3.57 29.35
N GLU B 366 23.65 3.57 28.21
CA GLU B 366 22.53 2.62 28.00
C GLU B 366 22.93 1.25 28.53
N ILE B 367 24.17 0.83 28.26
CA ILE B 367 24.65 -0.52 28.69
C ILE B 367 25.29 -0.41 30.07
N VAL B 368 26.08 0.63 30.31
CA VAL B 368 26.81 0.77 31.61
C VAL B 368 25.79 0.72 32.76
N MET B 369 24.69 1.46 32.64
CA MET B 369 23.70 1.52 33.75
C MET B 369 22.43 0.76 33.34
N HIS B 370 21.99 -0.19 34.17
CA HIS B 370 20.70 -0.86 33.86
C HIS B 370 19.69 0.22 33.51
N SER B 371 19.33 0.34 32.24
CA SER B 371 18.43 1.46 31.81
C SER B 371 17.15 0.88 31.22
N PHE B 372 15.99 1.20 31.81
CA PHE B 372 14.71 0.76 31.21
C PHE B 372 13.71 1.91 31.11
N ASN B 373 12.44 1.62 30.82
CA ASN B 373 11.37 2.61 30.79
C ASN B 373 10.35 2.28 31.86
N CYS B 374 10.00 3.27 32.67
CA CYS B 374 9.01 3.15 33.73
C CYS B 374 7.85 4.06 33.41
N GLY B 375 6.69 3.46 33.13
CA GLY B 375 5.48 4.25 32.96
C GLY B 375 5.62 5.33 31.92
N GLY B 376 6.25 5.02 30.79
CA GLY B 376 6.54 6.03 29.81
C GLY B 376 7.70 6.92 30.15
N GLU B 377 8.51 6.57 31.15
CA GLU B 377 9.66 7.38 31.54
C GLU B 377 10.88 6.48 31.65
N PHE B 378 11.98 6.93 31.04
CA PHE B 378 13.23 6.11 30.97
C PHE B 378 14.14 6.31 32.18
N PHE B 379 14.48 5.21 32.85
CA PHE B 379 15.38 5.22 34.00
C PHE B 379 16.80 4.87 33.59
N TYR B 380 17.72 5.14 34.52
CA TYR B 380 19.17 4.81 34.36
C TYR B 380 19.67 4.51 35.78
N CYS B 381 19.83 3.24 36.18
CA CYS B 381 20.07 2.85 37.55
C CYS B 381 21.45 2.22 37.68
N ASN B 382 22.23 2.71 38.64
CA ASN B 382 23.58 2.13 38.90
C ASN B 382 23.41 0.67 39.29
N SER B 383 24.14 -0.25 38.65
CA SER B 383 23.91 -1.69 38.91
C SER B 383 25.12 -2.31 39.61
N THR B 384 26.04 -1.49 40.12
CA THR B 384 27.28 -2.01 40.76
C THR B 384 26.91 -2.91 41.94
N GLN B 385 25.90 -2.50 42.72
CA GLN B 385 25.50 -3.28 43.92
C GLN B 385 25.02 -4.68 43.52
N LEU B 386 24.30 -4.79 42.40
CA LEU B 386 23.73 -6.11 42.00
C LEU B 386 24.81 -6.99 41.36
N PHE B 387 25.93 -6.37 40.94
CA PHE B 387 27.00 -7.11 40.23
C PHE B 387 28.31 -6.91 40.99
N ASN B 388 28.32 -7.27 42.28
CA ASN B 388 29.55 -7.16 43.10
C ASN B 388 29.58 -8.36 44.04
N SER B 389 29.56 -9.56 43.47
CA SER B 389 29.56 -10.78 44.32
C SER B 389 30.48 -11.85 43.71
N THR B 390 31.39 -12.40 44.51
CA THR B 390 32.28 -13.48 44.02
C THR B 390 31.80 -14.81 44.60
N TRP B 391 31.36 -15.70 43.71
CA TRP B 391 30.82 -17.01 44.14
C TRP B 391 31.89 -18.06 43.95
N ASN B 392 32.81 -18.16 44.90
CA ASN B 392 33.89 -19.18 44.84
C ASN B 392 33.29 -20.55 45.17
N PHE B 393 33.21 -21.45 44.19
CA PHE B 393 32.70 -22.82 44.44
C PHE B 393 33.22 -23.34 45.79
N ASN B 394 34.41 -22.91 46.20
CA ASN B 394 35.03 -23.43 47.45
C ASN B 394 34.46 -22.74 48.69
N GLY B 395 33.61 -21.72 48.50
CA GLY B 395 32.95 -21.07 49.64
C GLY B 395 31.58 -21.69 49.90
N THR B 396 31.28 -22.05 51.14
CA THR B 396 29.99 -22.71 51.47
C THR B 396 28.88 -21.64 51.55
N TRP B 397 27.70 -21.94 51.00
CA TRP B 397 26.56 -20.99 51.08
C TRP B 397 25.25 -21.75 51.26
N ASN B 398 24.56 -21.53 52.38
CA ASN B 398 23.25 -22.18 52.61
C ASN B 398 22.16 -21.16 52.24
N LEU B 399 22.11 -20.74 50.97
CA LEU B 399 21.12 -19.73 50.50
C LEU B 399 21.26 -18.46 51.34
N THR B 400 20.14 -17.77 51.59
CA THR B 400 20.16 -16.52 52.40
C THR B 400 18.84 -16.44 53.19
N GLN B 401 18.87 -15.85 54.39
CA GLN B 401 17.65 -15.84 55.24
C GLN B 401 17.18 -14.39 55.46
N SER B 402 15.93 -14.09 55.09
CA SER B 402 15.37 -12.73 55.32
C SER B 402 14.73 -12.65 56.71
N ASN B 403 15.50 -12.96 57.76
CA ASN B 403 14.98 -12.87 59.15
C ASN B 403 14.56 -11.42 59.42
N GLY B 404 15.39 -10.46 59.02
CA GLY B 404 15.06 -9.03 59.19
C GLY B 404 14.11 -8.56 58.10
N THR B 405 13.01 -9.28 57.90
CA THR B 405 12.02 -8.91 56.84
C THR B 405 11.89 -7.39 56.77
N GLU B 406 11.82 -6.72 57.92
CA GLU B 406 11.61 -5.25 57.94
C GLU B 406 12.96 -4.53 57.85
N GLY B 407 13.26 -3.89 56.71
CA GLY B 407 14.51 -3.12 56.57
C GLY B 407 15.68 -3.98 56.15
N ASN B 408 16.74 -3.35 55.63
CA ASN B 408 17.98 -4.09 55.24
C ASN B 408 17.66 -5.11 54.13
N ASP B 409 16.51 -4.94 53.46
CA ASP B 409 16.10 -5.90 52.39
C ASP B 409 15.83 -5.13 51.10
N THR B 410 16.32 -3.88 51.00
CA THR B 410 16.03 -3.05 49.81
C THR B 410 17.33 -2.50 49.21
N ILE B 411 18.00 -3.29 48.36
CA ILE B 411 19.21 -2.77 47.66
C ILE B 411 18.78 -1.55 46.86
N THR B 412 18.89 -0.34 47.44
CA THR B 412 18.36 0.85 46.74
C THR B 412 19.28 1.16 45.56
N LEU B 413 18.74 1.07 44.35
CA LEU B 413 19.55 1.33 43.13
C LEU B 413 19.59 2.85 42.88
N PRO B 414 20.73 3.55 42.99
CA PRO B 414 20.79 4.97 42.66
C PRO B 414 20.35 5.12 41.19
N CYS B 415 19.12 5.58 40.95
CA CYS B 415 18.61 5.66 39.56
C CYS B 415 18.63 7.11 39.06
N ARG B 416 19.27 7.36 37.91
CA ARG B 416 19.27 8.71 37.31
C ARG B 416 18.22 8.74 36.21
N ILE B 417 17.85 9.92 35.72
CA ILE B 417 16.77 10.01 34.68
C ILE B 417 17.33 10.63 33.39
N LYS B 418 16.92 10.10 32.24
CA LYS B 418 17.38 10.64 30.93
C LYS B 418 16.16 10.83 30.03
N GLN B 419 16.17 11.88 29.19
CA GLN B 419 14.99 12.17 28.32
C GLN B 419 15.38 12.01 26.86
N ILE B 420 16.65 12.24 26.53
CA ILE B 420 17.07 12.18 25.09
C ILE B 420 17.60 10.78 24.79
N ILE B 421 16.82 9.97 24.07
CA ILE B 421 17.23 8.57 23.77
C ILE B 421 17.79 8.53 22.36
N ASN B 422 18.97 7.91 22.18
CA ASN B 422 19.59 7.79 20.84
C ASN B 422 19.16 6.46 20.23
N MET B 423 19.11 6.38 18.89
CA MET B 423 18.75 5.10 18.23
C MET B 423 19.82 4.06 18.58
N TRP B 424 19.40 2.87 19.03
CA TRP B 424 20.39 1.86 19.48
C TRP B 424 21.29 1.42 18.32
N GLN B 425 20.82 1.55 17.09
CA GLN B 425 21.61 1.04 15.94
C GLN B 425 22.35 2.19 15.24
N GLU B 426 21.66 3.29 14.95
CA GLU B 426 22.29 4.39 14.17
C GLU B 426 22.72 5.55 15.07
N VAL B 427 23.66 6.37 14.62
CA VAL B 427 24.13 7.56 15.39
C VAL B 427 23.03 8.62 15.38
N GLY B 428 22.40 8.83 14.22
CA GLY B 428 21.36 9.87 14.11
C GLY B 428 20.02 9.40 14.63
N LYS B 429 18.94 10.14 14.32
CA LYS B 429 17.58 9.76 14.76
C LYS B 429 17.51 9.59 16.28
N ALA B 430 17.71 10.68 17.03
CA ALA B 430 17.53 10.60 18.51
C ALA B 430 16.10 11.03 18.84
N MET B 431 15.66 10.80 20.08
CA MET B 431 14.25 11.11 20.45
C MET B 431 14.21 11.76 21.83
N TYR B 432 13.34 12.75 22.03
CA TYR B 432 13.20 13.41 23.36
C TYR B 432 11.94 12.87 24.04
N ALA B 433 12.05 12.47 25.31
CA ALA B 433 10.85 12.04 26.06
C ALA B 433 10.24 13.24 26.78
N PRO B 434 9.03 13.71 26.40
CA PRO B 434 8.38 14.81 27.10
C PRO B 434 8.20 14.43 28.57
N PRO B 435 8.60 15.28 29.55
CA PRO B 435 8.53 14.92 30.96
C PRO B 435 7.11 14.49 31.37
N ILE B 436 7.02 13.51 32.27
CA ILE B 436 5.69 13.07 32.78
C ILE B 436 5.36 13.91 34.01
N ARG B 437 4.07 14.19 34.24
CA ARG B 437 3.66 15.03 35.40
C ARG B 437 3.39 14.15 36.62
N GLY B 438 3.86 14.58 37.81
CA GLY B 438 3.63 13.81 39.04
C GLY B 438 4.67 12.72 39.24
N GLN B 439 4.53 11.93 40.29
CA GLN B 439 5.49 10.83 40.57
C GLN B 439 5.24 9.68 39.59
N ILE B 440 6.31 9.14 39.00
CA ILE B 440 6.18 7.98 38.06
C ILE B 440 6.58 6.72 38.81
N ARG B 441 5.65 5.79 39.03
CA ARG B 441 5.95 4.59 39.86
C ARG B 441 5.71 3.31 39.03
N CYS B 442 6.51 2.27 39.28
CA CYS B 442 6.36 0.98 38.56
C CYS B 442 6.89 -0.19 39.40
N SER B 443 6.55 -1.43 39.02
CA SER B 443 7.06 -2.62 39.75
C SER B 443 7.17 -3.79 38.78
N SER B 444 8.35 -4.01 38.19
CA SER B 444 8.48 -5.09 37.17
C SER B 444 8.87 -6.41 37.83
N ASN B 445 9.11 -7.42 37.00
CA ASN B 445 9.44 -8.77 37.50
C ASN B 445 10.74 -9.20 36.83
N ILE B 446 11.89 -8.94 37.46
CA ILE B 446 13.19 -9.40 36.89
C ILE B 446 13.03 -10.86 36.47
N THR B 447 13.26 -11.17 35.19
CA THR B 447 13.03 -12.56 34.69
C THR B 447 14.27 -13.10 33.99
N GLY B 448 15.43 -12.45 34.14
CA GLY B 448 16.67 -12.97 33.55
C GLY B 448 17.75 -11.91 33.40
N LEU B 449 18.87 -12.28 32.79
CA LEU B 449 20.09 -11.42 32.72
C LEU B 449 20.64 -11.45 31.29
N ILE B 450 21.53 -10.50 30.97
CA ILE B 450 22.30 -10.52 29.69
C ILE B 450 23.75 -10.32 30.17
N LEU B 451 24.63 -11.32 30.01
CA LEU B 451 25.98 -11.22 30.64
C LEU B 451 27.08 -11.22 29.58
N THR B 452 28.32 -10.89 29.97
CA THR B 452 29.49 -10.89 29.06
C THR B 452 30.68 -11.55 29.76
N ARG B 453 31.16 -12.68 29.23
CA ARG B 453 32.36 -13.34 29.80
C ARG B 453 33.60 -12.58 29.30
N ASP B 454 34.66 -12.50 30.09
CA ASP B 454 35.83 -11.67 29.70
C ASP B 454 37.06 -12.54 29.45
N GLY B 455 37.79 -12.30 28.35
CA GLY B 455 39.05 -13.03 28.11
C GLY B 455 40.14 -12.51 29.03
N GLY B 456 40.00 -12.75 30.33
CA GLY B 456 40.96 -12.22 31.33
C GLY B 456 42.26 -13.01 31.40
N ASN B 457 43.28 -12.46 32.05
CA ASN B 457 44.55 -13.22 32.23
C ASN B 457 44.40 -14.12 33.47
N ASN B 458 43.19 -14.20 34.03
CA ASN B 458 42.95 -15.02 35.24
C ASN B 458 42.26 -16.33 34.84
N HIS B 459 42.26 -16.64 33.55
CA HIS B 459 41.66 -17.93 33.09
C HIS B 459 42.30 -19.06 33.89
N ASN B 460 43.62 -19.01 34.05
CA ASN B 460 44.34 -20.04 34.84
C ASN B 460 43.82 -20.02 36.28
N ASN B 461 43.55 -18.84 36.81
CA ASN B 461 43.07 -18.70 38.22
C ASN B 461 41.69 -19.33 38.35
N ASP B 462 41.02 -19.61 37.23
CA ASP B 462 39.66 -20.22 37.25
C ASP B 462 38.69 -19.25 37.93
N THR B 463 38.49 -18.07 37.35
CA THR B 463 37.56 -17.06 37.93
C THR B 463 36.66 -16.50 36.83
N GLU B 464 35.66 -17.28 36.39
CA GLU B 464 34.72 -16.79 35.35
C GLU B 464 34.27 -15.37 35.72
N THR B 465 34.82 -14.35 35.05
CA THR B 465 34.39 -12.95 35.31
C THR B 465 33.20 -12.61 34.40
N PHE B 466 31.99 -12.56 34.96
CA PHE B 466 30.78 -12.24 34.15
C PHE B 466 30.30 -10.83 34.47
N ARG B 467 30.17 -9.99 33.44
CA ARG B 467 29.71 -8.59 33.65
C ARG B 467 28.40 -8.36 32.89
N PRO B 468 27.46 -7.56 33.43
CA PRO B 468 26.17 -7.34 32.75
C PRO B 468 26.35 -6.67 31.39
N GLY B 469 25.43 -6.93 30.46
CA GLY B 469 25.52 -6.35 29.10
C GLY B 469 24.17 -6.01 28.53
N GLY B 470 24.14 -5.36 27.35
CA GLY B 470 22.87 -4.98 26.71
C GLY B 470 23.13 -4.20 25.43
N GLY B 471 22.15 -3.43 24.96
CA GLY B 471 22.34 -2.58 23.77
C GLY B 471 21.96 -3.30 22.49
N ASP B 472 21.58 -4.57 22.59
CA ASP B 472 21.08 -5.31 21.39
C ASP B 472 19.64 -5.76 21.67
N MET B 473 18.65 -5.05 21.14
CA MET B 473 17.23 -5.37 21.44
C MET B 473 16.90 -6.79 20.96
N ARG B 474 17.58 -7.27 19.92
CA ARG B 474 17.34 -8.66 19.44
C ARG B 474 17.37 -9.62 20.63
N ASP B 475 18.34 -9.44 21.53
CA ASP B 475 18.42 -10.31 22.74
C ASP B 475 17.08 -10.27 23.49
N ASN B 476 16.49 -9.09 23.63
CA ASN B 476 15.22 -8.95 24.38
C ASN B 476 14.15 -9.84 23.74
N TRP B 477 14.10 -9.85 22.40
CA TRP B 477 13.07 -10.66 21.69
C TRP B 477 13.42 -12.14 21.80
N ARG B 478 14.69 -12.49 21.59
CA ARG B 478 15.13 -13.90 21.73
C ARG B 478 14.64 -14.45 23.06
N SER B 479 14.79 -13.67 24.14
CA SER B 479 14.42 -14.14 25.50
C SER B 479 12.94 -14.54 25.54
N GLU B 480 12.17 -14.17 24.51
CA GLU B 480 10.70 -14.46 24.52
C GLU B 480 10.33 -15.37 23.35
N LEU B 481 11.03 -15.26 22.22
CA LEU B 481 10.74 -16.09 21.02
C LEU B 481 11.61 -17.35 21.06
N TYR B 482 12.29 -17.59 22.18
CA TYR B 482 13.19 -18.76 22.32
C TYR B 482 12.40 -20.06 22.17
N LYS B 483 11.14 -20.07 22.58
CA LYS B 483 10.36 -21.32 22.58
C LYS B 483 9.52 -21.43 21.29
N TYR B 484 9.86 -20.68 20.24
CA TYR B 484 8.99 -20.67 19.03
C TYR B 484 9.82 -20.95 17.77
N LYS B 485 9.17 -21.52 16.75
CA LYS B 485 9.85 -21.81 15.46
C LYS B 485 8.80 -21.86 14.35
N VAL B 486 8.78 -20.85 13.47
CA VAL B 486 7.73 -20.81 12.40
C VAL B 486 8.10 -21.80 11.29
N VAL B 487 7.14 -22.61 10.85
CA VAL B 487 7.38 -23.59 9.75
C VAL B 487 6.20 -23.55 8.78
N LYS B 488 6.45 -23.90 7.51
CA LYS B 488 5.37 -23.89 6.47
C LYS B 488 4.44 -25.08 6.68
N ILE B 489 3.26 -25.07 6.06
CA ILE B 489 2.35 -26.25 6.12
C ILE B 489 2.13 -26.70 4.67
N GLU B 490 2.69 -27.85 4.30
CA GLU B 490 2.45 -28.42 2.94
C GLU B 490 1.45 -29.57 3.07
N PRO B 491 0.14 -29.34 2.88
CA PRO B 491 -0.87 -30.40 3.06
C PRO B 491 -0.77 -31.49 1.99
N LEU B 492 -0.52 -31.11 0.74
CA LEU B 492 -0.45 -32.10 -0.37
C LEU B 492 0.63 -33.13 -0.06
N GLY B 493 0.34 -34.42 -0.23
CA GLY B 493 1.32 -35.49 0.01
C GLY B 493 1.14 -36.66 -0.94
N VAL B 494 2.23 -37.32 -1.31
CA VAL B 494 2.15 -38.49 -2.24
C VAL B 494 2.44 -39.78 -1.46
N ALA B 495 1.85 -40.89 -1.88
CA ALA B 495 2.04 -42.19 -1.19
C ALA B 495 1.63 -43.35 -2.10
N PRO B 496 2.47 -44.39 -2.29
CA PRO B 496 2.10 -45.54 -3.10
C PRO B 496 1.03 -46.38 -2.39
N THR B 497 0.02 -46.84 -3.14
CA THR B 497 -1.07 -47.67 -2.55
C THR B 497 -1.41 -48.81 -3.52
N LYS B 498 -2.22 -49.78 -3.07
CA LYS B 498 -2.61 -50.91 -3.93
C LYS B 498 -3.91 -50.57 -4.68
N ALA B 499 -4.43 -49.36 -4.47
CA ALA B 499 -5.64 -48.91 -5.20
C ALA B 499 -5.23 -48.16 -6.47
N LYS B 500 -6.12 -48.12 -7.47
CA LYS B 500 -5.81 -47.44 -8.75
C LYS B 500 -6.98 -46.55 -9.17
N ARG B 501 -6.73 -45.54 -10.01
CA ARG B 501 -7.81 -44.61 -10.45
C ARG B 501 -8.69 -45.33 -11.48
N ARG B 502 -9.25 -46.47 -11.11
CA ARG B 502 -10.15 -47.23 -12.02
C ARG B 502 -11.45 -46.45 -12.23
N VAL B 503 -11.93 -45.76 -11.18
CA VAL B 503 -13.23 -45.04 -11.28
C VAL B 503 -13.18 -44.13 -12.50
N VAL B 504 -12.18 -43.26 -12.57
CA VAL B 504 -12.07 -42.29 -13.70
C VAL B 504 -11.57 -43.02 -14.96
N GLN B 505 -10.93 -44.17 -14.76
CA GLN B 505 -10.37 -44.92 -15.93
C GLN B 505 -11.49 -45.15 -16.94
N ARG B 506 -12.68 -45.53 -16.47
CA ARG B 506 -13.84 -45.72 -17.38
C ARG B 506 -14.62 -44.39 -17.47
N GLU B 507 -14.85 -43.88 -18.68
CA GLU B 507 -15.54 -42.59 -18.87
C GLU B 507 -16.61 -42.74 -19.95
N PHE C 518 -5.23 -23.17 14.97
CA PHE C 518 -6.61 -23.39 14.49
C PHE C 518 -7.28 -24.46 15.36
N LEU C 519 -7.49 -24.15 16.65
CA LEU C 519 -8.16 -25.10 17.58
C LEU C 519 -7.55 -26.50 17.44
N GLY C 520 -8.19 -27.40 16.69
CA GLY C 520 -7.71 -28.78 16.56
C GLY C 520 -6.77 -28.95 15.38
N PHE C 521 -6.12 -27.87 14.96
CA PHE C 521 -5.16 -27.94 13.83
C PHE C 521 -4.27 -29.18 14.01
N LEU C 522 -4.44 -30.18 13.14
CA LEU C 522 -3.67 -31.44 13.27
C LEU C 522 -3.76 -31.93 14.71
N GLY C 523 -4.98 -32.02 15.26
CA GLY C 523 -5.16 -32.44 16.66
C GLY C 523 -4.32 -33.65 16.98
N ALA C 524 -4.28 -34.62 16.08
CA ALA C 524 -3.41 -35.80 16.28
C ALA C 524 -2.10 -35.59 15.50
N ALA C 525 -0.96 -35.76 16.16
CA ALA C 525 0.35 -35.52 15.50
C ALA C 525 0.62 -36.61 14.46
N GLY C 526 1.64 -36.42 13.62
CA GLY C 526 1.96 -37.39 12.57
C GLY C 526 2.56 -38.66 13.14
N SER C 527 1.77 -39.75 13.19
CA SER C 527 2.29 -41.06 13.66
C SER C 527 2.70 -41.90 12.46
N THR C 528 2.79 -43.22 12.62
CA THR C 528 3.08 -44.09 11.45
C THR C 528 2.06 -43.73 10.36
N MET C 529 2.51 -43.59 9.11
CA MET C 529 1.57 -43.13 8.05
C MET C 529 0.27 -43.92 8.16
N GLY C 530 0.34 -45.22 8.46
CA GLY C 530 -0.88 -46.05 8.66
C GLY C 530 -1.76 -45.51 9.77
N VAL C 531 -1.25 -45.49 11.01
CA VAL C 531 -2.03 -44.98 12.17
C VAL C 531 -2.50 -43.56 11.84
N ALA C 532 -1.63 -42.75 11.24
CA ALA C 532 -2.02 -41.37 10.85
C ALA C 532 -3.11 -41.45 9.78
N SER C 533 -3.02 -42.43 8.88
CA SER C 533 -4.02 -42.57 7.78
C SER C 533 -5.23 -43.34 8.29
N MET C 534 -5.51 -43.28 9.60
CA MET C 534 -6.72 -43.94 10.14
C MET C 534 -7.90 -42.97 9.99
N THR C 535 -8.91 -43.08 10.87
CA THR C 535 -10.03 -42.11 10.83
C THR C 535 -9.44 -40.71 10.96
N LEU C 536 -8.39 -40.56 11.77
CA LEU C 536 -7.73 -39.25 11.97
C LEU C 536 -7.69 -38.51 10.63
N THR C 537 -7.00 -39.06 9.63
CA THR C 537 -6.85 -38.32 8.35
C THR C 537 -8.24 -37.92 7.83
N VAL C 538 -9.16 -38.88 7.70
CA VAL C 538 -10.50 -38.57 7.12
C VAL C 538 -11.13 -37.43 7.91
N GLN C 539 -10.78 -37.29 9.19
CA GLN C 539 -11.43 -36.26 10.05
C GLN C 539 -10.56 -35.01 10.13
N ALA C 540 -9.38 -35.13 10.76
CA ALA C 540 -8.51 -33.94 10.97
C ALA C 540 -8.48 -33.09 9.71
N ARG C 541 -8.29 -33.71 8.54
CA ARG C 541 -8.14 -32.93 7.28
C ARG C 541 -9.33 -31.98 7.14
N GLN C 542 -10.55 -32.50 7.17
CA GLN C 542 -11.75 -31.65 6.98
C GLN C 542 -11.85 -30.67 8.16
N LEU C 543 -11.55 -31.15 9.37
CA LEU C 543 -11.58 -30.26 10.56
C LEU C 543 -10.55 -29.16 10.36
N LEU C 544 -9.30 -29.53 10.01
CA LEU C 544 -8.23 -28.53 9.78
C LEU C 544 -8.71 -27.50 8.75
N SER C 545 -9.03 -27.96 7.54
CA SER C 545 -9.48 -27.03 6.48
C SER C 545 -10.70 -26.24 6.98
N GLY C 546 -11.64 -26.93 7.64
CA GLY C 546 -12.83 -26.25 8.18
C GLY C 546 -12.44 -25.13 9.13
N ILE C 547 -11.61 -25.43 10.13
CA ILE C 547 -11.23 -24.39 11.14
C ILE C 547 -10.35 -23.33 10.45
N VAL C 548 -9.55 -23.72 9.45
CA VAL C 548 -8.75 -22.72 8.69
C VAL C 548 -9.72 -21.67 8.15
N GLN C 549 -10.74 -22.10 7.42
CA GLN C 549 -11.76 -21.15 6.91
C GLN C 549 -12.35 -20.40 8.11
N GLN C 550 -12.72 -21.14 9.15
CA GLN C 550 -13.39 -20.52 10.33
C GLN C 550 -12.53 -19.34 10.80
N GLN C 551 -11.26 -19.58 11.14
CA GLN C 551 -10.46 -18.45 11.69
C GLN C 551 -10.33 -17.35 10.62
N ASN C 552 -10.25 -17.73 9.34
CA ASN C 552 -10.21 -16.72 8.25
C ASN C 552 -11.49 -15.89 8.31
N ASN C 553 -12.63 -16.53 8.52
CA ASN C 553 -13.92 -15.81 8.60
C ASN C 553 -13.89 -14.87 9.82
N LEU C 554 -13.30 -15.32 10.93
CA LEU C 554 -13.20 -14.47 12.14
C LEU C 554 -12.47 -13.18 11.74
N LEU C 555 -11.40 -13.27 10.95
CA LEU C 555 -10.67 -12.07 10.49
C LEU C 555 -11.63 -11.15 9.73
N ARG C 556 -12.52 -11.72 8.92
CA ARG C 556 -13.46 -10.90 8.11
C ARG C 556 -14.33 -10.05 9.05
N ALA C 557 -14.87 -10.67 10.09
CA ALA C 557 -15.69 -9.91 11.07
C ALA C 557 -14.82 -8.81 11.68
N ILE C 558 -13.60 -9.14 12.07
CA ILE C 558 -12.69 -8.15 12.72
C ILE C 558 -12.52 -6.94 11.79
N GLU C 559 -12.01 -7.15 10.57
CA GLU C 559 -11.72 -6.01 9.68
C GLU C 559 -13.02 -5.22 9.44
N ALA C 560 -14.16 -5.93 9.43
CA ALA C 560 -15.47 -5.24 9.25
C ALA C 560 -15.76 -4.38 10.49
N GLN C 561 -15.43 -4.89 11.68
CA GLN C 561 -15.74 -4.15 12.93
C GLN C 561 -14.81 -2.94 13.08
N GLN C 562 -13.51 -3.09 12.80
CA GLN C 562 -12.56 -1.97 13.06
C GLN C 562 -12.35 -1.13 11.80
N HIS C 563 -12.04 -1.75 10.65
CA HIS C 563 -11.71 -0.97 9.42
C HIS C 563 -10.60 0.02 9.74
N LEU C 564 -9.65 -0.38 10.58
CA LEU C 564 -8.50 0.50 10.94
C LEU C 564 -7.28 0.05 10.15
N LEU C 565 -7.39 -1.10 9.46
CA LEU C 565 -6.22 -1.64 8.73
C LEU C 565 -5.89 -0.71 7.56
N LYS C 566 -4.88 0.15 7.71
CA LYS C 566 -4.55 1.14 6.64
C LYS C 566 -3.04 1.31 6.52
N LEU C 567 -2.40 0.56 5.63
CA LEU C 567 -0.95 0.72 5.36
C LEU C 567 -0.16 1.01 6.64
N THR C 568 -0.51 0.35 7.75
CA THR C 568 0.29 0.51 9.00
C THR C 568 1.34 -0.61 9.03
N VAL C 569 2.42 -0.46 9.79
CA VAL C 569 3.40 -1.58 9.91
C VAL C 569 2.62 -2.89 9.99
N TRP C 570 1.59 -2.95 10.85
CA TRP C 570 0.76 -4.17 10.99
C TRP C 570 -0.23 -4.28 9.82
N GLY C 571 -0.76 -3.15 9.36
CA GLY C 571 -1.72 -3.17 8.25
C GLY C 571 -1.09 -3.79 7.01
N ILE C 572 0.14 -3.39 6.69
CA ILE C 572 0.86 -4.00 5.52
C ILE C 572 1.07 -5.48 5.82
N LYS C 573 1.45 -5.81 7.06
CA LYS C 573 1.69 -7.22 7.44
C LYS C 573 0.44 -8.05 7.16
N GLN C 574 -0.72 -7.64 7.70
CA GLN C 574 -1.95 -8.45 7.54
C GLN C 574 -2.32 -8.53 6.05
N LEU C 575 -2.17 -7.42 5.31
CA LEU C 575 -2.57 -7.41 3.88
C LEU C 575 -1.73 -8.45 3.14
N GLN C 576 -0.41 -8.41 3.31
CA GLN C 576 0.49 -9.36 2.61
C GLN C 576 0.16 -10.78 3.07
N ALA C 577 -0.08 -10.96 4.38
CA ALA C 577 -0.40 -12.29 4.92
C ALA C 577 -1.66 -12.82 4.24
N ARG C 578 -2.70 -11.98 4.12
CA ARG C 578 -3.97 -12.41 3.48
C ARG C 578 -3.67 -12.87 2.06
N VAL C 579 -2.91 -12.08 1.30
CA VAL C 579 -2.57 -12.44 -0.10
C VAL C 579 -1.81 -13.77 -0.09
N LEU C 580 -0.80 -13.91 0.78
CA LEU C 580 -0.01 -15.16 0.85
C LEU C 580 -0.95 -16.35 1.03
N THR C 581 -1.77 -16.34 2.08
CA THR C 581 -2.64 -17.51 2.38
C THR C 581 -3.45 -17.86 1.14
N VAL C 582 -4.10 -16.87 0.52
CA VAL C 582 -4.99 -17.12 -0.66
C VAL C 582 -4.19 -17.80 -1.77
N GLU C 583 -3.06 -17.21 -2.17
CA GLU C 583 -2.29 -17.72 -3.34
C GLU C 583 -1.70 -19.09 -3.00
N ARG C 584 -1.39 -19.33 -1.72
CA ARG C 584 -0.85 -20.66 -1.30
C ARG C 584 -1.99 -21.68 -1.35
N TYR C 585 -3.21 -21.26 -1.02
CA TYR C 585 -4.38 -22.18 -1.12
C TYR C 585 -4.60 -22.53 -2.59
N LEU C 586 -4.55 -21.52 -3.46
CA LEU C 586 -4.79 -21.76 -4.90
C LEU C 586 -3.78 -22.77 -5.43
N ARG C 587 -2.49 -22.52 -5.23
CA ARG C 587 -1.45 -23.43 -5.77
C ARG C 587 -1.82 -24.87 -5.42
N ASP C 588 -2.19 -25.11 -4.16
CA ASP C 588 -2.59 -26.48 -3.72
C ASP C 588 -3.77 -26.95 -4.59
N GLN C 589 -4.78 -26.11 -4.75
CA GLN C 589 -5.99 -26.51 -5.51
C GLN C 589 -5.66 -26.59 -7.00
N GLN C 590 -4.89 -25.63 -7.52
CA GLN C 590 -4.47 -25.70 -8.94
C GLN C 590 -3.86 -27.09 -9.19
N LEU C 591 -2.95 -27.51 -8.31
CA LEU C 591 -2.27 -28.83 -8.49
C LEU C 591 -3.32 -29.94 -8.54
N LEU C 592 -4.28 -29.93 -7.61
CA LEU C 592 -5.36 -30.95 -7.62
C LEU C 592 -6.04 -30.91 -9.00
N GLY C 593 -6.27 -29.70 -9.53
CA GLY C 593 -6.89 -29.57 -10.86
C GLY C 593 -6.05 -30.20 -11.96
N ILE C 594 -4.73 -29.99 -11.92
CA ILE C 594 -3.85 -30.51 -13.01
C ILE C 594 -4.06 -32.02 -13.12
N TRP C 595 -4.08 -32.72 -11.98
CA TRP C 595 -4.32 -34.18 -12.01
C TRP C 595 -5.77 -34.50 -11.64
N GLY C 596 -6.72 -33.77 -12.26
CA GLY C 596 -8.15 -34.03 -12.02
C GLY C 596 -8.42 -34.62 -10.65
N CYS C 597 -7.91 -33.98 -9.59
CA CYS C 597 -8.19 -34.43 -8.21
C CYS C 597 -8.80 -33.28 -7.42
N SER C 598 -9.45 -32.33 -8.10
CA SER C 598 -9.95 -31.13 -7.39
C SER C 598 -11.13 -31.48 -6.48
N GLY C 599 -11.62 -32.72 -6.54
CA GLY C 599 -12.81 -33.10 -5.76
C GLY C 599 -12.45 -33.77 -4.44
N LYS C 600 -11.96 -35.01 -4.49
CA LYS C 600 -11.69 -35.78 -3.25
C LYS C 600 -10.30 -35.45 -2.69
N LEU C 601 -10.19 -35.28 -1.38
CA LEU C 601 -8.89 -34.98 -0.73
C LEU C 601 -7.91 -36.13 -1.01
N ILE C 602 -8.39 -37.37 -0.96
CA ILE C 602 -7.52 -38.55 -1.22
C ILE C 602 -7.89 -39.15 -2.57
N CYS C 603 -7.14 -38.82 -3.62
CA CYS C 603 -7.45 -39.33 -4.98
C CYS C 603 -6.38 -40.32 -5.43
N THR C 604 -6.77 -41.49 -5.92
CA THR C 604 -5.79 -42.48 -6.44
C THR C 604 -5.42 -42.11 -7.87
N THR C 605 -4.27 -42.57 -8.35
CA THR C 605 -3.82 -42.27 -9.74
C THR C 605 -3.58 -43.58 -10.48
N ALA C 606 -3.24 -43.50 -11.76
CA ALA C 606 -2.91 -44.73 -12.54
C ALA C 606 -1.39 -44.89 -12.56
N VAL C 607 -0.67 -43.84 -12.14
CA VAL C 607 0.82 -43.88 -12.15
C VAL C 607 1.29 -44.97 -11.19
N PRO C 608 2.08 -45.97 -11.63
CA PRO C 608 2.63 -46.97 -10.73
C PRO C 608 3.82 -46.37 -9.98
N TRP C 609 4.41 -47.13 -9.04
CA TRP C 609 5.52 -46.58 -8.23
C TRP C 609 6.87 -47.00 -8.82
N ASN C 610 7.55 -46.11 -9.54
CA ASN C 610 8.91 -46.44 -10.02
C ASN C 610 9.73 -46.84 -8.77
N ALA C 611 10.15 -48.10 -8.71
CA ALA C 611 10.86 -48.59 -7.49
C ALA C 611 12.01 -47.65 -7.15
N SER C 612 12.51 -46.90 -8.15
CA SER C 612 13.60 -45.94 -7.89
C SER C 612 13.14 -44.94 -6.82
N TRP C 613 11.86 -44.59 -6.82
CA TRP C 613 11.32 -43.66 -5.80
C TRP C 613 11.49 -44.28 -4.42
N SER C 614 11.10 -45.56 -4.25
CA SER C 614 11.31 -46.28 -2.95
C SER C 614 11.15 -47.80 -3.08
N ASN C 615 11.96 -48.61 -2.35
CA ASN C 615 11.82 -50.09 -2.34
C ASN C 615 11.11 -50.51 -1.04
N LYS C 616 10.90 -49.58 -0.11
CA LYS C 616 10.33 -49.93 1.23
C LYS C 616 9.06 -50.78 1.10
N THR C 617 8.97 -51.86 1.88
CA THR C 617 7.74 -52.70 1.91
C THR C 617 6.53 -51.82 2.24
N LEU C 618 5.42 -52.00 1.52
CA LEU C 618 4.22 -51.15 1.74
C LEU C 618 3.84 -51.22 3.22
N ASP C 619 3.91 -52.41 3.81
CA ASP C 619 3.62 -52.55 5.27
C ASP C 619 4.44 -51.50 6.03
N MET C 620 5.76 -51.57 5.95
CA MET C 620 6.63 -50.60 6.68
C MET C 620 6.18 -49.18 6.32
N ILE C 621 6.16 -48.86 5.03
CA ILE C 621 5.65 -47.52 4.59
C ILE C 621 4.44 -47.13 5.45
N TRP C 622 3.58 -48.09 5.80
CA TRP C 622 2.34 -47.75 6.55
C TRP C 622 2.43 -48.19 8.01
N ASN C 623 3.56 -48.77 8.43
CA ASN C 623 3.63 -49.30 9.83
C ASN C 623 4.87 -48.74 10.53
N ASN C 624 5.96 -48.50 9.79
CA ASN C 624 7.21 -48.01 10.42
C ASN C 624 7.75 -46.83 9.61
N MET C 625 6.91 -45.82 9.37
CA MET C 625 7.34 -44.64 8.55
C MET C 625 6.41 -43.46 8.84
N THR C 626 6.97 -42.27 9.03
CA THR C 626 6.14 -41.05 9.26
C THR C 626 6.18 -40.18 8.01
N TRP C 627 5.07 -39.46 7.75
CA TRP C 627 4.99 -38.57 6.56
C TRP C 627 6.19 -37.64 6.55
N MET C 628 6.56 -37.10 7.71
CA MET C 628 7.69 -36.15 7.79
C MET C 628 8.94 -36.83 7.24
N GLU C 629 9.18 -38.08 7.61
CA GLU C 629 10.37 -38.83 7.11
C GLU C 629 10.10 -39.29 5.68
N TRP C 630 8.87 -39.71 5.39
CA TRP C 630 8.54 -40.24 4.05
C TRP C 630 8.89 -39.25 2.94
N GLU C 631 8.49 -37.98 3.07
CA GLU C 631 8.70 -37.00 1.97
C GLU C 631 10.18 -36.76 1.69
N ARG C 632 11.03 -36.71 2.72
CA ARG C 632 12.47 -36.38 2.53
C ARG C 632 13.11 -37.30 1.49
N GLU C 633 13.17 -38.60 1.76
CA GLU C 633 13.84 -39.59 0.86
C GLU C 633 13.23 -39.49 -0.53
N ILE C 634 12.07 -38.82 -0.65
CA ILE C 634 11.36 -38.72 -1.95
C ILE C 634 11.43 -37.26 -2.42
N ASP C 635 11.93 -36.36 -1.57
CA ASP C 635 12.01 -34.92 -1.92
C ASP C 635 12.59 -34.80 -3.33
N ASN C 636 13.49 -35.72 -3.70
CA ASN C 636 14.06 -35.72 -5.07
C ASN C 636 12.97 -36.08 -6.07
N TYR C 637 12.33 -37.23 -5.89
CA TYR C 637 11.32 -37.69 -6.88
C TYR C 637 9.95 -37.05 -6.70
N THR C 638 9.64 -36.56 -5.49
CA THR C 638 8.26 -36.03 -5.26
C THR C 638 7.83 -35.17 -6.46
N GLY C 639 8.66 -34.21 -6.87
CA GLY C 639 8.35 -33.35 -8.03
C GLY C 639 8.22 -34.16 -9.31
N LEU C 640 9.15 -35.09 -9.52
CA LEU C 640 9.10 -35.95 -10.75
C LEU C 640 7.76 -36.67 -10.77
N ILE C 641 7.36 -37.24 -9.63
CA ILE C 641 6.06 -37.98 -9.54
C ILE C 641 4.96 -37.01 -9.98
N TYR C 642 4.89 -35.82 -9.38
CA TYR C 642 3.77 -34.89 -9.70
C TYR C 642 3.63 -34.77 -11.22
N THR C 643 4.76 -34.65 -11.92
CA THR C 643 4.72 -34.48 -13.40
C THR C 643 4.07 -35.72 -14.01
N LEU C 644 4.44 -36.92 -13.53
CA LEU C 644 3.82 -38.16 -14.04
C LEU C 644 2.32 -38.15 -13.71
N ILE C 645 1.95 -37.66 -12.52
CA ILE C 645 0.51 -37.69 -12.10
C ILE C 645 -0.31 -36.91 -13.12
N GLU C 646 0.15 -35.70 -13.48
CA GLU C 646 -0.64 -34.85 -14.42
C GLU C 646 -0.46 -35.37 -15.85
N GLU C 647 0.75 -35.83 -16.19
CA GLU C 647 0.95 -36.41 -17.55
C GLU C 647 -0.05 -37.56 -17.73
N SER C 648 -0.15 -38.43 -16.74
CA SER C 648 -1.11 -39.56 -16.81
C SER C 648 -2.53 -39.02 -16.91
N GLN C 649 -2.88 -38.04 -16.07
CA GLN C 649 -4.22 -37.42 -16.14
C GLN C 649 -4.52 -37.12 -17.61
N ASN C 650 -3.53 -36.60 -18.34
CA ASN C 650 -3.71 -36.32 -19.78
C ASN C 650 -3.92 -37.63 -20.54
N GLN C 651 -3.04 -38.62 -20.32
CA GLN C 651 -3.23 -39.94 -20.96
C GLN C 651 -4.67 -40.39 -20.72
N GLN C 652 -5.13 -40.31 -19.47
CA GLN C 652 -6.51 -40.78 -19.15
C GLN C 652 -7.51 -39.93 -19.93
N GLU C 653 -7.29 -38.62 -19.98
CA GLU C 653 -8.22 -37.71 -20.69
C GLU C 653 -8.18 -38.03 -22.19
N LYS C 654 -6.98 -38.21 -22.76
CA LYS C 654 -6.87 -38.59 -24.19
C LYS C 654 -7.66 -39.88 -24.41
N ASN C 655 -7.56 -40.83 -23.47
CA ASN C 655 -8.35 -42.09 -23.56
C ASN C 655 -9.83 -41.74 -23.41
N GLU C 656 -10.18 -40.91 -22.43
CA GLU C 656 -11.59 -40.45 -22.31
C GLU C 656 -11.96 -39.74 -23.60
N GLN C 657 -11.01 -39.02 -24.21
CA GLN C 657 -11.25 -38.31 -25.49
C GLN C 657 -11.39 -39.34 -26.61
N GLU C 658 -11.11 -40.61 -26.31
CA GLU C 658 -11.32 -41.70 -27.29
C GLU C 658 -12.59 -42.45 -26.88
N LEU C 659 -12.82 -42.58 -25.57
CA LEU C 659 -14.08 -43.20 -25.10
C LEU C 659 -15.23 -42.34 -25.62
N LEU C 660 -14.91 -41.11 -26.06
CA LEU C 660 -15.95 -40.17 -26.57
C LEU C 660 -16.97 -39.89 -25.45
N GLU C 661 -16.51 -39.75 -24.21
CA GLU C 661 -17.43 -39.45 -23.08
C GLU C 661 -16.83 -38.32 -22.24
N LYS D 33 -38.89 -37.73 5.78
CA LYS D 33 -37.49 -37.46 6.19
C LYS D 33 -36.89 -36.41 5.26
N LEU D 34 -36.11 -35.46 5.80
CA LEU D 34 -35.50 -34.39 4.98
C LEU D 34 -33.98 -34.41 5.17
N TRP D 35 -33.23 -33.81 4.24
CA TRP D 35 -31.77 -33.72 4.42
C TRP D 35 -31.31 -32.31 4.06
N VAL D 36 -30.36 -31.77 4.81
CA VAL D 36 -29.84 -30.40 4.52
C VAL D 36 -29.41 -30.36 3.05
N THR D 37 -29.83 -29.31 2.32
CA THR D 37 -29.39 -29.15 0.91
C THR D 37 -28.65 -27.82 0.77
N VAL D 38 -27.35 -27.88 0.49
CA VAL D 38 -26.54 -26.63 0.40
C VAL D 38 -26.94 -25.88 -0.88
N TYR D 39 -27.55 -24.71 -0.72
CA TYR D 39 -27.95 -23.90 -1.90
C TYR D 39 -26.97 -22.75 -2.06
N TYR D 40 -26.21 -22.74 -3.16
CA TYR D 40 -25.20 -21.67 -3.39
C TYR D 40 -25.79 -20.63 -4.34
N GLY D 41 -25.85 -19.37 -3.89
CA GLY D 41 -26.43 -18.29 -4.71
C GLY D 41 -27.76 -17.82 -4.17
N VAL D 42 -28.08 -18.22 -2.93
CA VAL D 42 -29.38 -17.80 -2.29
C VAL D 42 -29.43 -16.28 -2.24
N PRO D 43 -30.58 -15.65 -2.56
CA PRO D 43 -30.70 -14.18 -2.53
C PRO D 43 -30.86 -13.65 -1.09
N VAL D 44 -29.87 -13.85 -0.24
CA VAL D 44 -29.94 -13.39 1.18
C VAL D 44 -28.83 -12.36 1.43
N TRP D 45 -29.19 -11.21 2.01
CA TRP D 45 -28.19 -10.17 2.34
C TRP D 45 -28.23 -9.85 3.83
N LYS D 46 -27.12 -9.36 4.39
CA LYS D 46 -27.07 -8.98 5.82
C LYS D 46 -26.33 -7.66 5.97
N GLU D 47 -26.78 -6.79 6.88
CA GLU D 47 -26.11 -5.48 7.13
C GLU D 47 -24.62 -5.72 7.43
N ALA D 48 -23.74 -4.97 6.77
CA ALA D 48 -22.31 -5.12 6.98
C ALA D 48 -21.63 -3.78 6.76
N THR D 49 -20.41 -3.68 7.27
CA THR D 49 -19.58 -2.50 7.10
C THR D 49 -18.33 -2.92 6.33
N THR D 50 -18.06 -2.22 5.23
CA THR D 50 -16.91 -2.58 4.41
C THR D 50 -16.37 -1.33 3.75
N THR D 51 -15.13 -1.43 3.30
CA THR D 51 -14.51 -0.33 2.59
C THR D 51 -15.17 -0.17 1.23
N LEU D 52 -15.30 1.08 0.76
CA LEU D 52 -15.92 1.35 -0.56
C LEU D 52 -14.93 2.10 -1.45
N PHE D 53 -15.13 2.09 -2.77
CA PHE D 53 -14.22 2.79 -3.71
C PHE D 53 -15.00 3.75 -4.61
N CYS D 54 -14.36 4.83 -5.06
CA CYS D 54 -15.07 5.85 -5.89
C CYS D 54 -14.96 5.49 -7.37
N ALA D 55 -16.05 5.70 -8.13
CA ALA D 55 -16.01 5.46 -9.60
C ALA D 55 -16.41 6.75 -10.31
N SER D 56 -15.46 7.66 -10.54
CA SER D 56 -15.78 8.97 -11.16
C SER D 56 -16.13 8.80 -12.63
N ASP D 57 -16.87 9.75 -13.21
CA ASP D 57 -17.24 9.67 -14.64
C ASP D 57 -15.97 9.75 -15.50
N ALA D 58 -15.98 9.08 -16.66
CA ALA D 58 -14.79 9.07 -17.55
C ALA D 58 -14.60 10.46 -18.20
N LYS D 59 -15.65 11.28 -18.20
CA LYS D 59 -15.54 12.65 -18.76
C LYS D 59 -14.48 13.42 -17.96
N ALA D 60 -14.43 13.22 -16.65
CA ALA D 60 -13.41 13.89 -15.80
C ALA D 60 -12.02 13.51 -16.31
N TYR D 61 -11.82 12.23 -16.68
CA TYR D 61 -10.51 11.82 -17.26
C TYR D 61 -10.21 12.70 -18.45
N ASP D 62 -11.10 12.69 -19.45
CA ASP D 62 -10.87 13.48 -20.69
C ASP D 62 -10.38 14.89 -20.33
N THR D 63 -10.94 15.49 -19.28
CA THR D 63 -10.57 16.89 -18.95
C THR D 63 -9.07 16.98 -18.65
N GLU D 64 -8.47 15.88 -18.19
CA GLU D 64 -7.00 15.85 -17.92
C GLU D 64 -6.61 17.00 -16.98
N VAL D 65 -7.38 17.21 -15.90
CA VAL D 65 -7.03 18.26 -14.91
C VAL D 65 -6.94 17.60 -13.52
N HIS D 66 -6.10 18.13 -12.63
CA HIS D 66 -5.91 17.52 -11.30
C HIS D 66 -7.05 17.94 -10.35
N ASN D 67 -7.91 17.00 -9.98
CA ASN D 67 -9.01 17.33 -9.04
C ASN D 67 -8.54 17.04 -7.61
N VAL D 68 -8.91 17.90 -6.65
CA VAL D 68 -8.49 17.72 -5.23
C VAL D 68 -8.97 16.36 -4.73
N TRP D 69 -10.14 15.91 -5.19
CA TRP D 69 -10.72 14.62 -4.71
C TRP D 69 -10.23 13.47 -5.58
N ALA D 70 -9.09 13.63 -6.26
CA ALA D 70 -8.51 12.54 -7.07
C ALA D 70 -9.61 11.89 -7.93
N THR D 71 -10.37 12.70 -8.66
CA THR D 71 -11.45 12.17 -9.53
C THR D 71 -10.83 11.25 -10.58
N HIS D 72 -9.57 11.49 -10.93
CA HIS D 72 -8.88 10.66 -11.97
C HIS D 72 -8.53 9.30 -11.38
N ALA D 73 -8.08 9.26 -10.12
CA ALA D 73 -7.79 7.97 -9.46
C ALA D 73 -9.05 7.11 -9.46
N CYS D 74 -10.19 7.70 -9.10
CA CYS D 74 -11.48 6.96 -9.10
C CYS D 74 -11.61 6.17 -10.40
N VAL D 75 -12.11 4.94 -10.32
CA VAL D 75 -12.25 4.06 -11.53
C VAL D 75 -13.31 4.63 -12.47
N PRO D 76 -13.34 4.26 -13.77
CA PRO D 76 -14.37 4.74 -14.69
C PRO D 76 -15.77 4.29 -14.25
N THR D 77 -16.77 5.18 -14.37
CA THR D 77 -18.16 4.81 -14.03
C THR D 77 -18.74 3.91 -15.13
N ASP D 78 -19.33 2.78 -14.76
CA ASP D 78 -19.99 1.90 -15.76
C ASP D 78 -21.04 2.72 -16.50
N PRO D 79 -21.00 2.82 -17.84
CA PRO D 79 -21.97 3.60 -18.64
C PRO D 79 -23.37 3.68 -18.03
N ASN D 80 -24.05 2.54 -17.92
CA ASN D 80 -25.40 2.52 -17.30
C ASN D 80 -25.34 1.77 -15.97
N PRO D 81 -25.71 2.40 -14.83
CA PRO D 81 -25.76 1.70 -13.55
C PRO D 81 -26.94 0.73 -13.58
N GLN D 82 -26.82 -0.39 -12.85
CA GLN D 82 -27.96 -1.34 -12.77
C GLN D 82 -28.78 -1.01 -11.52
N GLU D 83 -30.02 -0.57 -11.69
CA GLU D 83 -30.88 -0.19 -10.53
C GLU D 83 -31.95 -1.27 -10.36
N VAL D 84 -31.54 -2.54 -10.32
CA VAL D 84 -32.50 -3.63 -10.20
C VAL D 84 -33.37 -3.40 -8.97
N VAL D 85 -34.69 -3.47 -9.16
CA VAL D 85 -35.63 -3.19 -8.04
C VAL D 85 -35.90 -4.47 -7.26
N LEU D 86 -35.94 -4.38 -5.93
CA LEU D 86 -36.25 -5.57 -5.09
C LEU D 86 -37.75 -5.53 -4.79
N GLU D 87 -38.55 -6.28 -5.55
CA GLU D 87 -40.03 -6.24 -5.37
C GLU D 87 -40.43 -7.15 -4.21
N ASN D 88 -41.66 -7.00 -3.70
CA ASN D 88 -42.16 -7.84 -2.59
C ASN D 88 -41.20 -7.78 -1.41
N VAL D 89 -40.45 -6.67 -1.27
CA VAL D 89 -39.48 -6.55 -0.15
C VAL D 89 -39.82 -5.32 0.70
N THR D 90 -39.44 -5.33 1.98
CA THR D 90 -39.76 -4.29 2.95
C THR D 90 -38.57 -4.02 3.86
N GLU D 91 -37.40 -3.82 3.25
CA GLU D 91 -36.12 -3.67 4.02
C GLU D 91 -36.14 -2.44 4.93
N ASN D 92 -35.77 -2.63 6.20
CA ASN D 92 -35.65 -1.47 7.13
C ASN D 92 -34.34 -0.73 6.87
N PHE D 93 -34.29 0.58 7.13
CA PHE D 93 -33.08 1.40 6.88
C PHE D 93 -32.71 2.17 8.16
N ASN D 94 -31.44 2.56 8.31
CA ASN D 94 -31.01 3.37 9.47
C ASN D 94 -30.00 4.41 8.99
N MET D 95 -30.48 5.52 8.43
CA MET D 95 -29.58 6.56 7.88
C MET D 95 -28.70 7.15 9.01
N TRP D 96 -29.16 7.10 10.26
CA TRP D 96 -28.41 7.77 11.35
C TRP D 96 -27.27 6.87 11.87
N LYS D 97 -27.34 5.56 11.61
CA LYS D 97 -26.29 4.65 12.03
C LYS D 97 -25.53 4.06 10.86
N ASN D 98 -25.69 4.63 9.67
CA ASN D 98 -25.01 4.09 8.50
C ASN D 98 -23.51 4.26 8.64
N ASN D 99 -22.78 3.20 8.31
CA ASN D 99 -21.32 3.29 8.31
C ASN D 99 -20.84 4.22 7.20
N MET D 100 -21.45 4.15 6.03
CA MET D 100 -20.94 4.86 4.87
C MET D 100 -20.74 6.33 5.16
N VAL D 101 -21.61 6.92 5.97
CA VAL D 101 -21.45 8.31 6.33
C VAL D 101 -20.10 8.53 6.99
N GLU D 102 -19.79 7.73 8.00
CA GLU D 102 -18.52 7.89 8.68
C GLU D 102 -17.36 7.58 7.74
N GLN D 103 -17.49 6.53 6.95
CA GLN D 103 -16.41 6.13 6.06
C GLN D 103 -16.06 7.26 5.11
N MET D 104 -17.08 7.81 4.45
CA MET D 104 -16.87 8.94 3.50
C MET D 104 -16.38 10.17 4.26
N HIS D 105 -16.96 10.47 5.42
CA HIS D 105 -16.43 11.59 6.24
C HIS D 105 -14.91 11.54 6.15
N GLU D 106 -14.33 10.38 6.50
CA GLU D 106 -12.85 10.23 6.49
C GLU D 106 -12.33 10.33 5.06
N ASP D 107 -13.00 9.68 4.10
CA ASP D 107 -12.49 9.65 2.71
C ASP D 107 -12.33 11.09 2.20
N ILE D 108 -13.37 11.92 2.35
CA ILE D 108 -13.31 13.30 1.77
C ILE D 108 -12.17 14.07 2.45
N ILE D 109 -12.06 13.99 3.77
CA ILE D 109 -11.02 14.80 4.48
C ILE D 109 -9.64 14.27 4.09
N SER D 110 -9.48 12.95 3.98
CA SER D 110 -8.18 12.36 3.57
C SER D 110 -7.82 12.87 2.16
N LEU D 111 -8.78 12.84 1.25
CA LEU D 111 -8.54 13.33 -0.14
C LEU D 111 -7.97 14.75 -0.07
N TRP D 112 -8.57 15.62 0.74
CA TRP D 112 -8.07 17.00 0.89
C TRP D 112 -6.68 16.96 1.52
N ASP D 113 -6.51 16.17 2.58
CA ASP D 113 -5.22 16.13 3.30
C ASP D 113 -4.10 15.75 2.31
N GLU D 114 -4.29 14.67 1.55
CA GLU D 114 -3.21 14.20 0.64
C GLU D 114 -3.05 15.20 -0.51
N SER D 115 -4.13 15.89 -0.88
CA SER D 115 -4.07 16.85 -2.01
C SER D 115 -3.19 18.05 -1.62
N LEU D 116 -3.38 18.58 -0.41
CA LEU D 116 -2.62 19.80 0.01
C LEU D 116 -1.35 19.38 0.75
N LYS D 117 -1.14 18.08 0.94
CA LYS D 117 0.06 17.58 1.67
C LYS D 117 1.34 18.09 1.00
N PRO D 118 1.55 17.92 -0.33
CA PRO D 118 2.80 18.33 -0.95
C PRO D 118 2.72 19.75 -1.53
N CYS D 119 2.36 20.74 -0.70
CA CYS D 119 2.22 22.13 -1.21
C CYS D 119 3.04 23.06 -0.31
N VAL D 120 3.31 24.29 -0.78
CA VAL D 120 4.06 25.29 0.03
C VAL D 120 3.40 25.39 1.41
N LYS D 121 4.21 25.40 2.48
CA LYS D 121 3.63 25.40 3.85
C LYS D 121 3.38 26.83 4.35
N LEU D 122 3.78 27.83 3.57
CA LEU D 122 3.59 29.25 3.98
C LEU D 122 4.03 29.43 5.43
N THR D 123 4.90 28.55 5.92
CA THR D 123 5.40 28.62 7.32
C THR D 123 6.21 29.91 7.51
N PRO D 124 7.29 30.17 6.73
CA PRO D 124 8.13 31.35 6.96
C PRO D 124 7.34 32.63 6.67
N LEU D 125 6.30 32.52 5.84
CA LEU D 125 5.51 33.73 5.43
C LEU D 125 5.13 34.57 6.65
N CYS D 126 4.67 33.94 7.74
CA CYS D 126 4.19 34.75 8.89
C CYS D 126 5.35 35.51 9.54
N VAL D 127 5.15 36.82 9.74
CA VAL D 127 6.18 37.72 10.34
C VAL D 127 5.44 38.97 10.83
N THR D 128 6.04 40.16 10.70
CA THR D 128 5.31 41.40 11.06
C THR D 128 4.61 41.94 9.82
N LEU D 129 3.29 42.17 9.88
CA LEU D 129 2.55 42.59 8.66
C LEU D 129 2.06 44.04 8.83
N ASN D 130 2.82 45.00 8.30
CA ASN D 130 2.41 46.43 8.34
C ASN D 130 1.37 46.64 7.24
N CYS D 131 0.20 47.20 7.57
CA CYS D 131 -0.86 47.29 6.52
C CYS D 131 -1.42 48.69 6.29
N THR D 132 -2.04 48.92 5.13
CA THR D 132 -2.71 50.20 4.79
C THR D 132 -4.21 49.93 4.64
N ASP D 133 -5.03 50.98 4.74
CA ASP D 133 -6.51 50.80 4.68
C ASP D 133 -6.91 50.16 3.35
N LEU D 134 -6.39 50.67 2.23
CA LEU D 134 -6.82 50.16 0.91
C LEU D 134 -5.62 50.14 -0.06
N ARG D 135 -5.70 49.33 -1.11
CA ARG D 135 -4.61 49.31 -2.13
C ARG D 135 -4.61 50.66 -2.87
N ASN D 136 -5.76 51.34 -2.88
CA ASN D 136 -5.85 52.68 -3.50
C ASN D 136 -5.53 53.73 -2.43
N VAL D 137 -4.45 54.50 -2.60
CA VAL D 137 -4.04 55.49 -1.56
C VAL D 137 -5.23 56.41 -1.29
N THR D 138 -5.91 56.88 -2.35
CA THR D 138 -7.13 57.71 -2.17
C THR D 138 -8.25 57.07 -2.98
N ASN D 139 -9.16 57.87 -3.56
CA ASN D 139 -10.21 57.29 -4.44
C ASN D 139 -9.58 57.03 -5.81
N ILE D 140 -8.47 56.28 -5.85
CA ILE D 140 -7.78 55.98 -7.13
C ILE D 140 -8.77 55.25 -8.05
N ASN D 141 -9.49 54.27 -7.49
CA ASN D 141 -10.50 53.53 -8.30
C ASN D 141 -11.90 53.85 -7.77
N ASN D 142 -12.18 53.48 -6.52
CA ASN D 142 -13.52 53.71 -5.93
C ASN D 142 -13.45 53.66 -4.41
N SER D 143 -12.43 54.30 -3.81
CA SER D 143 -12.24 54.21 -2.34
C SER D 143 -13.58 54.46 -1.63
N SER D 144 -14.35 55.45 -2.09
CA SER D 144 -15.65 55.78 -1.46
C SER D 144 -16.58 54.55 -1.52
N GLU D 145 -16.80 54.01 -2.72
CA GLU D 145 -17.70 52.84 -2.88
C GLU D 145 -17.00 51.59 -2.33
N GLY D 146 -15.71 51.41 -2.66
CA GLY D 146 -14.97 50.22 -2.21
C GLY D 146 -15.03 50.07 -0.71
N MET D 147 -15.28 48.84 -0.23
CA MET D 147 -15.38 48.59 1.23
C MET D 147 -14.02 48.89 1.86
N ARG D 148 -13.89 50.07 2.49
CA ARG D 148 -12.57 50.47 3.06
C ARG D 148 -12.18 49.49 4.16
N GLY D 149 -10.96 48.96 4.08
CA GLY D 149 -10.49 47.96 5.07
C GLY D 149 -10.48 46.57 4.45
N GLU D 150 -11.44 46.29 3.57
CA GLU D 150 -11.54 44.94 2.96
C GLU D 150 -10.25 44.61 2.20
N ILE D 151 -9.48 45.64 1.82
CA ILE D 151 -8.18 45.38 1.13
C ILE D 151 -7.10 45.14 2.19
N LYS D 152 -6.98 46.03 3.18
CA LYS D 152 -5.88 45.90 4.18
C LYS D 152 -4.57 45.54 3.48
N ASN D 153 -4.00 46.46 2.68
CA ASN D 153 -2.74 46.22 1.92
C ASN D 153 -1.59 46.06 2.92
N CYS D 154 -1.22 44.82 3.28
CA CYS D 154 -0.14 44.58 4.28
C CYS D 154 1.20 44.36 3.55
N SER D 155 2.26 45.03 4.00
CA SER D 155 3.61 44.82 3.40
C SER D 155 4.51 44.12 4.43
N PHE D 156 5.55 43.42 3.97
CA PHE D 156 6.39 42.63 4.91
C PHE D 156 7.77 42.33 4.30
N ASN D 157 8.78 42.12 5.14
CA ASN D 157 10.13 41.75 4.64
C ASN D 157 10.31 40.24 4.76
N ILE D 158 10.11 39.50 3.66
CA ILE D 158 10.21 38.01 3.70
C ILE D 158 11.58 37.59 3.17
N THR D 159 12.03 36.38 3.50
CA THR D 159 13.36 35.88 3.05
C THR D 159 13.15 34.94 1.86
N THR D 160 13.83 35.19 0.74
CA THR D 160 13.67 34.35 -0.47
C THR D 160 14.46 33.05 -0.30
N SER D 161 14.59 32.27 -1.38
CA SER D 161 15.38 31.01 -1.32
C SER D 161 16.81 31.33 -0.88
N ILE D 162 17.36 32.46 -1.35
CA ILE D 162 18.73 32.87 -0.90
C ILE D 162 18.65 33.16 0.61
N ARG D 163 19.38 32.39 1.41
CA ARG D 163 19.31 32.55 2.89
C ARG D 163 19.79 33.94 3.29
N ASP D 164 20.73 34.52 2.53
CA ASP D 164 21.30 35.84 2.90
C ASP D 164 20.63 36.97 2.11
N LYS D 165 19.33 36.84 1.80
CA LYS D 165 18.61 37.93 1.10
C LYS D 165 17.21 38.12 1.69
N VAL D 166 16.89 39.34 2.13
CA VAL D 166 15.52 39.64 2.66
C VAL D 166 14.87 40.67 1.73
N LYS D 167 13.59 40.49 1.40
CA LYS D 167 12.92 41.40 0.44
C LYS D 167 11.59 41.91 1.02
N LYS D 168 11.32 43.21 0.88
CA LYS D 168 10.00 43.73 1.31
C LYS D 168 8.98 43.38 0.23
N ASP D 169 7.88 42.72 0.61
CA ASP D 169 6.83 42.34 -0.38
C ASP D 169 5.46 42.76 0.15
N TYR D 170 4.53 43.07 -0.75
CA TYR D 170 3.17 43.53 -0.31
C TYR D 170 2.14 42.48 -0.75
N ALA D 171 0.99 42.45 -0.06
CA ALA D 171 -0.08 41.49 -0.41
C ALA D 171 -1.42 42.02 0.11
N LEU D 172 -2.53 41.47 -0.39
CA LEU D 172 -3.89 41.94 0.03
C LEU D 172 -4.56 40.84 0.84
N PHE D 173 -5.01 41.16 2.06
CA PHE D 173 -5.71 40.16 2.91
C PHE D 173 -7.05 40.73 3.35
N TYR D 174 -8.14 40.06 2.98
CA TYR D 174 -9.48 40.48 3.44
C TYR D 174 -9.48 40.48 4.96
N ARG D 175 -10.10 41.48 5.58
CA ARG D 175 -10.14 41.58 7.06
C ARG D 175 -10.18 40.18 7.68
N LEU D 176 -10.92 39.24 7.06
CA LEU D 176 -11.08 37.89 7.64
C LEU D 176 -9.75 37.14 7.66
N ASP D 177 -8.69 37.73 7.09
CA ASP D 177 -7.38 37.02 7.00
C ASP D 177 -6.29 37.82 7.70
N VAL D 178 -6.64 38.92 8.36
CA VAL D 178 -5.63 39.75 9.07
C VAL D 178 -6.11 40.05 10.49
N VAL D 179 -5.20 39.94 11.46
CA VAL D 179 -5.55 40.26 12.88
C VAL D 179 -4.65 41.42 13.32
N PRO D 180 -5.21 42.55 13.82
CA PRO D 180 -4.39 43.66 14.31
C PRO D 180 -3.33 43.16 15.32
N ILE D 181 -2.10 43.63 15.19
CA ILE D 181 -0.99 43.14 16.08
C ILE D 181 -0.33 44.34 16.77
N ASP D 182 0.10 44.15 18.03
CA ASP D 182 0.81 45.23 18.78
C ASP D 182 -0.13 46.42 18.99
N ASN D 183 -1.42 46.23 18.74
CA ASN D 183 -2.40 47.35 18.85
C ASN D 183 -1.90 48.52 17.99
N ASP D 184 -1.13 48.22 16.94
CA ASP D 184 -0.63 49.27 16.04
C ASP D 184 -1.63 49.45 14.89
N ASN D 185 -2.14 50.65 14.70
CA ASN D 185 -3.17 50.92 13.66
C ASN D 185 -2.74 50.28 12.34
N THR D 186 -1.43 50.11 12.13
CA THR D 186 -0.98 49.59 10.82
C THR D 186 -0.33 48.20 10.97
N SER D 187 -0.22 47.69 12.20
CA SER D 187 0.48 46.39 12.39
C SER D 187 -0.54 45.26 12.53
N TYR D 188 -0.50 44.28 11.61
CA TYR D 188 -1.45 43.14 11.64
C TYR D 188 -0.68 41.85 11.40
N ARG D 189 -1.38 40.74 11.17
CA ARG D 189 -0.71 39.43 10.90
C ARG D 189 -1.73 38.45 10.31
N LEU D 190 -1.27 37.35 9.72
CA LEU D 190 -2.20 36.31 9.20
C LEU D 190 -3.15 35.89 10.32
N ILE D 191 -4.38 35.48 9.98
CA ILE D 191 -5.38 35.18 11.06
C ILE D 191 -4.98 33.93 11.84
N ASN D 192 -4.89 32.77 11.20
CA ASN D 192 -4.61 31.50 11.94
C ASN D 192 -3.10 31.31 12.10
N CYS D 193 -2.35 32.42 12.02
CA CYS D 193 -0.87 32.34 12.22
C CYS D 193 -0.62 32.01 13.69
N ASN D 194 0.64 31.74 14.09
CA ASN D 194 1.01 31.41 15.49
C ASN D 194 0.39 30.07 15.87
N THR D 195 -0.92 29.91 15.67
CA THR D 195 -1.61 28.68 16.12
C THR D 195 -1.15 27.46 15.32
N SER D 196 -1.37 27.45 14.00
CA SER D 196 -1.08 26.23 13.19
C SER D 196 -0.52 26.59 11.81
N THR D 197 -0.05 25.59 11.06
CA THR D 197 0.47 25.84 9.70
C THR D 197 -0.69 26.23 8.77
N ILE D 198 -0.40 27.03 7.74
CA ILE D 198 -1.45 27.44 6.76
C ILE D 198 -0.95 27.12 5.35
N THR D 199 -0.69 25.84 5.07
CA THR D 199 -0.14 25.43 3.74
C THR D 199 -1.01 26.02 2.63
N GLN D 200 -0.38 26.64 1.62
CA GLN D 200 -1.17 27.15 0.47
C GLN D 200 -1.67 25.95 -0.33
N ALA D 201 -2.88 26.03 -0.89
CA ALA D 201 -3.38 24.93 -1.75
C ALA D 201 -2.55 24.91 -3.03
N CYS D 202 -2.05 23.74 -3.43
CA CYS D 202 -1.30 23.63 -4.70
C CYS D 202 -2.12 24.29 -5.80
N PRO D 203 -1.59 25.28 -6.55
CA PRO D 203 -2.39 26.02 -7.54
C PRO D 203 -2.94 25.16 -8.69
N LYS D 204 -2.17 24.17 -9.14
CA LYS D 204 -2.58 23.35 -10.31
C LYS D 204 -3.87 22.58 -10.00
N VAL D 205 -4.00 22.10 -8.76
CA VAL D 205 -5.18 21.28 -8.36
C VAL D 205 -6.47 22.10 -8.52
N SER D 206 -7.52 21.49 -9.08
CA SER D 206 -8.82 22.18 -9.25
C SER D 206 -9.77 21.76 -8.13
N PHE D 207 -10.61 22.69 -7.65
CA PHE D 207 -11.54 22.38 -6.52
C PHE D 207 -12.96 22.23 -7.06
N GLU D 208 -13.11 22.10 -8.38
CA GLU D 208 -14.46 21.92 -8.99
C GLU D 208 -15.03 20.55 -8.60
N PRO D 209 -16.08 20.48 -7.75
CA PRO D 209 -16.62 19.20 -7.30
C PRO D 209 -17.12 18.34 -8.47
N ILE D 210 -16.62 17.10 -8.56
CA ILE D 210 -17.05 16.17 -9.64
C ILE D 210 -17.95 15.10 -9.00
N PRO D 211 -19.08 14.71 -9.62
CA PRO D 211 -19.90 13.61 -9.10
C PRO D 211 -19.07 12.37 -8.84
N ILE D 212 -19.33 11.69 -7.72
CA ILE D 212 -18.49 10.52 -7.31
C ILE D 212 -19.41 9.31 -7.10
N HIS D 213 -19.02 8.12 -7.56
CA HIS D 213 -19.93 6.95 -7.46
C HIS D 213 -19.33 5.91 -6.52
N TYR D 214 -19.59 6.04 -5.22
CA TYR D 214 -19.11 5.00 -4.27
C TYR D 214 -19.68 3.65 -4.72
N CYS D 215 -18.80 2.69 -4.99
CA CYS D 215 -19.26 1.36 -5.48
C CYS D 215 -18.90 0.29 -4.45
N THR D 216 -19.81 -0.67 -4.24
CA THR D 216 -19.55 -1.77 -3.28
C THR D 216 -18.66 -2.83 -3.92
N PRO D 217 -17.72 -3.46 -3.19
CA PRO D 217 -16.93 -4.55 -3.75
C PRO D 217 -17.84 -5.74 -4.07
N ALA D 218 -17.44 -6.61 -4.99
CA ALA D 218 -18.23 -7.81 -5.32
C ALA D 218 -18.61 -8.53 -4.03
N GLY D 219 -19.76 -9.22 -4.00
CA GLY D 219 -20.20 -9.82 -2.77
C GLY D 219 -20.81 -8.83 -1.80
N PHE D 220 -20.90 -7.57 -2.18
CA PHE D 220 -21.54 -6.53 -1.39
C PHE D 220 -22.45 -5.74 -2.29
N ALA D 221 -23.43 -5.07 -1.69
CA ALA D 221 -24.41 -4.34 -2.48
C ALA D 221 -24.92 -3.14 -1.70
N ILE D 222 -25.49 -2.20 -2.43
CA ILE D 222 -26.09 -1.01 -1.87
C ILE D 222 -27.57 -1.05 -2.16
N LEU D 223 -28.38 -0.82 -1.13
CA LEU D 223 -29.83 -0.85 -1.26
C LEU D 223 -30.36 0.57 -1.30
N LYS D 224 -31.24 0.85 -2.26
CA LYS D 224 -31.72 2.25 -2.43
C LYS D 224 -33.23 2.34 -2.20
N CYS D 225 -33.66 3.20 -1.28
CA CYS D 225 -35.12 3.42 -1.07
C CYS D 225 -35.66 4.26 -2.22
N LYS D 226 -36.78 3.85 -2.81
CA LYS D 226 -37.40 4.62 -3.92
C LYS D 226 -38.63 5.36 -3.39
N ASP D 227 -39.00 5.11 -2.12
CA ASP D 227 -40.21 5.74 -1.54
C ASP D 227 -40.16 7.25 -1.78
N LYS D 228 -41.25 7.82 -2.32
CA LYS D 228 -41.26 9.27 -2.64
C LYS D 228 -41.03 10.08 -1.36
N LYS D 229 -41.46 9.57 -0.21
CA LYS D 229 -41.20 10.26 1.08
C LYS D 229 -40.58 9.26 2.06
N PHE D 230 -39.41 9.58 2.60
CA PHE D 230 -38.71 8.65 3.53
C PHE D 230 -38.25 9.39 4.80
N ASN D 231 -38.69 8.91 5.97
CA ASN D 231 -38.25 9.50 7.27
C ASN D 231 -36.73 9.38 7.40
N GLY D 232 -36.11 8.46 6.67
CA GLY D 232 -34.67 8.19 6.78
C GLY D 232 -34.39 6.92 7.56
N THR D 233 -35.21 6.62 8.57
CA THR D 233 -34.99 5.43 9.43
C THR D 233 -36.31 4.64 9.54
N GLY D 234 -36.29 3.36 9.19
CA GLY D 234 -37.51 2.53 9.27
C GLY D 234 -37.70 1.67 8.03
N PRO D 235 -38.87 1.04 7.83
CA PRO D 235 -39.09 0.13 6.70
C PRO D 235 -39.22 0.87 5.37
N CYS D 236 -39.11 0.13 4.25
CA CYS D 236 -39.20 0.75 2.91
C CYS D 236 -39.95 -0.20 1.97
N LYS D 237 -40.92 0.31 1.21
CA LYS D 237 -41.73 -0.58 0.34
C LYS D 237 -41.08 -0.62 -1.05
N ASN D 238 -40.67 0.54 -1.58
CA ASN D 238 -39.94 0.52 -2.88
C ASN D 238 -38.44 0.46 -2.61
N VAL D 239 -37.84 -0.74 -2.72
CA VAL D 239 -36.39 -0.91 -2.43
C VAL D 239 -35.70 -1.43 -3.70
N SER D 240 -34.59 -0.79 -4.09
CA SER D 240 -33.80 -1.26 -5.25
C SER D 240 -32.35 -1.46 -4.82
N THR D 241 -31.54 -2.10 -5.66
CA THR D 241 -30.13 -2.26 -5.34
C THR D 241 -29.28 -1.70 -6.46
N VAL D 242 -28.12 -1.18 -6.08
CA VAL D 242 -27.13 -0.70 -7.04
C VAL D 242 -25.77 -1.12 -6.54
N GLN D 243 -24.93 -1.56 -7.47
CA GLN D 243 -23.53 -1.89 -7.10
C GLN D 243 -22.78 -0.56 -6.94
N CYS D 244 -23.38 0.57 -7.38
CA CYS D 244 -22.70 1.84 -7.36
C CYS D 244 -23.70 2.92 -6.97
N THR D 245 -23.28 3.81 -6.06
CA THR D 245 -24.12 4.94 -5.70
C THR D 245 -24.31 5.85 -6.90
N HIS D 246 -25.40 6.60 -6.89
CA HIS D 246 -25.55 7.65 -7.86
C HIS D 246 -24.46 8.69 -7.64
N GLY D 247 -24.13 9.42 -8.69
CA GLY D 247 -23.09 10.42 -8.59
C GLY D 247 -23.37 11.43 -7.51
N ILE D 248 -22.40 11.61 -6.61
CA ILE D 248 -22.57 12.62 -5.51
C ILE D 248 -21.43 13.63 -5.57
N ARG D 249 -21.76 14.92 -5.73
CA ARG D 249 -20.72 15.98 -5.70
C ARG D 249 -20.35 16.25 -4.23
N PRO D 250 -19.09 16.01 -3.82
CA PRO D 250 -18.70 16.17 -2.42
C PRO D 250 -18.60 17.64 -2.01
N VAL D 251 -19.64 18.43 -2.31
CA VAL D 251 -19.56 19.88 -1.99
C VAL D 251 -19.63 20.05 -0.47
N VAL D 252 -18.83 20.95 0.10
CA VAL D 252 -18.93 21.23 1.56
C VAL D 252 -19.62 22.59 1.71
N SER D 253 -20.80 22.61 2.33
CA SER D 253 -21.57 23.87 2.46
C SER D 253 -22.18 23.96 3.86
N THR D 254 -22.41 25.18 4.35
CA THR D 254 -23.00 25.37 5.71
C THR D 254 -24.36 26.04 5.59
N GLN D 255 -25.28 25.73 6.51
CA GLN D 255 -26.65 26.33 6.52
C GLN D 255 -27.38 26.07 5.21
N LEU D 256 -26.74 25.36 4.26
CA LEU D 256 -27.36 25.13 2.93
C LEU D 256 -26.78 23.85 2.37
N LEU D 257 -27.44 23.24 1.38
CA LEU D 257 -26.86 22.07 0.68
C LEU D 257 -26.85 22.47 -0.80
N LEU D 258 -25.68 22.67 -1.40
CA LEU D 258 -25.66 23.19 -2.79
C LEU D 258 -25.50 22.06 -3.81
N ASN D 259 -26.11 22.18 -4.99
CA ASN D 259 -25.92 21.16 -6.07
C ASN D 259 -26.25 19.75 -5.58
N GLY D 260 -27.06 19.65 -4.53
CA GLY D 260 -27.40 18.33 -3.96
C GLY D 260 -28.52 17.64 -4.74
N SER D 261 -28.99 16.50 -4.27
CA SER D 261 -30.11 15.79 -4.93
C SER D 261 -31.44 16.44 -4.53
N LEU D 262 -32.53 16.10 -5.21
CA LEU D 262 -33.85 16.74 -4.92
C LEU D 262 -34.83 15.67 -4.41
N ALA D 263 -35.74 16.06 -3.51
CA ALA D 263 -36.77 15.17 -3.01
C ALA D 263 -37.81 14.93 -4.11
N GLU D 264 -38.93 14.30 -3.76
CA GLU D 264 -39.93 13.93 -4.80
C GLU D 264 -41.28 14.57 -4.51
N GLU D 265 -41.59 15.70 -5.17
CA GLU D 265 -42.94 16.33 -5.03
C GLU D 265 -43.30 16.57 -3.56
N GLU D 266 -42.30 16.83 -2.71
CA GLU D 266 -42.57 17.09 -1.27
C GLU D 266 -41.25 17.37 -0.54
N VAL D 267 -41.15 18.49 0.17
CA VAL D 267 -39.91 18.73 0.98
C VAL D 267 -39.95 17.75 2.15
N VAL D 268 -38.84 17.07 2.42
CA VAL D 268 -38.79 16.04 3.49
C VAL D 268 -37.92 16.55 4.65
N ILE D 269 -38.32 16.27 5.90
CA ILE D 269 -37.54 16.73 7.09
C ILE D 269 -37.13 15.51 7.91
N ARG D 270 -35.81 15.33 8.13
CA ARG D 270 -35.31 14.13 8.87
C ARG D 270 -34.45 14.55 10.06
N SER D 271 -34.64 13.91 11.21
CA SER D 271 -33.78 14.17 12.40
C SER D 271 -33.87 12.93 13.30
N SER D 272 -32.76 12.52 13.91
CA SER D 272 -32.81 11.26 14.71
C SER D 272 -33.87 11.48 15.79
N ASN D 273 -33.85 12.66 16.42
CA ASN D 273 -34.83 12.97 17.49
C ASN D 273 -35.38 14.38 17.27
N PHE D 274 -36.61 14.48 16.76
CA PHE D 274 -37.19 15.82 16.45
C PHE D 274 -37.54 16.47 17.78
N THR D 275 -37.86 15.63 18.76
CA THR D 275 -38.26 16.15 20.09
C THR D 275 -36.99 16.51 20.88
N ASP D 276 -35.83 16.38 20.24
CA ASP D 276 -34.55 16.83 20.87
C ASP D 276 -34.11 18.10 20.14
N ASN D 277 -33.34 18.98 20.80
CA ASN D 277 -32.97 20.28 20.18
C ASN D 277 -31.61 20.18 19.50
N ALA D 278 -30.61 19.61 20.18
CA ALA D 278 -29.23 19.56 19.62
C ALA D 278 -29.25 18.86 18.26
N LYS D 279 -29.87 17.69 18.18
CA LYS D 279 -29.92 16.92 16.90
C LYS D 279 -30.14 17.90 15.75
N ASN D 280 -29.11 18.16 14.94
CA ASN D 280 -29.33 19.04 13.75
C ASN D 280 -30.46 18.45 12.91
N ILE D 281 -31.30 19.33 12.34
CA ILE D 281 -32.48 18.91 11.52
C ILE D 281 -32.09 18.97 10.03
N ILE D 282 -32.12 17.84 9.32
CA ILE D 282 -31.79 17.78 7.87
C ILE D 282 -33.07 18.11 7.10
N VAL D 283 -33.00 18.94 6.06
CA VAL D 283 -34.20 19.18 5.19
C VAL D 283 -33.77 18.96 3.74
N GLN D 284 -34.48 18.10 3.01
CA GLN D 284 -34.18 17.92 1.57
C GLN D 284 -35.30 18.59 0.78
N LEU D 285 -34.94 19.50 -0.13
CA LEU D 285 -35.99 20.26 -0.86
C LEU D 285 -36.52 19.47 -2.04
N LYS D 286 -37.73 19.79 -2.51
CA LYS D 286 -38.29 19.12 -3.71
C LYS D 286 -38.06 20.00 -4.93
N GLU D 287 -37.83 21.30 -4.71
CA GLU D 287 -37.62 22.25 -5.83
C GLU D 287 -36.27 22.95 -5.66
N SER D 288 -35.43 22.96 -6.70
CA SER D 288 -34.10 23.61 -6.62
C SER D 288 -34.24 25.14 -6.73
N VAL D 289 -33.55 25.89 -5.87
CA VAL D 289 -33.58 27.38 -5.94
C VAL D 289 -32.23 27.85 -6.46
N GLU D 290 -32.21 28.53 -7.61
CA GLU D 290 -30.92 28.96 -8.22
C GLU D 290 -30.27 30.03 -7.34
N ILE D 291 -28.95 29.96 -7.14
CA ILE D 291 -28.24 31.02 -6.36
C ILE D 291 -27.04 31.50 -7.19
N ASN D 292 -27.12 32.72 -7.75
CA ASN D 292 -26.03 33.25 -8.63
C ASN D 292 -25.02 33.99 -7.74
N CYS D 293 -23.77 33.52 -7.67
CA CYS D 293 -22.79 34.14 -6.79
C CYS D 293 -21.54 34.48 -7.60
N THR D 294 -20.90 35.61 -7.28
CA THR D 294 -19.75 36.01 -8.14
C THR D 294 -18.79 36.96 -7.42
N ARG D 295 -17.55 37.05 -7.91
CA ARG D 295 -16.58 38.01 -7.34
C ARG D 295 -16.37 39.12 -8.37
N PRO D 296 -17.00 40.31 -8.24
CA PRO D 296 -16.90 41.35 -9.28
C PRO D 296 -15.55 42.08 -9.21
N ASN D 297 -14.46 41.36 -8.90
CA ASN D 297 -13.13 42.00 -8.77
C ASN D 297 -12.15 41.36 -9.78
N ASN D 298 -11.63 42.15 -10.71
CA ASN D 298 -10.62 41.64 -11.68
C ASN D 298 -9.26 41.66 -10.99
N ASN D 299 -8.77 40.51 -10.54
CA ASN D 299 -7.52 40.47 -9.76
C ASN D 299 -6.37 39.87 -10.57
N THR D 300 -5.12 40.17 -10.19
CA THR D 300 -3.93 39.60 -10.88
C THR D 300 -3.16 38.73 -9.86
N ARG D 301 -2.18 37.95 -10.32
CA ARG D 301 -1.47 37.02 -9.41
C ARG D 301 0.01 37.41 -9.29
N LYS D 302 0.54 37.41 -8.07
CA LYS D 302 1.98 37.73 -7.84
C LYS D 302 2.64 36.53 -7.16
N SER D 303 3.61 35.89 -7.82
CA SER D 303 4.26 34.69 -7.25
C SER D 303 5.43 35.08 -6.36
N ILE D 304 5.15 35.50 -5.13
CA ILE D 304 6.25 35.81 -4.17
C ILE D 304 7.00 34.50 -3.88
N HIS D 305 8.28 34.42 -4.23
CA HIS D 305 9.06 33.20 -3.90
C HIS D 305 9.35 33.13 -2.40
N ILE D 306 8.93 32.06 -1.75
CA ILE D 306 9.23 31.86 -0.30
C ILE D 306 9.87 30.48 -0.14
N GLY D 307 11.17 30.36 -0.40
CA GLY D 307 11.87 29.07 -0.25
C GLY D 307 12.22 28.46 -1.59
N PRO D 308 13.27 27.60 -1.69
CA PRO D 308 13.68 27.04 -2.99
C PRO D 308 12.57 26.19 -3.63
N GLY D 309 12.17 26.54 -4.85
CA GLY D 309 11.12 25.79 -5.55
C GLY D 309 9.77 25.92 -4.86
N ARG D 310 9.61 26.96 -4.03
CA ARG D 310 8.33 27.19 -3.32
C ARG D 310 7.83 28.60 -3.64
N ALA D 311 6.73 28.70 -4.40
CA ALA D 311 6.22 30.02 -4.82
C ALA D 311 4.88 30.32 -4.13
N PHE D 312 4.81 31.40 -3.36
CA PHE D 312 3.53 31.80 -2.71
C PHE D 312 2.77 32.73 -3.65
N TYR D 313 1.49 32.45 -3.88
CA TYR D 313 0.69 33.26 -4.83
C TYR D 313 -0.17 34.24 -4.05
N THR D 314 -0.15 35.51 -4.44
CA THR D 314 -1.00 36.54 -3.77
C THR D 314 -1.63 37.43 -4.85
N THR D 315 -2.61 38.26 -4.48
CA THR D 315 -3.17 39.20 -5.47
C THR D 315 -2.20 40.38 -5.68
N GLY D 316 -1.78 40.62 -6.93
CA GLY D 316 -0.91 41.77 -7.21
C GLY D 316 -1.70 43.07 -7.30
N ASP D 317 -2.42 43.28 -8.40
CA ASP D 317 -3.17 44.54 -8.60
C ASP D 317 -4.61 44.25 -9.00
N ILE D 318 -5.58 44.97 -8.43
CA ILE D 318 -7.00 44.81 -8.85
C ILE D 318 -7.26 45.80 -10.00
N ILE D 319 -7.80 45.31 -11.12
CA ILE D 319 -7.99 46.19 -12.30
C ILE D 319 -9.41 46.77 -12.33
N GLY D 320 -9.61 47.96 -11.76
CA GLY D 320 -10.94 48.61 -11.83
C GLY D 320 -11.54 48.85 -10.46
N ASP D 321 -12.85 49.14 -10.41
CA ASP D 321 -13.50 49.45 -9.11
C ASP D 321 -13.67 48.17 -8.29
N ILE D 322 -13.69 48.29 -6.96
CA ILE D 322 -13.83 47.09 -6.09
C ILE D 322 -15.30 46.94 -5.69
N ARG D 323 -15.89 45.77 -5.98
CA ARG D 323 -17.31 45.51 -5.60
C ARG D 323 -17.35 44.28 -4.70
N GLN D 324 -18.05 44.37 -3.56
CA GLN D 324 -18.10 43.23 -2.60
C GLN D 324 -18.84 42.05 -3.24
N ALA D 325 -18.42 40.83 -2.91
CA ALA D 325 -19.11 39.66 -3.45
C ALA D 325 -20.53 39.58 -2.93
N HIS D 326 -21.42 39.04 -3.76
CA HIS D 326 -22.82 38.96 -3.41
C HIS D 326 -23.41 37.72 -4.04
N CYS D 327 -24.67 37.47 -3.72
CA CYS D 327 -25.43 36.37 -4.29
C CYS D 327 -26.86 36.83 -4.54
N ASN D 328 -27.40 36.42 -5.70
CA ASN D 328 -28.77 36.81 -6.14
C ASN D 328 -29.75 35.67 -5.80
N ILE D 329 -30.90 35.98 -5.18
CA ILE D 329 -31.89 34.99 -4.77
C ILE D 329 -33.28 35.54 -5.03
N SER D 330 -34.14 34.74 -5.65
CA SER D 330 -35.51 35.15 -5.90
C SER D 330 -36.28 35.33 -4.60
N ARG D 331 -37.04 36.42 -4.51
CA ARG D 331 -37.92 36.61 -3.37
C ARG D 331 -38.97 35.52 -3.28
N THR D 332 -39.87 35.50 -4.29
CA THR D 332 -41.01 34.54 -4.26
C THR D 332 -40.51 33.11 -4.07
N LYS D 333 -39.55 32.68 -4.89
CA LYS D 333 -39.05 31.28 -4.82
C LYS D 333 -38.70 30.97 -3.36
N TRP D 334 -37.80 31.76 -2.77
CA TRP D 334 -37.38 31.49 -1.37
C TRP D 334 -38.60 31.50 -0.46
N ASN D 335 -39.48 32.49 -0.66
CA ASN D 335 -40.74 32.63 0.12
C ASN D 335 -41.51 31.32 0.00
N ASN D 336 -41.91 30.97 -1.22
CA ASN D 336 -42.68 29.72 -1.47
C ASN D 336 -41.92 28.55 -0.84
N THR D 337 -40.59 28.52 -1.02
CA THR D 337 -39.79 27.38 -0.51
C THR D 337 -40.01 27.26 1.00
N LEU D 338 -39.78 28.35 1.75
CA LEU D 338 -39.91 28.32 3.22
C LEU D 338 -41.34 27.92 3.60
N ASN D 339 -42.34 28.53 2.95
CA ASN D 339 -43.76 28.18 3.22
C ASN D 339 -43.86 26.65 3.33
N GLN D 340 -43.51 25.94 2.25
CA GLN D 340 -43.59 24.45 2.23
C GLN D 340 -42.85 23.86 3.44
N ILE D 341 -41.64 24.36 3.70
CA ILE D 341 -40.83 23.82 4.84
C ILE D 341 -41.60 24.10 6.13
N ALA D 342 -42.07 25.33 6.29
CA ALA D 342 -42.82 25.72 7.51
C ALA D 342 -43.99 24.74 7.71
N THR D 343 -44.77 24.49 6.66
CA THR D 343 -45.90 23.53 6.77
C THR D 343 -45.36 22.19 7.26
N LYS D 344 -44.39 21.63 6.55
CA LYS D 344 -43.79 20.33 6.97
C LYS D 344 -43.43 20.38 8.46
N LEU D 345 -42.96 21.53 8.95
CA LEU D 345 -42.52 21.61 10.37
C LEU D 345 -43.73 21.64 11.30
N LYS D 346 -44.83 22.25 10.86
CA LYS D 346 -46.07 22.23 11.68
C LYS D 346 -46.58 20.79 11.69
N GLU D 347 -46.52 20.11 10.53
CA GLU D 347 -46.93 18.69 10.46
C GLU D 347 -45.98 17.87 11.34
N GLN D 348 -44.85 18.46 11.71
CA GLN D 348 -43.85 17.73 12.54
C GLN D 348 -44.00 18.14 14.01
N PHE D 349 -44.54 19.34 14.27
CA PHE D 349 -44.62 19.83 15.67
C PHE D 349 -46.05 20.27 16.01
N GLY D 350 -47.06 19.55 15.54
CA GLY D 350 -48.46 19.88 15.86
C GLY D 350 -49.03 20.89 14.87
N ASN D 351 -50.14 20.55 14.21
CA ASN D 351 -50.69 21.46 13.16
C ASN D 351 -50.55 22.92 13.57
N ASN D 352 -51.32 23.36 14.58
CA ASN D 352 -51.32 24.78 15.05
C ASN D 352 -49.91 25.16 15.51
N LYS D 353 -49.15 25.85 14.66
CA LYS D 353 -47.75 26.24 15.03
C LYS D 353 -47.31 27.45 14.21
N THR D 354 -46.51 28.34 14.80
CA THR D 354 -45.96 29.50 14.07
C THR D 354 -44.47 29.27 13.87
N ILE D 355 -44.02 29.04 12.63
CA ILE D 355 -42.59 28.71 12.37
C ILE D 355 -41.82 30.01 12.17
N VAL D 356 -41.00 30.39 13.16
CA VAL D 356 -40.21 31.65 13.06
C VAL D 356 -38.81 31.31 12.53
N PHE D 357 -38.48 31.79 11.33
CA PHE D 357 -37.13 31.55 10.76
C PHE D 357 -36.15 32.59 11.30
N ASN D 358 -35.39 32.24 12.35
CA ASN D 358 -34.37 33.16 12.90
C ASN D 358 -33.01 32.83 12.28
N GLN D 359 -32.00 33.66 12.49
CA GLN D 359 -30.63 33.37 11.96
C GLN D 359 -29.82 32.68 13.07
N SER D 360 -28.53 32.43 12.82
CA SER D 360 -27.67 31.72 13.82
C SER D 360 -27.33 32.66 14.98
N SER D 361 -27.44 32.19 16.21
CA SER D 361 -27.21 33.07 17.38
C SER D 361 -25.73 33.50 17.43
N GLY D 362 -24.80 32.54 17.42
CA GLY D 362 -23.37 32.86 17.52
C GLY D 362 -22.49 31.63 17.45
N GLY D 363 -21.17 31.81 17.39
CA GLY D 363 -20.24 30.67 17.29
C GLY D 363 -19.23 30.87 16.16
N ASP D 364 -18.72 29.77 15.61
CA ASP D 364 -17.71 29.86 14.51
C ASP D 364 -18.33 30.51 13.28
N PRO D 365 -17.64 31.45 12.60
CA PRO D 365 -18.16 32.04 11.37
C PRO D 365 -18.66 30.93 10.44
N GLU D 366 -18.06 29.74 10.55
CA GLU D 366 -18.48 28.63 9.70
C GLU D 366 -19.97 28.35 9.84
N ILE D 367 -20.48 28.36 11.07
CA ILE D 367 -21.86 27.96 11.27
C ILE D 367 -22.75 29.16 11.57
N VAL D 368 -22.11 30.28 11.94
CA VAL D 368 -22.90 31.54 12.12
C VAL D 368 -23.35 32.05 10.75
N MET D 369 -22.42 32.25 9.81
CA MET D 369 -22.78 32.81 8.49
C MET D 369 -22.75 31.71 7.43
N HIS D 370 -23.71 31.72 6.49
CA HIS D 370 -23.67 30.72 5.39
C HIS D 370 -22.36 30.87 4.63
N SER D 371 -21.57 29.79 4.54
CA SER D 371 -20.28 29.84 3.82
C SER D 371 -20.22 28.71 2.78
N PHE D 372 -19.60 28.99 1.62
CA PHE D 372 -19.46 27.96 0.56
C PHE D 372 -18.26 28.31 -0.33
N ASN D 373 -17.74 27.32 -1.05
CA ASN D 373 -16.61 27.57 -1.99
C ASN D 373 -17.18 27.96 -3.35
N CYS D 374 -16.48 28.86 -4.06
CA CYS D 374 -16.94 29.30 -5.40
C CYS D 374 -15.73 29.49 -6.32
N GLY D 375 -15.58 28.62 -7.32
CA GLY D 375 -14.46 28.74 -8.28
C GLY D 375 -13.13 28.88 -7.57
N GLY D 376 -12.85 28.01 -6.60
CA GLY D 376 -11.58 28.07 -5.86
C GLY D 376 -11.47 29.34 -5.03
N GLU D 377 -12.56 29.72 -4.34
CA GLU D 377 -12.56 30.93 -3.49
C GLU D 377 -13.66 30.80 -2.45
N PHE D 378 -13.32 30.83 -1.15
CA PHE D 378 -14.34 30.63 -0.09
C PHE D 378 -15.19 31.89 0.04
N PHE D 379 -16.50 31.73 0.25
CA PHE D 379 -17.41 32.91 0.33
C PHE D 379 -18.18 32.86 1.66
N TYR D 380 -18.06 33.88 2.51
CA TYR D 380 -18.89 33.91 3.75
C TYR D 380 -20.03 34.89 3.52
N CYS D 381 -21.24 34.40 3.25
CA CYS D 381 -22.35 35.32 2.91
C CYS D 381 -23.27 35.55 4.12
N ASN D 382 -23.81 36.77 4.27
CA ASN D 382 -24.70 37.13 5.40
C ASN D 382 -26.14 36.78 4.99
N SER D 383 -26.56 35.51 5.12
CA SER D 383 -27.90 35.13 4.59
C SER D 383 -29.00 35.67 5.51
N THR D 384 -28.81 36.89 6.04
CA THR D 384 -29.85 37.52 6.90
C THR D 384 -31.13 37.66 6.08
N GLN D 385 -31.00 37.95 4.78
CA GLN D 385 -32.19 38.18 3.92
C GLN D 385 -32.77 36.82 3.48
N LEU D 386 -32.25 35.72 4.03
CA LEU D 386 -32.81 34.38 3.71
C LEU D 386 -33.33 33.72 4.98
N PHE D 387 -32.94 34.22 6.15
CA PHE D 387 -33.37 33.61 7.43
C PHE D 387 -34.04 34.67 8.33
N ASN D 388 -34.82 35.58 7.73
CA ASN D 388 -35.54 36.65 8.48
C ASN D 388 -37.05 36.53 8.22
N SER D 389 -37.76 35.72 9.02
CA SER D 389 -39.20 35.50 8.75
C SER D 389 -39.93 35.05 10.02
N THR D 390 -41.03 35.72 10.38
CA THR D 390 -41.84 35.31 11.56
C THR D 390 -43.01 34.47 11.07
N TRP D 391 -43.88 35.04 10.21
CA TRP D 391 -45.01 34.28 9.62
C TRP D 391 -46.01 33.78 10.68
N ASN D 392 -47.15 34.47 10.79
CA ASN D 392 -48.21 34.05 11.75
C ASN D 392 -48.91 32.81 11.20
N PHE D 393 -49.16 31.81 12.05
CA PHE D 393 -49.85 30.58 11.60
C PHE D 393 -51.09 30.97 10.80
N ASN D 394 -51.86 31.93 11.32
CA ASN D 394 -53.06 32.43 10.61
C ASN D 394 -52.62 33.56 9.68
N GLY D 395 -51.99 33.22 8.55
CA GLY D 395 -51.54 34.23 7.58
C GLY D 395 -51.79 33.75 6.17
N THR D 396 -51.73 34.67 5.19
CA THR D 396 -51.94 34.28 3.77
C THR D 396 -50.77 33.37 3.35
N TRP D 397 -51.07 32.10 3.04
CA TRP D 397 -50.02 31.15 2.61
C TRP D 397 -50.07 30.98 1.09
N ASN D 398 -50.85 31.84 0.42
CA ASN D 398 -50.95 31.79 -1.06
C ASN D 398 -49.54 31.87 -1.66
N LEU D 399 -49.17 30.90 -2.51
CA LEU D 399 -47.80 30.88 -3.07
C LEU D 399 -47.51 32.23 -3.70
N THR D 400 -46.50 32.94 -3.20
CA THR D 400 -46.14 34.29 -3.72
C THR D 400 -45.71 34.15 -5.18
N GLN D 401 -46.31 34.95 -6.07
CA GLN D 401 -45.97 34.87 -7.51
C GLN D 401 -45.20 36.15 -7.92
N SER D 402 -44.40 36.05 -8.97
CA SER D 402 -43.62 37.23 -9.45
C SER D 402 -44.52 38.13 -10.30
N ASN D 403 -44.73 39.37 -9.86
CA ASN D 403 -45.59 40.33 -10.61
C ASN D 403 -44.68 41.26 -11.42
N GLY D 404 -43.63 41.78 -10.80
CA GLY D 404 -42.67 42.66 -11.51
C GLY D 404 -41.24 42.39 -11.09
N THR D 405 -40.39 41.97 -12.02
CA THR D 405 -38.97 41.64 -11.70
C THR D 405 -38.29 42.88 -11.10
N GLU D 406 -38.56 44.05 -11.66
CA GLU D 406 -37.95 45.31 -11.15
C GLU D 406 -38.30 45.45 -9.66
N GLY D 407 -39.58 45.27 -9.31
CA GLY D 407 -40.00 45.34 -7.89
C GLY D 407 -39.43 44.19 -7.09
N ASN D 408 -39.38 43.00 -7.69
CA ASN D 408 -38.88 41.79 -6.96
C ASN D 408 -37.34 41.80 -6.97
N ASP D 409 -36.73 42.66 -6.16
CA ASP D 409 -35.25 42.75 -6.11
C ASP D 409 -34.71 41.36 -5.74
N THR D 410 -33.87 40.79 -6.61
CA THR D 410 -33.26 39.47 -6.32
C THR D 410 -32.44 39.59 -5.02
N ILE D 411 -32.88 38.92 -3.95
CA ILE D 411 -32.19 39.04 -2.63
C ILE D 411 -30.68 39.08 -2.88
N THR D 412 -30.02 40.19 -2.52
CA THR D 412 -28.55 40.29 -2.67
C THR D 412 -27.90 39.96 -1.31
N LEU D 413 -27.05 38.93 -1.25
CA LEU D 413 -26.47 38.49 0.04
C LEU D 413 -25.09 39.15 0.24
N PRO D 414 -24.83 39.87 1.34
CA PRO D 414 -23.50 40.43 1.59
C PRO D 414 -22.48 39.29 1.73
N CYS D 415 -21.54 39.17 0.78
CA CYS D 415 -20.57 38.04 0.80
C CYS D 415 -19.14 38.56 0.93
N ARG D 416 -18.27 37.84 1.65
CA ARG D 416 -16.84 38.24 1.77
C ARG D 416 -15.96 37.02 1.50
N ILE D 417 -14.65 37.13 1.73
CA ILE D 417 -13.72 36.01 1.40
C ILE D 417 -12.80 35.73 2.60
N LYS D 418 -12.71 34.48 3.04
CA LYS D 418 -11.72 34.11 4.08
C LYS D 418 -10.68 33.21 3.42
N GLN D 419 -9.64 33.78 2.81
CA GLN D 419 -8.64 32.97 2.05
C GLN D 419 -8.12 31.82 2.93
N ILE D 420 -7.69 32.13 4.15
CA ILE D 420 -7.24 31.05 5.08
C ILE D 420 -8.48 30.30 5.56
N ILE D 421 -8.44 28.97 5.45
CA ILE D 421 -9.59 28.12 5.92
C ILE D 421 -9.03 27.17 6.98
N ASN D 422 -9.90 26.65 7.85
CA ASN D 422 -9.40 25.79 8.97
C ASN D 422 -10.13 24.44 8.92
N MET D 423 -9.46 23.39 9.40
CA MET D 423 -10.12 22.05 9.47
C MET D 423 -11.33 22.16 10.41
N TRP D 424 -12.41 21.41 10.13
CA TRP D 424 -13.64 21.56 10.93
C TRP D 424 -13.53 20.81 12.28
N GLN D 425 -12.92 19.62 12.28
CA GLN D 425 -12.86 18.82 13.53
C GLN D 425 -11.49 18.97 14.22
N GLU D 426 -10.57 19.74 13.62
CA GLU D 426 -9.19 19.83 14.20
C GLU D 426 -8.81 21.30 14.45
N VAL D 427 -8.29 21.60 15.64
CA VAL D 427 -7.83 22.98 15.94
C VAL D 427 -6.68 23.34 15.00
N GLY D 428 -5.68 22.47 14.88
CA GLY D 428 -4.53 22.72 14.00
C GLY D 428 -4.79 22.38 12.55
N LYS D 429 -3.74 22.38 11.71
CA LYS D 429 -3.89 22.06 10.26
C LYS D 429 -4.81 23.07 9.57
N ALA D 430 -4.35 24.30 9.36
CA ALA D 430 -5.14 25.29 8.60
C ALA D 430 -4.62 25.32 7.15
N MET D 431 -5.42 25.81 6.20
CA MET D 431 -4.99 25.76 4.78
C MET D 431 -5.22 27.11 4.10
N TYR D 432 -4.31 27.51 3.20
CA TYR D 432 -4.48 28.78 2.44
C TYR D 432 -4.94 28.46 1.03
N ALA D 433 -5.68 29.36 0.41
CA ALA D 433 -6.12 29.16 -0.99
C ALA D 433 -5.50 30.25 -1.87
N PRO D 434 -4.71 29.89 -2.90
CA PRO D 434 -4.08 30.88 -3.78
C PRO D 434 -5.14 31.69 -4.51
N PRO D 435 -5.00 33.03 -4.64
CA PRO D 435 -5.97 33.85 -5.39
C PRO D 435 -6.14 33.36 -6.83
N ILE D 436 -7.35 33.53 -7.39
CA ILE D 436 -7.61 33.14 -8.80
C ILE D 436 -7.55 34.39 -9.67
N ARG D 437 -6.91 34.30 -10.85
CA ARG D 437 -6.73 35.51 -11.70
C ARG D 437 -8.03 35.85 -12.44
N GLY D 438 -8.69 36.95 -12.06
CA GLY D 438 -9.89 37.38 -12.79
C GLY D 438 -11.16 37.25 -11.96
N GLN D 439 -12.28 37.76 -12.48
CA GLN D 439 -13.57 37.67 -11.77
C GLN D 439 -14.10 36.23 -11.84
N ILE D 440 -14.71 35.75 -10.76
CA ILE D 440 -15.21 34.34 -10.72
C ILE D 440 -16.75 34.37 -10.81
N ARG D 441 -17.34 33.39 -11.48
CA ARG D 441 -18.82 33.33 -11.64
C ARG D 441 -19.33 31.96 -11.20
N CYS D 442 -20.25 31.91 -10.23
CA CYS D 442 -20.82 30.63 -9.75
C CYS D 442 -22.35 30.67 -9.87
N SER D 443 -22.98 29.51 -10.01
CA SER D 443 -24.47 29.44 -10.08
C SER D 443 -24.94 28.06 -9.59
N SER D 444 -24.79 27.78 -8.29
CA SER D 444 -25.15 26.44 -7.77
C SER D 444 -26.67 26.31 -7.61
N ASN D 445 -27.13 25.19 -7.06
CA ASN D 445 -28.59 24.94 -6.90
C ASN D 445 -28.90 24.70 -5.42
N ILE D 446 -29.62 25.62 -4.77
CA ILE D 446 -30.04 25.37 -3.35
C ILE D 446 -30.85 24.07 -3.36
N THR D 447 -30.49 23.09 -2.52
CA THR D 447 -31.18 21.78 -2.60
C THR D 447 -31.47 21.27 -1.19
N GLY D 448 -31.08 22.01 -0.15
CA GLY D 448 -31.28 21.49 1.22
C GLY D 448 -31.00 22.52 2.29
N LEU D 449 -31.53 22.30 3.51
CA LEU D 449 -31.32 23.25 4.63
C LEU D 449 -30.91 22.48 5.89
N ILE D 450 -29.99 23.03 6.69
CA ILE D 450 -29.62 22.38 7.99
C ILE D 450 -30.21 23.28 9.08
N LEU D 451 -30.91 22.73 10.07
CA LEU D 451 -31.61 23.61 11.06
C LEU D 451 -31.35 23.12 12.48
N THR D 452 -31.54 24.01 13.46
CA THR D 452 -31.33 23.65 14.89
C THR D 452 -32.54 24.14 15.69
N ARG D 453 -33.47 23.24 16.02
CA ARG D 453 -34.65 23.63 16.85
C ARG D 453 -34.16 24.15 18.20
N ASP D 454 -34.66 25.31 18.62
CA ASP D 454 -34.28 25.86 19.96
C ASP D 454 -35.54 25.90 20.82
N GLY D 455 -35.55 25.21 21.96
CA GLY D 455 -36.76 25.14 22.79
C GLY D 455 -36.94 26.39 23.64
N GLY D 456 -37.01 27.56 22.99
CA GLY D 456 -37.24 28.82 23.73
C GLY D 456 -38.57 28.78 24.46
N ASN D 457 -38.64 29.34 25.67
CA ASN D 457 -39.88 29.27 26.49
C ASN D 457 -41.07 29.77 25.66
N ASN D 458 -40.83 30.63 24.66
CA ASN D 458 -41.92 31.19 23.82
C ASN D 458 -42.66 30.05 23.11
N HIS D 459 -42.09 28.84 23.10
CA HIS D 459 -42.80 27.68 22.49
C HIS D 459 -44.22 27.58 23.05
N ASN D 460 -44.44 28.15 24.25
CA ASN D 460 -45.80 28.15 24.85
C ASN D 460 -46.74 28.89 23.90
N ASN D 461 -46.20 29.78 23.07
CA ASN D 461 -47.03 30.54 22.08
C ASN D 461 -46.96 29.84 20.73
N ASP D 462 -46.46 28.60 20.69
CA ASP D 462 -46.35 27.81 19.43
C ASP D 462 -45.47 28.56 18.43
N THR D 463 -44.45 29.27 18.93
CA THR D 463 -43.53 30.03 18.03
C THR D 463 -42.27 29.19 17.78
N GLU D 464 -42.43 28.01 17.18
CA GLU D 464 -41.27 27.11 16.92
C GLU D 464 -40.16 27.91 16.23
N THR D 465 -38.91 27.67 16.62
CA THR D 465 -37.76 28.36 15.97
C THR D 465 -36.74 27.33 15.48
N PHE D 466 -36.24 27.51 14.25
CA PHE D 466 -35.26 26.58 13.65
C PHE D 466 -34.07 27.39 13.13
N ARG D 467 -33.07 27.60 13.99
CA ARG D 467 -31.88 28.40 13.58
C ARG D 467 -31.08 27.61 12.53
N PRO D 468 -30.39 28.20 11.51
CA PRO D 468 -29.58 27.40 10.58
C PRO D 468 -28.50 26.65 11.32
N GLY D 469 -28.16 25.47 10.82
CA GLY D 469 -27.14 24.64 11.39
C GLY D 469 -25.97 24.41 10.45
N GLY D 470 -25.23 23.33 10.72
CA GLY D 470 -24.11 22.97 9.88
C GLY D 470 -22.90 22.55 10.67
N GLY D 471 -21.71 22.87 10.17
CA GLY D 471 -20.51 22.63 10.93
C GLY D 471 -20.06 21.20 11.02
N ASP D 472 -20.62 20.33 10.18
CA ASP D 472 -20.30 18.89 10.29
C ASP D 472 -20.41 18.26 8.91
N MET D 473 -19.29 17.83 8.34
CA MET D 473 -19.29 17.19 7.00
C MET D 473 -20.31 16.05 7.04
N ARG D 474 -20.39 15.34 8.17
CA ARG D 474 -21.29 14.16 8.28
C ARG D 474 -22.74 14.57 7.97
N ASP D 475 -23.17 15.76 8.42
CA ASP D 475 -24.60 16.14 8.25
C ASP D 475 -24.87 16.19 6.75
N ASN D 476 -23.92 16.75 5.99
CA ASN D 476 -24.07 16.84 4.51
C ASN D 476 -24.12 15.43 3.91
N TRP D 477 -23.25 14.54 4.40
CA TRP D 477 -23.20 13.15 3.87
C TRP D 477 -24.51 12.42 4.17
N ARG D 478 -25.08 12.63 5.37
CA ARG D 478 -26.32 11.94 5.77
C ARG D 478 -27.45 12.36 4.81
N SER D 479 -27.46 13.64 4.42
CA SER D 479 -28.55 14.15 3.53
C SER D 479 -28.54 13.40 2.20
N GLU D 480 -27.35 13.07 1.66
CA GLU D 480 -27.28 12.43 0.33
C GLU D 480 -27.25 10.89 0.44
N LEU D 481 -26.87 10.35 1.59
CA LEU D 481 -26.71 8.86 1.71
C LEU D 481 -27.90 8.22 2.43
N TYR D 482 -28.95 8.99 2.74
CA TYR D 482 -30.08 8.44 3.53
C TYR D 482 -30.71 7.25 2.82
N LYS D 483 -30.74 7.26 1.48
CA LYS D 483 -31.44 6.23 0.75
C LYS D 483 -30.59 5.00 0.51
N TYR D 484 -29.31 5.04 0.87
CA TYR D 484 -28.39 3.95 0.61
C TYR D 484 -28.02 3.24 1.88
N LYS D 485 -27.81 1.92 1.77
CA LYS D 485 -27.24 1.14 2.84
C LYS D 485 -26.47 -0.03 2.22
N VAL D 486 -25.35 -0.40 2.86
CA VAL D 486 -24.48 -1.46 2.27
C VAL D 486 -24.69 -2.77 3.02
N VAL D 487 -24.93 -3.85 2.27
CA VAL D 487 -25.17 -5.17 2.91
C VAL D 487 -24.25 -6.22 2.28
N LYS D 488 -23.56 -7.03 3.10
CA LYS D 488 -22.75 -8.14 2.52
C LYS D 488 -23.73 -9.16 1.94
N ILE D 489 -23.40 -9.75 0.79
CA ILE D 489 -24.28 -10.81 0.22
C ILE D 489 -23.68 -12.16 0.59
N GLU D 490 -24.44 -12.98 1.34
CA GLU D 490 -23.94 -14.33 1.72
C GLU D 490 -24.50 -15.35 0.72
N PRO D 491 -23.69 -15.90 -0.22
CA PRO D 491 -24.23 -16.80 -1.25
C PRO D 491 -24.48 -18.19 -0.66
N LEU D 492 -24.01 -18.42 0.57
CA LEU D 492 -24.14 -19.78 1.16
C LEU D 492 -25.55 -19.90 1.77
N GLY D 493 -26.22 -21.03 1.54
CA GLY D 493 -27.59 -21.22 2.05
C GLY D 493 -27.90 -22.68 2.34
N VAL D 494 -28.71 -22.94 3.36
CA VAL D 494 -29.10 -24.34 3.70
C VAL D 494 -30.62 -24.47 3.56
N ALA D 495 -31.12 -25.69 3.40
CA ALA D 495 -32.58 -25.92 3.23
C ALA D 495 -32.89 -27.40 3.43
N PRO D 496 -34.07 -27.78 4.01
CA PRO D 496 -34.44 -29.20 4.12
C PRO D 496 -35.15 -29.72 2.88
N THR D 497 -34.83 -30.93 2.43
CA THR D 497 -35.55 -31.55 1.28
C THR D 497 -35.59 -33.06 1.45
N LYS D 498 -36.54 -33.74 0.80
CA LYS D 498 -36.65 -35.21 0.93
C LYS D 498 -35.48 -35.90 0.22
N ALA D 499 -34.65 -35.14 -0.49
CA ALA D 499 -33.50 -35.71 -1.22
C ALA D 499 -32.40 -36.09 -0.23
N LYS D 500 -31.72 -37.23 -0.48
CA LYS D 500 -30.63 -37.69 0.43
C LYS D 500 -29.37 -37.97 -0.38
N ARG D 501 -28.20 -37.71 0.20
CA ARG D 501 -26.91 -38.02 -0.49
C ARG D 501 -26.85 -39.52 -0.75
N ARG D 502 -26.73 -39.92 -2.02
CA ARG D 502 -26.64 -41.37 -2.37
C ARG D 502 -25.18 -41.75 -2.62
N VAL D 503 -24.69 -42.78 -1.93
CA VAL D 503 -23.29 -43.26 -2.15
C VAL D 503 -23.20 -43.90 -3.54
N VAL D 504 -24.24 -44.62 -3.96
CA VAL D 504 -24.25 -45.29 -5.29
C VAL D 504 -25.23 -44.54 -6.21
N GLU E 32 -27.00 -33.10 -37.59
CA GLU E 32 -26.88 -31.67 -37.98
C GLU E 32 -27.23 -30.78 -36.78
N LYS E 33 -27.01 -31.27 -35.56
CA LYS E 33 -27.37 -30.50 -34.35
C LYS E 33 -26.09 -30.15 -33.57
N LEU E 34 -25.82 -28.86 -33.40
CA LEU E 34 -24.58 -28.43 -32.70
C LEU E 34 -24.93 -27.85 -31.33
N TRP E 35 -24.16 -28.20 -30.31
CA TRP E 35 -24.43 -27.71 -28.93
C TRP E 35 -23.15 -27.06 -28.38
N VAL E 36 -23.28 -25.94 -27.67
CA VAL E 36 -22.09 -25.20 -27.16
C VAL E 36 -21.22 -26.17 -26.35
N THR E 37 -19.91 -26.14 -26.58
CA THR E 37 -18.99 -26.98 -25.77
C THR E 37 -17.89 -26.06 -25.25
N VAL E 38 -17.88 -25.80 -23.94
CA VAL E 38 -16.88 -24.84 -23.39
C VAL E 38 -15.50 -25.49 -23.40
N TYR E 39 -14.49 -24.77 -23.87
CA TYR E 39 -13.10 -25.29 -23.87
C TYR E 39 -12.24 -24.33 -23.06
N TYR E 40 -11.59 -24.83 -22.00
CA TYR E 40 -10.69 -23.96 -21.20
C TYR E 40 -9.27 -24.12 -21.72
N GLY E 41 -8.72 -23.05 -22.28
CA GLY E 41 -7.33 -23.07 -22.80
C GLY E 41 -7.27 -22.78 -24.29
N VAL E 42 -8.36 -22.24 -24.85
CA VAL E 42 -8.37 -21.87 -26.29
C VAL E 42 -7.31 -20.80 -26.52
N PRO E 43 -6.57 -20.83 -27.66
CA PRO E 43 -5.49 -19.87 -27.90
C PRO E 43 -6.05 -18.52 -28.39
N VAL E 44 -6.80 -17.82 -27.54
CA VAL E 44 -7.38 -16.50 -27.91
C VAL E 44 -6.87 -15.45 -26.90
N TRP E 45 -6.51 -14.26 -27.38
CA TRP E 45 -5.97 -13.22 -26.48
C TRP E 45 -6.60 -11.86 -26.82
N LYS E 46 -6.31 -10.83 -26.02
CA LYS E 46 -6.86 -9.47 -26.28
C LYS E 46 -5.84 -8.42 -25.83
N GLU E 47 -5.72 -7.34 -26.61
CA GLU E 47 -4.77 -6.26 -26.28
C GLU E 47 -5.23 -5.60 -24.98
N ALA E 48 -4.57 -5.92 -23.86
CA ALA E 48 -4.94 -5.32 -22.56
C ALA E 48 -3.68 -4.75 -21.89
N THR E 49 -3.86 -4.07 -20.75
CA THR E 49 -2.71 -3.47 -20.03
C THR E 49 -2.68 -4.03 -18.60
N THR E 50 -1.48 -4.23 -18.05
CA THR E 50 -1.38 -4.87 -16.71
C THR E 50 -0.17 -4.31 -15.94
N THR E 51 -0.15 -4.48 -14.62
CA THR E 51 0.99 -4.02 -13.79
C THR E 51 2.17 -4.97 -14.02
N LEU E 52 3.21 -4.50 -14.71
CA LEU E 52 4.40 -5.36 -14.98
C LEU E 52 5.26 -5.42 -13.72
N PHE E 53 6.02 -6.51 -13.53
CA PHE E 53 6.92 -6.62 -12.36
C PHE E 53 8.37 -6.80 -12.84
N CYS E 54 9.31 -6.14 -12.18
CA CYS E 54 10.74 -6.23 -12.57
C CYS E 54 11.28 -7.62 -12.27
N ALA E 55 12.19 -8.13 -13.11
CA ALA E 55 12.84 -9.43 -12.83
C ALA E 55 14.31 -9.34 -13.26
N SER E 56 15.22 -9.14 -12.31
CA SER E 56 16.66 -9.00 -12.65
C SER E 56 17.46 -10.18 -12.07
N ASP E 57 18.67 -10.42 -12.60
CA ASP E 57 19.48 -11.56 -12.13
C ASP E 57 19.70 -11.45 -10.62
N ALA E 58 19.67 -12.59 -9.90
CA ALA E 58 19.79 -12.57 -8.42
C ALA E 58 21.20 -12.20 -7.99
N LYS E 59 22.19 -12.28 -8.89
CA LYS E 59 23.59 -11.99 -8.50
C LYS E 59 23.66 -10.64 -7.79
N ALA E 60 22.91 -9.65 -8.27
CA ALA E 60 22.93 -8.30 -7.66
C ALA E 60 22.47 -8.40 -6.20
N TYR E 61 21.40 -9.15 -5.95
CA TYR E 61 20.90 -9.33 -4.56
C TYR E 61 21.99 -9.98 -3.74
N ASP E 62 22.67 -10.99 -4.30
CA ASP E 62 23.74 -11.71 -3.57
C ASP E 62 24.90 -10.76 -3.23
N THR E 63 25.25 -9.87 -4.17
CA THR E 63 26.33 -8.87 -3.91
C THR E 63 25.88 -7.94 -2.79
N GLU E 64 24.57 -7.87 -2.54
CA GLU E 64 24.04 -7.03 -1.43
C GLU E 64 24.53 -5.60 -1.56
N VAL E 65 24.91 -5.18 -2.78
CA VAL E 65 25.30 -3.75 -2.98
C VAL E 65 24.05 -2.88 -2.71
N HIS E 66 22.92 -3.24 -3.32
CA HIS E 66 21.64 -2.49 -3.11
C HIS E 66 21.92 -0.99 -3.18
N ASN E 67 22.79 -0.57 -4.09
CA ASN E 67 23.10 0.87 -4.27
C ASN E 67 22.45 1.34 -5.57
N VAL E 68 22.12 0.39 -6.46
CA VAL E 68 21.43 0.75 -7.74
C VAL E 68 20.08 1.39 -7.38
N TRP E 69 19.64 2.38 -8.15
CA TRP E 69 18.37 3.08 -7.83
C TRP E 69 17.18 2.17 -8.14
N ALA E 70 17.46 0.90 -8.46
CA ALA E 70 16.38 -0.08 -8.70
C ALA E 70 16.94 -1.50 -8.48
N THR E 71 16.16 -2.54 -8.83
CA THR E 71 16.67 -3.96 -8.76
C THR E 71 16.81 -4.45 -7.32
N HIS E 72 16.81 -3.54 -6.33
CA HIS E 72 17.03 -3.97 -4.92
C HIS E 72 16.03 -5.07 -4.54
N ALA E 73 14.73 -4.82 -4.77
CA ALA E 73 13.68 -5.81 -4.42
C ALA E 73 13.18 -6.49 -5.70
N CYS E 74 13.77 -6.14 -6.84
CA CYS E 74 13.37 -6.74 -8.14
C CYS E 74 13.53 -8.26 -8.05
N VAL E 75 12.50 -9.03 -8.41
CA VAL E 75 12.55 -10.52 -8.25
C VAL E 75 13.59 -11.12 -9.20
N PRO E 76 14.07 -12.35 -8.97
CA PRO E 76 15.01 -13.01 -9.88
C PRO E 76 14.37 -13.37 -11.22
N THR E 77 15.19 -13.62 -12.24
CA THR E 77 14.66 -13.91 -13.60
C THR E 77 14.76 -15.41 -13.90
N ASP E 78 13.77 -15.96 -14.61
CA ASP E 78 13.82 -17.39 -15.00
C ASP E 78 15.15 -17.65 -15.74
N PRO E 79 16.05 -18.50 -15.20
CA PRO E 79 17.36 -18.74 -15.82
C PRO E 79 17.25 -18.86 -17.35
N ASN E 80 16.33 -19.69 -17.83
CA ASN E 80 16.11 -19.83 -19.30
C ASN E 80 14.89 -19.00 -19.71
N PRO E 81 15.03 -17.96 -20.55
CA PRO E 81 13.87 -17.18 -21.00
C PRO E 81 12.88 -18.12 -21.71
N GLN E 82 11.59 -18.00 -21.39
CA GLN E 82 10.57 -18.88 -22.01
C GLN E 82 9.85 -18.11 -23.12
N GLU E 83 10.10 -18.49 -24.38
CA GLU E 83 9.44 -17.82 -25.54
C GLU E 83 8.87 -18.89 -26.48
N VAL E 84 7.68 -18.64 -27.04
CA VAL E 84 7.09 -19.59 -28.02
C VAL E 84 6.98 -18.88 -29.36
N VAL E 85 6.91 -19.64 -30.46
CA VAL E 85 6.80 -19.04 -31.82
C VAL E 85 5.32 -18.95 -32.19
N LEU E 86 4.79 -17.73 -32.30
CA LEU E 86 3.37 -17.55 -32.70
C LEU E 86 3.26 -17.72 -34.21
N GLU E 87 3.31 -18.96 -34.72
CA GLU E 87 3.25 -19.19 -36.19
C GLU E 87 1.83 -18.91 -36.72
N ASN E 88 1.71 -18.58 -38.01
CA ASN E 88 0.39 -18.31 -38.65
C ASN E 88 -0.32 -17.14 -37.98
N VAL E 89 0.40 -16.40 -37.15
CA VAL E 89 -0.22 -15.29 -36.38
C VAL E 89 0.19 -13.95 -36.98
N THR E 90 -0.74 -13.00 -37.09
CA THR E 90 -0.42 -11.64 -37.60
C THR E 90 -1.00 -10.58 -36.64
N GLU E 91 -0.18 -10.11 -35.69
CA GLU E 91 -0.64 -9.11 -34.70
C GLU E 91 -0.18 -7.72 -35.13
N ASN E 92 -1.01 -6.70 -34.93
CA ASN E 92 -0.63 -5.30 -35.27
C ASN E 92 0.18 -4.72 -34.10
N PHE E 93 1.30 -4.06 -34.40
CA PHE E 93 2.16 -3.48 -33.34
C PHE E 93 2.26 -1.97 -33.51
N ASN E 94 2.09 -1.21 -32.42
CA ASN E 94 2.23 0.27 -32.49
C ASN E 94 3.15 0.74 -31.35
N MET E 95 4.30 1.33 -31.70
CA MET E 95 5.26 1.83 -30.69
C MET E 95 4.64 3.00 -29.93
N TRP E 96 4.03 3.95 -30.66
CA TRP E 96 3.50 5.18 -30.01
C TRP E 96 2.30 4.85 -29.12
N LYS E 97 1.72 3.66 -29.29
CA LYS E 97 0.56 3.25 -28.46
C LYS E 97 0.95 2.07 -27.57
N ASN E 98 2.24 1.95 -27.26
CA ASN E 98 2.74 0.84 -26.39
C ASN E 98 2.70 1.33 -24.94
N ASN E 99 1.65 0.97 -24.20
CA ASN E 99 1.49 1.46 -22.80
C ASN E 99 2.74 1.06 -21.99
N MET E 100 3.45 0.04 -22.44
CA MET E 100 4.70 -0.37 -21.73
C MET E 100 5.61 0.86 -21.58
N VAL E 101 5.80 1.61 -22.67
CA VAL E 101 6.71 2.79 -22.63
C VAL E 101 6.23 3.74 -21.53
N GLU E 102 4.92 4.04 -21.50
CA GLU E 102 4.38 4.99 -20.50
C GLU E 102 4.63 4.44 -19.09
N GLN E 103 4.34 3.16 -18.88
CA GLN E 103 4.54 2.52 -17.55
C GLN E 103 6.04 2.55 -17.22
N MET E 104 6.86 2.04 -18.14
CA MET E 104 8.34 2.03 -17.92
C MET E 104 8.78 3.44 -17.52
N HIS E 105 8.24 4.45 -18.20
CA HIS E 105 8.62 5.86 -17.91
C HIS E 105 8.29 6.17 -16.45
N GLU E 106 7.06 5.88 -16.04
CA GLU E 106 6.64 6.16 -14.65
C GLU E 106 7.53 5.35 -13.70
N ASP E 107 7.80 4.10 -14.05
CA ASP E 107 8.60 3.23 -13.15
C ASP E 107 9.96 3.88 -12.91
N ILE E 108 10.72 4.19 -13.97
CA ILE E 108 12.09 4.73 -13.79
C ILE E 108 11.99 6.09 -13.06
N ILE E 109 10.99 6.90 -13.39
CA ILE E 109 10.84 8.23 -12.75
C ILE E 109 10.68 8.03 -11.24
N SER E 110 9.76 7.15 -10.83
CA SER E 110 9.51 6.90 -9.39
C SER E 110 10.78 6.33 -8.76
N LEU E 111 11.39 5.34 -9.40
CA LEU E 111 12.60 4.68 -8.85
C LEU E 111 13.63 5.76 -8.52
N TRP E 112 13.85 6.70 -9.44
CA TRP E 112 14.80 7.81 -9.18
C TRP E 112 14.33 8.62 -7.98
N ASP E 113 13.06 9.04 -7.99
CA ASP E 113 12.49 9.80 -6.84
C ASP E 113 12.72 8.99 -5.57
N GLU E 114 12.32 7.71 -5.58
CA GLU E 114 12.48 6.84 -4.39
C GLU E 114 13.91 6.92 -3.87
N SER E 115 14.90 6.80 -4.76
CA SER E 115 16.33 6.78 -4.34
C SER E 115 16.73 8.12 -3.71
N LEU E 116 16.33 9.24 -4.30
CA LEU E 116 16.79 10.56 -3.78
C LEU E 116 15.82 11.08 -2.71
N LYS E 117 14.69 10.40 -2.52
CA LYS E 117 13.72 10.79 -1.46
C LYS E 117 14.45 10.94 -0.11
N PRO E 118 15.16 9.90 0.41
CA PRO E 118 15.80 9.99 1.71
C PRO E 118 17.27 10.39 1.64
N CYS E 119 17.56 11.55 1.03
CA CYS E 119 18.97 12.02 0.92
C CYS E 119 19.02 13.53 1.19
N VAL E 120 20.18 14.04 1.65
CA VAL E 120 20.33 15.47 2.05
C VAL E 120 19.90 16.42 0.91
N LYS E 121 19.35 17.59 1.26
CA LYS E 121 19.01 18.60 0.21
C LYS E 121 20.00 19.77 0.36
N LEU E 122 20.26 20.48 -0.75
CA LEU E 122 21.23 21.61 -0.73
C LEU E 122 20.48 22.92 -0.48
N THR E 123 19.26 22.83 0.07
CA THR E 123 18.47 24.05 0.39
C THR E 123 19.27 24.95 1.34
N PRO E 124 19.98 24.47 2.39
CA PRO E 124 20.78 25.37 3.23
C PRO E 124 21.98 25.95 2.47
N LEU E 125 22.47 25.25 1.44
CA LEU E 125 23.68 25.71 0.71
C LEU E 125 23.33 26.91 -0.18
N CYS E 126 22.08 27.38 -0.12
CA CYS E 126 21.64 28.49 -1.00
C CYS E 126 22.12 29.83 -0.44
N VAL E 127 23.41 30.13 -0.60
CA VAL E 127 23.98 31.42 -0.13
C VAL E 127 24.83 32.01 -1.24
N THR E 128 25.19 33.29 -1.14
CA THR E 128 26.11 33.89 -2.15
C THR E 128 27.44 33.12 -2.11
N LEU E 129 27.92 32.68 -3.28
CA LEU E 129 29.17 31.86 -3.32
C LEU E 129 30.33 32.71 -3.84
N ASN E 130 31.37 32.90 -3.01
CA ASN E 130 32.57 33.65 -3.43
C ASN E 130 33.39 32.72 -4.33
N CYS E 131 33.02 32.63 -5.62
CA CYS E 131 33.69 31.66 -6.51
C CYS E 131 35.02 32.21 -7.02
N THR E 132 36.11 31.95 -6.28
CA THR E 132 37.45 32.35 -6.78
C THR E 132 37.91 31.26 -7.76
N ASP E 133 38.54 31.67 -8.87
CA ASP E 133 39.00 30.70 -9.89
C ASP E 133 40.01 29.75 -9.25
N LEU E 134 40.11 28.52 -9.76
CA LEU E 134 41.03 27.52 -9.16
C LEU E 134 42.46 28.11 -9.16
N ARG E 135 43.23 27.85 -8.10
CA ARG E 135 44.64 28.32 -8.05
C ARG E 135 45.37 27.85 -9.31
N ASN E 136 44.81 26.84 -10.00
CA ASN E 136 45.46 26.30 -11.21
C ASN E 136 45.63 27.42 -12.25
N VAL E 137 44.83 28.48 -12.15
CA VAL E 137 44.96 29.65 -13.07
C VAL E 137 46.38 30.21 -12.94
N THR E 138 46.92 30.27 -11.71
CA THR E 138 48.33 30.72 -11.53
C THR E 138 49.22 29.85 -12.41
N ASN E 139 48.92 28.54 -12.50
CA ASN E 139 49.70 27.62 -13.37
C ASN E 139 49.15 27.70 -14.80
N ILE E 140 49.45 28.77 -15.52
CA ILE E 140 48.89 28.96 -16.90
C ILE E 140 49.27 27.76 -17.77
N ASN E 141 50.52 27.30 -17.68
CA ASN E 141 50.98 26.15 -18.50
C ASN E 141 50.52 26.37 -19.95
N ASN E 142 49.49 25.64 -20.38
CA ASN E 142 48.94 25.81 -21.75
C ASN E 142 47.44 26.10 -21.65
N SER E 143 47.04 27.37 -21.76
CA SER E 143 45.60 27.74 -21.61
C SER E 143 45.06 27.13 -20.31
N SER E 144 45.71 27.40 -19.18
CA SER E 144 45.29 26.82 -17.89
C SER E 144 45.08 25.31 -18.04
N GLU E 145 46.10 24.60 -18.53
CA GLU E 145 46.02 23.12 -18.68
C GLU E 145 44.86 22.74 -19.61
N GLY E 146 44.06 21.74 -19.23
CA GLY E 146 42.97 21.26 -20.10
C GLY E 146 41.91 22.32 -20.38
N MET E 147 41.39 22.96 -19.34
CA MET E 147 40.30 23.97 -19.52
C MET E 147 40.43 25.06 -18.46
N ARG E 148 39.82 26.22 -18.70
CA ARG E 148 39.93 27.36 -17.75
C ARG E 148 38.53 27.82 -17.34
N GLY E 149 38.29 27.98 -16.03
CA GLY E 149 36.98 28.42 -15.54
C GLY E 149 36.01 27.25 -15.43
N GLU E 150 36.44 26.05 -15.84
CA GLU E 150 35.59 24.85 -15.74
C GLU E 150 35.37 24.52 -14.25
N ILE E 151 36.39 24.74 -13.42
CA ILE E 151 36.26 24.49 -11.96
C ILE E 151 36.32 25.83 -11.22
N LYS E 152 35.49 26.00 -10.18
CA LYS E 152 35.44 27.30 -9.44
C LYS E 152 35.50 27.02 -7.94
N ASN E 153 36.66 27.23 -7.32
CA ASN E 153 36.80 27.06 -5.85
C ASN E 153 35.90 28.11 -5.19
N CYS E 154 34.68 27.75 -4.78
CA CYS E 154 33.75 28.76 -4.23
C CYS E 154 33.66 28.62 -2.71
N SER E 155 33.72 29.74 -1.98
CA SER E 155 33.60 29.71 -0.51
C SER E 155 32.24 30.29 -0.10
N PHE E 156 31.76 29.98 1.11
CA PHE E 156 30.40 30.44 1.52
C PHE E 156 30.21 30.31 3.03
N ASN E 157 29.24 31.03 3.60
CA ASN E 157 28.92 30.91 5.05
C ASN E 157 27.74 29.95 5.20
N ILE E 158 27.84 28.91 6.05
CA ILE E 158 26.77 27.89 6.17
C ILE E 158 26.35 27.76 7.64
N THR E 159 25.10 27.33 7.89
CA THR E 159 24.63 27.10 9.27
C THR E 159 24.23 25.63 9.40
N THR E 160 25.08 24.81 10.04
CA THR E 160 24.80 23.35 10.14
C THR E 160 23.85 23.10 11.32
N SER E 161 23.92 21.90 11.91
CA SER E 161 23.07 21.58 13.08
C SER E 161 23.08 22.77 14.05
N ILE E 162 24.25 23.37 14.27
CA ILE E 162 24.32 24.58 15.15
C ILE E 162 23.73 25.77 14.38
N ARG E 163 22.63 26.33 14.88
CA ARG E 163 21.97 27.46 14.19
C ARG E 163 22.60 28.77 14.65
N ASP E 164 22.80 28.92 15.97
CA ASP E 164 23.38 30.17 16.53
C ASP E 164 24.75 30.42 15.90
N LYS E 165 25.50 29.35 15.60
CA LYS E 165 26.88 29.52 15.08
C LYS E 165 26.91 29.34 13.57
N VAL E 166 27.41 30.35 12.84
CA VAL E 166 27.58 30.21 11.36
C VAL E 166 28.96 29.62 11.09
N LYS E 167 29.24 29.20 9.85
CA LYS E 167 30.54 28.55 9.53
C LYS E 167 30.94 28.89 8.09
N LYS E 168 32.15 29.40 7.89
CA LYS E 168 32.63 29.69 6.50
C LYS E 168 33.28 28.44 5.92
N ASP E 169 32.75 27.93 4.80
CA ASP E 169 33.27 26.69 4.18
C ASP E 169 33.58 26.92 2.71
N TYR E 170 34.50 26.14 2.13
CA TYR E 170 34.84 26.27 0.69
C TYR E 170 34.49 24.95 0.01
N ALA E 171 34.02 25.03 -1.24
CA ALA E 171 33.70 23.80 -2.00
C ALA E 171 34.18 23.96 -3.45
N LEU E 172 35.06 23.06 -3.90
CA LEU E 172 35.63 23.16 -5.27
C LEU E 172 34.55 22.80 -6.29
N PHE E 173 33.51 23.63 -6.41
CA PHE E 173 32.41 23.37 -7.38
C PHE E 173 32.87 23.58 -8.83
N TYR E 174 32.26 22.87 -9.78
CA TYR E 174 32.60 23.06 -11.21
C TYR E 174 31.80 24.23 -11.75
N ARG E 175 31.92 24.51 -13.05
CA ARG E 175 31.11 25.60 -13.67
C ARG E 175 29.71 25.04 -13.94
N LEU E 176 28.91 25.75 -14.73
CA LEU E 176 27.51 25.31 -15.03
C LEU E 176 26.70 25.32 -13.73
N ASP E 177 27.21 24.66 -12.69
CA ASP E 177 26.49 24.60 -11.39
C ASP E 177 26.40 26.00 -10.76
N VAL E 178 27.29 26.91 -11.19
CA VAL E 178 27.34 28.26 -10.57
C VAL E 178 26.80 29.29 -11.57
N VAL E 179 26.15 30.35 -11.07
CA VAL E 179 25.61 31.41 -11.98
C VAL E 179 26.01 32.78 -11.42
N PRO E 180 26.68 33.65 -12.21
CA PRO E 180 27.01 35.00 -11.74
C PRO E 180 25.72 35.68 -11.27
N ILE E 181 25.74 36.30 -10.09
CA ILE E 181 24.48 36.88 -9.53
C ILE E 181 24.59 38.41 -9.46
N ASP E 182 25.60 38.94 -8.78
CA ASP E 182 25.71 40.41 -8.58
C ASP E 182 26.42 41.05 -9.79
N ASN E 183 26.71 40.26 -10.82
CA ASN E 183 27.48 40.78 -11.98
C ASN E 183 28.88 41.13 -11.47
N ASP E 184 29.18 40.74 -10.22
CA ASP E 184 30.52 40.99 -9.63
C ASP E 184 31.49 39.92 -10.14
N ASN E 185 32.79 40.11 -9.91
CA ASN E 185 33.82 39.17 -10.43
C ASN E 185 33.66 37.79 -9.79
N THR E 186 33.76 37.69 -8.46
CA THR E 186 33.73 36.36 -7.79
C THR E 186 32.38 36.17 -7.08
N SER E 187 31.29 36.62 -7.70
CA SER E 187 29.93 36.46 -7.13
C SER E 187 29.11 35.47 -7.96
N TYR E 188 29.06 34.20 -7.55
CA TYR E 188 28.22 33.20 -8.27
C TYR E 188 27.28 32.54 -7.25
N ARG E 189 26.33 31.73 -7.73
CA ARG E 189 25.38 31.02 -6.84
C ARG E 189 24.98 29.68 -7.47
N LEU E 190 24.61 28.69 -6.65
CA LEU E 190 24.22 27.37 -7.18
C LEU E 190 23.04 27.56 -8.14
N ILE E 191 23.17 27.02 -9.36
CA ILE E 191 22.08 27.15 -10.36
C ILE E 191 20.80 26.54 -9.78
N ASN E 192 19.65 27.19 -9.98
CA ASN E 192 18.35 26.62 -9.52
C ASN E 192 18.24 26.71 -7.98
N CYS E 193 18.97 27.63 -7.35
CA CYS E 193 18.81 27.81 -5.88
C CYS E 193 17.34 28.13 -5.58
N ASN E 194 16.75 29.07 -6.30
CA ASN E 194 15.35 29.48 -6.00
C ASN E 194 14.38 28.71 -6.89
N THR E 195 14.75 28.47 -8.16
CA THR E 195 13.81 27.82 -9.11
C THR E 195 13.46 26.41 -8.65
N SER E 196 14.38 25.73 -7.94
CA SER E 196 14.11 24.32 -7.57
C SER E 196 14.73 23.95 -6.22
N THR E 197 14.38 22.77 -5.69
CA THR E 197 14.99 22.29 -4.43
C THR E 197 16.10 21.30 -4.77
N ILE E 198 17.36 21.72 -4.65
CA ILE E 198 18.51 20.84 -5.02
C ILE E 198 18.66 19.76 -3.94
N THR E 199 18.38 18.50 -4.30
CA THR E 199 18.54 17.37 -3.33
C THR E 199 19.77 16.55 -3.71
N GLN E 200 20.71 16.38 -2.78
CA GLN E 200 21.95 15.62 -3.06
C GLN E 200 21.64 14.11 -3.01
N ALA E 201 21.90 13.40 -4.10
CA ALA E 201 21.71 11.93 -4.10
C ALA E 201 22.72 11.31 -3.13
N CYS E 202 22.27 10.37 -2.30
CA CYS E 202 23.17 9.75 -1.27
C CYS E 202 24.42 9.22 -1.98
N PRO E 203 25.65 9.61 -1.54
CA PRO E 203 26.87 9.20 -2.23
C PRO E 203 26.97 7.67 -2.35
N LYS E 204 26.49 6.95 -1.33
CA LYS E 204 26.59 5.48 -1.33
C LYS E 204 25.88 4.90 -2.56
N VAL E 205 24.69 5.42 -2.89
CA VAL E 205 23.89 4.84 -4.01
C VAL E 205 24.72 4.87 -5.30
N SER E 206 24.57 3.86 -6.16
CA SER E 206 25.35 3.77 -7.43
C SER E 206 24.40 3.95 -8.62
N PHE E 207 24.74 4.85 -9.54
CA PHE E 207 23.91 5.06 -10.74
C PHE E 207 24.41 4.15 -11.87
N GLU E 208 24.30 2.84 -11.69
CA GLU E 208 24.77 1.88 -12.72
C GLU E 208 23.58 1.10 -13.28
N PRO E 209 23.07 1.44 -14.49
CA PRO E 209 21.97 0.70 -15.10
C PRO E 209 22.34 -0.78 -15.30
N ILE E 210 21.58 -1.69 -14.68
CA ILE E 210 21.83 -3.15 -14.87
C ILE E 210 20.63 -3.77 -15.59
N PRO E 211 20.82 -4.71 -16.52
CA PRO E 211 19.72 -5.28 -17.30
C PRO E 211 18.44 -5.45 -16.47
N ILE E 212 17.40 -4.66 -16.78
CA ILE E 212 16.09 -4.83 -16.07
C ILE E 212 15.14 -5.57 -17.03
N HIS E 213 14.47 -6.62 -16.54
CA HIS E 213 13.52 -7.39 -17.39
C HIS E 213 12.09 -7.16 -16.90
N TYR E 214 11.30 -6.36 -17.62
CA TYR E 214 9.88 -6.14 -17.25
C TYR E 214 9.11 -7.41 -17.58
N CYS E 215 8.35 -7.93 -16.61
CA CYS E 215 7.60 -9.20 -16.83
C CYS E 215 6.11 -8.96 -16.63
N THR E 216 5.26 -9.70 -17.35
CA THR E 216 3.78 -9.58 -17.21
C THR E 216 3.26 -10.66 -16.25
N PRO E 217 2.23 -10.38 -15.43
CA PRO E 217 1.64 -11.39 -14.56
C PRO E 217 0.90 -12.48 -15.37
N ALA E 218 0.56 -13.60 -14.73
CA ALA E 218 -0.12 -14.71 -15.44
C ALA E 218 -1.40 -14.21 -16.10
N GLY E 219 -1.73 -14.73 -17.29
CA GLY E 219 -2.92 -14.27 -18.02
C GLY E 219 -2.58 -13.11 -18.93
N PHE E 220 -1.29 -12.78 -19.05
CA PHE E 220 -0.83 -11.65 -19.91
C PHE E 220 0.44 -12.09 -20.64
N ALA E 221 0.78 -11.42 -21.74
CA ALA E 221 1.97 -11.85 -22.54
C ALA E 221 2.52 -10.69 -23.38
N ILE E 222 3.85 -10.49 -23.34
CA ILE E 222 4.50 -9.47 -24.14
C ILE E 222 4.73 -10.02 -25.53
N LEU E 223 4.27 -9.30 -26.54
CA LEU E 223 4.45 -9.70 -27.91
C LEU E 223 5.67 -9.01 -28.48
N LYS E 224 6.60 -9.80 -29.05
CA LYS E 224 7.87 -9.22 -29.53
C LYS E 224 7.86 -9.13 -31.06
N CYS E 225 7.76 -7.92 -31.62
CA CYS E 225 7.85 -7.79 -33.10
C CYS E 225 9.17 -8.40 -33.57
N LYS E 226 9.15 -9.66 -34.01
CA LYS E 226 10.40 -10.37 -34.41
C LYS E 226 10.86 -9.92 -35.80
N ASP E 227 10.03 -9.15 -36.51
CA ASP E 227 10.38 -8.69 -37.88
C ASP E 227 11.83 -8.17 -37.88
N LYS E 228 12.64 -8.59 -38.86
CA LYS E 228 14.04 -8.11 -38.96
C LYS E 228 14.02 -6.59 -39.02
N LYS E 229 13.07 -6.01 -39.76
CA LYS E 229 12.94 -4.54 -39.83
C LYS E 229 11.46 -4.17 -39.62
N PHE E 230 11.19 -3.17 -38.78
CA PHE E 230 9.78 -2.81 -38.49
C PHE E 230 9.65 -1.31 -38.20
N ASN E 231 8.77 -0.67 -38.99
CA ASN E 231 8.47 0.78 -38.88
C ASN E 231 7.72 1.02 -37.57
N GLY E 232 7.85 2.22 -37.00
CA GLY E 232 7.20 2.51 -35.70
C GLY E 232 5.81 1.91 -35.58
N THR E 233 5.01 1.97 -36.64
CA THR E 233 3.59 1.49 -36.55
C THR E 233 3.30 0.56 -37.73
N GLY E 234 2.35 -0.37 -37.56
CA GLY E 234 1.96 -1.23 -38.69
C GLY E 234 1.90 -2.69 -38.31
N PRO E 235 1.35 -3.59 -39.17
CA PRO E 235 1.37 -5.02 -38.88
C PRO E 235 2.79 -5.59 -38.89
N CYS E 236 3.22 -6.21 -37.80
CA CYS E 236 4.55 -6.85 -37.74
C CYS E 236 4.39 -8.34 -38.07
N LYS E 237 5.02 -8.80 -39.15
CA LYS E 237 4.81 -10.22 -39.58
C LYS E 237 5.62 -11.15 -38.68
N ASN E 238 6.92 -11.30 -38.94
CA ASN E 238 7.76 -12.13 -38.05
C ASN E 238 7.47 -11.69 -36.62
N VAL E 239 6.96 -12.59 -35.79
CA VAL E 239 6.51 -12.15 -34.43
C VAL E 239 6.65 -13.29 -33.43
N SER E 240 7.24 -13.01 -32.27
CA SER E 240 7.30 -13.97 -31.19
C SER E 240 6.78 -13.29 -29.94
N THR E 241 6.89 -13.99 -28.80
CA THR E 241 6.41 -13.44 -27.55
C THR E 241 7.32 -13.88 -26.41
N VAL E 242 7.27 -13.11 -25.33
CA VAL E 242 8.05 -13.36 -24.13
C VAL E 242 7.22 -12.96 -22.93
N GLN E 243 7.40 -13.71 -21.85
CA GLN E 243 6.80 -13.33 -20.57
C GLN E 243 7.60 -12.25 -19.87
N CYS E 244 8.82 -11.99 -20.32
CA CYS E 244 9.67 -10.98 -19.72
C CYS E 244 10.44 -10.26 -20.83
N THR E 245 10.52 -8.95 -20.71
CA THR E 245 11.33 -8.20 -21.65
C THR E 245 12.80 -8.57 -21.53
N HIS E 246 13.55 -8.34 -22.59
CA HIS E 246 14.98 -8.50 -22.50
C HIS E 246 15.57 -7.45 -21.57
N GLY E 247 16.78 -7.70 -21.10
CA GLY E 247 17.42 -6.77 -20.14
C GLY E 247 17.44 -5.35 -20.67
N ILE E 248 16.36 -4.59 -20.45
CA ILE E 248 16.32 -3.18 -20.88
C ILE E 248 17.05 -2.33 -19.84
N ARG E 249 18.35 -2.10 -20.03
CA ARG E 249 19.11 -1.23 -19.10
C ARG E 249 18.47 0.14 -19.09
N PRO E 250 18.03 0.70 -17.94
CA PRO E 250 17.34 1.99 -17.92
C PRO E 250 18.34 3.12 -18.18
N VAL E 251 19.19 2.95 -19.20
CA VAL E 251 20.21 4.00 -19.54
C VAL E 251 19.46 5.21 -20.11
N VAL E 252 19.68 6.39 -19.51
CA VAL E 252 19.06 7.64 -20.05
C VAL E 252 20.17 8.45 -20.73
N SER E 253 20.11 8.57 -22.05
CA SER E 253 21.17 9.30 -22.80
C SER E 253 20.53 10.17 -23.89
N THR E 254 21.13 11.34 -24.15
CA THR E 254 20.57 12.27 -25.17
C THR E 254 21.25 12.02 -26.51
N GLN E 255 20.57 12.33 -27.62
CA GLN E 255 21.14 12.14 -28.97
C GLN E 255 21.58 10.68 -29.14
N LEU E 256 22.87 10.40 -28.91
CA LEU E 256 23.39 9.02 -29.08
C LEU E 256 22.81 8.11 -27.98
N LEU E 257 22.25 6.96 -28.36
CA LEU E 257 21.75 5.99 -27.35
C LEU E 257 22.88 5.02 -27.01
N LEU E 258 23.34 5.00 -25.76
CA LEU E 258 24.51 4.14 -25.41
C LEU E 258 24.05 2.85 -24.73
N ASN E 259 24.80 1.76 -24.87
CA ASN E 259 24.46 0.49 -24.18
C ASN E 259 22.98 0.17 -24.36
N GLY E 260 22.52 0.04 -25.61
CA GLY E 260 21.11 -0.35 -25.86
C GLY E 260 21.02 -1.54 -26.80
N SER E 261 19.84 -1.75 -27.41
CA SER E 261 19.64 -2.87 -28.36
C SER E 261 20.04 -2.43 -29.76
N LEU E 262 21.00 -3.11 -30.38
CA LEU E 262 21.47 -2.73 -31.73
C LEU E 262 20.44 -3.14 -32.78
N ALA E 263 20.33 -2.37 -33.87
CA ALA E 263 19.38 -2.70 -34.96
C ALA E 263 19.91 -3.94 -35.69
N GLU E 264 19.06 -4.59 -36.49
CA GLU E 264 19.50 -5.86 -37.13
C GLU E 264 19.82 -5.65 -38.61
N GLU E 265 21.10 -5.65 -38.99
CA GLU E 265 21.48 -5.60 -40.44
C GLU E 265 21.21 -4.21 -41.02
N GLU E 266 20.04 -3.64 -40.79
CA GLU E 266 19.70 -2.33 -41.42
C GLU E 266 19.40 -1.29 -40.36
N VAL E 267 20.05 -0.12 -40.45
CA VAL E 267 19.74 1.00 -39.51
C VAL E 267 18.27 1.36 -39.72
N VAL E 268 17.50 1.53 -38.65
CA VAL E 268 16.04 1.79 -38.80
C VAL E 268 15.68 3.14 -38.16
N ILE E 269 14.98 4.00 -38.91
CA ILE E 269 14.56 5.33 -38.41
C ILE E 269 13.05 5.30 -38.14
N ARG E 270 12.63 5.71 -36.94
CA ARG E 270 11.19 5.67 -36.56
C ARG E 270 10.73 7.07 -36.13
N SER E 271 9.64 7.60 -36.71
CA SER E 271 9.11 8.89 -36.21
C SER E 271 7.59 8.79 -36.06
N SER E 272 6.97 9.66 -35.24
CA SER E 272 5.49 9.69 -35.20
C SER E 272 5.05 10.14 -36.58
N ASN E 273 5.54 11.31 -36.99
CA ASN E 273 5.11 11.93 -38.26
C ASN E 273 6.36 12.54 -38.88
N PHE E 274 7.02 11.78 -39.78
CA PHE E 274 8.29 12.24 -40.40
C PHE E 274 8.08 13.62 -41.01
N THR E 275 6.97 13.79 -41.74
CA THR E 275 6.69 15.09 -42.41
C THR E 275 6.55 16.19 -41.34
N ASP E 276 5.98 15.85 -40.17
CA ASP E 276 5.88 16.85 -39.07
C ASP E 276 7.27 17.13 -38.51
N ASN E 277 7.55 18.40 -38.19
CA ASN E 277 8.88 18.79 -37.67
C ASN E 277 8.93 18.56 -36.15
N ALA E 278 7.95 19.10 -35.41
CA ALA E 278 7.97 18.98 -33.93
C ALA E 278 8.32 17.55 -33.50
N LYS E 279 7.87 16.55 -34.28
CA LYS E 279 8.09 15.12 -33.92
C LYS E 279 9.58 14.79 -33.86
N ASN E 280 9.97 13.89 -32.95
CA ASN E 280 11.40 13.45 -32.88
C ASN E 280 11.62 12.28 -33.84
N ILE E 281 12.87 12.04 -34.24
CA ILE E 281 13.19 10.96 -35.21
C ILE E 281 14.12 9.94 -34.52
N ILE E 282 13.66 8.70 -34.32
CA ILE E 282 14.46 7.68 -33.58
C ILE E 282 15.29 6.88 -34.58
N VAL E 283 16.60 7.10 -34.62
CA VAL E 283 17.48 6.29 -35.53
C VAL E 283 18.14 5.18 -34.71
N GLN E 284 17.95 3.92 -35.11
CA GLN E 284 18.58 2.78 -34.38
C GLN E 284 19.75 2.25 -35.21
N LEU E 285 20.97 2.33 -34.67
CA LEU E 285 22.18 1.90 -35.42
C LEU E 285 22.26 0.37 -35.44
N LYS E 286 22.76 -0.22 -36.53
CA LYS E 286 22.87 -1.70 -36.64
C LYS E 286 24.20 -2.17 -36.04
N GLU E 287 25.20 -1.29 -35.97
CA GLU E 287 26.55 -1.70 -35.46
C GLU E 287 26.86 -0.93 -34.16
N SER E 288 27.59 -1.55 -33.25
CA SER E 288 27.91 -0.90 -31.95
C SER E 288 29.15 -0.02 -32.10
N VAL E 289 28.97 1.30 -32.08
CA VAL E 289 30.14 2.23 -32.14
C VAL E 289 30.65 2.42 -30.71
N GLU E 290 31.59 1.58 -30.28
CA GLU E 290 32.11 1.66 -28.89
C GLU E 290 32.65 3.07 -28.63
N ILE E 291 32.25 3.68 -27.51
CA ILE E 291 32.74 5.05 -27.15
C ILE E 291 33.53 4.95 -25.84
N ASN E 292 34.80 5.41 -25.86
CA ASN E 292 35.65 5.38 -24.64
C ASN E 292 35.58 6.72 -23.93
N CYS E 293 34.75 6.82 -22.91
CA CYS E 293 34.65 8.06 -22.14
C CYS E 293 35.33 7.89 -20.80
N THR E 294 36.03 8.92 -20.37
CA THR E 294 36.78 8.86 -19.13
C THR E 294 36.82 10.24 -18.49
N ARG E 295 37.11 10.28 -17.19
CA ARG E 295 37.28 11.58 -16.50
C ARG E 295 38.74 11.55 -16.03
N PRO E 296 39.72 11.97 -16.86
CA PRO E 296 41.13 11.79 -16.50
C PRO E 296 41.63 12.81 -15.47
N ASN E 297 40.95 12.89 -14.33
CA ASN E 297 41.40 13.77 -13.22
C ASN E 297 41.39 12.91 -11.95
N ASN E 298 42.50 12.81 -11.22
CA ASN E 298 42.52 12.10 -9.91
C ASN E 298 41.87 13.06 -8.91
N ASN E 299 40.71 12.71 -8.32
CA ASN E 299 40.01 13.71 -7.48
C ASN E 299 39.94 13.28 -6.02
N THR E 300 40.28 14.18 -5.09
CA THR E 300 40.13 13.87 -3.65
C THR E 300 38.78 14.45 -3.18
N ARG E 301 37.82 13.61 -2.85
CA ARG E 301 36.46 14.09 -2.48
C ARG E 301 36.45 14.59 -1.02
N LYS E 302 35.57 15.54 -0.71
CA LYS E 302 35.46 16.09 0.66
C LYS E 302 33.99 16.00 1.11
N SER E 303 33.70 16.35 2.37
CA SER E 303 32.30 16.35 2.87
C SER E 303 32.17 17.36 4.01
N ILE E 304 31.29 18.37 3.86
CA ILE E 304 31.09 19.37 4.94
C ILE E 304 29.74 19.12 5.62
N HIS E 305 29.73 18.98 6.94
CA HIS E 305 28.47 18.67 7.66
C HIS E 305 27.53 19.87 7.58
N ILE E 306 26.34 19.66 7.00
CA ILE E 306 25.35 20.77 6.87
C ILE E 306 23.98 20.26 7.35
N GLY E 307 23.60 20.59 8.59
CA GLY E 307 22.34 20.09 9.16
C GLY E 307 22.58 18.90 10.07
N PRO E 308 21.71 18.62 11.06
CA PRO E 308 21.96 17.54 12.02
C PRO E 308 22.02 16.18 11.33
N GLY E 309 23.16 15.49 11.43
CA GLY E 309 23.31 14.17 10.78
C GLY E 309 23.20 14.26 9.27
N ARG E 310 23.39 15.47 8.71
CA ARG E 310 23.33 15.65 7.24
C ARG E 310 24.68 16.21 6.75
N ALA E 311 25.34 15.52 5.83
CA ALA E 311 26.66 15.96 5.34
C ALA E 311 26.60 16.28 3.84
N PHE E 312 27.06 17.47 3.45
CA PHE E 312 27.08 17.84 2.02
C PHE E 312 28.44 17.43 1.44
N TYR E 313 28.42 16.54 0.43
CA TYR E 313 29.69 16.07 -0.20
C TYR E 313 30.06 17.01 -1.34
N THR E 314 31.35 17.36 -1.42
CA THR E 314 31.87 18.24 -2.51
C THR E 314 33.22 17.67 -2.96
N THR E 315 33.98 18.40 -3.79
CA THR E 315 35.33 17.93 -4.22
C THR E 315 36.40 18.72 -3.46
N GLY E 316 37.38 18.03 -2.89
CA GLY E 316 38.47 18.71 -2.16
C GLY E 316 39.49 19.34 -3.11
N ASP E 317 40.18 18.53 -3.93
CA ASP E 317 41.27 19.07 -4.79
C ASP E 317 41.41 18.25 -6.09
N ILE E 318 41.85 18.90 -7.17
CA ILE E 318 42.12 18.18 -8.45
C ILE E 318 43.62 17.87 -8.49
N ILE E 319 44.02 16.73 -7.94
CA ILE E 319 45.45 16.31 -7.85
C ILE E 319 46.00 16.15 -9.26
N GLY E 320 47.09 16.85 -9.59
CA GLY E 320 47.68 16.76 -10.94
C GLY E 320 47.10 17.81 -11.87
N ASP E 321 47.62 17.91 -13.10
CA ASP E 321 47.13 18.93 -14.07
C ASP E 321 45.65 18.69 -14.37
N ILE E 322 44.85 19.75 -14.42
CA ILE E 322 43.40 19.60 -14.78
C ILE E 322 43.31 19.30 -16.29
N ARG E 323 42.81 18.12 -16.63
CA ARG E 323 42.73 17.70 -18.05
C ARG E 323 41.26 17.70 -18.48
N GLN E 324 41.00 17.91 -19.78
CA GLN E 324 39.61 17.99 -20.28
C GLN E 324 39.02 16.58 -20.40
N ALA E 325 37.85 16.35 -19.78
CA ALA E 325 37.17 15.04 -19.94
C ALA E 325 36.83 14.88 -21.42
N HIS E 326 36.96 13.67 -21.97
CA HIS E 326 36.76 13.51 -23.43
C HIS E 326 36.25 12.11 -23.74
N CYS E 327 35.77 11.90 -24.96
CA CYS E 327 35.30 10.55 -25.39
C CYS E 327 35.94 10.22 -26.74
N ASN E 328 36.41 8.99 -26.91
CA ASN E 328 37.12 8.60 -28.16
C ASN E 328 36.18 7.80 -29.07
N ILE E 329 36.09 8.19 -30.33
CA ILE E 329 35.24 7.44 -31.32
C ILE E 329 35.95 7.48 -32.68
N SER E 330 36.12 6.31 -33.32
CA SER E 330 36.79 6.24 -34.64
C SER E 330 36.03 7.10 -35.65
N ARG E 331 36.71 8.08 -36.25
CA ARG E 331 36.06 8.90 -37.31
C ARG E 331 35.46 7.97 -38.36
N THR E 332 36.28 7.07 -38.92
CA THR E 332 35.81 6.14 -39.97
C THR E 332 34.47 5.52 -39.55
N LYS E 333 34.46 4.80 -38.44
CA LYS E 333 33.21 4.14 -37.96
C LYS E 333 32.06 5.16 -38.01
N TRP E 334 32.22 6.29 -37.32
CA TRP E 334 31.15 7.33 -37.28
C TRP E 334 30.90 7.86 -38.69
N ASN E 335 31.97 8.01 -39.48
CA ASN E 335 31.84 8.52 -40.87
C ASN E 335 30.95 7.57 -41.64
N ASN E 336 31.19 6.26 -41.51
CA ASN E 336 30.33 5.25 -42.18
C ASN E 336 28.93 5.32 -41.56
N THR E 337 28.86 5.33 -40.23
CA THR E 337 27.54 5.34 -39.54
C THR E 337 26.71 6.52 -40.07
N LEU E 338 27.32 7.69 -40.17
CA LEU E 338 26.61 8.88 -40.72
C LEU E 338 26.28 8.61 -42.20
N ASN E 339 27.18 7.94 -42.92
CA ASN E 339 26.89 7.56 -44.32
C ASN E 339 25.67 6.63 -44.36
N GLN E 340 25.67 5.58 -43.54
CA GLN E 340 24.54 4.60 -43.54
C GLN E 340 23.23 5.34 -43.27
N ILE E 341 23.05 5.85 -42.05
CA ILE E 341 21.81 6.61 -41.70
C ILE E 341 21.42 7.50 -42.87
N ALA E 342 22.38 8.26 -43.42
CA ALA E 342 22.04 9.23 -44.48
C ALA E 342 21.29 8.52 -45.61
N THR E 343 21.78 7.35 -46.03
CA THR E 343 21.13 6.59 -47.12
C THR E 343 19.68 6.29 -46.71
N LYS E 344 19.50 5.75 -45.50
CA LYS E 344 18.13 5.37 -45.04
C LYS E 344 17.27 6.64 -44.99
N LEU E 345 17.81 7.74 -44.46
CA LEU E 345 17.04 9.02 -44.46
C LEU E 345 16.64 9.36 -45.90
N LYS E 346 17.52 9.11 -46.86
CA LYS E 346 17.20 9.38 -48.30
C LYS E 346 16.09 8.43 -48.74
N GLU E 347 16.18 7.14 -48.37
CA GLU E 347 15.11 6.17 -48.73
C GLU E 347 13.79 6.61 -48.09
N GLN E 348 13.84 7.03 -46.82
CA GLN E 348 12.62 7.48 -46.11
C GLN E 348 12.02 8.67 -46.86
N PHE E 349 12.85 9.62 -47.29
CA PHE E 349 12.34 10.84 -47.96
C PHE E 349 12.72 10.82 -49.44
N GLY E 350 13.19 11.97 -49.97
CA GLY E 350 13.59 12.05 -51.38
C GLY E 350 15.02 11.55 -51.58
N ASN E 351 15.20 10.47 -52.33
CA ASN E 351 16.55 9.91 -52.57
C ASN E 351 17.38 10.92 -53.38
N ASN E 352 16.72 11.90 -53.98
CA ASN E 352 17.43 12.92 -54.81
C ASN E 352 17.47 14.26 -54.07
N LYS E 353 17.48 14.22 -52.73
CA LYS E 353 17.54 15.47 -51.92
C LYS E 353 18.87 15.54 -51.18
N THR E 354 19.32 16.76 -50.85
CA THR E 354 20.57 16.93 -50.07
C THR E 354 20.25 16.69 -48.59
N ILE E 355 21.26 16.44 -47.75
CA ILE E 355 20.95 16.11 -46.33
C ILE E 355 21.96 16.81 -45.43
N VAL E 356 21.48 17.62 -44.49
CA VAL E 356 22.41 18.42 -43.63
C VAL E 356 22.32 17.90 -42.19
N PHE E 357 23.45 17.47 -41.62
CA PHE E 357 23.45 17.06 -40.20
C PHE E 357 23.87 18.26 -39.35
N ASN E 358 23.11 19.36 -39.42
CA ASN E 358 23.43 20.57 -38.62
C ASN E 358 23.39 20.21 -37.14
N GLN E 359 24.10 20.96 -36.30
CA GLN E 359 24.11 20.69 -34.83
C GLN E 359 22.79 21.19 -34.23
N SER E 360 22.44 20.71 -33.03
CA SER E 360 21.16 21.10 -32.40
C SER E 360 21.03 22.63 -32.38
N SER E 361 19.83 23.14 -32.72
CA SER E 361 19.61 24.61 -32.74
C SER E 361 19.28 25.11 -31.33
N GLY E 362 20.28 25.09 -30.43
CA GLY E 362 20.05 25.60 -29.06
C GLY E 362 19.09 24.73 -28.28
N GLY E 363 18.56 25.24 -27.16
CA GLY E 363 17.64 24.47 -26.32
C GLY E 363 18.31 24.00 -25.04
N ASP E 364 17.73 22.99 -24.38
CA ASP E 364 18.29 22.48 -23.10
C ASP E 364 19.73 22.01 -23.33
N PRO E 365 20.67 22.27 -22.40
CA PRO E 365 22.05 21.84 -22.57
C PRO E 365 22.10 20.37 -22.96
N GLU E 366 21.25 19.55 -22.35
CA GLU E 366 21.20 18.10 -22.69
C GLU E 366 20.93 17.96 -24.18
N ILE E 367 19.97 18.71 -24.70
CA ILE E 367 19.59 18.61 -26.14
C ILE E 367 20.72 19.15 -27.02
N VAL E 368 21.39 20.22 -26.59
CA VAL E 368 22.43 20.86 -27.46
C VAL E 368 23.69 19.98 -27.51
N MET E 369 24.08 19.37 -26.40
CA MET E 369 25.35 18.58 -26.37
C MET E 369 25.08 17.19 -25.82
N HIS E 370 25.61 16.15 -26.48
CA HIS E 370 25.38 14.76 -26.04
C HIS E 370 25.58 14.66 -24.53
N SER E 371 24.60 14.08 -23.83
CA SER E 371 24.81 13.92 -22.40
C SER E 371 24.40 12.53 -21.99
N PHE E 372 25.02 12.03 -20.89
CA PHE E 372 24.77 10.66 -20.38
C PHE E 372 25.54 10.47 -19.07
N ASN E 373 25.22 9.44 -18.28
CA ASN E 373 25.93 9.15 -17.00
C ASN E 373 27.08 8.15 -17.22
N CYS E 374 28.22 8.38 -16.58
CA CYS E 374 29.37 7.44 -16.69
C CYS E 374 30.09 7.41 -15.33
N GLY E 375 30.06 6.26 -14.64
CA GLY E 375 30.71 6.16 -13.32
C GLY E 375 29.93 6.90 -12.25
N GLY E 376 28.75 7.40 -12.60
CA GLY E 376 27.92 8.15 -11.64
C GLY E 376 28.01 9.65 -11.86
N GLU E 377 28.85 10.08 -12.80
CA GLU E 377 28.95 11.52 -13.12
C GLU E 377 28.37 11.77 -14.52
N PHE E 378 27.49 12.77 -14.65
CA PHE E 378 26.87 13.08 -15.96
C PHE E 378 27.86 13.91 -16.79
N PHE E 379 28.15 13.50 -18.01
CA PHE E 379 29.17 14.20 -18.84
C PHE E 379 28.50 15.04 -19.93
N TYR E 380 28.39 16.35 -19.74
CA TYR E 380 27.86 17.22 -20.84
C TYR E 380 28.96 17.28 -21.91
N CYS E 381 28.88 16.39 -22.89
CA CYS E 381 29.97 16.31 -23.92
C CYS E 381 29.51 16.93 -25.25
N ASN E 382 30.40 17.70 -25.89
CA ASN E 382 30.07 18.35 -27.19
C ASN E 382 29.86 17.26 -28.24
N SER E 383 28.92 17.46 -29.16
CA SER E 383 28.71 16.48 -30.27
C SER E 383 28.70 17.22 -31.62
N THR E 384 29.20 18.45 -31.64
CA THR E 384 29.28 19.21 -32.91
C THR E 384 30.08 18.39 -33.93
N GLN E 385 31.22 17.86 -33.49
CA GLN E 385 32.09 17.05 -34.39
C GLN E 385 31.28 15.87 -34.94
N LEU E 386 30.45 15.25 -34.08
CA LEU E 386 29.65 14.07 -34.51
C LEU E 386 28.66 14.49 -35.60
N PHE E 387 27.80 15.47 -35.30
CA PHE E 387 26.74 15.87 -36.26
C PHE E 387 27.19 17.14 -36.99
N ASN E 388 27.84 16.99 -38.16
CA ASN E 388 28.39 18.17 -38.88
C ASN E 388 28.48 17.87 -40.39
N SER E 389 28.89 16.67 -40.76
CA SER E 389 29.11 16.32 -42.19
C SER E 389 27.78 16.33 -42.97
N THR E 390 27.81 16.76 -44.23
CA THR E 390 26.58 16.75 -45.08
C THR E 390 26.79 15.77 -46.23
N TRP E 391 25.76 15.56 -47.07
CA TRP E 391 25.89 14.53 -48.13
C TRP E 391 25.14 14.90 -49.41
N ASN E 392 25.78 14.73 -50.58
CA ASN E 392 25.15 15.00 -51.90
C ASN E 392 24.32 13.78 -52.29
N PHE E 393 23.13 14.01 -52.85
CA PHE E 393 22.28 12.87 -53.30
C PHE E 393 23.08 12.00 -54.26
N ASN E 394 23.92 12.61 -55.09
CA ASN E 394 24.74 11.84 -56.06
C ASN E 394 26.20 11.80 -55.60
N GLY E 395 26.47 12.11 -54.33
CA GLY E 395 27.86 11.98 -53.84
C GLY E 395 28.30 10.54 -53.69
N THR E 396 29.62 10.29 -53.74
CA THR E 396 30.17 8.92 -53.61
C THR E 396 29.66 8.28 -52.31
N TRP E 397 29.21 7.03 -52.35
CA TRP E 397 28.63 6.38 -51.15
C TRP E 397 29.50 5.19 -50.74
N ASN E 398 30.82 5.38 -50.71
CA ASN E 398 31.73 4.27 -50.36
C ASN E 398 32.08 4.33 -48.87
N LEU E 399 32.36 3.17 -48.26
CA LEU E 399 32.72 3.12 -46.83
C LEU E 399 34.22 3.45 -46.68
N THR E 400 34.54 4.66 -46.23
CA THR E 400 35.96 5.08 -46.09
C THR E 400 36.70 4.14 -45.12
N GLN E 401 37.94 3.78 -45.45
CA GLN E 401 38.76 2.91 -44.55
C GLN E 401 39.76 3.78 -43.80
N SER E 402 40.40 3.24 -42.76
CA SER E 402 41.34 4.03 -41.92
C SER E 402 42.64 4.34 -42.68
N ASN E 403 43.31 5.43 -42.32
CA ASN E 403 44.61 5.80 -42.95
C ASN E 403 45.67 5.93 -41.86
N GLY E 404 45.69 5.00 -40.91
CA GLY E 404 46.71 5.02 -39.84
C GLY E 404 46.11 5.44 -38.51
N THR E 405 46.83 5.19 -37.41
CA THR E 405 46.34 5.58 -36.06
C THR E 405 46.10 7.09 -36.04
N GLU E 406 47.04 7.87 -36.57
CA GLU E 406 46.88 9.34 -36.63
C GLU E 406 45.81 9.69 -37.66
N GLY E 407 45.79 8.97 -38.79
CA GLY E 407 44.79 9.26 -39.84
C GLY E 407 43.38 9.09 -39.33
N ASN E 408 43.07 7.94 -38.72
CA ASN E 408 41.73 7.69 -38.14
C ASN E 408 41.61 8.49 -36.83
N ASP E 409 42.62 8.39 -35.96
CA ASP E 409 42.61 9.13 -34.67
C ASP E 409 41.28 8.87 -33.94
N THR E 410 40.81 9.84 -33.16
CA THR E 410 39.54 9.70 -32.41
C THR E 410 38.83 11.05 -32.38
N ILE E 411 37.50 11.05 -32.31
CA ILE E 411 36.73 12.32 -32.21
C ILE E 411 36.60 12.69 -30.73
N THR E 412 37.58 13.42 -30.18
CA THR E 412 37.53 13.84 -28.76
C THR E 412 36.43 14.89 -28.59
N LEU E 413 35.79 14.94 -27.41
CA LEU E 413 34.65 15.86 -27.20
C LEU E 413 34.87 16.74 -25.97
N PRO E 414 34.90 18.09 -26.09
CA PRO E 414 35.00 18.96 -24.93
C PRO E 414 33.83 18.65 -23.99
N CYS E 415 34.12 18.20 -22.77
CA CYS E 415 33.02 17.79 -21.86
C CYS E 415 33.04 18.64 -20.58
N ARG E 416 31.90 19.22 -20.20
CA ARG E 416 31.83 19.95 -18.91
C ARG E 416 30.93 19.17 -17.95
N ILE E 417 31.42 18.82 -16.76
CA ILE E 417 30.61 17.97 -15.84
C ILE E 417 29.64 18.83 -15.03
N LYS E 418 28.34 18.70 -15.28
CA LYS E 418 27.30 19.42 -14.51
C LYS E 418 26.78 18.49 -13.41
N GLN E 419 27.09 18.78 -12.15
CA GLN E 419 26.65 17.90 -11.03
C GLN E 419 25.17 18.18 -10.74
N ILE E 420 24.81 19.44 -10.50
CA ILE E 420 23.37 19.79 -10.29
C ILE E 420 22.60 19.40 -11.56
N ILE E 421 21.79 18.34 -11.48
CA ILE E 421 21.02 17.87 -12.67
C ILE E 421 19.52 18.08 -12.41
N ASN E 422 18.84 18.84 -13.26
CA ASN E 422 17.39 19.12 -13.08
C ASN E 422 16.57 17.99 -13.71
N MET E 423 15.31 17.86 -13.31
CA MET E 423 14.42 16.81 -13.91
C MET E 423 14.22 17.12 -15.39
N TRP E 424 14.12 16.10 -16.23
CA TRP E 424 14.01 16.33 -17.69
C TRP E 424 12.66 16.95 -18.06
N GLN E 425 11.62 16.68 -17.27
CA GLN E 425 10.26 17.18 -17.64
C GLN E 425 9.68 18.06 -16.53
N GLU E 426 10.42 18.27 -15.45
CA GLU E 426 9.95 19.17 -14.35
C GLU E 426 11.05 20.20 -14.03
N VAL E 427 10.66 21.40 -13.65
CA VAL E 427 11.64 22.48 -13.33
C VAL E 427 11.77 22.59 -11.80
N GLY E 428 10.70 22.28 -11.08
CA GLY E 428 10.72 22.43 -9.60
C GLY E 428 11.64 21.45 -8.91
N LYS E 429 12.02 20.37 -9.59
CA LYS E 429 12.86 19.33 -8.93
C LYS E 429 14.23 19.24 -9.60
N ALA E 430 15.30 19.37 -8.80
CA ALA E 430 16.68 19.24 -9.34
C ALA E 430 17.49 18.37 -8.37
N MET E 431 18.45 17.61 -8.88
CA MET E 431 19.22 16.68 -8.00
C MET E 431 20.70 17.02 -8.04
N TYR E 432 21.32 17.20 -6.88
CA TYR E 432 22.79 17.44 -6.82
C TYR E 432 23.50 16.10 -6.95
N ALA E 433 24.65 16.09 -7.62
CA ALA E 433 25.38 14.82 -7.82
C ALA E 433 26.62 14.78 -6.93
N PRO E 434 26.78 13.76 -6.06
CA PRO E 434 27.99 13.60 -5.26
C PRO E 434 29.22 13.41 -6.18
N PRO E 435 30.32 14.15 -5.96
CA PRO E 435 31.53 13.99 -6.76
C PRO E 435 32.07 12.56 -6.63
N ILE E 436 32.34 11.90 -7.76
CA ILE E 436 32.93 10.52 -7.74
C ILE E 436 34.45 10.66 -7.59
N ARG E 437 34.98 10.29 -6.42
CA ARG E 437 36.43 10.46 -6.16
C ARG E 437 37.24 9.53 -7.08
N GLY E 438 38.39 10.00 -7.56
CA GLY E 438 39.26 9.14 -8.38
C GLY E 438 38.99 9.25 -9.88
N GLN E 439 39.78 8.55 -10.69
CA GLN E 439 39.61 8.58 -12.16
C GLN E 439 38.34 7.82 -12.55
N ILE E 440 37.54 8.40 -13.45
CA ILE E 440 36.30 7.72 -13.94
C ILE E 440 36.53 7.29 -15.39
N ARG E 441 35.96 6.16 -15.80
CA ARG E 441 36.15 5.65 -17.19
C ARG E 441 35.04 4.65 -17.54
N CYS E 442 34.52 4.73 -18.77
CA CYS E 442 33.42 3.82 -19.22
C CYS E 442 33.69 3.42 -20.68
N SER E 443 33.02 2.37 -21.14
CA SER E 443 33.19 1.90 -22.54
C SER E 443 31.82 1.59 -23.13
N SER E 444 30.93 2.58 -23.23
CA SER E 444 29.55 2.34 -23.72
C SER E 444 29.53 2.01 -25.22
N ASN E 445 28.50 1.28 -25.69
CA ASN E 445 28.36 1.02 -27.15
C ASN E 445 27.26 1.95 -27.70
N ILE E 446 27.58 2.80 -28.68
CA ILE E 446 26.53 3.64 -29.31
C ILE E 446 25.60 2.71 -30.12
N THR E 447 24.28 2.73 -29.74
CA THR E 447 23.38 1.73 -30.39
C THR E 447 22.26 2.46 -31.15
N GLY E 448 22.04 3.75 -30.86
CA GLY E 448 20.94 4.48 -31.52
C GLY E 448 21.14 5.98 -31.45
N LEU E 449 20.38 6.73 -32.25
CA LEU E 449 20.55 8.21 -32.30
C LEU E 449 19.19 8.88 -32.46
N ILE E 450 18.86 9.85 -31.61
CA ILE E 450 17.59 10.61 -31.77
C ILE E 450 17.88 11.83 -32.67
N LEU E 451 17.16 11.96 -33.79
CA LEU E 451 17.37 13.09 -34.72
C LEU E 451 16.08 13.92 -34.81
N THR E 452 16.12 15.05 -35.53
CA THR E 452 14.92 15.90 -35.69
C THR E 452 14.96 16.55 -37.08
N ARG E 453 14.06 16.13 -37.97
CA ARG E 453 14.01 16.69 -39.35
C ARG E 453 13.52 18.14 -39.28
N ASP E 454 14.19 19.05 -40.00
CA ASP E 454 13.73 20.47 -40.05
C ASP E 454 13.76 20.93 -41.52
N GLY E 455 12.58 21.07 -42.14
CA GLY E 455 12.51 21.47 -43.56
C GLY E 455 13.09 22.85 -43.78
N GLY E 456 12.72 23.81 -42.94
CA GLY E 456 13.27 25.18 -43.05
C GLY E 456 13.15 25.73 -44.46
N ASN E 457 12.02 25.44 -45.14
CA ASN E 457 11.79 25.98 -46.50
C ASN E 457 13.04 25.76 -47.36
N ASN E 458 13.54 24.52 -47.42
CA ASN E 458 14.78 24.23 -48.19
C ASN E 458 14.66 24.86 -49.58
N HIS E 459 15.65 25.66 -49.98
CA HIS E 459 15.59 26.37 -51.29
C HIS E 459 15.38 25.35 -52.40
N ASN E 460 14.29 25.48 -53.16
CA ASN E 460 13.97 24.50 -54.24
C ASN E 460 14.06 23.09 -53.68
N ASN E 461 13.57 22.88 -52.44
CA ASN E 461 13.61 21.55 -51.79
C ASN E 461 14.97 20.88 -52.08
N ASP E 462 14.96 19.60 -52.45
CA ASP E 462 16.21 18.85 -52.76
C ASP E 462 17.19 19.00 -51.60
N THR E 463 16.68 19.18 -50.37
CA THR E 463 17.54 19.34 -49.17
C THR E 463 16.72 18.94 -47.94
N GLU E 464 17.38 18.36 -46.92
CA GLU E 464 16.67 17.95 -45.68
C GLU E 464 17.64 17.99 -44.50
N THR E 465 17.37 18.86 -43.51
CA THR E 465 18.28 18.98 -42.35
C THR E 465 17.82 18.03 -41.24
N PHE E 466 18.76 17.38 -40.55
CA PHE E 466 18.42 16.43 -39.45
C PHE E 466 19.27 16.73 -38.22
N ARG E 467 18.92 17.80 -37.50
CA ARG E 467 19.68 18.16 -36.27
C ARG E 467 19.38 17.11 -35.19
N PRO E 468 20.34 16.80 -34.28
CA PRO E 468 20.15 15.77 -33.26
C PRO E 468 19.03 16.13 -32.28
N GLY E 469 18.24 15.13 -31.85
CA GLY E 469 17.16 15.38 -30.88
C GLY E 469 17.44 14.70 -29.54
N GLY E 470 16.47 14.72 -28.63
CA GLY E 470 16.64 14.11 -27.30
C GLY E 470 15.91 14.89 -26.22
N GLY E 471 16.00 14.45 -24.97
CA GLY E 471 15.37 15.17 -23.85
C GLY E 471 14.08 14.49 -23.40
N ASP E 472 13.64 13.46 -24.12
CA ASP E 472 12.42 12.70 -23.71
C ASP E 472 12.83 11.28 -23.29
N MET E 473 12.68 10.96 -22.01
CA MET E 473 13.09 9.63 -21.50
C MET E 473 12.28 8.56 -22.24
N ARG E 474 10.99 8.81 -22.43
CA ARG E 474 10.13 7.86 -23.19
C ARG E 474 10.85 7.45 -24.48
N ASP E 475 11.26 8.44 -25.28
CA ASP E 475 11.99 8.15 -26.54
C ASP E 475 13.09 7.12 -26.25
N ASN E 476 13.84 7.32 -25.17
CA ASN E 476 14.96 6.39 -24.83
C ASN E 476 14.39 4.98 -24.59
N TRP E 477 13.25 4.88 -23.91
CA TRP E 477 12.67 3.55 -23.58
C TRP E 477 12.09 2.89 -24.83
N ARG E 478 11.49 3.69 -25.72
CA ARG E 478 10.86 3.12 -26.95
C ARG E 478 11.94 2.35 -27.72
N SER E 479 13.16 2.86 -27.76
CA SER E 479 14.25 2.21 -28.53
C SER E 479 14.30 0.71 -28.21
N GLU E 480 13.82 0.30 -27.04
CA GLU E 480 13.92 -1.13 -26.65
C GLU E 480 12.52 -1.78 -26.71
N LEU E 481 11.48 -1.04 -26.33
CA LEU E 481 10.12 -1.64 -26.30
C LEU E 481 9.53 -1.58 -27.71
N TYR E 482 10.34 -1.15 -28.68
CA TYR E 482 9.84 -1.00 -30.08
C TYR E 482 9.21 -2.29 -30.56
N LYS E 483 9.61 -3.42 -29.96
CA LYS E 483 9.10 -4.74 -30.44
C LYS E 483 8.09 -5.29 -29.45
N TYR E 484 8.19 -4.92 -28.17
CA TYR E 484 7.31 -5.53 -27.13
C TYR E 484 5.89 -4.99 -27.22
N LYS E 485 4.90 -5.83 -26.90
CA LYS E 485 3.47 -5.41 -26.91
C LYS E 485 2.70 -6.28 -25.90
N VAL E 486 2.24 -5.69 -24.80
CA VAL E 486 1.56 -6.49 -23.73
C VAL E 486 0.13 -6.85 -24.18
N VAL E 487 -0.24 -8.12 -24.09
CA VAL E 487 -1.63 -8.55 -24.43
C VAL E 487 -2.12 -9.48 -23.31
N LYS E 488 -3.42 -9.43 -23.02
CA LYS E 488 -3.99 -10.36 -21.99
C LYS E 488 -4.28 -11.71 -22.67
N ILE E 489 -4.68 -12.71 -21.88
CA ILE E 489 -4.99 -14.06 -22.44
C ILE E 489 -6.38 -14.48 -21.94
N GLU E 490 -7.16 -15.13 -22.80
CA GLU E 490 -8.54 -15.58 -22.41
C GLU E 490 -8.67 -17.08 -22.72
N PRO E 491 -8.35 -17.98 -21.76
CA PRO E 491 -8.37 -19.43 -22.03
C PRO E 491 -9.78 -19.97 -22.32
N LEU E 492 -10.80 -19.42 -21.65
CA LEU E 492 -12.19 -19.92 -21.83
C LEU E 492 -12.65 -19.64 -23.27
N GLY E 493 -13.41 -20.57 -23.85
CA GLY E 493 -13.90 -20.39 -25.23
C GLY E 493 -15.07 -21.33 -25.52
N VAL E 494 -16.08 -20.84 -26.25
CA VAL E 494 -17.30 -21.67 -26.53
C VAL E 494 -17.42 -21.90 -28.04
N ALA E 495 -17.82 -23.11 -28.45
CA ALA E 495 -17.96 -23.43 -29.88
C ALA E 495 -19.06 -24.47 -30.08
N PRO E 496 -19.81 -24.45 -31.20
CA PRO E 496 -20.84 -25.45 -31.46
C PRO E 496 -20.20 -26.83 -31.72
N THR E 497 -20.77 -27.88 -31.13
CA THR E 497 -20.25 -29.27 -31.34
C THR E 497 -21.43 -30.24 -31.40
N LYS E 498 -21.37 -31.21 -32.31
CA LYS E 498 -22.47 -32.20 -32.45
C LYS E 498 -22.75 -32.85 -31.09
N ALA E 499 -21.72 -32.96 -30.25
CA ALA E 499 -21.87 -33.62 -28.93
C ALA E 499 -22.75 -32.76 -28.01
N LYS E 500 -23.53 -33.39 -27.13
CA LYS E 500 -24.40 -32.65 -26.18
C LYS E 500 -24.20 -33.18 -24.77
N ARG E 501 -24.37 -32.33 -23.75
CA ARG E 501 -24.28 -32.80 -22.34
C ARG E 501 -25.32 -33.90 -22.11
N ARG E 502 -24.89 -35.07 -21.62
CA ARG E 502 -25.82 -36.20 -21.38
C ARG E 502 -26.66 -35.88 -20.13
N VAL E 503 -27.98 -35.77 -20.29
CA VAL E 503 -28.87 -35.40 -19.16
C VAL E 503 -28.81 -36.50 -18.09
N VAL E 504 -28.26 -37.67 -18.42
CA VAL E 504 -28.22 -38.80 -17.45
C VAL E 504 -27.49 -38.33 -16.19
N GLN E 505 -28.10 -38.56 -15.01
CA GLN E 505 -27.49 -38.13 -13.73
C GLN E 505 -27.26 -39.35 -12.83
N ARG E 506 -28.23 -40.26 -12.78
CA ARG E 506 -28.13 -41.45 -11.88
C ARG E 506 -26.95 -42.31 -12.35
N GLU E 507 -25.98 -42.57 -11.47
CA GLU E 507 -24.79 -43.38 -11.82
C GLU E 507 -25.23 -44.80 -12.16
N LYS E 508 -26.08 -45.39 -11.30
CA LYS E 508 -26.54 -46.78 -11.52
C LYS E 508 -27.41 -46.84 -12.79
N ARG E 509 -28.45 -46.01 -12.85
CA ARG E 509 -29.35 -45.98 -14.04
C ARG E 509 -29.47 -44.53 -14.54
N PHE F 518 -34.42 -12.84 -16.98
CA PHE F 518 -35.76 -12.44 -16.48
C PHE F 518 -35.61 -11.62 -15.20
N LEU F 519 -35.43 -12.28 -14.06
CA LEU F 519 -35.27 -11.56 -12.77
C LEU F 519 -33.89 -10.90 -12.73
N GLY F 520 -33.74 -9.83 -11.94
CA GLY F 520 -32.45 -9.11 -11.86
C GLY F 520 -31.50 -9.77 -10.88
N PHE F 521 -30.42 -9.07 -10.50
CA PHE F 521 -29.42 -9.65 -9.59
C PHE F 521 -30.11 -10.25 -8.36
N LEU F 522 -30.84 -9.43 -7.60
CA LEU F 522 -31.60 -9.93 -6.42
C LEU F 522 -33.09 -9.90 -6.75
N GLY F 523 -33.45 -10.22 -7.99
CA GLY F 523 -34.86 -10.16 -8.41
C GLY F 523 -35.73 -11.12 -7.62
N ALA F 524 -35.18 -12.25 -7.19
CA ALA F 524 -35.97 -13.27 -6.47
C ALA F 524 -35.90 -13.04 -4.96
N ALA F 525 -35.60 -11.80 -4.54
CA ALA F 525 -35.47 -11.50 -3.10
C ALA F 525 -36.81 -11.76 -2.39
N GLY F 526 -37.91 -11.28 -2.97
CA GLY F 526 -39.24 -11.45 -2.36
C GLY F 526 -39.89 -12.75 -2.80
N SER F 527 -39.27 -13.47 -3.75
CA SER F 527 -39.84 -14.74 -4.25
C SER F 527 -39.66 -15.85 -3.20
N THR F 528 -40.56 -16.83 -3.19
CA THR F 528 -40.48 -17.94 -2.21
C THR F 528 -39.19 -18.72 -2.43
N MET F 529 -38.75 -19.48 -1.44
CA MET F 529 -37.47 -20.23 -1.54
C MET F 529 -37.48 -21.02 -2.85
N GLY F 530 -38.59 -21.68 -3.17
CA GLY F 530 -38.69 -22.48 -4.40
C GLY F 530 -38.38 -21.65 -5.63
N VAL F 531 -39.15 -20.59 -5.87
CA VAL F 531 -38.95 -19.73 -7.07
C VAL F 531 -37.50 -19.24 -7.09
N ALA F 532 -37.03 -18.70 -5.96
CA ALA F 532 -35.67 -18.14 -5.90
C ALA F 532 -34.64 -19.24 -6.17
N SER F 533 -34.96 -20.48 -5.80
CA SER F 533 -34.00 -21.61 -5.98
C SER F 533 -33.59 -21.71 -7.46
N MET F 534 -34.47 -21.32 -8.37
CA MET F 534 -34.18 -21.47 -9.83
C MET F 534 -33.33 -20.29 -10.31
N THR F 535 -33.19 -19.25 -9.47
CA THR F 535 -32.43 -18.04 -9.89
C THR F 535 -31.09 -17.98 -9.16
N LEU F 536 -30.73 -19.04 -8.44
CA LEU F 536 -29.48 -19.01 -7.63
C LEU F 536 -28.31 -18.52 -8.49
N THR F 537 -28.16 -19.06 -9.70
CA THR F 537 -26.99 -18.71 -10.55
C THR F 537 -26.86 -17.19 -10.70
N VAL F 538 -27.97 -16.46 -10.84
CA VAL F 538 -27.88 -14.99 -11.09
C VAL F 538 -26.94 -14.37 -10.05
N GLN F 539 -27.20 -14.60 -8.77
CA GLN F 539 -26.34 -14.04 -7.69
C GLN F 539 -24.95 -14.67 -7.77
N ALA F 540 -24.88 -16.00 -7.90
CA ALA F 540 -23.57 -16.69 -7.93
C ALA F 540 -22.67 -16.11 -9.02
N ARG F 541 -23.27 -15.60 -10.10
CA ARG F 541 -22.47 -15.05 -11.23
C ARG F 541 -21.78 -13.74 -10.83
N GLN F 542 -22.39 -12.97 -9.93
CA GLN F 542 -21.83 -11.63 -9.60
C GLN F 542 -21.14 -11.64 -8.23
N LEU F 543 -20.82 -12.82 -7.71
CA LEU F 543 -20.12 -12.93 -6.40
C LEU F 543 -18.71 -12.37 -6.52
N LEU F 544 -18.01 -12.69 -7.61
CA LEU F 544 -16.60 -12.22 -7.79
C LEU F 544 -16.57 -11.13 -8.86
N SER F 545 -17.42 -11.26 -9.88
CA SER F 545 -17.48 -10.24 -10.96
C SER F 545 -17.66 -8.86 -10.34
N GLY F 546 -16.67 -7.97 -10.52
CA GLY F 546 -16.75 -6.61 -9.97
C GLY F 546 -16.25 -5.57 -10.96
N ILE F 547 -16.82 -4.36 -10.92
CA ILE F 547 -16.45 -3.30 -11.90
C ILE F 547 -14.93 -3.07 -11.86
N VAL F 548 -14.37 -2.94 -10.65
CA VAL F 548 -12.91 -2.64 -10.52
C VAL F 548 -12.11 -3.80 -11.14
N GLN F 549 -12.54 -5.04 -10.90
CA GLN F 549 -11.85 -6.22 -11.47
C GLN F 549 -12.10 -6.29 -12.97
N GLN F 550 -13.33 -5.98 -13.40
CA GLN F 550 -13.70 -6.07 -14.84
C GLN F 550 -13.09 -4.88 -15.60
N GLN F 551 -12.47 -3.94 -14.89
CA GLN F 551 -11.80 -2.80 -15.57
C GLN F 551 -10.72 -3.35 -16.52
N ASN F 552 -9.96 -4.36 -16.07
CA ASN F 552 -8.85 -4.91 -16.90
C ASN F 552 -8.05 -3.73 -17.45
N ASN F 553 -8.10 -3.50 -18.76
CA ASN F 553 -7.41 -2.31 -19.33
C ASN F 553 -8.36 -1.11 -19.25
N LEU F 554 -7.89 0.01 -18.73
CA LEU F 554 -8.77 1.19 -18.53
C LEU F 554 -8.55 2.19 -19.68
N LEU F 555 -9.59 2.96 -20.04
CA LEU F 555 -9.40 4.02 -21.06
C LEU F 555 -8.71 5.20 -20.38
N ARG F 556 -7.94 4.92 -19.34
CA ARG F 556 -7.29 6.00 -18.55
C ARG F 556 -5.77 5.78 -18.54
N ALA F 557 -4.98 6.82 -18.30
CA ALA F 557 -3.51 6.66 -18.20
C ALA F 557 -3.22 5.57 -17.18
N ILE F 558 -4.07 5.43 -16.15
CA ILE F 558 -3.89 4.33 -15.17
C ILE F 558 -4.14 3.00 -15.90
N GLU F 559 -3.15 2.10 -15.91
CA GLU F 559 -3.28 0.80 -16.62
C GLU F 559 -3.31 -0.32 -15.59
N ALA F 560 -4.43 -1.05 -15.50
CA ALA F 560 -4.57 -2.10 -14.46
C ALA F 560 -4.15 -1.50 -13.11
N GLN F 561 -4.80 -0.42 -12.70
CA GLN F 561 -4.44 0.29 -11.44
C GLN F 561 -3.00 0.80 -11.54
N GLN F 562 -2.54 1.10 -12.76
CA GLN F 562 -1.17 1.62 -12.96
C GLN F 562 -0.26 1.04 -11.88
N HIS F 563 0.08 1.83 -10.86
CA HIS F 563 0.89 1.34 -9.72
C HIS F 563 0.14 1.72 -8.45
N LEU F 564 -1.17 1.47 -8.41
CA LEU F 564 -2.00 1.90 -7.26
C LEU F 564 -1.81 3.40 -7.09
N LEU F 565 -1.47 4.10 -8.18
CA LEU F 565 -1.19 5.56 -8.10
C LEU F 565 -0.32 5.81 -6.87
N LYS F 566 0.76 5.04 -6.71
CA LYS F 566 1.66 5.19 -5.53
C LYS F 566 0.81 5.13 -4.25
N LEU F 567 -0.06 4.11 -4.14
CA LEU F 567 -0.87 3.92 -2.90
C LEU F 567 -1.68 5.19 -2.60
N THR F 568 -2.58 5.58 -3.51
CA THR F 568 -3.45 6.77 -3.27
C THR F 568 -4.51 6.40 -2.21
N VAL F 569 -5.21 7.39 -1.67
CA VAL F 569 -6.30 7.09 -0.70
C VAL F 569 -7.21 6.05 -1.34
N TRP F 570 -7.65 6.31 -2.58
CA TRP F 570 -8.58 5.38 -3.28
C TRP F 570 -7.84 4.12 -3.74
N GLY F 571 -6.60 4.27 -4.20
CA GLY F 571 -5.84 3.10 -4.67
C GLY F 571 -5.83 2.01 -3.61
N ILE F 572 -5.60 2.40 -2.36
CA ILE F 572 -5.64 1.42 -1.24
C ILE F 572 -7.05 0.81 -1.18
N LYS F 573 -8.07 1.66 -1.06
CA LYS F 573 -9.47 1.16 -0.98
C LYS F 573 -9.70 0.13 -2.09
N GLN F 574 -9.42 0.51 -3.34
CA GLN F 574 -9.68 -0.39 -4.50
C GLN F 574 -8.88 -1.67 -4.29
N LEU F 575 -7.59 -1.54 -3.95
CA LEU F 575 -6.75 -2.73 -3.67
C LEU F 575 -7.43 -3.57 -2.58
N GLN F 576 -7.72 -2.95 -1.43
CA GLN F 576 -8.32 -3.72 -0.31
C GLN F 576 -9.62 -4.34 -0.78
N ALA F 577 -10.50 -3.54 -1.40
CA ALA F 577 -11.81 -4.06 -1.82
C ALA F 577 -11.60 -5.28 -2.71
N ARG F 578 -10.57 -5.27 -3.55
CA ARG F 578 -10.27 -6.46 -4.40
C ARG F 578 -9.97 -7.70 -3.53
N VAL F 579 -9.06 -7.59 -2.55
CA VAL F 579 -8.66 -8.79 -1.77
C VAL F 579 -9.89 -9.41 -1.10
N LEU F 580 -10.81 -8.59 -0.59
CA LEU F 580 -12.04 -9.05 0.08
C LEU F 580 -12.90 -9.82 -0.93
N THR F 581 -13.02 -9.32 -2.17
CA THR F 581 -13.79 -10.13 -3.15
C THR F 581 -13.08 -11.46 -3.37
N VAL F 582 -11.75 -11.47 -3.35
CA VAL F 582 -10.98 -12.69 -3.72
C VAL F 582 -11.01 -13.67 -2.55
N GLU F 583 -10.76 -13.18 -1.34
CA GLU F 583 -10.77 -14.07 -0.13
C GLU F 583 -12.19 -14.55 0.14
N ARG F 584 -13.19 -13.68 -0.02
CA ARG F 584 -14.58 -14.08 0.32
C ARG F 584 -15.02 -15.23 -0.60
N TYR F 585 -14.93 -15.02 -1.91
CA TYR F 585 -15.36 -16.07 -2.86
C TYR F 585 -14.61 -17.35 -2.52
N LEU F 586 -13.31 -17.22 -2.25
CA LEU F 586 -12.47 -18.40 -1.95
C LEU F 586 -13.02 -19.10 -0.69
N ARG F 587 -13.28 -18.32 0.37
CA ARG F 587 -13.83 -18.90 1.63
C ARG F 587 -15.09 -19.71 1.31
N ASP F 588 -16.01 -19.11 0.56
CA ASP F 588 -17.29 -19.79 0.23
C ASP F 588 -16.98 -21.10 -0.49
N GLN F 589 -16.14 -21.06 -1.52
CA GLN F 589 -15.76 -22.29 -2.26
C GLN F 589 -15.15 -23.28 -1.28
N GLN F 590 -14.10 -22.88 -0.56
CA GLN F 590 -13.43 -23.78 0.41
C GLN F 590 -14.51 -24.54 1.17
N LEU F 591 -15.49 -23.83 1.71
CA LEU F 591 -16.60 -24.48 2.47
C LEU F 591 -17.21 -25.61 1.62
N LEU F 592 -17.72 -25.26 0.44
CA LEU F 592 -18.36 -26.28 -0.43
C LEU F 592 -17.35 -27.39 -0.71
N GLY F 593 -16.07 -27.02 -0.87
CA GLY F 593 -15.02 -28.03 -1.07
C GLY F 593 -14.91 -28.95 0.13
N ILE F 594 -14.90 -28.38 1.34
CA ILE F 594 -14.87 -29.23 2.57
C ILE F 594 -16.07 -30.17 2.49
N TRP F 595 -17.22 -29.63 2.07
CA TRP F 595 -18.44 -30.45 1.97
C TRP F 595 -18.39 -31.30 0.69
N GLY F 596 -17.24 -31.31 0.00
CA GLY F 596 -17.16 -32.21 -1.18
C GLY F 596 -17.73 -31.59 -2.44
N CYS F 597 -18.97 -31.11 -2.37
CA CYS F 597 -19.64 -30.56 -3.59
C CYS F 597 -18.98 -29.23 -3.98
N SER F 598 -17.67 -29.25 -4.26
CA SER F 598 -16.94 -28.03 -4.66
C SER F 598 -17.54 -27.43 -5.93
N GLY F 599 -17.40 -28.12 -7.06
CA GLY F 599 -17.90 -27.58 -8.35
C GLY F 599 -19.40 -27.42 -8.36
N LYS F 600 -20.14 -28.34 -7.72
CA LYS F 600 -21.63 -28.31 -7.74
C LYS F 600 -22.18 -27.04 -7.10
N LEU F 601 -23.41 -26.65 -7.47
CA LEU F 601 -24.07 -25.47 -6.85
C LEU F 601 -25.06 -25.97 -5.79
N ILE F 602 -26.08 -26.72 -6.21
CA ILE F 602 -27.05 -27.33 -5.24
C ILE F 602 -26.53 -28.73 -4.88
N CYS F 603 -26.24 -28.97 -3.59
CA CYS F 603 -25.66 -30.27 -3.18
C CYS F 603 -26.72 -31.12 -2.47
N THR F 604 -26.35 -32.32 -2.03
CA THR F 604 -27.37 -33.08 -1.24
C THR F 604 -26.61 -33.73 -0.08
N THR F 605 -26.89 -33.28 1.16
CA THR F 605 -26.13 -33.82 2.32
C THR F 605 -26.84 -35.06 2.84
N ALA F 606 -26.12 -35.93 3.55
CA ALA F 606 -26.74 -37.13 4.15
C ALA F 606 -27.16 -36.79 5.58
N VAL F 607 -26.99 -35.53 5.98
CA VAL F 607 -27.36 -35.10 7.36
C VAL F 607 -28.88 -35.15 7.51
N PRO F 608 -29.47 -36.01 8.38
CA PRO F 608 -30.91 -35.98 8.58
C PRO F 608 -31.33 -34.61 9.14
N TRP F 609 -32.45 -34.06 8.65
CA TRP F 609 -32.94 -32.75 9.13
C TRP F 609 -33.33 -32.86 10.61
N ASN F 610 -33.44 -31.72 11.30
CA ASN F 610 -33.83 -31.71 12.73
C ASN F 610 -35.15 -30.96 12.89
N ALA F 611 -36.07 -31.50 13.69
CA ALA F 611 -37.38 -30.86 13.91
C ALA F 611 -37.20 -29.52 14.64
N SER F 612 -36.30 -29.50 15.62
CA SER F 612 -36.04 -28.26 16.40
C SER F 612 -35.72 -27.13 15.42
N TRP F 613 -35.00 -27.45 14.34
CA TRP F 613 -34.68 -26.43 13.31
C TRP F 613 -35.98 -26.02 12.61
N SER F 614 -36.97 -25.52 13.37
CA SER F 614 -38.25 -25.04 12.80
C SER F 614 -39.07 -26.21 12.23
N ASN F 615 -39.93 -26.81 13.06
CA ASN F 615 -40.81 -27.91 12.59
C ASN F 615 -41.80 -27.30 11.59
N LYS F 616 -41.47 -27.31 10.30
CA LYS F 616 -42.36 -26.74 9.25
C LYS F 616 -42.48 -27.74 8.07
N THR F 617 -43.62 -27.71 7.37
CA THR F 617 -43.83 -28.60 6.19
C THR F 617 -43.11 -27.99 4.98
N LEU F 618 -42.73 -28.83 4.01
CA LEU F 618 -41.95 -28.32 2.84
C LEU F 618 -42.78 -27.27 2.10
N ASP F 619 -44.10 -27.49 2.03
CA ASP F 619 -45.00 -26.55 1.30
C ASP F 619 -44.80 -25.14 1.86
N MET F 620 -44.91 -24.97 3.18
CA MET F 620 -44.72 -23.63 3.80
C MET F 620 -43.31 -23.13 3.48
N ILE F 621 -42.30 -23.97 3.69
CA ILE F 621 -40.89 -23.51 3.51
C ILE F 621 -40.65 -23.06 2.06
N TRP F 622 -41.05 -23.87 1.07
CA TRP F 622 -40.70 -23.52 -0.34
C TRP F 622 -41.82 -22.76 -1.06
N ASN F 623 -43.01 -22.63 -0.48
CA ASN F 623 -44.12 -21.98 -1.22
C ASN F 623 -44.62 -20.75 -0.45
N ASN F 624 -43.97 -20.42 0.68
CA ASN F 624 -44.40 -19.28 1.54
C ASN F 624 -43.15 -18.52 2.02
N MET F 625 -42.30 -19.16 2.84
CA MET F 625 -41.11 -18.51 3.43
C MET F 625 -40.11 -18.15 2.32
N THR F 626 -39.65 -16.90 2.29
CA THR F 626 -38.60 -16.52 1.31
C THR F 626 -37.23 -16.83 1.91
N TRP F 627 -36.19 -16.95 1.09
CA TRP F 627 -34.85 -17.30 1.60
C TRP F 627 -34.46 -16.33 2.72
N MET F 628 -34.65 -15.03 2.49
CA MET F 628 -34.30 -14.02 3.52
C MET F 628 -35.01 -14.34 4.83
N GLU F 629 -36.30 -14.70 4.76
CA GLU F 629 -37.09 -14.98 5.98
C GLU F 629 -36.64 -16.32 6.58
N TRP F 630 -36.51 -17.35 5.74
CA TRP F 630 -36.16 -18.70 6.27
C TRP F 630 -34.81 -18.64 6.96
N GLU F 631 -33.87 -17.88 6.39
CA GLU F 631 -32.50 -17.77 7.00
C GLU F 631 -32.64 -17.17 8.40
N ARG F 632 -33.31 -16.02 8.49
CA ARG F 632 -33.40 -15.34 9.81
C ARG F 632 -33.75 -16.42 10.84
N GLU F 633 -34.70 -17.29 10.52
CA GLU F 633 -35.15 -18.34 11.46
C GLU F 633 -34.01 -19.32 11.75
N ILE F 634 -33.41 -19.88 10.70
CA ILE F 634 -32.37 -20.93 10.90
C ILE F 634 -31.11 -20.29 11.50
N ASP F 635 -30.99 -18.96 11.45
CA ASP F 635 -29.75 -18.28 11.92
C ASP F 635 -29.32 -18.84 13.27
N ASN F 636 -30.27 -18.98 14.21
CA ASN F 636 -30.01 -19.48 15.58
C ASN F 636 -29.23 -20.80 15.51
N TYR F 637 -29.62 -21.73 14.63
CA TYR F 637 -28.98 -23.07 14.51
C TYR F 637 -28.46 -23.25 13.09
N THR F 638 -27.27 -22.72 12.80
CA THR F 638 -26.66 -22.85 11.45
C THR F 638 -25.28 -23.51 11.55
N GLY F 639 -24.32 -22.82 12.15
CA GLY F 639 -22.95 -23.36 12.27
C GLY F 639 -22.97 -24.83 12.65
N LEU F 640 -23.90 -25.20 13.53
CA LEU F 640 -24.02 -26.62 13.96
C LEU F 640 -24.18 -27.49 12.71
N ILE F 641 -25.15 -27.14 11.86
CA ILE F 641 -25.43 -27.92 10.63
C ILE F 641 -24.14 -28.03 9.81
N TYR F 642 -23.39 -26.93 9.70
CA TYR F 642 -22.15 -26.94 8.87
C TYR F 642 -21.21 -28.02 9.40
N THR F 643 -21.05 -28.08 10.73
CA THR F 643 -20.17 -29.11 11.34
C THR F 643 -20.74 -30.49 11.03
N LEU F 644 -22.06 -30.64 11.08
CA LEU F 644 -22.70 -31.96 10.83
C LEU F 644 -22.34 -32.45 9.43
N ILE F 645 -22.25 -31.52 8.46
CA ILE F 645 -21.83 -31.92 7.08
C ILE F 645 -20.36 -32.34 7.12
N GLU F 646 -19.50 -31.53 7.76
CA GLU F 646 -18.04 -31.84 7.82
C GLU F 646 -17.84 -33.28 8.28
N GLU F 647 -18.52 -33.69 9.35
CA GLU F 647 -18.29 -35.06 9.90
C GLU F 647 -19.01 -36.10 9.03
N SER F 648 -20.10 -35.71 8.39
CA SER F 648 -20.82 -36.65 7.49
C SER F 648 -19.88 -37.03 6.33
N GLN F 649 -19.18 -36.04 5.77
CA GLN F 649 -18.21 -36.31 4.69
C GLN F 649 -17.12 -37.24 5.24
N ASN F 650 -16.76 -37.07 6.51
CA ASN F 650 -15.75 -37.94 7.16
C ASN F 650 -16.28 -39.38 7.13
N GLN F 651 -17.54 -39.57 7.55
CA GLN F 651 -18.15 -40.92 7.52
C GLN F 651 -18.18 -41.41 6.06
N GLN F 652 -18.64 -40.55 5.14
CA GLN F 652 -18.70 -40.90 3.71
C GLN F 652 -17.30 -41.32 3.24
N GLU F 653 -16.30 -40.48 3.49
CA GLU F 653 -14.92 -40.79 3.07
C GLU F 653 -14.50 -42.12 3.71
N LYS F 654 -14.81 -42.31 4.99
CA LYS F 654 -14.47 -43.58 5.69
C LYS F 654 -15.11 -44.75 4.94
N ASN F 655 -16.41 -44.65 4.65
CA ASN F 655 -17.11 -45.76 3.96
C ASN F 655 -16.47 -45.97 2.59
N GLU F 656 -16.31 -44.90 1.82
CA GLU F 656 -15.66 -44.99 0.48
C GLU F 656 -14.31 -45.69 0.63
N GLN F 657 -13.56 -45.35 1.68
CA GLN F 657 -12.21 -45.94 1.88
C GLN F 657 -12.34 -47.46 2.06
N GLU F 658 -13.35 -47.90 2.82
CA GLU F 658 -13.58 -49.36 3.03
C GLU F 658 -13.81 -50.01 1.67
N LEU F 659 -14.64 -49.39 0.82
CA LEU F 659 -14.92 -49.94 -0.53
C LEU F 659 -13.61 -49.98 -1.33
N LEU F 660 -12.84 -48.89 -1.30
CA LEU F 660 -11.53 -48.85 -2.01
C LEU F 660 -10.68 -50.03 -1.52
N GLU F 661 -10.82 -50.39 -0.24
CA GLU F 661 -10.02 -51.49 0.34
C GLU F 661 -10.65 -52.83 -0.07
C1 NAG G . -32.35 -17.10 -32.28
C2 NAG G . -33.56 -17.25 -31.36
C3 NAG G . -34.73 -16.51 -31.98
C4 NAG G . -34.35 -15.06 -32.21
C5 NAG G . -33.11 -15.00 -33.10
C6 NAG G . -32.61 -13.58 -33.34
C7 NAG G . -33.50 -19.36 -30.13
C8 NAG G . -33.64 -20.85 -30.27
N2 NAG G . -33.93 -18.65 -31.17
O3 NAG G . -35.86 -16.62 -31.11
O4 NAG G . -35.45 -14.39 -32.83
O5 NAG G . -32.06 -15.73 -32.48
O6 NAG G . -33.48 -12.89 -34.25
O7 NAG G . -33.02 -18.84 -29.14
C1 NAG G . -35.97 -13.36 -31.98
C2 NAG G . -37.11 -12.63 -32.69
C3 NAG G . -37.63 -11.51 -31.81
C4 NAG G . -38.07 -12.09 -30.47
C5 NAG G . -36.89 -12.83 -29.84
C6 NAG G . -37.27 -13.48 -28.51
C7 NAG G . -36.88 -12.73 -35.11
C8 NAG G . -36.36 -12.05 -36.34
N2 NAG G . -36.68 -12.10 -33.96
O3 NAG G . -38.73 -10.88 -32.48
O4 NAG G . -38.51 -11.04 -29.60
O5 NAG G . -36.42 -13.86 -30.72
O6 NAG G . -38.22 -14.52 -28.76
O7 NAG G . -37.45 -13.81 -35.16
C1 BMA G . -39.94 -11.12 -29.43
C2 BMA G . -40.31 -10.78 -28.00
C3 BMA G . -41.82 -10.88 -27.81
C4 BMA G . -42.49 -9.97 -28.82
C5 BMA G . -42.04 -10.33 -30.24
C6 BMA G . -42.66 -9.39 -31.27
O2 BMA G . -39.85 -9.47 -27.68
O3 BMA G . -42.17 -10.48 -26.49
O4 BMA G . -43.91 -10.10 -28.72
O5 BMA G . -40.63 -10.25 -30.33
O6 BMA G . -42.19 -9.75 -32.57
C1 NAG H . -27.77 -17.94 -42.85
C2 NAG H . -27.54 -17.99 -44.36
C3 NAG H . -27.67 -16.60 -44.95
C4 NAG H . -29.00 -15.99 -44.57
C5 NAG H . -29.18 -15.99 -43.06
C6 NAG H . -30.60 -15.54 -42.73
C7 NAG H . -26.10 -19.72 -45.20
C8 NAG H . -24.99 -19.87 -46.21
N2 NAG H . -26.24 -18.51 -44.69
O3 NAG H . -27.56 -16.67 -46.37
O4 NAG H . -29.07 -14.64 -45.05
O5 NAG H . -29.03 -17.32 -42.57
O6 NAG H . -31.52 -16.32 -43.50
O7 NAG H . -26.82 -20.65 -44.89
C1 NAG H . -30.16 -14.41 -45.96
C2 NAG H . -30.51 -12.92 -45.87
C3 NAG H . -31.64 -12.56 -46.86
C4 NAG H . -31.54 -13.23 -48.24
C5 NAG H . -30.98 -14.64 -48.19
C6 NAG H . -30.92 -15.27 -49.57
C7 NAG H . -30.08 -12.09 -43.61
C8 NAG H . -30.64 -11.92 -42.23
N2 NAG H . -30.93 -12.56 -44.53
O3 NAG H . -31.80 -11.13 -46.86
O4 NAG H . -32.76 -13.09 -48.98
O5 NAG H . -29.84 -14.74 -47.31
O6 NAG H . -29.97 -14.55 -50.34
O7 NAG H . -28.92 -11.80 -43.87
C1 NAG I . -21.22 -6.88 -33.31
C2 NAG I . -20.88 -6.54 -34.77
C3 NAG I . -20.56 -5.05 -34.85
C4 NAG I . -21.72 -4.23 -34.29
C5 NAG I . -22.03 -4.69 -32.87
C6 NAG I . -23.24 -4.00 -32.25
C7 NAG I . -18.69 -7.77 -34.72
C8 NAG I . -18.44 -9.23 -34.90
N2 NAG I . -19.79 -7.31 -35.34
O3 NAG I . -20.29 -4.71 -36.21
O4 NAG I . -21.35 -2.85 -34.28
O5 NAG I . -22.29 -6.09 -32.84
O6 NAG I . -23.28 -4.30 -30.85
O7 NAG I . -17.92 -7.07 -34.07
C1 NAG I . -22.20 -2.08 -35.15
C2 NAG I . -22.21 -0.62 -34.71
C3 NAG I . -23.13 0.18 -35.61
C4 NAG I . -22.69 0.00 -37.05
C5 NAG I . -22.67 -1.47 -37.41
C6 NAG I . -22.15 -1.67 -38.83
C7 NAG I . -21.81 -0.35 -32.32
C8 NAG I . -22.43 -0.25 -30.96
N2 NAG I . -22.67 -0.49 -33.33
O3 NAG I . -23.08 1.56 -35.25
O4 NAG I . -23.59 0.70 -37.92
O5 NAG I . -21.81 -2.18 -36.51
O6 NAG I . -20.78 -1.26 -38.88
O7 NAG I . -20.60 -0.33 -32.48
C1 BMA I . -22.96 1.72 -38.71
C2 BMA I . -23.80 1.90 -39.96
C3 BMA I . -23.24 3.01 -40.87
C4 BMA I . -22.72 4.24 -40.12
C5 BMA I . -22.08 3.93 -38.77
C6 BMA I . -21.96 5.21 -37.95
O2 BMA I . -25.18 1.63 -39.67
O3 BMA I . -24.24 3.43 -41.80
O4 BMA I . -21.78 4.93 -40.97
O5 BMA I . -22.84 2.96 -38.03
O6 BMA I . -21.40 4.91 -36.66
C1 NAG J . 3.24 -42.40 20.42
C2 NAG J . 1.75 -42.36 20.09
C3 NAG J . 1.00 -43.20 21.10
C4 NAG J . 1.57 -44.63 21.12
C5 NAG J . 3.07 -44.57 21.40
C6 NAG J . 3.74 -45.94 21.35
C7 NAG J . 1.07 -40.24 19.07
C8 NAG J . -0.26 -39.53 19.01
N2 NAG J . 1.25 -41.00 20.15
O3 NAG J . -0.39 -43.24 20.76
O4 NAG J . 0.89 -45.38 22.13
O5 NAG J . 3.72 -43.73 20.44
O6 NAG J . 3.63 -46.45 20.02
O7 NAG J . 1.91 -40.11 18.19
C1 NAG J . 0.28 -46.53 21.52
C2 NAG J . 0.08 -47.65 22.55
C3 NAG J . -0.43 -48.88 21.81
C4 NAG J . -1.73 -48.52 21.10
C5 NAG J . -1.46 -47.37 20.14
C6 NAG J . -2.71 -46.90 19.40
C7 NAG J . 1.61 -47.44 24.42
C8 NAG J . 0.59 -47.68 25.50
N2 NAG J . 1.32 -47.96 23.23
O3 NAG J . -0.63 -49.94 22.76
O4 NAG J . -2.24 -49.67 20.41
O5 NAG J . -0.96 -46.25 20.87
O6 NAG J . -3.11 -47.90 18.43
O7 NAG J . 2.63 -46.81 24.62
C1 NAG K . 23.37 33.45 31.37
C2 NAG K . 24.45 34.41 30.89
C3 NAG K . 24.96 35.24 32.06
C4 NAG K . 23.79 35.95 32.75
C5 NAG K . 22.75 34.93 33.16
C6 NAG K . 21.50 35.56 33.74
C7 NAG K . 25.76 33.77 28.94
C8 NAG K . 26.90 32.95 28.43
N2 NAG K . 25.53 33.71 30.25
O3 NAG K . 25.93 36.16 31.60
O4 NAG K . 24.24 36.65 33.91
O5 NAG K . 22.33 34.16 32.02
O6 NAG K . 20.90 36.45 32.80
O7 NAG K . 25.07 34.46 28.19
C1 NAG K . 24.46 38.02 33.80
C2 NAG K . 24.91 38.59 35.15
C3 NAG K . 25.16 40.09 35.00
C4 NAG K . 26.16 40.35 33.88
C5 NAG K . 25.65 39.72 32.60
C6 NAG K . 26.64 39.83 31.45
C7 NAG K . 22.73 37.98 36.17
C8 NAG K . 22.32 36.90 37.12
N2 NAG K . 24.01 38.37 36.25
O3 NAG K . 25.63 40.56 36.25
O4 NAG K . 26.30 41.76 33.61
O5 NAG K . 25.40 38.31 32.78
O6 NAG K . 26.13 39.22 30.27
O7 NAG K . 21.93 38.50 35.39
C1 BMA K . 26.88 42.66 34.50
C2 BMA K . 27.22 43.92 33.75
C3 BMA K . 27.78 44.97 34.68
C4 BMA K . 26.80 45.23 35.80
C5 BMA K . 26.47 43.93 36.52
C6 BMA K . 25.40 44.09 37.57
O2 BMA K . 26.06 44.40 33.05
O3 BMA K . 28.03 46.18 33.94
O4 BMA K . 27.36 46.15 36.74
O5 BMA K . 25.97 42.97 35.58
O6 BMA K . 25.97 44.27 38.87
C1 MAN K . 25.06 44.05 39.91
C2 MAN K . 25.79 44.30 41.21
C3 MAN K . 26.91 43.30 41.39
C4 MAN K . 26.37 41.89 41.30
C5 MAN K . 25.63 41.70 39.98
C6 MAN K . 24.96 40.35 39.88
O2 MAN K . 24.88 44.25 42.30
O3 MAN K . 27.54 43.51 42.65
O4 MAN K . 27.45 40.95 41.37
O5 MAN K . 24.60 42.70 39.85
O6 MAN K . 24.21 40.24 38.66
C1 NAG L . 15.10 30.28 36.62
C2 NAG L . 14.60 30.95 37.90
C3 NAG L . 13.30 31.69 37.60
C4 NAG L . 13.50 32.67 36.45
C5 NAG L . 14.04 31.92 35.23
C6 NAG L . 14.37 32.84 34.08
C7 NAG L . 14.38 28.72 38.95
C8 NAG L . 13.03 28.08 38.81
N2 NAG L . 14.39 30.06 39.02
O3 NAG L . 12.87 32.35 38.77
O4 NAG L . 12.25 33.24 36.09
O5 NAG L . 15.25 31.22 35.56
O6 NAG L . 15.34 33.81 34.46
O7 NAG L . 15.41 28.05 39.03
C1 NAG L . 11.86 34.52 36.52
C2 NAG L . 10.49 34.84 35.92
C3 NAG L . 10.06 36.23 36.38
C4 NAG L . 10.05 36.31 37.91
C5 NAG L . 11.43 35.92 38.43
C6 NAG L . 11.50 35.83 39.94
C7 NAG L . 11.43 34.76 33.60
C8 NAG L . 11.28 33.82 32.45
N2 NAG L . 10.41 34.80 34.47
O3 NAG L . 8.78 36.53 35.85
O4 NAG L . 9.74 37.65 38.26
O5 NAG L . 11.80 34.62 37.94
O6 NAG L . 12.82 35.46 40.37
O7 NAG L . 12.42 35.49 33.72
C1 BMA L . 9.10 37.93 39.48
C2 BMA L . 8.92 39.43 39.55
C3 BMA L . 8.16 39.80 40.81
C4 BMA L . 6.84 39.06 40.84
C5 BMA L . 7.09 37.55 40.73
C6 BMA L . 5.81 36.75 40.64
O2 BMA L . 8.25 39.89 38.39
O3 BMA L . 7.93 41.22 40.87
O4 BMA L . 6.17 39.33 42.06
O5 BMA L . 7.84 37.27 39.54
O6 BMA L . 5.05 37.13 39.47
C1 MAN L . 9.02 42.03 41.17
C2 MAN L . 8.50 43.34 41.68
C3 MAN L . 7.84 44.13 40.57
C4 MAN L . 8.80 44.31 39.42
C5 MAN L . 9.32 42.95 38.95
C6 MAN L . 10.39 43.07 37.89
O2 MAN L . 9.56 44.09 42.28
O3 MAN L . 7.41 45.40 41.07
O4 MAN L . 8.15 44.96 38.32
O5 MAN L . 9.91 42.24 40.07
O6 MAN L . 9.86 43.63 36.69
C1 NAG M . 34.69 27.38 36.21
C2 NAG M . 35.71 28.48 35.95
C3 NAG M . 37.01 28.14 36.65
C4 NAG M . 36.75 27.96 38.15
C5 NAG M . 35.69 26.86 38.34
C6 NAG M . 35.29 26.66 39.79
C7 NAG M . 35.33 29.50 33.76
C8 NAG M . 35.77 29.53 32.32
N2 NAG M . 35.97 28.62 34.53
O3 NAG M . 37.96 29.18 36.41
O4 NAG M . 37.97 27.66 38.84
O5 NAG M . 34.50 27.23 37.62
O6 NAG M . 35.40 27.91 40.47
O7 NAG M . 34.47 30.24 34.20
C1 NAG M . 38.32 28.80 39.66
C2 NAG M . 39.01 28.41 40.95
C3 NAG M . 39.16 29.66 41.82
C4 NAG M . 39.90 30.72 41.04
C5 NAG M . 39.17 31.02 39.74
C6 NAG M . 39.91 32.06 38.91
C7 NAG M . 38.53 26.11 41.60
C8 NAG M . 37.78 25.24 42.56
N2 NAG M . 38.25 27.42 41.68
O3 NAG M . 39.88 29.33 43.00
O4 NAG M . 39.99 31.91 41.82
O5 NAG M . 39.04 29.83 38.96
O6 NAG M . 41.15 31.51 38.46
O7 NAG M . 39.34 25.67 40.81
C1 NAG N . 29.82 17.69 18.17
C2 NAG N . 30.96 17.17 17.29
C3 NAG N . 31.68 16.09 18.08
C4 NAG N . 32.07 16.72 19.42
C5 NAG N . 30.80 17.05 20.21
C6 NAG N . 31.05 17.52 21.64
C7 NAG N . 30.28 17.34 14.95
C8 NAG N . 31.49 18.06 14.45
N2 NAG N . 30.47 16.61 16.05
O3 NAG N . 32.84 15.65 17.37
O4 NAG N . 33.09 15.92 20.09
O5 NAG N . 30.17 18.11 19.48
O6 NAG N . 29.79 17.80 22.27
O7 NAG N . 29.19 17.41 14.40
C1 NAG N . 34.35 16.54 20.55
C2 NAG N . 35.04 17.59 19.68
C3 NAG N . 36.37 18.01 20.27
C4 NAG N . 36.24 18.37 21.75
C5 NAG N . 35.51 17.30 22.54
C6 NAG N . 35.19 17.81 23.94
C7 NAG N . 35.21 17.88 17.27
C8 NAG N . 36.05 17.47 16.09
N2 NAG N . 35.30 17.09 18.34
O3 NAG N . 36.85 19.17 19.58
O4 NAG N . 37.55 18.55 22.32
O5 NAG N . 34.27 16.93 21.92
O6 NAG N . 34.72 16.71 24.74
O7 NAG N . 34.50 18.86 17.24
C1 BMA N . 38.49 17.53 21.87
C2 BMA N . 39.84 18.13 21.52
C3 BMA N . 40.80 18.24 22.70
C4 BMA N . 40.81 16.97 23.56
C5 BMA N . 39.43 16.38 23.85
C6 BMA N . 38.69 17.06 25.00
O2 BMA N . 39.65 19.44 20.96
O3 BMA N . 40.53 19.40 23.49
O4 BMA N . 41.62 15.97 22.91
O5 BMA N . 38.58 16.35 22.70
O6 BMA N . 39.56 17.34 26.11
C1 NAG O . 23.08 -28.84 24.82
C2 NAG O . 24.51 -29.08 25.30
C3 NAG O . 25.42 -29.45 24.13
C4 NAG O . 24.81 -30.52 23.23
C5 NAG O . 23.34 -30.21 22.93
C6 NAG O . 22.62 -31.33 22.21
C7 NAG O . 25.20 -26.71 25.44
C8 NAG O . 25.75 -25.64 26.33
N2 NAG O . 25.03 -27.91 26.01
O3 NAG O . 26.66 -29.92 24.64
O4 NAG O . 25.49 -30.44 21.98
O5 NAG O . 22.62 -29.98 24.15
O6 NAG O . 21.30 -30.95 21.85
O7 NAG O . 24.94 -26.50 24.25
C1 NAG O . 26.30 -31.55 21.57
C2 NAG O . 26.80 -31.05 20.21
C3 NAG O . 27.75 -32.07 19.58
C4 NAG O . 28.88 -32.40 20.54
C5 NAG O . 28.30 -32.88 21.87
C6 NAG O . 29.35 -33.15 22.92
C7 NAG O . 24.80 -31.65 18.89
C8 NAG O . 23.74 -31.13 17.97
N2 NAG O . 25.69 -30.75 19.32
O3 NAG O . 28.28 -31.48 18.40
O4 NAG O . 29.85 -33.30 20.01
O5 NAG O . 27.42 -31.87 22.40
O6 NAG O . 29.45 -32.06 23.82
O7 NAG O . 24.84 -32.83 19.23
C1 NAG P . 7.31 -33.14 28.94
C2 NAG P . 6.15 -33.97 29.48
C3 NAG P . 6.32 -34.16 30.99
C4 NAG P . 7.70 -34.74 31.28
C5 NAG P . 8.79 -33.86 30.66
C6 NAG P . 10.18 -34.43 30.87
C7 NAG P . 4.40 -32.18 29.44
C8 NAG P . 3.24 -32.13 30.41
N2 NAG P . 4.84 -33.41 29.16
O3 NAG P . 5.29 -35.03 31.47
O4 NAG P . 7.87 -34.73 32.70
O5 NAG P . 8.57 -33.69 29.26
O6 NAG P . 11.14 -33.45 30.44
O7 NAG P . 4.86 -31.16 28.96
C1 NAG P . 8.03 -36.06 33.23
C2 NAG P . 7.94 -36.01 34.75
C3 NAG P . 8.13 -37.40 35.32
C4 NAG P . 7.08 -38.33 34.72
C5 NAG P . 7.19 -38.30 33.20
C6 NAG P . 6.12 -39.15 32.52
C7 NAG P . 8.75 -33.84 35.51
C8 NAG P . 9.94 -32.93 35.38
N2 NAG P . 8.97 -35.13 35.29
O3 NAG P . 7.99 -37.34 36.74
O4 NAG P . 7.27 -39.66 35.21
O5 NAG P . 7.05 -36.96 32.73
O6 NAG P . 6.35 -39.14 31.11
O7 NAG P . 7.64 -33.41 35.82
C1 NAG Q . 5.92 -4.02 33.89
C2 NAG Q . 5.71 -2.82 32.88
C3 NAG Q . 5.12 -1.53 33.40
C4 NAG Q . 3.84 -1.70 34.18
C5 NAG Q . 4.03 -2.86 35.14
C6 NAG Q . 2.66 -3.38 35.57
C7 NAG Q . 7.48 -3.06 31.34
C8 NAG Q . 8.94 -2.92 31.15
N2 NAG Q . 7.00 -2.43 32.38
O3 NAG Q . 4.87 -0.65 32.29
O4 NAG Q . 3.72 -0.48 34.92
O5 NAG Q . 4.65 -4.00 34.58
O6 NAG Q . 2.04 -4.01 34.44
O7 NAG Q . 6.74 -3.71 30.60
C1 NAG Q . 2.36 -0.03 35.16
C2 NAG Q . 2.32 0.68 36.51
C3 NAG Q . 0.90 1.12 36.81
C4 NAG Q . 0.39 2.00 35.67
C5 NAG Q . 0.50 1.23 34.35
C6 NAG Q . 0.02 2.06 33.17
C7 NAG Q . 2.69 -0.27 38.79
C8 NAG Q . 1.95 -1.45 39.34
N2 NAG Q . 2.87 -0.27 37.47
O3 NAG Q . 0.87 1.93 38.01
O4 NAG Q . -0.97 2.39 35.92
O5 NAG Q . 1.85 0.80 34.12
O6 NAG Q . 0.90 3.18 33.00
O7 NAG Q . 3.11 0.63 39.50
C1 BMA Q . -1.02 3.82 36.14
C2 BMA Q . -1.80 4.47 35.00
C3 BMA Q . -1.79 5.98 35.19
C4 BMA Q . -2.36 6.30 36.56
C5 BMA Q . -1.57 5.58 37.64
C6 BMA Q . -2.22 5.84 38.98
O2 BMA Q . -3.15 4.00 35.01
O3 BMA Q . -2.58 6.57 34.15
O4 BMA Q . -2.30 7.71 36.78
O5 BMA Q . -1.58 4.17 37.39
O6 BMA Q . -3.63 5.68 38.82
C1 MAN Q . -1.71 7.30 33.27
C2 MAN Q . -2.52 8.37 32.54
C3 MAN Q . -3.44 7.72 31.51
C4 MAN Q . -2.60 6.85 30.57
C5 MAN Q . -1.80 5.83 31.37
C6 MAN Q . -0.91 5.01 30.45
O2 MAN Q . -1.63 9.28 31.89
O3 MAN Q . -4.10 8.73 30.76
O4 MAN Q . -3.48 6.16 29.67
O5 MAN Q . -0.98 6.50 32.34
O6 MAN Q . 0.01 5.87 29.77
C1 MAN Q . -1.23 10.29 32.83
C2 MAN Q . -2.34 11.31 32.98
C3 MAN Q . -2.48 12.10 31.69
C4 MAN Q . -1.14 12.73 31.33
C5 MAN Q . -0.07 11.65 31.24
C6 MAN Q . 1.31 12.24 30.97
O2 MAN Q . -2.04 12.20 34.06
O3 MAN Q . -3.46 13.14 31.87
O4 MAN Q . -1.27 13.41 30.08
O5 MAN Q . -0.01 10.92 32.46
O6 MAN Q . 1.37 12.80 29.65
C1 MAN Q . -4.18 4.83 39.85
C2 MAN Q . -4.22 3.39 39.33
C3 MAN Q . -5.17 3.31 38.15
C4 MAN Q . -6.55 3.79 38.60
C5 MAN Q . -6.43 5.21 39.14
C6 MAN Q . -7.77 5.72 39.63
O2 MAN Q . -4.65 2.51 40.36
O3 MAN Q . -5.26 1.96 37.69
O4 MAN Q . -7.45 3.79 37.48
O5 MAN Q . -5.49 5.24 40.23
O6 MAN Q . -8.24 4.87 40.68
C1 NAG R . 33.39 -20.84 19.48
C2 NAG R . 33.92 -19.96 18.35
C3 NAG R . 35.25 -20.50 17.82
C4 NAG R . 36.22 -20.86 18.93
C5 NAG R . 35.53 -21.64 20.04
C6 NAG R . 36.39 -21.85 21.26
C7 NAG R . 32.52 -20.87 16.53
C8 NAG R . 31.51 -20.53 15.47
N2 NAG R . 32.95 -19.85 17.27
O3 NAG R . 35.85 -19.52 16.96
O4 NAG R . 37.18 -21.76 18.36
O5 NAG R . 34.36 -20.95 20.49
O6 NAG R . 35.74 -22.67 22.22
O7 NAG R . 32.91 -22.02 16.71
C1 NAG R . 38.54 -21.32 18.26
C2 NAG R . 39.19 -22.56 17.65
C3 NAG R . 40.67 -22.32 17.37
C4 NAG R . 40.86 -21.07 16.54
C5 NAG R . 40.19 -19.88 17.23
C6 NAG R . 40.24 -18.62 16.41
C7 NAG R . 39.46 -23.86 19.72
C8 NAG R . 39.15 -25.16 20.40
N2 NAG R . 38.99 -23.73 18.48
O3 NAG R . 41.17 -23.45 16.68
O4 NAG R . 42.23 -20.81 16.19
O5 NAG R . 38.80 -20.18 17.43
O6 NAG R . 39.02 -18.40 15.72
O7 NAG R . 40.10 -22.97 20.28
C1 BMA R . 43.32 -20.96 17.14
C2 BMA R . 43.96 -22.36 17.05
C3 BMA R . 45.15 -22.41 17.99
C4 BMA R . 46.20 -21.48 17.47
C5 BMA R . 45.64 -20.07 17.65
C6 BMA R . 46.61 -19.00 17.17
O2 BMA R . 44.40 -22.56 15.71
O3 BMA R . 45.67 -23.72 18.34
O4 BMA R . 47.42 -21.63 18.19
O5 BMA R . 44.33 -19.92 16.94
O6 BMA R . 47.90 -19.30 17.72
C1 NAG S . 6.78 -2.84 46.53
C2 NAG S . 6.88 -3.41 47.94
C3 NAG S . 5.58 -4.09 48.30
C4 NAG S . 4.42 -3.11 48.14
C5 NAG S . 4.41 -2.54 46.72
C6 NAG S . 3.34 -1.48 46.50
C7 NAG S . 9.16 -4.14 48.44
C8 NAG S . 10.09 -5.31 48.53
N2 NAG S . 7.93 -4.41 48.01
O3 NAG S . 5.64 -4.55 49.64
O4 NAG S . 3.20 -3.80 48.39
O5 NAG S . 5.68 -1.95 46.43
O6 NAG S . 3.64 -0.35 47.32
O7 NAG S . 9.51 -3.00 48.73
C1 NAG S . 2.49 -3.18 49.48
C2 NAG S . 1.04 -3.63 49.50
C3 NAG S . 0.31 -2.90 50.61
C4 NAG S . 1.02 -3.17 51.93
C5 NAG S . 2.47 -2.74 51.83
C6 NAG S . 3.25 -3.03 53.11
C7 NAG S . 0.36 -4.25 47.24
C8 NAG S . 0.03 -3.72 45.89
N2 NAG S . 0.40 -3.35 48.22
O3 NAG S . -1.05 -3.37 50.68
O4 NAG S . 0.35 -2.47 52.97
O5 NAG S . 3.10 -3.43 50.75
O6 NAG S . 2.79 -2.18 54.17
O7 NAG S . 0.57 -5.44 47.44
C1 NAG T . 1.30 17.90 43.22
C2 NAG T . -0.09 17.31 43.35
C3 NAG T . -1.04 18.06 42.42
C4 NAG T . -1.03 19.54 42.77
C5 NAG T . 0.41 20.05 42.67
C6 NAG T . 0.55 21.52 43.04
C7 NAG T . 0.09 14.93 43.85
C8 NAG T . 0.85 13.74 43.36
N2 NAG T . -0.09 15.91 42.97
O3 NAG T . -2.35 17.49 42.56
O4 NAG T . -1.88 20.30 41.90
O5 NAG T . 1.26 19.29 43.53
O6 NAG T . 1.90 21.94 42.78
O7 NAG T . -0.34 15.01 44.99
C1 NAG T . -3.10 20.64 42.59
C2 NAG T . -3.58 22.03 42.16
C3 NAG T . -4.90 22.38 42.85
C4 NAG T . -5.93 21.29 42.59
C5 NAG T . -5.37 19.93 43.00
C6 NAG T . -6.30 18.77 42.66
C7 NAG T . -2.32 23.60 43.61
C8 NAG T . -2.26 25.09 43.62
N2 NAG T . -2.58 23.05 42.42
O3 NAG T . -5.36 23.64 42.36
O4 NAG T . -7.11 21.58 43.33
O5 NAG T . -4.13 19.68 42.34
O6 NAG T . -7.43 18.77 43.55
O7 NAG T . -2.14 22.95 44.63
C1 BMA T . -8.21 21.91 42.44
C2 BMA T . -9.52 21.79 43.20
C3 BMA T . -10.68 22.12 42.27
C4 BMA T . -10.46 23.51 41.67
C5 BMA T . -9.11 23.57 40.97
C6 BMA T . -8.84 24.96 40.42
O2 BMA T . -9.51 22.70 44.31
O3 BMA T . -11.90 22.10 43.00
O4 BMA T . -11.51 23.80 40.74
O5 BMA T . -8.07 23.22 41.88
O6 BMA T . -7.55 24.98 39.82
C1 NAG U . 12.06 1.46 48.45
C2 NAG U . 10.73 2.00 48.93
C3 NAG U . 10.94 3.22 49.83
C4 NAG U . 11.96 2.92 50.94
C5 NAG U . 13.22 2.30 50.36
C6 NAG U . 14.17 1.81 51.42
C7 NAG U . 8.89 1.53 47.37
C8 NAG U . 8.10 2.06 46.21
N2 NAG U . 9.86 2.34 47.81
O3 NAG U . 9.68 3.56 50.40
O4 NAG U . 12.35 4.13 51.60
O5 NAG U . 12.88 1.15 49.56
O6 NAG U . 13.75 0.57 51.97
O7 NAG U . 8.65 0.45 47.87
C1 NAG U . 11.40 4.47 52.65
C2 NAG U . 12.11 5.19 53.78
C3 NAG U . 11.12 5.53 54.87
C4 NAG U . 9.93 6.30 54.31
C5 NAG U . 9.35 5.63 53.05
C6 NAG U . 8.37 6.51 52.32
C7 NAG U . 13.12 3.26 54.95
C8 NAG U . 14.40 2.64 55.43
N2 NAG U . 13.24 4.42 54.31
O3 NAG U . 11.78 6.29 55.88
O4 NAG U . 8.87 6.31 55.25
O5 NAG U . 10.40 5.32 52.11
O6 NAG U . 8.32 6.19 50.93
O7 NAG U . 12.03 2.72 55.15
C1 BMA U . 8.99 7.42 56.15
C2 BMA U . 7.58 7.93 56.42
C3 BMA U . 7.58 8.96 57.54
C4 BMA U . 8.44 8.51 58.76
C5 BMA U . 9.81 7.96 58.30
C6 BMA U . 10.57 7.28 59.43
O2 BMA U . 6.76 6.87 56.85
O3 BMA U . 6.24 9.20 57.95
O4 BMA U . 8.66 9.61 59.62
O5 BMA U . 9.59 6.96 57.33
O6 BMA U . 9.78 6.15 59.86
C1 MAN U . 5.99 10.58 58.31
C2 MAN U . 4.46 10.69 58.61
C3 MAN U . 3.68 10.74 57.31
C4 MAN U . 4.21 11.88 56.45
C5 MAN U . 5.66 11.58 56.08
C6 MAN U . 6.29 12.66 55.23
O2 MAN U . 4.15 11.91 59.30
O3 MAN U . 2.28 10.89 57.54
O4 MAN U . 3.44 11.99 55.26
O5 MAN U . 6.43 11.49 57.30
O6 MAN U . 7.60 12.91 55.73
C1 NAG V . 24.69 -14.41 50.49
C2 NAG V . 25.50 -13.32 51.20
C3 NAG V . 26.93 -13.81 51.39
C4 NAG V . 26.95 -15.14 52.13
C5 NAG V . 26.09 -16.16 51.39
C6 NAG V . 25.89 -17.45 52.16
C7 NAG V . 24.85 -10.99 50.93
C8 NAG V . 25.02 -9.74 50.12
N2 NAG V . 25.51 -12.06 50.49
O3 NAG V . 27.67 -12.83 52.11
O4 NAG V . 28.31 -15.56 52.13
O5 NAG V . 24.75 -15.64 51.20
O6 NAG V . 25.29 -17.20 53.42
O7 NAG V . 24.15 -11.03 51.93
C1 NAG V . 28.84 -16.54 52.96
C2 NAG V . 30.33 -16.58 52.66
C3 NAG V . 31.03 -17.57 53.60
C4 NAG V . 30.75 -17.17 55.04
C5 NAG V . 29.24 -17.11 55.26
C6 NAG V . 28.87 -16.62 56.64
C7 NAG V . 31.06 -16.03 50.39
C8 NAG V . 30.90 -16.39 48.95
N2 NAG V . 30.58 -16.92 51.27
O3 NAG V . 32.42 -17.59 53.30
O4 NAG V . 31.30 -18.10 55.97
O5 NAG V . 28.64 -16.19 54.32
O6 NAG V . 27.46 -16.59 56.81
O7 NAG V . 31.56 -14.98 50.75
C1 BMA V . 32.62 -17.97 56.39
C2 BMA V . 32.82 -18.88 57.59
C3 BMA V . 34.26 -18.81 58.06
C4 BMA V . 35.20 -19.14 56.93
C5 BMA V . 34.94 -18.22 55.73
C6 BMA V . 35.75 -18.59 54.52
O2 BMA V . 32.43 -20.21 57.26
O3 BMA V . 34.46 -19.73 59.14
O4 BMA V . 36.55 -18.98 57.34
O5 BMA V . 33.54 -18.30 55.35
O6 BMA V . 35.88 -20.00 54.33
C1 MAN V . 34.06 -19.35 60.43
C2 MAN V . 32.67 -19.68 60.92
C3 MAN V . 31.74 -18.50 60.75
C4 MAN V . 32.34 -17.25 61.37
C5 MAN V . 33.75 -16.99 60.86
C6 MAN V . 34.44 -15.85 61.58
O2 MAN V . 32.72 -20.11 62.28
O3 MAN V . 30.48 -18.79 61.35
O4 MAN V . 31.52 -16.12 61.06
O5 MAN V . 34.59 -18.16 61.01
O6 MAN V . 35.79 -15.69 61.13
C1 MAN V . 34.96 -20.58 53.44
C2 MAN V . 33.79 -21.13 54.26
C3 MAN V . 34.26 -22.23 55.18
C4 MAN V . 34.97 -23.31 54.39
C5 MAN V . 36.10 -22.71 53.57
C6 MAN V . 36.78 -23.71 52.66
O2 MAN V . 32.76 -21.59 53.39
O3 MAN V . 33.14 -22.78 55.88
O4 MAN V . 35.50 -24.30 55.28
O5 MAN V . 35.60 -21.65 52.73
O6 MAN V . 37.41 -24.75 53.40
C1 NAG W . 36.11 -5.84 38.26
C2 NAG W . 36.38 -5.47 39.72
C3 NAG W . 37.35 -4.29 39.76
C4 NAG W . 38.62 -4.62 39.00
C5 NAG W . 38.26 -5.03 37.56
C6 NAG W . 39.45 -5.50 36.74
C7 NAG W . 34.13 -5.92 40.65
C8 NAG W . 32.85 -5.23 40.96
N2 NAG W . 35.20 -5.14 40.49
O3 NAG W . 37.64 -3.97 41.11
O4 NAG W . 39.46 -3.48 38.97
O5 NAG W . 37.32 -6.13 37.58
O6 NAG W . 40.06 -6.64 37.34
O7 NAG W . 34.20 -7.15 40.57
C1 NAG W . 40.84 -3.67 39.05
C2 NAG W . 41.55 -2.56 38.27
C3 NAG W . 43.05 -2.81 38.32
C4 NAG W . 43.51 -2.89 39.77
C5 NAG W . 42.72 -3.99 40.48
C6 NAG W . 43.05 -4.08 41.96
C7 NAG W . 40.34 -1.47 36.45
C8 NAG W . 39.97 -1.54 35.00
N2 NAG W . 41.08 -2.48 36.90
O3 NAG W . 43.73 -1.79 37.59
O4 NAG W . 44.90 -3.20 39.83
O5 NAG W . 41.31 -3.73 40.38
O6 NAG W . 42.76 -2.86 42.62
O7 NAG W . 40.00 -0.54 37.17
C1 MAN W . 44.85 -2.23 36.88
C2 MAN W . 45.52 -1.03 36.23
C3 MAN W . 44.64 -0.46 35.15
C4 MAN W . 44.26 -1.54 34.14
C5 MAN W . 43.63 -2.72 34.85
C6 MAN W . 43.34 -3.89 33.94
O2 MAN W . 46.79 -1.41 35.71
O3 MAN W . 45.31 0.62 34.49
O4 MAN W . 43.35 -1.02 33.18
O5 MAN W . 44.50 -3.21 35.89
O6 MAN W . 42.80 -4.98 34.65
C1 BMA W . 45.74 -2.22 40.38
C2 BMA W . 47.17 -2.72 40.26
C3 BMA W . 48.13 -1.65 40.72
C4 BMA W . 47.89 -0.36 39.96
C5 BMA W . 46.44 0.08 40.09
C6 BMA W . 46.10 1.27 39.24
O2 BMA W . 47.44 -3.11 38.92
O3 BMA W . 49.47 -2.10 40.52
O4 BMA W . 48.73 0.67 40.47
O5 BMA W . 45.56 -1.00 39.67
O6 BMA W . 44.69 1.55 39.28
C1 NAG X . 27.92 3.38 40.92
C2 NAG X . 28.56 4.70 40.46
C3 NAG X . 30.07 4.56 40.48
C4 NAG X . 30.54 4.13 41.87
C5 NAG X . 29.83 2.84 42.27
C6 NAG X . 30.14 2.41 43.68
C7 NAG X . 28.29 4.52 37.99
C8 NAG X . 27.70 5.19 36.79
N2 NAG X . 28.07 5.12 39.17
O3 NAG X . 30.69 5.78 40.10
O4 NAG X . 31.95 3.92 41.83
O5 NAG X . 28.39 3.02 42.20
O6 NAG X . 29.75 3.41 44.63
O7 NAG X . 28.93 3.47 37.90
C1 NAG X . 32.77 4.55 42.77
C2 NAG X . 34.19 3.98 42.65
C3 NAG X . 35.10 4.65 43.67
C4 NAG X . 35.05 6.16 43.51
C5 NAG X . 33.62 6.64 43.60
C6 NAG X . 33.47 8.12 43.33
C7 NAG X . 33.98 1.84 43.89
C8 NAG X . 34.41 0.41 43.87
N2 NAG X . 34.22 2.54 42.78
O3 NAG X . 36.41 4.13 43.51
O4 NAG X . 35.78 6.82 44.54
O5 NAG X . 32.79 5.96 42.63
O6 NAG X . 33.93 8.44 42.02
O7 NAG X . 33.44 2.34 44.87
C1 BMA X . 37.17 6.96 44.51
C2 BMA X . 37.52 7.90 45.65
C3 BMA X . 39.02 8.09 45.75
C4 BMA X . 39.69 6.74 45.90
C5 BMA X . 39.28 5.82 44.75
C6 BMA X . 39.82 4.41 44.90
O2 BMA X . 36.99 7.40 46.87
O3 BMA X . 39.35 8.92 46.86
O4 BMA X . 41.10 6.89 45.89
O5 BMA X . 37.85 5.71 44.69
O6 BMA X . 39.30 3.80 46.08
C1 MAN X . 39.16 10.29 46.69
C2 MAN X . 39.95 11.02 47.76
C3 MAN X . 39.32 10.82 49.12
C4 MAN X . 37.85 11.25 49.08
C5 MAN X . 37.12 10.51 47.97
C6 MAN X . 35.70 10.98 47.79
O2 MAN X . 40.04 12.41 47.44
O3 MAN X . 40.02 11.58 50.10
O4 MAN X . 37.22 10.97 50.32
O5 MAN X . 37.79 10.71 46.71
O6 MAN X . 35.08 10.32 46.69
C1 NAG Y . 31.68 -5.07 46.86
C2 NAG Y . 31.63 -3.60 47.29
C3 NAG Y . 32.73 -3.33 48.32
C4 NAG Y . 32.60 -4.30 49.49
C5 NAG Y . 32.62 -5.73 48.97
C6 NAG Y . 32.38 -6.76 50.05
C7 NAG Y . 30.73 -1.97 45.71
C8 NAG Y . 31.05 -1.06 44.55
N2 NAG Y . 31.75 -2.70 46.17
O3 NAG Y . 32.64 -1.98 48.76
O4 NAG Y . 33.68 -4.12 50.39
O5 NAG Y . 31.59 -5.92 47.99
O6 NAG Y . 32.44 -8.08 49.53
O7 NAG Y . 29.61 -2.02 46.21
C1 NAG Y . 33.40 -3.48 51.59
C2 NAG Y . 34.64 -3.50 52.49
C3 NAG Y . 34.32 -2.82 53.81
C4 NAG Y . 33.81 -1.41 53.56
C5 NAG Y . 32.60 -1.47 52.63
C6 NAG Y . 32.10 -0.10 52.24
C7 NAG Y . 34.52 -5.83 53.36
C8 NAG Y . 35.33 -7.06 53.60
N2 NAG Y . 35.13 -4.85 52.68
O3 NAG Y . 35.50 -2.81 54.60
O4 NAG Y . 33.37 -0.80 54.78
O5 NAG Y . 32.93 -2.14 51.40
O6 NAG Y . 33.10 0.64 51.55
O7 NAG Y . 33.36 -5.72 53.76
C1 BMA Y . 34.25 -0.11 55.62
C2 BMA Y . 33.43 0.51 56.72
C3 BMA Y . 34.32 1.25 57.69
C4 BMA Y . 35.39 0.31 58.23
C5 BMA Y . 36.16 -0.32 57.08
C6 BMA Y . 37.16 -1.36 57.53
O2 BMA Y . 32.65 -0.49 57.38
O3 BMA Y . 33.54 1.78 58.77
O4 BMA Y . 36.29 1.02 59.07
O5 BMA Y . 35.25 -0.98 56.17
O6 BMA Y . 37.83 -1.95 56.42
C1 NAG Z . 4.87 -10.55 38.52
C2 NAG Z . 3.50 -10.08 38.05
C3 NAG Z . 2.44 -10.43 39.08
C4 NAG Z . 2.48 -11.91 39.42
C5 NAG Z . 3.91 -12.32 39.80
C6 NAG Z . 4.06 -13.81 40.01
C7 NAG Z . 3.68 -8.14 36.56
C8 NAG Z . 3.67 -6.65 36.46
N2 NAG Z . 3.52 -8.65 37.78
O3 NAG Z . 1.17 -10.05 38.57
O4 NAG Z . 1.61 -12.21 40.51
O5 NAG Z . 4.83 -11.95 38.77
O6 NAG Z . 5.37 -14.25 39.65
O7 NAG Z . 3.87 -8.86 35.57
C1 NAG Z . 0.26 -12.52 40.06
C2 NAG Z . -0.27 -13.75 40.79
C3 NAG Z . -1.70 -14.05 40.35
C4 NAG Z . -2.59 -12.82 40.49
C5 NAG Z . -1.94 -11.60 39.82
C6 NAG Z . -2.67 -10.31 40.10
C7 NAG Z . 1.39 -15.41 41.50
C8 NAG Z . 2.20 -16.61 41.10
N2 NAG Z . 0.58 -14.90 40.56
O3 NAG Z . -2.22 -15.10 41.15
O4 NAG Z . -3.82 -13.04 39.81
O5 NAG Z . -0.60 -11.41 40.32
O6 NAG Z . -3.40 -9.89 38.97
O7 NAG Z . 1.46 -14.92 42.62
C1 BMA Z . -5.03 -13.26 40.62
C2 BMA Z . -4.79 -13.29 42.16
C3 BMA Z . -6.10 -13.70 42.79
C4 BMA Z . -7.24 -12.73 42.41
C5 BMA Z . -7.32 -12.51 40.86
C6 BMA Z . -8.23 -11.33 40.51
O2 BMA Z . -4.51 -11.99 42.68
O3 BMA Z . -6.00 -13.78 44.21
O4 BMA Z . -8.48 -13.22 42.88
O5 BMA Z . -6.01 -12.24 40.33
O6 BMA Z . -9.14 -11.70 39.47
C1 NAG AA . 12.81 -44.94 -12.77
C2 NAG AA . 12.87 -45.39 -14.28
C3 NAG AA . 14.24 -45.92 -14.64
C4 NAG AA . 15.24 -44.78 -14.52
C5 NAG AA . 15.15 -44.35 -13.07
C6 NAG AA . 16.14 -43.25 -12.70
C7 NAG AA . 10.84 -46.12 -15.39
C8 NAG AA . 9.91 -47.25 -15.66
N2 NAG AA . 11.90 -46.40 -14.63
O3 NAG AA . 14.22 -46.43 -15.98
O4 NAG AA . 16.54 -45.26 -14.82
O5 NAG AA . 13.83 -43.91 -12.79
O6 NAG AA . 15.77 -42.01 -13.33
O7 NAG AA . 10.65 -45.00 -15.84
C1 NAG AA . 17.06 -44.62 -16.00
C2 NAG AA . 18.58 -44.63 -15.99
C3 NAG AA . 19.08 -43.88 -17.22
C4 NAG AA . 18.50 -44.53 -18.47
C5 NAG AA . 16.98 -44.51 -18.37
C6 NAG AA . 16.31 -45.16 -19.57
C7 NAG AA . 19.49 -44.73 -13.74
C8 NAG AA . 20.07 -43.95 -12.60
N2 NAG AA . 19.12 -44.01 -14.80
O3 NAG AA . 20.51 -43.93 -17.23
O4 NAG AA . 18.93 -43.80 -19.63
O5 NAG AA . 16.57 -45.20 -17.19
O6 NAG AA . 14.89 -45.04 -19.45
O7 NAG AA . 19.37 -45.94 -13.69
C1 BMA AA . 19.83 -44.60 -20.42
C2 BMA AA . 20.95 -43.71 -20.95
C3 BMA AA . 21.92 -44.54 -21.78
C4 BMA AA . 22.43 -45.70 -20.94
C5 BMA AA . 21.27 -46.53 -20.41
C6 BMA AA . 21.77 -47.63 -19.49
O2 BMA AA . 21.63 -43.11 -19.85
O3 BMA AA . 23.03 -43.72 -22.17
O4 BMA AA . 23.29 -46.53 -21.74
O5 BMA AA . 20.37 -45.69 -19.67
O6 BMA AA . 22.42 -47.06 -18.37
C1 FUC AA . 16.96 -41.44 -13.90
C2 FUC AA . 16.62 -40.61 -15.13
C3 FUC AA . 15.91 -39.32 -14.70
C4 FUC AA . 16.79 -38.58 -13.68
C5 FUC AA . 17.13 -39.50 -12.51
C6 FUC AA . 18.06 -38.80 -11.53
O2 FUC AA . 15.76 -41.35 -15.99
O3 FUC AA . 15.69 -38.49 -15.83
O4 FUC AA . 17.99 -38.15 -14.33
O5 FUC AA . 17.76 -40.70 -12.98
C1 NAG BA . 14.98 -53.59 -1.72
C2 NAG BA . 16.33 -52.99 -2.08
C3 NAG BA . 17.44 -53.79 -1.42
C4 NAG BA . 17.20 -53.87 0.09
C5 NAG BA . 15.82 -54.44 0.38
C6 NAG BA . 15.56 -54.35 1.87
C7 NAG BA . 16.51 -51.88 -4.20
C8 NAG BA . 17.48 -51.78 -5.34
N2 NAG BA . 16.55 -53.00 -3.51
O3 NAG BA . 18.70 -53.15 -1.66
O4 NAG BA . 18.20 -54.70 0.68
O5 NAG BA . 14.83 -53.67 -0.30
O6 NAG BA . 15.81 -53.00 2.29
O7 NAG BA . 15.75 -50.97 -3.93
C1 NAG BA . 18.99 -54.03 1.68
C2 NAG BA . 19.50 -55.09 2.65
C3 NAG BA . 20.41 -54.48 3.73
C4 NAG BA . 21.37 -53.39 3.22
C5 NAG BA . 20.78 -52.52 2.11
C6 NAG BA . 21.77 -51.44 1.67
C7 NAG BA . 17.88 -56.92 2.83
C8 NAG BA . 16.64 -57.42 3.52
N2 NAG BA . 18.40 -55.79 3.30
O3 NAG BA . 21.00 -55.53 4.50
O4 NAG BA . 21.95 -52.66 4.31
O5 NAG BA . 20.09 -53.32 1.13
O6 NAG BA . 22.87 -52.10 1.07
O7 NAG BA . 18.37 -57.53 1.88
C1 NAG CA . 18.41 -36.21 -3.26
C2 NAG CA . 19.06 -36.78 -2.00
C3 NAG CA . 20.20 -35.87 -1.60
C4 NAG CA . 21.18 -35.72 -2.76
C5 NAG CA . 20.44 -35.19 -3.99
C6 NAG CA . 21.33 -35.09 -5.23
C7 NAG CA . 17.48 -37.95 -0.54
C8 NAG CA . 17.79 -38.43 0.85
N2 NAG CA . 18.10 -36.83 -0.91
O3 NAG CA . 20.87 -36.43 -0.46
O4 NAG CA . 22.21 -34.80 -2.37
O5 NAG CA . 19.36 -36.06 -4.31
O6 NAG CA . 21.76 -36.41 -5.61
O7 NAG CA . 16.71 -38.55 -1.27
C1 NAG CA . 23.50 -35.45 -2.46
C2 NAG CA . 24.59 -34.41 -2.69
C3 NAG CA . 25.92 -35.12 -2.88
C4 NAG CA . 26.20 -35.99 -1.65
C5 NAG CA . 25.03 -36.97 -1.45
C6 NAG CA . 25.20 -37.85 -0.22
C7 NAG CA . 23.74 -32.41 -3.77
C8 NAG CA . 23.56 -31.68 -5.07
N2 NAG CA . 24.33 -33.60 -3.86
O3 NAG CA . 26.94 -34.16 -3.08
O4 NAG CA . 27.43 -36.70 -1.83
O5 NAG CA . 23.82 -36.23 -1.31
O6 NAG CA . 26.21 -38.84 -0.46
O7 NAG CA . 23.37 -31.93 -2.71
C1 BMA CA . 28.43 -36.18 -0.92
C2 BMA CA . 29.45 -37.28 -0.63
C3 BMA CA . 30.50 -36.74 0.33
C4 BMA CA . 31.13 -35.50 -0.27
C5 BMA CA . 30.07 -34.46 -0.58
C6 BMA CA . 30.64 -33.22 -1.25
O2 BMA CA . 30.07 -37.69 -1.85
O3 BMA CA . 31.51 -37.74 0.53
O4 BMA CA . 32.09 -34.96 0.66
O5 BMA CA . 29.09 -35.03 -1.45
O6 BMA CA . 31.44 -32.47 -0.32
C1 NAG DA . -44.89 -11.17 -5.14
C2 NAG DA . -44.54 -12.09 -6.31
C3 NAG DA . -45.71 -12.17 -7.26
C4 NAG DA . -46.94 -12.65 -6.49
C5 NAG DA . -47.22 -11.71 -5.32
C6 NAG DA . -48.39 -12.15 -4.46
C7 NAG DA . -42.14 -11.96 -6.70
C8 NAG DA . -41.05 -10.97 -6.98
N2 NAG DA . -43.37 -11.58 -7.02
O3 NAG DA . -45.41 -13.09 -8.31
O4 NAG DA . -48.06 -12.65 -7.38
O5 NAG DA . -46.06 -11.64 -4.47
O6 NAG DA . -48.08 -13.40 -3.85
O7 NAG DA . -41.91 -13.05 -6.20
C1 NAG DA . -48.62 -13.98 -7.47
C2 NAG DA . -49.49 -14.11 -8.72
C3 NAG DA . -50.08 -15.51 -8.79
C4 NAG DA . -48.97 -16.54 -8.75
C5 NAG DA . -48.12 -16.32 -7.49
C6 NAG DA . -46.94 -17.29 -7.42
C7 NAG DA . -51.20 -12.57 -7.75
C8 NAG DA . -52.48 -13.25 -7.36
N2 NAG DA . -50.54 -13.09 -8.79
O3 NAG DA . -50.84 -15.61 -10.00
O4 NAG DA . -49.54 -17.86 -8.71
O5 NAG DA . -47.62 -14.99 -7.46
O6 NAG DA . -46.04 -16.99 -8.50
O7 NAG DA . -50.80 -11.58 -7.14
C1 BMA DA . -49.31 -18.52 -9.96
C2 BMA DA . -48.96 -19.98 -9.70
C3 BMA DA . -48.72 -20.69 -11.03
C4 BMA DA . -49.95 -20.51 -11.93
C5 BMA DA . -50.25 -19.04 -12.10
C6 BMA DA . -51.51 -18.83 -12.94
O2 BMA DA . -50.05 -20.62 -9.01
O3 BMA DA . -48.49 -22.08 -10.80
O4 BMA DA . -49.70 -21.11 -13.20
O5 BMA DA . -50.44 -18.42 -10.83
O6 BMA DA . -51.78 -17.43 -13.04
C1 NAG EA . 4.12 50.97 7.31
C2 NAG EA . 5.22 51.77 8.00
C3 NAG EA . 5.01 53.25 7.76
C4 NAG EA . 4.95 53.52 6.26
C5 NAG EA . 3.85 52.66 5.63
C6 NAG EA . 3.80 52.79 4.12
C7 NAG EA . 4.35 51.75 10.33
C8 NAG EA . 4.72 51.45 11.75
N2 NAG EA . 5.28 51.45 9.42
O3 NAG EA . 6.06 53.99 8.36
O4 NAG EA . 4.66 54.89 6.03
O5 NAG EA . 4.08 51.27 5.92
O6 NAG EA . 5.04 52.39 3.53
O7 NAG EA . 3.26 52.21 10.03
C1 NAG EA . 5.70 55.71 5.60
C2 NAG EA . 5.17 57.13 5.42
C3 NAG EA . 6.30 58.04 4.96
C4 NAG EA . 7.48 57.95 5.94
C5 NAG EA . 7.91 56.49 6.09
C6 NAG EA . 8.99 56.31 7.12
C7 NAG EA . 3.84 57.81 3.41
C8 NAG EA . 2.56 58.60 3.37
N2 NAG EA . 4.03 57.10 4.52
O3 NAG EA . 5.83 59.37 4.86
O4 NAG EA . 8.59 58.67 5.43
O5 NAG EA . 6.79 55.68 6.50
O6 NAG EA . 10.17 57.04 6.79
O7 NAG EA . 4.64 57.82 2.48
C1 BMA EA . 8.81 60.01 5.78
C2 BMA EA . 9.98 60.47 4.93
C3 BMA EA . 10.25 61.94 5.17
C4 BMA EA . 9.00 62.74 4.89
C5 BMA EA . 7.84 62.22 5.73
C6 BMA EA . 6.52 62.88 5.38
O2 BMA EA . 9.72 60.21 3.56
O3 BMA EA . 11.31 62.38 4.33
O4 BMA EA . 9.21 64.12 5.19
O5 BMA EA . 7.66 60.82 5.49
O6 BMA EA . 5.85 62.12 4.38
C1 MAN EA . 12.63 62.24 4.77
C2 MAN EA . 13.30 60.87 4.67
C3 MAN EA . 13.21 60.10 5.99
C4 MAN EA . 13.62 60.95 7.18
C5 MAN EA . 12.93 62.32 7.20
C6 MAN EA . 13.51 63.25 8.23
O2 MAN EA . 14.62 60.99 4.10
O3 MAN EA . 14.01 58.92 5.92
O4 MAN EA . 13.31 60.26 8.39
O5 MAN EA . 13.03 62.99 5.92
O6 MAN EA . 12.91 64.54 8.16
C1 MAN EA . 4.93 62.85 3.62
C2 MAN EA . 4.22 61.86 2.72
C3 MAN EA . 5.21 61.21 1.78
C4 MAN EA . 5.95 62.26 0.99
C5 MAN EA . 6.63 63.25 1.95
C6 MAN EA . 7.29 64.40 1.24
O2 MAN EA . 3.18 62.53 2.00
O3 MAN EA . 4.51 60.33 0.89
O4 MAN EA . 6.95 61.65 0.18
O5 MAN EA . 5.64 63.81 2.84
O6 MAN EA . 6.36 65.09 0.40
C1 NAG FA . 0.22 48.65 -1.36
C2 NAG FA . 0.15 49.34 -2.73
C3 NAG FA . 1.55 49.39 -3.35
C4 NAG FA . 2.55 50.03 -2.40
C5 NAG FA . 2.52 49.32 -1.05
C6 NAG FA . 3.37 50.08 -0.03
C7 NAG FA . -1.28 49.18 -4.69
C8 NAG FA . -1.55 48.25 -5.84
N2 NAG FA . -0.78 48.63 -3.58
O3 NAG FA . 1.52 50.13 -4.57
O4 NAG FA . 3.85 49.81 -2.95
O5 NAG FA . 1.19 49.28 -0.53
O6 NAG FA . 3.37 49.35 1.20
O7 NAG FA . -1.52 50.38 -4.77
C1 NAG FA . 4.50 51.03 -3.34
C2 NAG FA . 5.81 50.66 -4.02
C3 NAG FA . 6.52 51.91 -4.49
C4 NAG FA . 5.61 52.70 -5.41
C5 NAG FA . 4.30 53.00 -4.68
C6 NAG FA . 3.29 53.72 -5.58
C7 NAG FA . 6.80 48.60 -3.13
C8 NAG FA . 8.18 48.09 -3.41
N2 NAG FA . 6.67 49.93 -3.10
O3 NAG FA . 7.73 51.53 -5.17
O4 NAG FA . 6.24 53.92 -5.81
O5 NAG FA . 3.70 51.79 -4.24
O6 NAG FA . 2.87 52.84 -6.61
O7 NAG FA . 5.86 47.85 -2.96
C1 BMA FA . 6.46 53.91 -7.24
C2 BMA FA . 6.76 55.32 -7.71
C3 BMA FA . 7.02 55.32 -9.21
C4 BMA FA . 8.13 54.34 -9.53
C5 BMA FA . 7.79 52.96 -9.00
C6 BMA FA . 8.94 52.00 -9.23
O2 BMA FA . 7.92 55.82 -7.03
O3 BMA FA . 7.38 56.64 -9.63
O4 BMA FA . 8.33 54.28 -10.95
O5 BMA FA . 7.53 53.03 -7.60
O6 BMA FA . 10.15 52.60 -8.74
C1 MAN FA . 6.31 57.15 -10.44
C2 MAN FA . 6.89 58.06 -11.53
C3 MAN FA . 7.43 59.33 -10.90
C4 MAN FA . 6.34 60.01 -10.08
C5 MAN FA . 5.78 59.03 -9.05
C6 MAN FA . 4.62 59.64 -8.26
O2 MAN FA . 5.86 58.39 -12.47
O3 MAN FA . 7.88 60.22 -11.93
O4 MAN FA . 6.89 61.17 -9.44
O5 MAN FA . 5.31 57.85 -9.69
O6 MAN FA . 5.09 60.70 -7.41
C1 MAN FA . 10.65 51.85 -7.61
C2 MAN FA . 10.73 52.78 -6.41
C3 MAN FA . 11.80 53.83 -6.65
C4 MAN FA . 13.13 53.14 -6.95
C5 MAN FA . 12.96 52.20 -8.13
C6 MAN FA . 14.25 51.46 -8.42
O2 MAN FA . 11.04 52.03 -5.24
O3 MAN FA . 11.94 54.66 -5.48
O4 MAN FA . 14.12 54.12 -7.25
O5 MAN FA . 11.91 51.25 -7.87
O6 MAN FA . 14.06 50.60 -9.56
C1 NAG GA . 11.97 46.03 6.47
C2 NAG GA . 11.22 46.43 7.75
C3 NAG GA . 11.21 47.95 7.86
C4 NAG GA . 12.63 48.50 7.80
C5 NAG GA . 13.31 48.01 6.52
C6 NAG GA . 14.77 48.40 6.44
C7 NAG GA . 9.09 45.77 8.81
C8 NAG GA . 9.76 45.45 10.10
N2 NAG GA . 9.89 45.87 7.74
O3 NAG GA . 10.57 48.36 9.05
O4 NAG GA . 12.54 49.91 7.81
O5 NAG GA . 13.27 46.57 6.45
O6 NAG GA . 15.35 47.95 5.20
O7 NAG GA . 7.88 45.92 8.73
C1 NAG GA . 13.56 50.70 8.35
C2 NAG GA . 13.27 52.17 8.05
C3 NAG GA . 14.32 53.03 8.74
C4 NAG GA . 14.38 52.73 10.24
C5 NAG GA . 14.62 51.23 10.44
C6 NAG GA . 14.55 50.81 11.88
C7 NAG GA . 12.52 51.91 5.71
C8 NAG GA . 13.03 52.02 4.30
N2 NAG GA . 13.25 52.50 6.64
O3 NAG GA . 13.99 54.40 8.50
O4 NAG GA . 15.44 53.42 10.88
O5 NAG GA . 13.62 50.45 9.74
O6 NAG GA . 15.52 51.51 12.66
O7 NAG GA . 11.48 51.31 5.98
C1 BMA GA . 15.40 54.77 11.20
C2 BMA GA . 16.58 55.06 12.12
C3 BMA GA . 16.62 56.52 12.48
C4 BMA GA . 16.64 57.37 11.21
C5 BMA GA . 15.46 57.02 10.32
C6 BMA GA . 15.51 57.73 8.99
O2 BMA GA . 17.78 54.64 11.50
O3 BMA GA . 17.77 56.79 13.28
O4 BMA GA . 16.59 58.75 11.55
O5 BMA GA . 15.46 55.61 10.04
O6 BMA GA . 14.39 57.37 8.18
C1 NAG HA . -5.41 54.90 15.38
C2 NAG HA . -4.60 56.05 15.96
C3 NAG HA . -5.48 56.78 16.96
C4 NAG HA . -6.74 57.27 16.22
C5 NAG HA . -7.43 56.05 15.62
C6 NAG HA . -8.75 56.35 14.92
C7 NAG HA . -3.06 54.60 17.36
C8 NAG HA . -1.75 53.95 17.05
N2 NAG HA . -3.34 55.67 16.61
O3 NAG HA . -4.75 57.86 17.53
O4 NAG HA . -7.62 57.93 17.14
O5 NAG HA . -6.57 55.37 14.71
O6 NAG HA . -9.24 55.15 14.28
O7 NAG HA . -3.79 54.18 18.25
C1 NAG HA . -7.70 59.34 16.84
C2 NAG HA . -9.04 59.90 17.26
C3 NAG HA . -9.10 61.38 16.91
C4 NAG HA . -7.94 62.09 17.58
C5 NAG HA . -6.63 61.45 17.15
C6 NAG HA . -5.45 62.11 17.86
C7 NAG HA . -10.93 58.37 17.20
C8 NAG HA . -12.33 58.32 16.68
N2 NAG HA . -10.13 59.22 16.57
O3 NAG HA . -10.34 61.93 17.38
O4 NAG HA . -7.95 63.47 17.21
O5 NAG HA . -6.64 60.07 17.47
O6 NAG HA . -5.54 61.82 19.25
O7 NAG HA . -10.55 57.66 18.12
C1 NAG IA . -0.27 33.84 19.27
C2 NAG IA . -1.36 33.56 20.31
C3 NAG IA . -2.40 34.68 20.28
C4 NAG IA . -1.71 36.03 20.50
C5 NAG IA . -0.62 36.21 19.45
C6 NAG IA . 0.18 37.48 19.66
C7 NAG IA . -1.79 31.23 20.87
C8 NAG IA . -2.44 29.95 20.45
N2 NAG IA . -1.98 32.28 20.08
O3 NAG IA . -3.37 34.42 21.29
O4 NAG IA . -2.62 37.11 20.36
O5 NAG IA . 0.31 35.11 19.50
O6 NAG IA . 0.81 37.49 20.94
O7 NAG IA . -1.11 31.31 21.89
C1 NAG IA . -3.46 37.48 21.42
C2 NAG IA . -3.90 38.93 21.16
C3 NAG IA . -4.84 39.38 22.25
C4 NAG IA . -6.02 38.42 22.38
C5 NAG IA . -5.50 37.00 22.59
C6 NAG IA . -6.60 35.96 22.60
C7 NAG IA . -2.32 40.37 19.97
C8 NAG IA . -1.33 41.47 20.13
N2 NAG IA . -2.76 39.81 21.09
O3 NAG IA . -5.28 40.69 21.92
O4 NAG IA . -6.81 38.76 23.50
O5 NAG IA . -4.58 36.62 21.55
O6 NAG IA . -7.56 36.24 23.61
O7 NAG IA . -2.70 39.99 18.86
C1 BMA IA . -7.67 39.86 23.47
C2 BMA IA . -8.80 39.55 22.52
C3 BMA IA . -9.80 40.69 22.49
C4 BMA IA . -10.30 40.94 23.90
C5 BMA IA . -9.13 41.21 24.83
C6 BMA IA . -9.54 41.35 26.28
O2 BMA IA . -9.42 38.32 22.85
O3 BMA IA . -10.89 40.34 21.63
O4 BMA IA . -11.17 42.07 23.90
O5 BMA IA . -8.19 40.12 24.78
O6 BMA IA . -8.40 41.51 27.11
C1 MAN IA . -8.59 41.11 28.44
C2 MAN IA . -7.31 41.39 29.20
C3 MAN IA . -6.17 40.57 28.64
C4 MAN IA . -6.53 39.09 28.65
C5 MAN IA . -7.84 38.87 27.90
C6 MAN IA . -8.34 37.45 27.99
O2 MAN IA . -7.50 41.13 30.59
O3 MAN IA . -4.99 40.80 29.42
O4 MAN IA . -5.51 38.33 28.04
O5 MAN IA . -8.89 39.70 28.46
O6 MAN IA . -9.61 37.30 27.36
C1 NAG JA . -42.20 8.31 10.20
C2 NAG JA . -43.02 7.06 9.98
C3 NAG JA . -44.27 7.28 10.80
C4 NAG JA . -43.78 7.56 12.22
C5 NAG JA . -42.93 8.81 12.35
C6 NAG JA . -42.48 9.08 13.78
C7 NAG JA . -42.64 6.24 7.72
C8 NAG JA . -42.68 6.74 6.31
N2 NAG JA . -43.38 6.91 8.59
O3 NAG JA . -45.09 6.11 10.75
O4 NAG JA . -44.81 7.35 13.23
O5 NAG JA . -41.79 8.56 11.54
O6 NAG JA . -41.64 8.01 14.22
O7 NAG JA . -41.97 5.26 8.05
C1 NAG JA . -44.61 6.15 14.08
C2 NAG JA . -45.92 5.59 14.59
C3 NAG JA . -45.67 4.44 15.55
C4 NAG JA . -44.77 3.39 14.90
C5 NAG JA . -43.49 4.04 14.36
C6 NAG JA . -42.65 3.04 13.58
C7 NAG JA . -46.28 7.64 15.97
C8 NAG JA . -46.19 7.43 17.45
N2 NAG JA . -46.74 6.62 15.25
O3 NAG JA . -46.93 3.85 15.90
O4 NAG JA . -44.41 2.38 15.86
O5 NAG JA . -43.80 5.13 13.50
O6 NAG JA . -41.41 3.64 13.22
O7 NAG JA . -45.96 8.72 15.48
C1 BMA JA . -44.00 2.95 17.12
C2 BMA JA . -44.57 2.14 18.26
C3 BMA JA . -44.19 2.83 19.57
C4 BMA JA . -42.66 2.91 19.67
C5 BMA JA . -42.16 3.70 18.45
C6 BMA JA . -40.65 3.85 18.36
O2 BMA JA . -44.04 0.81 18.23
O3 BMA JA . -44.74 2.12 20.68
O4 BMA JA . -42.36 3.52 20.94
O5 BMA JA . -42.58 3.02 17.26
O6 BMA JA . -40.04 2.56 18.30
C1 NAG KA . -43.73 2.77 -4.96
C2 NAG KA . -44.20 4.22 -4.81
C3 NAG KA . -45.71 4.28 -5.06
C4 NAG KA . -46.06 3.68 -6.41
C5 NAG KA . -45.51 2.26 -6.49
C6 NAG KA . -45.71 1.61 -7.86
C7 NAG KA . -44.07 4.22 -2.33
C8 NAG KA . -45.23 4.73 -1.53
N2 NAG KA . -43.87 4.80 -3.51
O3 NAG KA . -46.13 5.66 -4.99
O4 NAG KA . -47.48 3.65 -6.52
O5 NAG KA . -44.11 2.25 -6.23
O6 NAG KA . -47.06 1.17 -8.01
O7 NAG KA . -43.34 3.34 -1.89
C1 NAG KA . -47.94 4.46 -7.63
C2 NAG KA . -49.42 4.19 -7.87
C3 NAG KA . -49.87 4.99 -9.08
C4 NAG KA . -49.61 6.47 -8.81
C5 NAG KA . -48.12 6.66 -8.53
C6 NAG KA . -47.78 8.11 -8.22
C7 NAG KA . -50.16 1.98 -7.18
C8 NAG KA . -51.00 0.85 -7.69
N2 NAG KA . -49.66 2.77 -8.12
O3 NAG KA . -51.27 4.76 -9.29
O4 NAG KA . -50.01 7.26 -9.94
O5 NAG KA . -47.74 5.86 -7.41
O6 NAG KA . -48.53 8.51 -7.06
O7 NAG KA . -49.98 2.16 -5.99
C1 BMA KA . -51.12 8.11 -9.58
C2 BMA KA . -52.18 8.12 -10.67
C3 BMA KA . -53.33 9.02 -10.28
C4 BMA KA . -53.88 8.58 -8.93
C5 BMA KA . -52.77 8.55 -7.88
C6 BMA KA . -53.28 8.02 -6.56
O2 BMA KA . -52.65 6.79 -10.90
O3 BMA KA . -54.37 8.94 -11.26
O4 BMA KA . -54.91 9.48 -8.51
O5 BMA KA . -51.70 7.72 -8.32
O6 BMA KA . -53.71 6.66 -6.74
C1 NAG LA . -22.61 23.36 -9.06
C2 NAG LA . -21.25 24.00 -8.82
C3 NAG LA . -21.01 25.10 -9.82
C4 NAG LA . -21.15 24.56 -11.23
C5 NAG LA . -22.52 23.92 -11.40
C6 NAG LA . -22.69 23.25 -12.74
C7 NAG LA . -20.33 23.97 -6.55
C8 NAG LA . -20.23 24.71 -5.25
N2 NAG LA . -21.12 24.51 -7.47
O3 NAG LA . -19.73 25.67 -9.62
O4 NAG LA . -20.99 25.64 -12.17
O5 NAG LA . -22.70 22.89 -10.40
O6 NAG LA . -21.74 22.20 -12.92
O7 NAG LA . -19.71 22.92 -6.75
C1 NAG LA . -20.00 25.42 -13.13
C2 NAG LA . -19.76 26.71 -13.93
C3 NAG LA . -18.65 26.48 -14.92
C4 NAG LA . -17.39 25.99 -14.20
C5 NAG LA . -17.73 24.74 -13.41
C6 NAG LA . -16.57 24.25 -12.56
C7 NAG LA . -21.63 28.24 -14.21
C8 NAG LA . -22.85 28.59 -15.02
N2 NAG LA . -20.98 27.15 -14.59
O3 NAG LA . -18.39 27.68 -15.63
O4 NAG LA . -16.38 25.65 -15.14
O5 NAG LA . -18.81 24.99 -12.50
O6 NAG LA . -16.14 25.26 -11.65
O7 NAG LA . -21.29 28.92 -13.24
C1 BMA LA . -15.33 26.55 -15.35
C2 BMA LA . -14.16 25.83 -15.96
C3 BMA LA . -12.99 26.77 -16.13
C4 BMA LA . -13.42 27.99 -16.92
C5 BMA LA . -14.63 28.65 -16.27
C6 BMA LA . -15.19 29.81 -17.08
O2 BMA LA . -14.54 25.27 -17.21
O3 BMA LA . -11.93 26.07 -16.78
O4 BMA LA . -12.38 28.95 -16.98
O5 BMA LA . -15.70 27.70 -16.11
O6 BMA LA . -15.54 29.40 -18.41
C1 MAN LA . -10.65 26.59 -16.58
C2 MAN LA . -9.67 25.80 -17.42
C3 MAN LA . -9.58 24.37 -16.95
C4 MAN LA . -9.23 24.34 -15.48
C5 MAN LA . -10.23 25.16 -14.68
C6 MAN LA . -9.85 25.27 -13.22
O2 MAN LA . -8.40 26.45 -17.38
O3 MAN LA . -8.60 23.68 -17.72
O4 MAN LA . -9.24 22.99 -15.01
O5 MAN LA . -10.29 26.50 -15.19
O6 MAN LA . -8.52 25.78 -13.06
C1 MAN LA . -7.95 27.05 -18.56
C2 MAN LA . -6.56 27.60 -18.31
C3 MAN LA . -6.62 28.79 -17.37
C4 MAN LA . -7.57 29.85 -17.91
C5 MAN LA . -8.95 29.23 -18.16
C6 MAN LA . -9.90 30.19 -18.85
O2 MAN LA . -5.95 27.95 -19.54
O3 MAN LA . -5.31 29.34 -17.21
O4 MAN LA . -7.72 30.91 -16.97
O5 MAN LA . -8.82 28.08 -19.04
O6 MAN LA . -11.12 29.55 -19.19
C1 MAN LA . -14.61 29.80 -19.38
C2 MAN LA . -14.57 31.31 -19.42
C3 MAN LA . -15.92 31.86 -19.90
C4 MAN LA . -16.29 31.25 -21.23
C5 MAN LA . -16.27 29.73 -21.14
C6 MAN LA . -16.49 29.06 -22.48
O2 MAN LA . -13.47 31.73 -20.23
O3 MAN LA . -15.92 33.29 -19.94
O4 MAN LA . -17.60 31.67 -21.63
O5 MAN LA . -14.99 29.27 -20.66
O6 MAN LA . -16.12 27.68 -22.42
C1 MAN LA . -15.26 33.93 -21.00
C2 MAN LA . -14.70 35.25 -20.50
C3 MAN LA . -15.83 36.20 -20.16
C4 MAN LA . -16.73 36.38 -21.36
C5 MAN LA . -17.24 35.02 -21.83
C6 MAN LA . -18.05 35.10 -23.10
O2 MAN LA . -13.83 35.81 -21.47
O3 MAN LA . -15.29 37.45 -19.75
O4 MAN LA . -17.85 37.19 -21.02
O5 MAN LA . -16.13 34.15 -22.11
O6 MAN LA . -18.43 33.82 -23.57
C1 MAN LA . -16.44 26.96 -23.59
C2 MAN LA . -17.94 26.86 -23.66
C3 MAN LA . -18.48 26.09 -22.48
C4 MAN LA . -17.82 24.73 -22.40
C5 MAN LA . -16.30 24.89 -22.35
C6 MAN LA . -15.58 23.57 -22.41
O2 MAN LA . -18.33 26.27 -24.89
O3 MAN LA . -19.90 25.94 -22.60
O4 MAN LA . -18.24 24.04 -21.22
O5 MAN LA . -15.85 25.66 -23.49
O6 MAN LA . -14.16 23.76 -22.47
C1 NAG MA . -35.57 12.54 22.39
C2 NAG MA . -34.89 11.60 23.38
C3 NAG MA . -35.81 11.37 24.57
C4 NAG MA . -36.21 12.70 25.20
C5 NAG MA . -36.83 13.59 24.14
C6 NAG MA . -37.16 14.97 24.68
C7 NAG MA . -35.31 9.41 22.28
C8 NAG MA . -34.66 8.13 21.89
N2 NAG MA . -34.49 10.36 22.75
O3 NAG MA . -35.16 10.52 25.51
O4 NAG MA . -37.16 12.49 26.22
O5 NAG MA . -35.93 13.76 23.02
O6 NAG MA . -38.06 15.67 23.81
O7 NAG MA . -36.51 9.59 22.16
C1 NAG MA . -36.75 12.47 27.55
C2 NAG MA . -37.99 12.30 28.43
C3 NAG MA . -37.57 12.28 29.89
C4 NAG MA . -36.53 11.19 30.13
C5 NAG MA . -35.35 11.41 29.19
C6 NAG MA . -34.32 10.30 29.27
C7 NAG MA . -38.85 14.63 28.45
C8 NAG MA . -40.09 15.45 28.26
N2 NAG MA . -38.98 13.34 28.17
O3 NAG MA . -38.72 12.07 30.71
O4 NAG MA . -36.08 11.25 31.47
O5 NAG MA . -35.79 11.46 27.82
O6 NAG MA . -34.90 9.05 28.88
O7 NAG MA . -37.80 15.14 28.83
C1 BMA MA . -35.49 12.43 31.92
C2 BMA MA . -36.32 12.96 33.07
C3 BMA MA . -35.68 14.22 33.63
C4 BMA MA . -34.25 13.94 34.03
C5 BMA MA . -33.48 13.37 32.84
C6 BMA MA . -32.08 12.95 33.21
O2 BMA MA . -36.45 11.96 34.08
O3 BMA MA . -36.43 14.69 34.76
O4 BMA MA . -33.63 15.13 34.47
O5 BMA MA . -34.15 12.20 32.34
O6 BMA MA . -32.08 11.95 34.22
C1 MAN MA . -37.45 15.61 34.55
C2 MAN MA . -38.74 15.18 33.87
C3 MAN MA . -38.68 15.40 32.37
C4 MAN MA . -38.26 16.84 32.06
C5 MAN MA . -36.97 17.22 32.78
C6 MAN MA . -36.63 18.68 32.63
O2 MAN MA . -39.84 15.87 34.45
O3 MAN MA . -39.95 15.12 31.79
O4 MAN MA . -38.07 16.98 30.65
O5 MAN MA . -37.09 16.96 34.20
O6 MAN MA . -35.46 19.01 33.38
C1 NAG NA . -28.53 33.58 -12.96
C2 NAG NA . -29.89 34.24 -13.23
C3 NAG NA . -30.68 33.37 -14.19
C4 NAG NA . -29.89 33.12 -15.46
C5 NAG NA . -28.53 32.51 -15.11
C6 NAG NA . -27.63 32.32 -16.32
C7 NAG NA . -30.58 35.40 -11.17
C8 NAG NA . -31.22 35.21 -9.84
N2 NAG NA . -30.64 34.34 -11.99
O3 NAG NA . -31.92 34.03 -14.51
O4 NAG NA . -30.64 32.25 -16.31
O5 NAG NA . -27.84 33.35 -14.18
O6 NAG NA . -27.28 33.60 -16.85
O7 NAG NA . -30.02 36.43 -11.49
C1 NAG NA . -30.84 32.87 -17.60
C2 NAG NA . -31.92 32.14 -18.38
C3 NAG NA . -32.07 32.80 -19.75
C4 NAG NA . -32.36 34.28 -19.58
C5 NAG NA . -31.26 34.92 -18.73
C6 NAG NA . -31.53 36.40 -18.45
C7 NAG NA . -30.43 30.19 -18.74
C8 NAG NA . -30.01 29.13 -17.76
N2 NAG NA . -31.64 30.72 -18.53
O3 NAG NA . -33.14 32.16 -20.47
O4 NAG NA . -32.39 34.91 -20.87
O5 NAG NA . -31.14 34.26 -17.48
O6 NAG NA . -32.69 36.50 -17.61
O7 NAG NA . -29.71 30.51 -19.68
C1 BMA NA . -33.71 35.43 -21.14
C2 BMA NA . -33.61 36.47 -22.24
C3 BMA NA . -34.99 37.03 -22.54
C4 BMA NA . -35.94 35.89 -22.89
C5 BMA NA . -35.96 34.87 -21.76
C6 BMA NA . -36.84 33.68 -22.12
O2 BMA NA . -33.07 35.86 -23.43
O3 BMA NA . -34.91 37.94 -23.65
O4 BMA NA . -37.25 36.40 -23.10
O5 BMA NA . -34.63 34.39 -21.51
O6 BMA NA . -36.32 33.05 -23.29
C1 NAG OA . -8.83 42.20 -16.25
C2 NAG OA . -9.42 41.69 -17.55
C3 NAG OA . -8.32 41.15 -18.45
C4 NAG OA . -7.27 42.24 -18.68
C5 NAG OA . -6.74 42.73 -17.34
C6 NAG OA . -5.74 43.87 -17.47
C7 NAG OA . -11.68 40.85 -17.16
C8 NAG OA . -12.44 39.78 -16.44
N2 NAG OA . -10.37 40.63 -17.31
O3 NAG OA . -8.89 40.74 -19.69
O4 NAG OA . -6.19 41.71 -19.47
O5 NAG OA . -7.82 43.18 -16.52
O6 NAG OA . -5.06 44.06 -16.23
O7 NAG OA . -12.21 41.86 -17.58
C1 NAG OA . -6.13 42.42 -20.72
C2 NAG OA . -4.72 42.37 -21.30
C3 NAG OA . -4.67 43.19 -22.57
C4 NAG OA . -5.72 42.68 -23.54
C5 NAG OA . -7.09 42.72 -22.87
C6 NAG OA . -8.19 42.16 -23.77
C7 NAG OA . -3.05 42.07 -19.56
C8 NAG OA . -2.08 42.74 -18.63
N2 NAG OA . -3.74 42.87 -20.35
O3 NAG OA . -3.36 43.10 -23.14
O4 NAG OA . -5.72 43.47 -24.74
O5 NAG OA . -7.07 41.96 -21.67
O6 NAG OA . -7.92 40.77 -24.00
O7 NAG OA . -3.19 40.86 -19.58
C1 BMA OA . -5.33 42.66 -25.86
C2 BMA OA . -4.35 43.42 -26.74
C3 BMA OA . -3.97 42.55 -27.94
C4 BMA OA . -3.43 41.22 -27.45
C5 BMA OA . -4.45 40.55 -26.54
C6 BMA OA . -3.89 39.24 -25.97
O2 BMA OA . -3.16 43.75 -26.00
O3 BMA OA . -2.98 43.22 -28.72
O4 BMA OA . -3.15 40.37 -28.57
O5 BMA OA . -4.78 41.40 -25.45
O6 BMA OA . -4.85 38.67 -25.07
C1 NAG PA . -27.43 39.94 -9.91
C2 NAG PA . -26.62 40.02 -11.20
C3 NAG PA . -25.89 41.35 -11.23
C4 NAG PA . -26.88 42.50 -11.07
C5 NAG PA . -27.68 42.31 -9.78
C6 NAG PA . -28.75 43.37 -9.59
C7 NAG PA . -25.96 37.78 -11.88
C8 NAG PA . -24.83 36.79 -11.95
N2 NAG PA . -25.68 38.93 -11.28
O3 NAG PA . -25.18 41.46 -12.47
O4 NAG PA . -26.16 43.74 -11.01
O5 NAG PA . -28.33 41.04 -9.79
O6 NAG PA . -29.70 43.28 -10.65
O7 NAG PA . -27.05 37.53 -12.35
C1 NAG PA . -26.47 44.54 -12.18
C2 NAG PA . -26.38 46.02 -11.83
C3 NAG PA . -26.69 46.86 -13.04
C4 NAG PA . -25.75 46.49 -14.19
C5 NAG PA . -25.86 44.99 -14.45
C6 NAG PA . -24.89 44.55 -15.54
C7 NAG PA . -26.93 46.57 -9.52
C8 NAG PA . -27.67 47.65 -8.79
N2 NAG PA . -27.31 46.37 -10.78
O3 NAG PA . -26.53 48.23 -12.66
O4 NAG PA . -26.11 47.18 -15.39
O5 NAG PA . -25.59 44.25 -13.27
O6 NAG PA . -23.55 44.74 -15.06
O7 NAG PA . -26.03 45.93 -8.99
C1 BMA PA . -25.23 48.30 -15.59
C2 BMA PA . -24.83 48.42 -17.05
C3 BMA PA . -23.88 49.60 -17.21
C4 BMA PA . -24.55 50.86 -16.68
C5 BMA PA . -24.97 50.66 -15.23
C6 BMA PA . -25.68 51.89 -14.68
O2 BMA PA . -25.99 48.62 -17.85
O3 BMA PA . -23.55 49.77 -18.59
O4 BMA PA . -23.63 51.96 -16.76
O5 BMA PA . -25.82 49.52 -15.14
O6 BMA PA . -26.79 51.49 -13.87
C1 MAN PA . -28.02 51.92 -14.50
C2 MAN PA . -28.93 52.55 -13.45
C3 MAN PA . -29.35 51.48 -12.44
C4 MAN PA . -30.03 50.35 -13.18
C5 MAN PA . -29.08 49.80 -14.23
C6 MAN PA . -29.65 48.59 -14.96
O2 MAN PA . -30.10 53.10 -14.08
O3 MAN PA . -30.25 52.06 -11.49
O4 MAN PA . -30.36 49.30 -12.25
O5 MAN PA . -28.69 50.83 -15.14
O6 MAN PA . -28.75 48.18 -15.98
C1 NAG QA . -44.12 36.35 0.71
C2 NAG QA . -44.02 37.83 0.49
C3 NAG QA . -44.74 38.58 1.60
C4 NAG QA . -46.17 38.08 1.77
C5 NAG QA . -46.24 36.55 1.78
C6 NAG QA . -47.64 36.01 1.58
C7 NAG QA . -42.03 38.62 -0.74
C8 NAG QA . -40.60 39.03 -0.64
N2 NAG QA . -42.62 38.25 0.41
O3 NAG QA . -44.75 39.98 1.30
O4 NAG QA . -46.65 38.61 3.00
O5 NAG QA . -45.47 35.98 0.71
O6 NAG QA . -48.30 36.70 0.51
O7 NAG QA . -42.64 38.60 -1.81
C1 NAG QA . -48.07 38.86 3.09
C2 NAG QA . -48.51 38.32 4.44
C3 NAG QA . -50.03 38.49 4.60
C4 NAG QA . -50.41 39.95 4.37
C5 NAG QA . -49.86 40.44 3.03
C6 NAG QA . -50.11 41.92 2.81
C7 NAG QA . -47.05 36.54 5.27
C8 NAG QA . -46.80 35.07 5.35
N2 NAG QA . -48.13 36.93 4.61
O3 NAG QA . -50.42 38.07 5.89
O4 NAG QA . -51.83 40.07 4.38
O5 NAG QA . -48.45 40.24 2.97
O6 NAG QA . -49.65 42.33 1.52
O7 NAG QA . -46.28 37.35 5.79
C1 BMA QA . -52.23 40.84 5.53
C2 BMA QA . -53.50 41.61 5.20
C3 BMA QA . -53.79 42.51 6.38
C4 BMA QA . -53.92 41.69 7.73
C5 BMA QA . -52.74 40.69 7.90
C6 BMA QA . -53.02 39.63 8.94
O2 BMA QA . -54.61 40.74 5.03
O3 BMA QA . -54.95 43.35 6.19
O4 BMA QA . -53.92 42.60 8.84
O5 BMA QA . -52.50 39.99 6.65
O6 BMA QA . -53.37 38.43 8.24
C1 MAN QA . -54.75 44.80 6.00
C2 MAN QA . -53.99 45.09 4.63
C3 MAN QA . -52.47 45.05 4.76
C4 MAN QA . -51.96 45.85 5.96
C5 MAN QA . -52.63 45.40 7.26
C6 MAN QA . -52.30 46.34 8.40
O2 MAN QA . -54.33 46.39 4.10
O3 MAN QA . -51.86 45.56 3.57
O4 MAN QA . -50.52 45.70 6.06
O5 MAN QA . -54.08 45.45 7.14
O6 MAN QA . -52.93 45.84 9.59
C1 MAN QA . -55.71 46.38 3.65
C2 MAN QA . -55.84 45.44 2.41
C3 MAN QA . -55.19 46.07 1.18
C4 MAN QA . -55.73 47.51 0.96
C5 MAN QA . -55.49 48.36 2.23
C6 MAN QA . -56.04 49.76 2.10
O2 MAN QA . -57.22 45.21 2.06
O3 MAN QA . -55.38 45.30 0.01
O4 MAN QA . -55.09 48.11 -0.14
O5 MAN QA . -56.14 47.71 3.35
O6 MAN QA . -57.47 49.70 2.05
C1 MAN QA . -54.34 37.64 8.95
C2 MAN QA . -54.60 36.42 8.06
C3 MAN QA . -55.29 36.87 6.79
C4 MAN QA . -56.59 37.61 7.10
C5 MAN QA . -56.32 38.79 8.05
C6 MAN QA . -57.60 39.41 8.59
O2 MAN QA . -55.52 35.52 8.69
O3 MAN QA . -55.53 35.78 5.91
O4 MAN QA . -57.16 38.09 5.90
O5 MAN QA . -55.55 38.35 9.21
O6 MAN QA . -58.22 38.44 9.43
C1 MAN QA . -58.80 39.11 10.58
C2 MAN QA . -57.90 38.83 11.82
C3 MAN QA . -58.10 37.38 12.32
C4 MAN QA . -59.59 37.09 12.52
C5 MAN QA . -60.35 37.33 11.20
C6 MAN QA . -61.84 37.10 11.33
O2 MAN QA . -58.23 39.67 12.92
O3 MAN QA . -57.38 37.15 13.52
O4 MAN QA . -59.76 35.75 12.94
O5 MAN QA . -60.15 38.70 10.79
O6 MAN QA . -62.45 37.33 10.06
C1 NAG RA . -33.71 35.96 16.91
C2 NAG RA . -34.55 37.22 16.71
C3 NAG RA . -34.65 38.01 18.02
C4 NAG RA . -35.11 37.10 19.16
C5 NAG RA . -34.24 35.86 19.23
C6 NAG RA . -34.72 34.86 20.27
C7 NAG RA . -34.13 37.75 14.34
C8 NAG RA . -33.50 38.73 13.39
N2 NAG RA . -34.01 38.05 15.65
O3 NAG RA . -35.57 39.08 17.82
O4 NAG RA . -35.02 37.67 20.46
O5 NAG RA . -34.27 35.18 17.97
O6 NAG RA . -36.07 34.49 20.02
O7 NAG RA . -34.71 36.74 13.96
C1 NAG RA . -35.17 39.04 20.81
C2 NAG RA . -35.34 38.97 22.34
C3 NAG RA . -35.27 40.34 22.99
C4 NAG RA . -34.04 41.10 22.53
C5 NAG RA . -34.11 41.19 21.01
C6 NAG RA . -32.97 41.96 20.39
C7 NAG RA . -36.67 37.22 23.45
C8 NAG RA . -38.04 36.68 23.69
N2 NAG RA . -36.60 38.31 22.68
O3 NAG RA . -35.25 40.19 24.41
O4 NAG RA . -33.97 42.36 23.15
O5 NAG RA . -34.06 39.86 20.49
O6 NAG RA . -33.42 42.78 19.32
O7 NAG RA . -35.67 36.69 23.93
C1 BMA RA . -32.71 42.62 23.88
C2 BMA RA . -32.66 41.86 25.27
C3 BMA RA . -31.34 42.18 25.98
C4 BMA RA . -30.11 42.06 25.05
C5 BMA RA . -30.35 42.77 23.70
C6 BMA RA . -29.22 42.56 22.71
O2 BMA RA . -32.67 40.44 25.12
O3 BMA RA . -31.20 41.31 27.11
O4 BMA RA . -28.97 42.63 25.69
O5 BMA RA . -31.56 42.25 23.12
O6 BMA RA . -29.50 43.31 21.55
C1 MAN RA . -30.81 42.01 28.31
C2 MAN RA . -30.87 40.97 29.47
C3 MAN RA . -32.32 40.67 29.83
C4 MAN RA . -33.07 41.97 30.16
C5 MAN RA . -33.01 42.93 28.97
C6 MAN RA . -33.63 44.28 29.27
O2 MAN RA . -30.26 41.47 30.66
O3 MAN RA . -32.42 39.75 30.91
O4 MAN RA . -34.42 41.68 30.48
O5 MAN RA . -31.63 43.16 28.57
O6 MAN RA . -33.38 45.15 28.17
C1 NAG SA . -24.86 40.99 8.75
C2 NAG SA . -23.83 41.93 9.36
C3 NAG SA . -24.30 42.43 10.72
C4 NAG SA . -25.67 43.09 10.57
C5 NAG SA . -26.63 42.11 9.91
C6 NAG SA . -27.99 42.73 9.63
C7 NAG SA . -22.14 40.34 10.29
C8 NAG SA . -20.83 40.56 10.98
N2 NAG SA . -22.50 41.32 9.45
O3 NAG SA . -23.36 43.38 11.24
O4 NAG SA . -26.17 43.45 11.86
O5 NAG SA . -26.12 41.65 8.67
O6 NAG SA . -27.85 43.76 8.64
O7 NAG SA . -22.80 39.33 10.50
C1 NAG SA . -26.30 44.88 11.97
C2 NAG SA . -27.42 45.22 12.96
C3 NAG SA . -27.57 46.73 13.04
C4 NAG SA . -26.23 47.35 13.44
C5 NAG SA . -25.17 46.93 12.43
C6 NAG SA . -23.79 47.47 12.81
C7 NAG SA . -29.14 43.51 13.08
C8 NAG SA . -30.54 43.16 12.72
N2 NAG SA . -28.68 44.64 12.56
O3 NAG SA . -28.58 47.04 14.01
O4 NAG SA . -26.35 48.78 13.49
O5 NAG SA . -25.08 45.51 12.38
O6 NAG SA . -23.39 46.89 14.06
O7 NAG SA . -28.46 42.80 13.81
C1 BMA SA . -26.17 49.25 14.85
C2 BMA SA . -27.20 50.31 15.17
C3 BMA SA . -26.98 50.80 16.59
C4 BMA SA . -27.02 49.63 17.55
C5 BMA SA . -26.00 48.58 17.14
C6 BMA SA . -26.09 47.36 18.03
O2 BMA SA . -28.52 49.78 15.05
O3 BMA SA . -28.01 51.74 16.94
O4 BMA SA . -26.74 50.07 18.88
O5 BMA SA . -26.22 48.18 15.80
O6 BMA SA . -27.39 46.76 17.88
C1 NAG TA . -36.92 41.40 8.54
C2 NAG TA . -36.18 42.71 8.26
C3 NAG TA . -36.89 43.85 8.97
C4 NAG TA . -38.36 43.90 8.52
C5 NAG TA . -39.01 42.54 8.79
C6 NAG TA . -40.46 42.46 8.32
C7 NAG TA . -33.88 41.98 8.02
C8 NAG TA . -32.82 41.32 8.85
N2 NAG TA . -34.82 42.62 8.72
O3 NAG TA . -36.25 45.09 8.65
O4 NAG TA . -39.04 44.92 9.26
O5 NAG TA . -38.27 41.51 8.14
O6 NAG TA . -41.05 41.27 8.84
O7 NAG TA . -33.89 41.93 6.81
C1 NAG TA . -39.59 45.90 8.35
C2 NAG TA . -40.17 47.07 9.15
C3 NAG TA . -40.76 48.09 8.20
C4 NAG TA . -39.69 48.55 7.22
C5 NAG TA . -39.12 47.33 6.49
C6 NAG TA . -37.98 47.69 5.54
C7 NAG TA . -42.08 45.71 9.97
C8 NAG TA . -42.15 44.69 11.08
N2 NAG TA . -41.15 46.65 10.14
O3 NAG TA . -41.29 49.18 8.95
O4 NAG TA . -40.24 49.50 6.30
O5 NAG TA . -38.61 46.40 7.44
O6 NAG TA . -36.87 48.16 6.31
O7 NAG TA . -42.83 45.65 9.00
C1 BMA TA . -39.51 50.76 6.41
C2 BMA TA . -40.45 51.93 6.67
C3 BMA TA . -39.66 53.22 6.73
C4 BMA TA . -38.55 53.08 7.77
C5 BMA TA . -37.69 51.87 7.47
C6 BMA TA . -36.63 51.64 8.54
O2 BMA TA . -41.16 51.75 7.90
O3 BMA TA . -40.51 54.30 7.09
O4 BMA TA . -37.74 54.27 7.76
O5 BMA TA . -38.48 50.69 7.39
O6 BMA TA . -37.12 50.62 9.42
C1 NAG UA . -29.60 23.10 -11.41
C2 NAG UA . -28.57 22.50 -12.37
C3 NAG UA . -29.04 22.65 -13.81
C4 NAG UA . -30.40 22.00 -13.98
C5 NAG UA . -31.37 22.62 -12.98
C6 NAG UA . -32.75 21.99 -13.02
C7 NAG UA . -26.30 22.75 -11.46
C8 NAG UA . -26.00 21.28 -11.52
N2 NAG UA . -27.29 23.18 -12.25
O3 NAG UA . -28.05 22.07 -14.66
O4 NAG UA . -30.92 22.17 -15.32
O5 NAG UA . -30.86 22.47 -11.65
O6 NAG UA . -32.68 20.68 -12.45
O7 NAG UA . -25.70 23.51 -10.73
C1 NAG UA . -30.68 20.98 -16.10
C2 NAG UA . -31.88 20.66 -16.98
C3 NAG UA . -31.60 19.42 -17.82
C4 NAG UA . -30.32 19.59 -18.62
C5 NAG UA . -29.17 19.96 -17.67
C6 NAG UA . -27.86 20.27 -18.40
C7 NAG UA . -33.42 19.40 -15.52
C8 NAG UA . -34.82 18.89 -15.74
N2 NAG UA . -33.10 20.49 -16.21
O3 NAG UA . -32.70 19.18 -18.71
O4 NAG UA . -30.01 18.36 -19.30
O5 NAG UA . -29.51 21.11 -16.90
O6 NAG UA . -27.30 19.07 -18.95
O7 NAG UA . -32.67 18.84 -14.73
C1 BMA UA . -30.16 18.50 -20.73
C2 BMA UA . -30.71 17.19 -21.28
C3 BMA UA . -30.88 17.30 -22.78
C4 BMA UA . -31.76 18.50 -23.11
C5 BMA UA . -31.18 19.76 -22.49
C6 BMA UA . -32.09 20.96 -22.73
O2 BMA UA . -31.97 16.89 -20.67
O3 BMA UA . -31.48 16.11 -23.29
O4 BMA UA . -31.84 18.66 -24.53
O5 BMA UA . -31.01 19.59 -21.09
O6 BMA UA . -31.55 22.11 -22.09
C1 NAG VA . 0.38 -22.72 -40.04
C2 NAG VA . 0.87 -24.14 -39.70
C3 NAG VA . 1.35 -24.86 -40.95
C4 NAG VA . 0.29 -24.83 -42.04
C5 NAG VA . -0.11 -23.38 -42.31
C6 NAG VA . -1.20 -23.25 -43.33
C7 NAG VA . 1.69 -24.28 -37.39
C8 NAG VA . 2.90 -24.24 -36.51
N2 NAG VA . 1.92 -24.11 -38.71
O3 NAG VA . 1.68 -26.20 -40.62
O4 NAG VA . 0.79 -25.40 -43.23
O5 NAG VA . -0.60 -22.78 -41.09
O6 NAG VA . -2.47 -23.57 -42.77
O7 NAG VA . 0.56 -24.45 -36.95
C1 NAG VA . 0.15 -26.67 -43.54
C2 NAG VA . 0.35 -26.92 -45.04
C3 NAG VA . -0.24 -28.28 -45.42
C4 NAG VA . 0.32 -29.38 -44.53
C5 NAG VA . 0.10 -29.01 -43.06
C6 NAG VA . 0.73 -30.01 -42.11
C7 NAG VA . 0.36 -24.73 -46.14
C8 NAG VA . -0.42 -23.75 -46.96
N2 NAG VA . -0.27 -25.87 -45.82
O3 NAG VA . 0.09 -28.57 -46.78
O4 NAG VA . -0.35 -30.61 -44.81
O5 NAG VA . 0.73 -27.75 -42.79
O6 NAG VA . 2.15 -29.99 -42.19
O7 NAG VA . 1.51 -24.50 -45.78
C1 NAG WA . 36.40 36.36 -1.93
C2 NAG WA . 36.21 37.68 -1.17
C3 NAG WA . 37.35 38.63 -1.52
C4 NAG WA . 38.69 37.97 -1.21
C5 NAG WA . 38.78 36.64 -1.96
C6 NAG WA . 40.04 35.86 -1.63
C7 NAG WA . 34.51 38.78 -2.62
C8 NAG WA . 33.19 39.47 -2.60
N2 NAG WA . 34.91 38.28 -1.45
O3 NAG WA . 37.20 39.85 -0.80
O4 NAG WA . 39.76 38.81 -1.60
O5 NAG WA . 37.67 35.79 -1.63
O6 NAG WA . 40.10 35.58 -0.24
O7 NAG WA . 35.18 38.67 -3.65
C1 NAG WA . 40.51 39.50 -0.64
C2 NAG WA . 41.61 40.32 -1.31
C3 NAG WA . 42.43 41.04 -0.25
C4 NAG WA . 41.52 41.89 0.64
C5 NAG WA . 40.43 41.01 1.23
C6 NAG WA . 39.42 41.79 2.03
C7 NAG WA . 42.67 38.26 -2.20
C8 NAG WA . 42.69 37.65 -3.58
N2 NAG WA . 42.51 39.59 -2.17
O3 NAG WA . 43.41 41.82 -0.90
O4 NAG WA . 42.25 42.45 1.73
O5 NAG WA . 39.71 40.34 0.18
O6 NAG WA . 38.76 42.76 1.22
O7 NAG WA . 42.81 37.59 -1.19
C1 BMA WA . 42.99 43.63 1.64
C2 BMA WA . 43.56 43.87 3.02
C3 BMA WA . 44.45 45.09 3.03
C4 BMA WA . 45.54 44.93 1.98
C5 BMA WA . 44.91 44.67 0.61
C6 BMA WA . 45.94 44.38 -0.47
O2 BMA WA . 44.26 42.71 3.46
O3 BMA WA . 45.04 45.28 4.32
O4 BMA WA . 46.33 46.13 1.91
O5 BMA WA . 44.05 43.52 0.69
O6 BMA WA . 47.00 43.53 -0.03
C1 MAN WA . 44.21 45.71 5.35
C2 MAN WA . 45.06 46.37 6.41
C3 MAN WA . 45.93 45.35 7.11
C4 MAN WA . 45.07 44.24 7.68
C5 MAN WA . 44.21 43.62 6.59
C6 MAN WA . 43.23 42.61 7.11
O2 MAN WA . 44.23 47.07 7.34
O3 MAN WA . 46.68 45.99 8.15
O4 MAN WA . 45.89 43.23 8.26
O5 MAN WA . 43.42 44.65 5.93
O6 MAN WA . 43.90 41.47 7.66
C1 MAN WA . 46.65 42.20 0.25
C2 MAN WA . 47.91 41.47 0.66
C3 MAN WA . 48.86 41.34 -0.51
C4 MAN WA . 48.16 40.69 -1.69
C5 MAN WA . 46.89 41.45 -2.04
C6 MAN WA . 46.06 40.77 -3.10
O2 MAN WA . 47.58 40.19 1.19
O3 MAN WA . 50.00 40.57 -0.12
O4 MAN WA . 49.01 40.67 -2.82
O5 MAN WA . 46.04 41.57 -0.87
O6 MAN WA . 45.72 39.44 -2.70
C1 NAG XA . 40.37 26.91 -2.32
C2 NAG XA . 41.67 26.17 -2.07
C3 NAG XA . 42.05 26.25 -0.60
C4 NAG XA . 42.04 27.69 -0.11
C5 NAG XA . 40.77 28.43 -0.54
C6 NAG XA . 40.84 29.92 -0.29
C7 NAG XA . 42.55 24.19 -3.22
C8 NAG XA . 42.31 22.75 -3.58
N2 NAG XA . 41.59 24.79 -2.52
O3 NAG XA . 43.34 25.67 -0.44
O4 NAG XA . 42.06 27.71 1.32
O5 NAG XA . 40.52 28.26 -1.94
O6 NAG XA . 42.17 30.34 -0.07
O7 NAG XA . 43.59 24.77 -3.54
C1 NAG XA . 43.40 27.62 1.85
C2 NAG XA . 43.45 28.42 3.14
C3 NAG XA . 44.82 28.30 3.78
C4 NAG XA . 45.19 26.83 3.97
C5 NAG XA . 45.02 26.07 2.65
C6 NAG XA . 45.21 24.58 2.80
C7 NAG XA . 41.90 30.32 3.13
C8 NAG XA . 41.72 31.78 2.84
N2 NAG XA . 43.11 29.82 2.90
O3 NAG XA . 44.72 28.96 5.04
O4 NAG XA . 46.52 26.59 4.41
O5 NAG XA . 43.70 26.27 2.13
O6 NAG XA . 44.29 23.87 1.99
O7 NAG XA . 40.97 29.63 3.56
C1 BMA XA . 47.38 27.68 4.81
C2 BMA XA . 47.25 27.85 6.31
C3 BMA XA . 48.04 29.07 6.72
C4 BMA XA . 49.54 28.91 6.31
C5 BMA XA . 49.66 28.47 4.82
C6 BMA XA . 51.05 27.96 4.47
O2 BMA XA . 47.82 26.74 6.99
O3 BMA XA . 47.77 29.39 8.13
O4 BMA XA . 50.25 30.13 6.45
O5 BMA XA . 48.73 27.41 4.50
O6 BMA XA . 52.01 28.96 4.81
C1 NAG YA . 30.49 35.59 6.40
C2 NAG YA . 30.46 36.66 5.32
C3 NAG YA . 31.60 37.65 5.53
C4 NAG YA . 31.52 38.24 6.93
C5 NAG YA . 31.51 37.11 7.96
C6 NAG YA . 31.31 37.59 9.38
C7 NAG YA . 29.54 36.06 3.13
C8 NAG YA . 29.80 35.36 1.83
N2 NAG YA . 30.56 36.08 3.99
O3 NAG YA . 31.53 38.66 4.54
O4 NAG YA . 32.66 39.06 7.22
O5 NAG YA . 30.44 36.18 7.69
O6 NAG YA . 31.36 36.51 10.30
O7 NAG YA . 28.47 36.59 3.38
C1 NAG YA . 32.70 40.41 6.88
C2 NAG YA . 33.94 41.04 7.51
C3 NAG YA . 34.03 42.51 7.11
C4 NAG YA . 34.01 42.65 5.59
C5 NAG YA . 32.77 41.96 5.04
C6 NAG YA . 32.75 41.94 3.53
C7 NAG YA . 33.09 40.66 9.85
C8 NAG YA . 31.87 41.52 9.85
N2 NAG YA . 34.04 40.98 8.96
O3 NAG YA . 35.21 43.05 7.68
O4 NAG YA . 33.95 44.02 5.18
O5 NAG YA . 32.72 40.59 5.47
O6 NAG YA . 33.88 41.23 3.00
O7 NAG YA . 33.23 39.74 10.64
C1 BMA YA . 35.02 44.90 5.28
C2 BMA YA . 34.67 46.11 4.45
C3 BMA YA . 35.76 47.16 4.55
C4 BMA YA . 36.02 47.51 6.00
C5 BMA YA . 36.34 46.25 6.79
C6 BMA YA . 36.47 46.51 8.28
O2 BMA YA . 33.42 46.64 4.88
O3 BMA YA . 35.37 48.33 3.82
O4 BMA YA . 37.11 48.41 6.10
O5 BMA YA . 35.28 45.29 6.64
O6 BMA YA . 35.29 47.11 8.80
C1 NAG ZA . 15.60 33.11 -9.18
C2 NAG ZA . 14.53 33.88 -9.95
C3 NAG ZA . 15.03 34.18 -11.35
C4 NAG ZA . 16.35 34.93 -11.27
C5 NAG ZA . 17.35 34.13 -10.45
C6 NAG ZA . 18.68 34.84 -10.27
C7 NAG ZA . 12.32 33.24 -9.15
C8 NAG ZA . 11.55 32.00 -8.83
N2 NAG ZA . 13.30 33.11 -10.04
O3 NAG ZA . 14.04 34.97 -12.03
O4 NAG ZA . 16.84 35.15 -12.61
O5 NAG ZA . 16.82 33.85 -9.17
O6 NAG ZA . 18.49 36.00 -9.45
O7 NAG ZA . 12.07 34.32 -8.62
C1 NAG ZA . 16.99 36.56 -12.85
C2 NAG ZA . 18.25 36.86 -13.63
C3 NAG ZA . 18.02 36.89 -15.14
C4 NAG ZA . 16.75 37.64 -15.54
C5 NAG ZA . 15.52 37.31 -14.68
C6 NAG ZA . 14.82 36.04 -15.14
C7 NAG ZA . 19.59 38.22 -12.15
C8 NAG ZA . 21.00 37.73 -12.36
N2 NAG ZA . 18.79 38.13 -13.21
O3 NAG ZA . 18.00 35.55 -15.65
O4 NAG ZA . 16.99 39.05 -15.43
O5 NAG ZA . 15.82 37.27 -13.28
O6 NAG ZA . 14.70 36.06 -16.57
O7 NAG ZA . 19.22 38.66 -11.07
C1 BMA ZA . 17.82 39.47 -16.53
C2 BMA ZA . 17.19 40.67 -17.22
C3 BMA ZA . 18.07 41.10 -18.39
C4 BMA ZA . 19.47 41.40 -17.87
C5 BMA ZA . 20.01 40.17 -17.15
C6 BMA ZA . 21.39 40.42 -16.57
O2 BMA ZA . 17.06 41.75 -16.29
O3 BMA ZA . 17.53 42.28 -18.98
O4 BMA ZA . 20.32 41.74 -18.96
O5 BMA ZA . 19.14 39.80 -16.08
O6 BMA ZA . 21.72 39.34 -15.67
C1 NAG AB . 6.43 1.58 -43.10
C2 NAG AB . 5.77 2.95 -42.89
C3 NAG AB . 4.28 2.84 -43.18
C4 NAG AB . 4.04 2.27 -44.57
C5 NAG AB . 4.76 0.93 -44.71
C6 NAG AB . 4.71 0.37 -46.10
C7 NAG AB . 6.76 4.52 -41.30
C8 NAG AB . 6.87 4.91 -39.86
N2 NAG AB . 5.98 3.47 -41.56
O3 NAG AB . 3.68 4.11 -43.04
O4 NAG AB . 2.63 2.08 -44.71
O5 NAG AB . 6.16 1.09 -44.40
O6 NAG AB . 5.31 1.25 -47.05
O7 NAG AB . 7.35 5.13 -42.18
C1 NAG AB . 2.01 2.19 -45.96
C2 NAG AB . 0.54 1.86 -45.76
C3 NAG AB . -0.23 2.11 -47.05
C4 NAG AB . 0.00 3.54 -47.52
C5 NAG AB . 1.49 3.80 -47.66
C6 NAG AB . 1.82 5.23 -48.00
C7 NAG AB . 1.15 -0.51 -45.35
C8 NAG AB . 1.46 -1.15 -44.04
N2 NAG AB . 0.28 0.50 -45.31
O3 NAG AB . -1.60 1.85 -46.81
O4 NAG AB . -0.59 3.77 -48.80
O5 NAG AB . 2.17 3.52 -46.42
O6 NAG AB . 1.21 5.62 -49.23
O7 NAG AB . 1.67 -0.88 -46.39
C1 BMA AB . -1.97 3.87 -49.00
C2 BMA AB . -2.21 4.50 -50.36
C3 BMA AB . -3.69 4.59 -50.64
C4 BMA AB . -4.32 3.21 -50.53
C5 BMA AB . -4.02 2.61 -49.17
C6 BMA AB . -4.50 1.18 -49.04
O2 BMA AB . -1.52 3.77 -51.37
O3 BMA AB . -3.90 5.13 -51.95
O4 BMA AB . -5.73 3.30 -50.71
O5 BMA AB . -2.60 2.59 -48.94
O6 BMA AB . -4.14 0.63 -47.77
C1 NAG BB . 10.65 -13.12 -41.77
C2 NAG BB . 11.32 -12.13 -42.71
C3 NAG BB . 11.94 -12.84 -43.91
C4 NAG BB . 12.81 -14.01 -43.46
C5 NAG BB . 12.07 -14.89 -42.47
C6 NAG BB . 12.93 -15.98 -41.87
C7 NAG BB . 10.19 -9.96 -42.51
C8 NAG BB . 9.18 -9.02 -43.12
N2 NAG BB . 10.38 -11.10 -43.16
O3 NAG BB . 12.70 -11.93 -44.68
O4 NAG BB . 13.18 -14.79 -44.59
O5 NAG BB . 11.59 -14.11 -41.38
O6 NAG BB . 14.06 -15.44 -41.20
O7 NAG BB . 10.79 -9.69 -41.48
C1 NAG BB . 14.60 -14.84 -44.78
C2 NAG BB . 14.95 -16.23 -45.31
C3 NAG BB . 16.44 -16.36 -45.53
C4 NAG BB . 16.93 -15.24 -46.45
C5 NAG BB . 16.50 -13.88 -45.90
C6 NAG BB . 16.82 -12.74 -46.83
C7 NAG BB . 13.52 -18.15 -44.74
C8 NAG BB . 13.16 -19.16 -43.69
N2 NAG BB . 14.47 -17.28 -44.41
O3 NAG BB . 16.73 -17.63 -46.09
O4 NAG BB . 18.35 -15.28 -46.57
O5 NAG BB . 15.08 -13.85 -45.70
O6 NAG BB . 16.14 -11.55 -46.46
O7 NAG BB . 12.96 -18.12 -45.84
C1 BMA BB . 18.68 -15.93 -47.82
C2 BMA BB . 19.98 -15.34 -48.36
C3 BMA BB . 20.38 -16.09 -49.64
C4 BMA BB . 20.33 -17.62 -49.47
C5 BMA BB . 19.01 -18.08 -48.82
C6 BMA BB . 19.01 -19.56 -48.46
O2 BMA BB . 21.04 -15.54 -47.43
O3 BMA BB . 21.67 -15.69 -50.09
O4 BMA BB . 20.46 -18.25 -50.74
O5 BMA BB . 18.81 -17.34 -47.61
O6 BMA BB . 17.91 -19.80 -47.59
C1 NAG CB . 27.92 0.89 -20.61
C2 NAG CB . 27.95 1.91 -19.48
C3 NAG CB . 29.36 1.98 -18.89
C4 NAG CB . 29.78 0.60 -18.43
C5 NAG CB . 29.69 -0.38 -19.60
C6 NAG CB . 29.99 -1.81 -19.20
C7 NAG CB . 26.36 3.76 -19.62
C8 NAG CB . 26.00 5.03 -20.33
N2 NAG CB . 27.53 3.22 -19.96
O3 NAG CB . 29.37 2.91 -17.81
O4 NAG CB . 31.13 0.60 -17.96
O5 NAG CB . 28.35 -0.38 -20.14
O6 NAG CB . 29.09 -2.26 -18.19
O7 NAG CB . 25.63 3.25 -18.78
C1 NAG CB . 31.27 0.49 -16.57
C2 NAG CB . 32.69 0.07 -16.17
C3 NAG CB . 32.74 -0.14 -14.67
C4 NAG CB . 32.27 1.12 -13.94
C5 NAG CB . 30.88 1.49 -14.44
C6 NAG CB . 30.36 2.78 -13.85
C7 NAG CB . 32.63 -2.34 -16.76
C8 NAG CB . 33.40 -3.42 -17.45
N2 NAG CB . 33.13 -1.10 -16.90
O3 NAG CB . 34.08 -0.47 -14.31
O4 NAG CB . 32.15 0.91 -12.54
O5 NAG CB . 30.86 1.66 -15.86
O6 NAG CB . 30.29 2.71 -12.42
O7 NAG CB . 31.61 -2.57 -16.12
C1 BMA CB . 33.20 0.65 -11.66
C2 BMA CB . 32.69 1.04 -10.31
C3 BMA CB . 33.69 0.69 -9.23
C4 BMA CB . 34.03 -0.78 -9.30
C5 BMA CB . 34.50 -1.14 -10.70
C6 BMA CB . 34.72 -2.63 -10.88
O2 BMA CB . 31.43 0.43 -10.05
O3 BMA CB . 33.16 1.01 -7.93
O4 BMA CB . 35.04 -1.09 -8.36
O5 BMA CB . 33.52 -0.75 -11.68
O6 BMA CB . 35.22 -3.22 -9.68
C1 MAN CB . 33.25 2.35 -7.55
C2 MAN CB . 33.05 2.47 -6.06
C3 MAN CB . 31.59 2.28 -5.71
C4 MAN CB . 30.72 3.25 -6.48
C5 MAN CB . 30.99 3.10 -7.98
C6 MAN CB . 30.27 4.14 -8.81
O2 MAN CB . 33.54 3.72 -5.58
O3 MAN CB . 31.42 2.48 -4.29
O4 MAN CB . 29.35 2.99 -6.23
O5 MAN CB . 32.40 3.27 -8.26
O6 MAN CB . 28.85 3.99 -8.72
C1 MAN CB . 34.91 4.02 -5.57
C2 MAN CB . 35.50 4.87 -6.68
C3 MAN CB . 36.17 4.01 -7.74
C4 MAN CB . 37.14 3.03 -7.09
C5 MAN CB . 36.49 2.23 -5.98
C6 MAN CB . 37.48 1.38 -5.20
O2 MAN CB . 36.41 5.81 -6.12
O3 MAN CB . 36.85 4.86 -8.66
O4 MAN CB . 37.63 2.13 -8.08
O5 MAN CB . 35.84 3.09 -5.01
O6 MAN CB . 38.53 2.19 -4.67
C1 MAN CB . 36.10 -4.32 -9.79
C2 MAN CB . 37.48 -3.83 -10.15
C3 MAN CB . 37.67 -3.74 -11.65
C4 MAN CB . 37.25 -5.04 -12.34
C5 MAN CB . 35.85 -5.48 -11.91
C6 MAN CB . 35.51 -6.86 -12.41
O2 MAN CB . 38.46 -4.70 -9.57
O3 MAN CB . 39.03 -3.44 -11.97
O4 MAN CB . 37.27 -4.86 -13.75
O5 MAN CB . 35.73 -5.52 -10.47
O6 MAN CB . 36.47 -7.83 -11.99
C1 NAG DB . 0.93 14.60 -39.36
C2 NAG DB . -0.07 15.43 -38.54
C3 NAG DB . -0.98 16.24 -39.47
C4 NAG DB . -0.20 16.96 -40.56
C5 NAG DB . 0.85 16.06 -41.20
C6 NAG DB . 1.79 16.79 -42.14
C7 NAG DB . -1.71 13.61 -38.10
C8 NAG DB . -2.43 12.85 -37.04
N2 NAG DB . -0.87 14.57 -37.67
O3 NAG DB . -1.72 17.18 -38.69
O4 NAG DB . -1.13 17.28 -41.59
O5 NAG DB . 1.66 15.46 -40.18
O6 NAG DB . 2.65 15.88 -42.79
O7 NAG DB . -1.87 13.37 -39.31
C1 NAG DB . -1.76 18.52 -41.71
C2 NAG DB . -2.66 18.46 -42.96
C3 NAG DB . -3.40 19.78 -43.12
C4 NAG DB . -4.18 20.11 -41.85
C5 NAG DB . -3.23 20.11 -40.66
C6 NAG DB . -3.95 20.30 -39.34
C7 NAG DB . -0.66 18.19 -44.44
C8 NAG DB . -0.12 17.08 -45.29
N2 NAG DB . -1.98 18.15 -44.20
O3 NAG DB . -4.26 19.70 -44.24
O4 NAG DB . -4.78 21.40 -41.96
O5 NAG DB . -2.53 18.85 -40.57
O6 NAG DB . -4.89 19.24 -39.12
O7 NAG DB . 0.06 19.08 -44.01
C1 BMA DB . -3.96 22.50 -42.18
C2 BMA DB . -4.13 22.97 -43.61
C3 BMA DB . -3.24 24.16 -43.88
C4 BMA DB . -3.56 25.27 -42.88
C5 BMA DB . -3.40 24.73 -41.45
C6 BMA DB . -3.81 25.73 -40.40
O2 BMA DB . -5.50 23.28 -43.88
O3 BMA DB . -3.45 24.61 -45.22
O4 BMA DB . -2.66 26.36 -43.05
O5 BMA DB . -4.25 23.57 -41.28
O6 BMA DB . -5.18 26.14 -40.58
C1 MAN DB . -2.30 24.97 -45.91
C2 MAN DB . -2.69 25.40 -47.30
C3 MAN DB . -3.26 24.24 -48.08
C4 MAN DB . -2.27 23.08 -48.09
C5 MAN DB . -1.89 22.71 -46.65
C6 MAN DB . -0.81 21.66 -46.59
O2 MAN DB . -1.56 25.97 -47.97
O3 MAN DB . -3.56 24.64 -49.41
O4 MAN DB . -2.84 21.95 -48.73
O5 MAN DB . -1.38 23.88 -45.96
O6 MAN DB . -0.43 21.40 -45.24
C1 NAG EB . 38.99 2.05 -26.12
C2 NAG EB . 39.50 2.19 -27.55
C3 NAG EB . 39.73 0.81 -28.13
C4 NAG EB . 40.70 0.02 -27.26
C5 NAG EB . 40.15 -0.04 -25.83
C6 NAG EB . 41.09 -0.69 -24.84
C7 NAG EB . 38.80 4.18 -28.79
C8 NAG EB . 37.76 4.77 -29.70
N2 NAG EB . 38.55 2.94 -28.35
O3 NAG EB . 40.24 0.94 -29.46
O4 NAG EB . 40.79 -1.30 -27.80
O5 NAG EB . 39.91 1.29 -25.33
O6 NAG EB . 40.51 -0.74 -23.53
O7 NAG EB . 39.80 4.80 -28.46
C1 NAG EB . 41.92 -2.08 -27.57
C2 NAG EB . 41.66 -3.49 -28.07
C3 NAG EB . 42.90 -4.35 -27.83
C4 NAG EB . 44.13 -3.71 -28.46
C5 NAG EB . 44.28 -2.28 -27.94
C6 NAG EB . 45.41 -1.54 -28.61
C7 NAG EB . 40.34 -4.43 -26.19
C8 NAG EB . 39.10 -5.20 -25.86
N2 NAG EB . 40.48 -4.08 -27.47
O3 NAG EB . 42.65 -5.65 -28.36
O4 NAG EB . 45.32 -4.41 -28.12
O5 NAG EB . 43.08 -1.52 -28.17
O6 NAG EB . 45.18 -1.43 -30.01
O7 NAG EB . 41.17 -4.13 -25.33
C1 BMA EB . 45.70 -5.62 -28.71
C2 BMA EB . 47.12 -5.91 -28.29
C3 BMA EB . 47.60 -7.22 -28.86
C4 BMA EB . 46.65 -8.33 -28.45
C5 BMA EB . 45.22 -7.98 -28.87
C6 BMA EB . 44.20 -8.98 -28.38
O2 BMA EB . 47.22 -5.89 -26.87
O3 BMA EB . 48.91 -7.50 -28.40
O4 BMA EB . 47.03 -9.55 -29.07
O5 BMA EB . 44.84 -6.71 -28.32
O6 BMA EB . 42.88 -8.59 -28.74
C1 NAG FB . 45.70 9.55 -6.80
C2 NAG FB . 46.06 8.07 -6.93
C3 NAG FB . 46.04 7.45 -5.54
C4 NAG FB . 46.97 8.22 -4.61
C5 NAG FB . 46.56 9.69 -4.59
C6 NAG FB . 47.50 10.53 -3.73
C7 NAG FB . 45.33 7.20 -9.08
C8 NAG FB . 44.10 6.99 -9.92
N2 NAG FB . 45.12 7.37 -7.78
O3 NAG FB . 46.44 6.08 -5.64
O4 NAG FB . 46.87 7.66 -3.30
O5 NAG FB . 46.58 10.21 -5.91
O6 NAG FB . 48.78 10.58 -4.35
O7 NAG FB . 46.45 7.22 -9.56
C1 NAG FB . 47.86 6.77 -2.84
C2 NAG FB . 47.76 6.61 -1.32
C3 NAG FB . 48.91 5.73 -0.84
C4 NAG FB . 48.89 4.39 -1.59
C5 NAG FB . 48.94 4.65 -3.09
C6 NAG FB . 48.80 3.39 -3.90
C7 NAG FB . 48.75 8.79 -0.63
C8 NAG FB . 48.44 10.09 0.05
N2 NAG FB . 47.74 7.90 -0.67
O3 NAG FB . 48.82 5.54 0.57
O4 NAG FB . 50.02 3.62 -1.21
O5 NAG FB . 47.86 5.51 -3.49
O6 NAG FB . 49.87 2.48 -3.64
O7 NAG FB . 49.85 8.57 -1.13
C1 BMA FB . 49.90 2.60 -0.28
C2 BMA FB . 51.29 2.12 0.04
C3 BMA FB . 51.25 1.03 1.09
C4 BMA FB . 50.52 1.53 2.32
C5 BMA FB . 49.13 2.04 1.94
C6 BMA FB . 48.40 2.68 3.10
O2 BMA FB . 52.11 3.21 0.47
O3 BMA FB . 52.58 0.64 1.44
O4 BMA FB . 50.38 0.49 3.28
O5 BMA FB . 49.24 3.05 0.91
O6 BMA FB . 48.96 3.94 3.42
C1 MAN FB . 48.38 4.55 4.54
C2 MAN FB . 46.91 4.76 4.25
C3 MAN FB . 46.72 5.71 3.08
C4 MAN FB . 47.45 7.01 3.36
C5 MAN FB . 48.92 6.75 3.67
C6 MAN FB . 49.67 7.98 4.08
O2 MAN FB . 46.25 5.24 5.42
O3 MAN FB . 45.33 5.95 2.88
O4 MAN FB . 47.37 7.86 2.22
O5 MAN FB . 49.03 5.80 4.77
O6 MAN FB . 49.75 8.92 3.01
C1 NAG GB . 41.71 8.82 -26.46
C2 NAG GB . 42.59 7.94 -25.58
C3 NAG GB . 43.72 8.78 -25.00
C4 NAG GB . 44.50 9.47 -26.12
C5 NAG GB . 43.53 10.29 -26.97
C6 NAG GB . 44.21 10.91 -28.17
C7 NAG GB . 41.54 6.01 -24.52
C8 NAG GB . 40.76 5.51 -23.34
N2 NAG GB . 41.82 7.31 -24.53
O3 NAG GB . 44.57 7.94 -24.22
O4 NAG GB . 45.48 10.35 -25.59
O5 NAG GB . 42.47 9.46 -27.47
O6 NAG GB . 44.78 9.91 -29.01
O7 NAG GB . 41.89 5.26 -25.43
C1 NAG GB . 46.78 9.89 -25.42
C2 NAG GB . 47.64 11.09 -25.00
C3 NAG GB . 49.09 10.63 -24.80
C4 NAG GB . 49.14 9.48 -23.79
C5 NAG GB . 48.22 8.36 -24.27
C6 NAG GB . 48.12 7.22 -23.27
C7 NAG GB . 47.99 12.18 -27.19
C8 NAG GB . 47.85 13.49 -27.93
N2 NAG GB . 47.54 12.18 -25.94
O3 NAG GB . 49.85 11.74 -24.37
O4 NAG GB . 50.45 8.94 -23.68
O5 NAG GB . 46.87 8.85 -24.46
O6 NAG GB . 47.25 6.20 -23.74
O7 NAG GB . 48.48 11.20 -27.73
C1 BMA GB . 51.40 9.49 -22.83
C2 BMA GB . 52.61 8.59 -22.88
C3 BMA GB . 53.75 9.15 -22.06
C4 BMA GB . 54.07 10.57 -22.51
C5 BMA GB . 52.81 11.43 -22.46
C6 BMA GB . 53.03 12.81 -23.05
O2 BMA GB . 53.02 8.39 -24.24
O3 BMA GB . 54.88 8.28 -22.22
O4 BMA GB . 55.04 11.18 -21.66
O5 BMA GB . 51.76 10.82 -23.24
O6 BMA GB . 52.39 12.91 -24.33
C1 MAN GB . 55.88 8.38 -21.26
C2 MAN GB . 56.99 7.41 -21.63
C3 MAN GB . 56.50 5.98 -21.57
C4 MAN GB . 55.94 5.69 -20.19
C5 MAN GB . 54.85 6.71 -19.85
C6 MAN GB . 54.34 6.56 -18.43
O2 MAN GB . 58.11 7.62 -20.80
O3 MAN GB . 57.58 5.10 -21.86
O4 MAN GB . 55.39 4.38 -20.14
O5 MAN GB . 55.37 8.05 -19.96
O6 MAN GB . 53.39 7.58 -18.12
C1 MAN GB . 53.21 13.40 -25.35
C2 MAN GB . 52.36 13.56 -26.60
C3 MAN GB . 51.84 12.23 -27.08
C4 MAN GB . 52.99 11.27 -27.30
C5 MAN GB . 53.83 11.15 -26.03
C6 MAN GB . 55.08 10.32 -26.23
O2 MAN GB . 53.10 14.22 -27.61
O3 MAN GB . 51.11 12.41 -28.29
O4 MAN GB . 52.49 9.97 -27.64
O5 MAN GB . 54.27 12.46 -25.61
O6 MAN GB . 55.87 10.84 -27.29
C1 NAG HB . 33.92 10.08 -45.00
C2 NAG HB . 35.34 10.57 -45.12
C3 NAG HB . 35.43 11.64 -46.19
C4 NAG HB . 34.84 11.15 -47.52
C5 NAG HB . 33.48 10.47 -47.31
C6 NAG HB . 33.03 9.66 -48.51
C7 NAG HB . 36.70 10.43 -43.07
C8 NAG HB . 37.09 11.11 -41.79
N2 NAG HB . 35.81 11.08 -43.83
O3 NAG HB . 36.80 12.00 -46.37
O4 NAG HB . 34.71 12.30 -48.35
O5 NAG HB . 33.52 9.53 -46.22
O6 NAG HB . 34.10 8.87 -49.01
O7 NAG HB . 37.16 9.35 -43.39
C1 NAG HB . 34.81 12.07 -49.77
C2 NAG HB . 33.68 12.85 -50.41
C3 NAG HB . 33.68 12.64 -51.93
C4 NAG HB . 35.05 12.97 -52.50
C5 NAG HB . 36.15 12.20 -51.75
C6 NAG HB . 37.54 12.59 -52.20
C7 NAG HB . 31.80 13.21 -48.88
C8 NAG HB . 30.48 12.69 -48.40
N2 NAG HB . 32.40 12.50 -49.84
O3 NAG HB . 32.68 13.45 -52.52
O4 NAG HB . 35.09 12.63 -53.88
O5 NAG HB . 36.07 12.47 -50.35
O6 NAG HB . 38.53 11.81 -51.53
O7 NAG HB . 32.30 14.22 -48.41
C1 BMA HB . 35.20 13.83 -54.66
C2 BMA HB . 35.97 13.52 -55.93
C3 BMA HB . 36.18 14.84 -56.66
C4 BMA HB . 34.84 15.59 -56.94
C5 BMA HB . 33.93 15.64 -55.66
C6 BMA HB . 32.49 15.98 -55.99
O2 BMA HB . 35.23 12.68 -56.82
O3 BMA HB . 36.97 14.71 -57.87
O4 BMA HB . 35.11 16.93 -57.37
O5 BMA HB . 33.92 14.33 -55.03
O6 BMA HB . 31.76 14.75 -55.95
C1 MAN HB . 38.34 15.24 -57.88
C2 MAN HB . 39.28 14.42 -56.89
C3 MAN HB . 39.26 14.94 -55.47
C4 MAN HB . 39.43 16.46 -55.39
C5 MAN HB . 38.39 17.19 -56.26
C6 MAN HB . 38.70 18.66 -56.36
O2 MAN HB . 40.66 14.45 -57.33
O3 MAN HB . 40.30 14.33 -54.70
O4 MAN HB . 39.33 16.90 -54.02
O5 MAN HB . 38.41 16.69 -57.62
O6 MAN HB . 37.67 19.28 -57.17
C1 MAN HB . 40.80 13.66 -58.54
C2 MAN HB . 40.54 12.15 -58.21
C3 MAN HB . 41.72 11.57 -57.43
C4 MAN HB . 43.05 11.86 -58.14
C5 MAN HB . 43.22 13.37 -58.36
C6 MAN HB . 44.49 13.73 -59.11
O2 MAN HB . 40.44 11.35 -59.41
O3 MAN HB . 41.58 10.17 -57.20
O4 MAN HB . 44.14 11.36 -57.37
O5 MAN HB . 42.09 13.86 -59.13
O6 MAN HB . 44.38 13.25 -60.44
C1 MAN HB . 30.67 14.73 -56.91
C2 MAN HB . 29.99 13.37 -56.73
C3 MAN HB . 30.96 12.27 -57.17
C4 MAN HB . 31.41 12.50 -58.63
C5 MAN HB . 32.01 13.90 -58.80
C6 MAN HB . 32.24 14.26 -60.26
O2 MAN HB . 28.87 13.24 -57.59
O3 MAN HB . 30.40 10.97 -57.02
O4 MAN HB . 32.36 11.52 -58.98
O5 MAN HB . 31.13 14.92 -58.25
O6 MAN HB . 30.95 14.37 -60.88
C1 MAN HB . 30.98 15.48 -61.81
C2 MAN HB . 30.19 16.68 -61.18
C3 MAN HB . 28.68 16.41 -61.24
C4 MAN HB . 28.25 16.03 -62.66
C5 MAN HB . 29.03 14.79 -63.12
C6 MAN HB . 28.69 14.37 -64.54
O2 MAN HB . 30.40 17.88 -61.91
O3 MAN HB . 27.93 17.53 -60.79
O4 MAN HB . 26.86 15.75 -62.68
O5 MAN HB . 30.45 15.10 -63.08
O6 MAN HB . 29.47 13.22 -64.86
C1 NAG IB . 23.20 25.33 -39.90
C2 NAG IB . 23.31 25.60 -41.41
C3 NAG IB . 23.02 27.06 -41.71
C4 NAG IB . 21.70 27.50 -41.06
C5 NAG IB . 21.70 27.13 -39.58
C6 NAG IB . 20.37 27.43 -38.91
C7 NAG IB . 24.98 23.94 -42.12
C8 NAG IB . 26.36 23.73 -42.67
N2 NAG IB . 24.61 25.21 -41.92
O3 NAG IB . 22.95 27.23 -43.12
O4 NAG IB . 21.45 28.90 -41.07
O5 NAG IB . 21.93 25.73 -39.43
O6 NAG IB . 19.31 26.76 -39.58
O7 NAG IB . 24.22 23.00 -41.87
C1 NAG IB . 21.86 29.84 -42.06
C2 NAG IB . 20.98 31.06 -41.73
C3 NAG IB . 21.41 32.30 -42.51
C4 NAG IB . 22.90 32.52 -42.38
C5 NAG IB . 23.60 31.27 -42.89
C6 NAG IB . 25.11 31.36 -42.87
C7 NAG IB . 18.62 30.87 -41.05
C8 NAG IB . 17.23 30.53 -41.49
N2 NAG IB . 19.57 30.76 -41.98
O3 NAG IB . 20.69 33.43 -42.03
O4 NAG IB . 23.30 33.69 -43.09
O5 NAG IB . 23.23 30.19 -42.03
O6 NAG IB . 25.68 30.75 -44.02
O7 NAG IB . 18.88 31.23 -39.90
C1 BMA IB . 23.92 34.68 -42.26
C2 BMA IB . 24.84 35.52 -43.16
C3 BMA IB . 25.50 36.66 -42.37
C4 BMA IB . 24.59 37.37 -41.37
C5 BMA IB . 23.58 36.45 -40.68
C6 BMA IB . 22.48 37.28 -40.03
O2 BMA IB . 24.06 36.18 -44.18
O3 BMA IB . 26.01 37.64 -43.30
O4 BMA IB . 25.43 38.01 -40.37
O5 BMA IB . 22.97 35.55 -41.64
O6 BMA IB . 21.51 36.43 -39.42
C1 NAG JB . 31.13 22.45 -29.82
C2 NAG JB . 31.37 23.75 -29.04
C3 NAG JB . 31.15 24.96 -29.94
C4 NAG JB . 32.03 24.85 -31.17
C5 NAG JB . 31.77 23.53 -31.88
C6 NAG JB . 32.68 23.31 -33.08
C7 NAG JB . 29.23 23.54 -27.79
C8 NAG JB . 28.81 22.82 -26.55
N2 NAG JB . 30.53 23.85 -27.86
O3 NAG JB . 31.45 26.14 -29.20
O4 NAG JB . 31.75 25.94 -32.05
O5 NAG JB . 31.96 22.44 -30.98
O6 NAG JB . 34.03 23.14 -32.63
O7 NAG JB . 28.41 23.83 -28.65
C1 NAG JB . 32.91 26.80 -32.13
C2 NAG JB . 33.25 27.11 -33.58
C3 NAG JB . 32.50 28.32 -34.12
C4 NAG JB . 32.49 29.49 -33.14
C5 NAG JB . 32.17 29.10 -31.69
C6 NAG JB . 30.67 28.97 -31.44
C7 NAG JB . 35.53 26.31 -33.77
C8 NAG JB . 36.76 26.42 -32.92
N2 NAG JB . 34.68 27.33 -33.69
O3 NAG JB . 31.17 27.94 -34.48
O4 NAG JB . 33.76 30.15 -33.17
O5 NAG JB . 32.88 27.93 -31.26
O6 NAG JB . 29.99 30.08 -32.05
O7 NAG JB . 35.32 25.35 -34.50
C1 BMA JB . 33.54 31.53 -33.53
C2 BMA JB . 34.57 31.95 -34.56
C3 BMA JB . 34.34 33.40 -34.95
C4 BMA JB . 32.92 33.57 -35.44
C5 BMA JB . 31.94 33.11 -34.38
C6 BMA JB . 30.51 33.20 -34.88
O2 BMA JB . 34.47 31.11 -35.72
O3 BMA JB . 35.27 33.76 -35.97
O4 BMA JB . 32.68 34.96 -35.73
O5 BMA JB . 32.22 31.74 -34.03
O6 BMA JB . 30.36 32.33 -36.02
C1 MAN JB . 36.43 34.33 -35.35
C2 MAN JB . 36.41 35.85 -35.54
C3 MAN JB . 36.58 36.18 -37.01
C4 MAN JB . 37.86 35.54 -37.52
C5 MAN JB . 37.84 34.04 -37.26
C6 MAN JB . 39.15 33.37 -37.68
O2 MAN JB . 37.46 36.44 -34.77
O3 MAN JB . 36.64 37.59 -37.18
O4 MAN JB . 37.99 35.81 -38.92
O5 MAN JB . 37.64 33.79 -35.87
O6 MAN JB . 39.28 33.39 -39.11
C1 NAG KB . 32.43 20.39 -40.39
C2 NAG KB . 33.77 20.64 -39.70
C3 NAG KB . 34.58 21.63 -40.53
C4 NAG KB . 34.73 21.12 -41.95
C5 NAG KB . 33.35 20.86 -42.54
C6 NAG KB . 33.42 20.24 -43.93
C7 NAG KB . 33.85 20.41 -37.26
C8 NAG KB . 34.44 19.05 -37.50
N2 NAG KB . 33.57 21.12 -38.35
O3 NAG KB . 35.84 21.83 -39.90
O4 NAG KB . 35.37 22.10 -42.77
O5 NAG KB . 32.61 19.93 -41.73
O6 NAG KB . 32.12 20.03 -44.47
O7 NAG KB . 33.63 20.82 -36.13
C1 NAG KB . 36.75 22.08 -42.94
C2 NAG KB . 37.09 23.13 -44.00
C3 NAG KB . 38.59 23.15 -44.25
C4 NAG KB . 39.32 23.41 -42.94
C5 NAG KB . 38.90 22.34 -41.93
C6 NAG KB . 39.51 22.54 -40.56
C7 NAG KB . 35.37 23.72 -45.62
C8 NAG KB . 34.73 23.40 -46.94
N2 NAG KB . 36.35 22.91 -45.24
O3 NAG KB . 38.86 24.16 -45.21
O4 NAG KB . 40.74 23.31 -43.09
O5 NAG KB . 37.47 22.34 -41.75
O6 NAG KB . 39.12 23.79 -40.00
O7 NAG KB . 35.00 24.67 -44.94
C1 BMA KB . 41.47 24.33 -43.68
C2 BMA KB . 42.94 24.14 -43.32
C3 BMA KB . 43.79 25.22 -43.96
C4 BMA KB . 43.57 25.23 -45.46
C5 BMA KB . 42.08 25.39 -45.77
C6 BMA KB . 41.76 25.31 -47.24
O2 BMA KB . 43.37 22.84 -43.72
O3 BMA KB . 45.16 24.99 -43.66
O4 BMA KB . 44.29 26.32 -46.04
O5 BMA KB . 41.32 24.36 -45.11
O6 BMA KB . 42.43 26.34 -47.97
C1 NAG LB . 29.40 -3.89 -27.36
C2 NAG LB . 29.01 -4.83 -26.22
C3 NAG LB . 30.23 -5.59 -25.73
C4 NAG LB . 30.83 -6.35 -26.91
C5 NAG LB . 31.17 -5.36 -28.01
C6 NAG LB . 31.75 -6.05 -29.25
C7 NAG LB . 27.12 -3.96 -24.96
C8 NAG LB . 26.67 -2.76 -24.20
N2 NAG LB . 28.43 -4.10 -25.10
O3 NAG LB . 29.82 -6.48 -24.69
O4 NAG LB . 31.98 -7.10 -26.48
O5 NAG LB . 30.00 -4.66 -28.40
O6 NAG LB . 30.75 -6.91 -29.81
O7 NAG LB . 26.33 -4.76 -25.44
C1 NAG LB . 31.70 -8.50 -26.64
C2 NAG LB . 32.96 -9.34 -26.58
C3 NAG LB . 32.60 -10.79 -26.84
C4 NAG LB . 31.54 -11.25 -25.85
C5 NAG LB . 30.34 -10.33 -25.94
C6 NAG LB . 29.26 -10.68 -24.93
C7 NAG LB . 34.89 -8.04 -27.24
C8 NAG LB . 35.55 -7.35 -28.41
N2 NAG LB . 33.93 -8.90 -27.55
O3 NAG LB . 33.78 -11.59 -26.73
O4 NAG LB . 31.13 -12.59 -26.16
O5 NAG LB . 30.73 -8.97 -25.71
O6 NAG LB . 28.13 -9.82 -25.12
O7 NAG LB . 35.22 -7.81 -26.09
C1 BMA LB . 31.61 -13.50 -25.15
C2 BMA LB . 30.54 -14.54 -24.86
C3 BMA LB . 31.04 -15.51 -23.80
C4 BMA LB . 32.35 -16.13 -24.26
C5 BMA LB . 33.36 -15.02 -24.58
C6 BMA LB . 34.66 -15.62 -25.10
O2 BMA LB . 30.22 -15.25 -26.05
O3 BMA LB . 30.06 -16.53 -23.57
O4 BMA LB . 32.86 -16.98 -23.24
O5 BMA LB . 32.82 -14.13 -25.56
O6 BMA LB . 35.57 -14.56 -25.41
C1 NAG MB . -32.24 -31.32 17.24
C2 NAG MB . -31.25 -32.35 17.88
C3 NAG MB . -31.82 -32.93 19.17
C4 NAG MB . -31.94 -31.81 20.17
C5 NAG MB . -32.88 -30.82 19.54
C6 NAG MB . -33.22 -29.62 20.42
C7 NAG MB . -29.70 -33.56 16.46
C8 NAG MB . -29.49 -34.74 15.58
N2 NAG MB . -30.92 -33.46 17.01
O3 NAG MB . -30.95 -33.96 19.65
O4 NAG MB . -32.51 -32.32 21.38
O5 NAG MB . -32.31 -30.34 18.32
O6 NAG MB . -32.06 -28.78 20.58
O7 NAG MB . -28.83 -32.75 16.69
C1 NAG MB . -31.56 -32.22 22.47
C2 NAG MB . -32.29 -32.17 23.80
C3 NAG MB . -31.27 -31.98 24.91
C4 NAG MB . -30.25 -33.11 24.84
C5 NAG MB . -29.60 -33.12 23.46
C6 NAG MB . -28.59 -34.25 23.30
C7 NAG MB . -34.54 -31.28 23.60
C8 NAG MB . -35.41 -30.05 23.73
N2 NAG MB . -33.26 -31.09 23.86
O3 NAG MB . -31.95 -31.97 26.17
O4 NAG MB . -29.25 -32.94 25.85
O5 NAG MB . -30.61 -33.26 22.46
O6 NAG MB . -27.97 -34.14 22.01
O7 NAG MB . -34.99 -32.36 23.27
C1 BMA MB . -29.36 -33.96 26.87
C2 BMA MB . -29.12 -33.33 28.23
C3 BMA MB . -29.25 -34.39 29.32
C4 BMA MB . -30.61 -35.07 29.21
C5 BMA MB . -30.79 -35.65 27.80
C6 BMA MB . -32.18 -36.25 27.65
O2 BMA MB . -30.08 -32.29 28.46
O3 BMA MB . -29.13 -33.77 30.61
O4 BMA MB . -30.70 -36.12 30.17
O5 BMA MB . -30.62 -34.61 26.83
O6 BMA MB . -33.16 -35.21 27.83
C1 FUC MB . -31.94 -28.45 21.98
C2 FUC MB . -30.49 -28.22 22.36
C3 FUC MB . -30.00 -26.91 21.77
C4 FUC MB . -30.92 -25.79 22.22
C5 FUC MB . -32.37 -26.11 21.84
C6 FUC MB . -33.31 -25.02 22.35
O2 FUC MB . -29.68 -29.29 21.87
O3 FUC MB . -28.67 -26.64 22.21
O4 FUC MB . -30.81 -25.61 23.63
O5 FUC MB . -32.76 -27.36 22.40
C1 NAG NB . -44.00 -26.98 15.99
C2 NAG NB . -45.37 -26.55 15.48
C3 NAG NB . -45.99 -25.56 16.44
C4 NAG NB . -46.04 -26.18 17.84
C5 NAG NB . -44.65 -26.63 18.25
C6 NAG NB . -44.62 -27.29 19.62
C7 NAG NB . -45.44 -26.58 13.04
C8 NAG NB . -45.48 -25.74 11.80
N2 NAG NB . -45.24 -25.91 14.17
O3 NAG NB . -47.32 -25.28 15.98
O4 NAG NB . -46.55 -25.25 18.82
O5 NAG NB . -44.09 -27.53 17.29
O6 NAG NB . -43.25 -27.49 20.00
O7 NAG NB . -45.57 -27.80 13.00
C1 NAG NB . -46.03 -23.91 18.62
C2 NAG NB . -47.12 -22.89 18.91
C3 NAG NB . -46.59 -21.48 18.65
C4 NAG NB . -45.36 -21.26 19.51
C5 NAG NB . -44.32 -22.34 19.20
C6 NAG NB . -43.09 -22.16 20.08
C7 NAG NB . -49.34 -23.80 18.51
C8 NAG NB . -50.39 -24.10 17.48
N2 NAG NB . -48.29 -23.11 18.07
O3 NAG NB . -47.59 -20.52 18.97
O4 NAG NB . -44.80 -19.97 19.23
O5 NAG NB . -44.89 -23.63 19.43
O6 NAG NB . -43.41 -22.53 21.42
O7 NAG NB . -49.43 -24.18 19.67
C1 FUC NB . -42.76 -26.31 20.67
C2 FUC NB . -41.80 -26.73 21.79
C3 FUC NB . -40.54 -27.32 21.20
C4 FUC NB . -39.90 -26.30 20.25
C5 FUC NB . -40.92 -25.90 19.19
C6 FUC NB . -40.34 -24.84 18.26
O2 FUC NB . -42.44 -27.71 22.63
O3 FUC NB . -39.62 -27.64 22.25
O4 FUC NB . -39.49 -25.15 20.99
O5 FUC NB . -42.10 -25.39 19.80
C1 NAG OB . -47.66 -17.80 4.93
C2 NAG OB . -48.14 -16.43 4.42
C3 NAG OB . -48.66 -15.60 5.59
C4 NAG OB . -49.75 -16.39 6.32
C5 NAG OB . -49.21 -17.74 6.76
C6 NAG OB . -50.31 -18.56 7.43
C7 NAG OB . -46.90 -15.75 2.46
C8 NAG OB . -45.50 -15.43 1.97
N2 NAG OB . -47.08 -15.70 3.77
O3 NAG OB . -49.19 -14.37 5.12
O4 NAG OB . -50.18 -15.65 7.47
O5 NAG OB . -48.72 -18.46 5.63
O6 NAG OB . -51.32 -18.86 6.47
O7 NAG OB . -47.80 -16.02 1.68
C1 NAG OB . -51.58 -15.33 7.45
C2 NAG OB . -52.04 -15.17 8.89
C3 NAG OB . -53.52 -14.76 8.98
C4 NAG OB . -53.96 -13.74 7.93
C5 NAG OB . -53.27 -13.89 6.57
C6 NAG OB . -53.78 -12.88 5.57
C7 NAG OB . -50.74 -16.66 10.34
C8 NAG OB . -50.62 -18.04 10.92
N2 NAG OB . -51.84 -16.39 9.63
O3 NAG OB . -53.84 -14.46 10.34
O4 NAG OB . -55.40 -13.65 7.86
O5 NAG OB . -51.86 -14.13 6.72
O6 NAG OB . -53.38 -11.59 6.02
O7 NAG OB . -49.86 -15.82 10.52
C1 NAG PB . -33.50 -17.30 18.45
C2 NAG PB . -34.52 -16.21 18.16
C3 NAG PB . -34.21 -14.97 18.99
C4 NAG PB . -34.13 -15.31 20.47
C5 NAG PB . -33.13 -16.45 20.64
C6 NAG PB . -32.91 -16.93 22.08
C7 NAG PB . -33.49 -15.65 15.94
C8 NAG PB . -33.57 -16.34 14.62
N2 NAG PB . -34.55 -15.84 16.74
O3 NAG PB . -35.24 -14.00 18.77
O4 NAG PB . -33.60 -14.16 21.11
O5 NAG PB . -33.43 -17.59 19.84
O6 NAG PB . -31.71 -17.72 22.08
O7 NAG PB . -32.52 -14.96 16.22
C1 NAG PB . -34.48 -13.66 22.14
C2 NAG PB . -33.66 -12.77 23.08
C3 NAG PB . -34.57 -12.25 24.17
C4 NAG PB . -35.75 -11.54 23.55
C5 NAG PB . -36.49 -12.48 22.61
C6 NAG PB . -37.65 -11.77 21.91
C7 NAG PB . -31.29 -13.32 23.24
C8 NAG PB . -30.26 -13.34 24.32
N2 NAG PB . -32.55 -13.49 23.64
O3 NAG PB . -33.83 -11.34 25.00
O4 NAG PB . -36.65 -11.10 24.58
O5 NAG PB . -35.59 -12.96 21.61
O6 NAG PB . -37.12 -10.77 21.05
O7 NAG PB . -31.00 -13.17 22.06
C1 FUC PB . -30.56 -16.90 22.40
C2 FUC PB . -29.54 -17.76 23.12
C3 FUC PB . -28.95 -18.78 22.16
C4 FUC PB . -28.34 -18.06 20.97
C5 FUC PB . -29.41 -17.19 20.32
C6 FUC PB . -28.87 -16.40 19.13
O2 FUC PB . -30.16 -18.44 24.22
O3 FUC PB . -27.95 -19.55 22.82
O4 FUC PB . -27.24 -17.24 21.39
O5 FUC PB . -29.95 -16.27 21.28
C1 NAG QB . -12.49 -21.37 -46.20
C2 NAG QB . -11.03 -21.62 -46.56
C3 NAG QB . -10.68 -20.89 -47.85
C4 NAG QB . -11.65 -21.30 -48.95
C5 NAG QB . -13.08 -21.04 -48.50
C6 NAG QB . -14.10 -21.53 -49.50
C7 NAG QB . -9.46 -22.12 -44.75
C8 NAG QB . -8.54 -21.53 -43.72
N2 NAG QB . -10.12 -21.23 -45.50
O3 NAG QB . -9.34 -21.16 -48.22
O4 NAG QB . -11.39 -20.52 -50.11
O5 NAG QB . -13.34 -21.75 -47.27
O6 NAG QB . -15.43 -21.28 -49.04
O7 NAG QB . -9.60 -23.33 -44.89
C14 83G RB . 15.24 2.96 19.71
C11 83G RB . 13.86 3.27 17.54
C10 83G RB . 13.43 2.66 16.38
C12 83G RB . 14.10 2.60 18.79
C01 83G RB . 15.68 6.77 19.70
C03 83G RB . 14.43 5.84 17.89
C04 83G RB . 14.45 7.02 17.17
C05 83G RB . 14.07 7.02 15.83
C07 83G RB . 13.67 4.80 15.86
C08 83G RB . 14.04 4.67 17.22
C17 83G RB . 16.06 2.81 21.99
C18 83G RB . 15.64 1.67 22.87
C20 83G RB . 13.30 2.26 22.53
C21 83G RB . 13.69 3.40 21.61
C22 83G RB . 13.70 4.74 22.32
C23 83G RB . 14.15 1.92 24.82
C25 83G RB . 15.35 2.04 25.73
C26 83G RB . 15.95 3.28 25.93
C27 83G RB . 17.05 3.39 26.77
C28 83G RB . 17.55 2.27 27.40
C29 83G RB . 16.96 1.04 27.19
C30 83G RB . 15.86 0.93 26.36
N06 83G RB . 13.68 5.93 15.15
N09 83G RB . 13.32 3.57 15.38
N16 83G RB . 15.01 3.08 21.03
N19 83G RB . 14.35 1.94 23.50
O02 83G RB . 14.79 5.77 19.20
O13 83G RB . 13.38 1.64 19.11
O15 83G RB . 16.36 3.12 19.24
O24 83G RB . 13.04 1.78 25.31
C1 NAG SB . 19.77 35.95 23.92
C2 NAG SB . 19.82 36.23 25.42
C3 NAG SB . 18.88 37.38 25.73
C4 NAG SB . 19.24 38.60 24.89
C5 NAG SB . 19.21 38.22 23.41
C6 NAG SB . 19.66 39.34 22.51
C7 NAG SB . 20.40 34.39 26.91
C8 NAG SB . 19.93 33.11 27.53
N2 NAG SB . 19.50 35.05 26.19
O3 NAG SB . 18.95 37.68 27.12
O4 NAG SB . 18.29 39.62 25.12
O5 NAG SB . 20.10 37.10 23.16
O6 NAG SB . 21.01 39.71 22.80
O7 NAG SB . 21.54 34.81 27.06
C1 NAG TB . 38.01 -28.80 38.21
C2 NAG TB . 37.62 -30.24 37.92
C3 NAG TB . 37.69 -31.07 39.20
C4 NAG TB . 39.11 -30.94 39.74
C5 NAG TB . 39.45 -29.47 39.97
C6 NAG TB . 40.83 -29.28 40.57
C7 NAG TB . 35.13 -30.12 37.95
C8 NAG TB . 34.03 -31.06 37.55
N2 NAG TB . 36.28 -30.32 37.32
O3 NAG TB . 37.40 -32.43 38.92
O4 NAG TB . 39.21 -31.66 40.97
O5 NAG TB . 39.33 -28.74 38.74
O6 NAG TB . 40.73 -29.33 42.00
O7 NAG TB . 34.94 -29.24 38.78
C1 NAG UB . 38.90 -26.19 47.11
C2 NAG UB . 40.30 -26.61 46.66
C3 NAG UB . 40.40 -28.13 46.65
C4 NAG UB . 40.03 -28.69 48.01
C5 NAG UB . 38.64 -28.20 48.41
C6 NAG UB . 38.29 -28.67 49.82
C7 NAG UB . 41.16 -24.92 45.12
C8 NAG UB . 42.59 -24.80 45.50
N2 NAG UB . 40.60 -26.11 45.33
O3 NAG UB . 41.73 -28.52 46.31
O4 NAG UB . 40.03 -30.11 47.97
O5 NAG UB . 38.60 -26.77 48.39
O6 NAG UB . 39.14 -28.04 50.77
O7 NAG UB . 40.53 -24.00 44.62
C1 NAG VB . 24.91 -25.25 56.30
C2 NAG VB . 25.57 -24.58 57.49
C3 NAG VB . 26.15 -25.68 58.36
C4 NAG VB . 25.00 -26.57 58.84
C5 NAG VB . 24.34 -27.16 57.58
C6 NAG VB . 23.17 -28.10 57.83
C7 NAG VB . 26.45 -22.37 57.01
C8 NAG VB . 27.66 -21.57 56.63
N2 NAG VB . 26.63 -23.69 57.07
O3 NAG VB . 26.87 -25.12 59.46
O4 NAG VB . 25.52 -27.52 59.78
O5 NAG VB . 23.85 -26.08 56.78
O6 NAG VB . 23.66 -29.39 58.24
O7 NAG VB . 25.37 -21.85 57.25
C1 NAG WB . 11.02 -49.76 13.06
C2 NAG WB . 10.89 -50.81 14.18
C3 NAG WB . 11.92 -50.50 15.25
C4 NAG WB . 13.32 -50.46 14.65
C5 NAG WB . 13.35 -49.44 13.52
C6 NAG WB . 14.67 -49.42 12.79
C7 NAG WB . 8.42 -51.10 14.18
C8 NAG WB . 8.36 -52.32 13.31
N2 NAG WB . 9.58 -50.87 14.80
O3 NAG WB . 11.84 -51.49 16.28
O4 NAG WB . 14.25 -50.08 15.66
O5 NAG WB . 12.33 -49.75 12.54
O6 NAG WB . 14.67 -48.43 11.76
O7 NAG WB . 7.46 -50.35 14.31
C14 83G XB . -11.14 20.45 5.40
C11 83G XB . -9.11 18.85 5.22
C10 83G XB . -8.68 17.54 5.33
C12 83G XB . -10.44 19.25 4.85
C01 83G XB . -8.67 23.14 6.18
C03 83G XB . -7.67 21.05 5.63
C04 83G XB . -6.39 21.42 5.99
C05 83G XB . -5.44 20.44 6.24
C07 83G XB . -6.91 18.78 5.81
C08 83G XB . -7.96 19.68 5.53
C17 83G XB . -12.73 22.26 5.05
C18 83G XB . -13.94 22.09 4.20
C20 83G XB . -12.57 21.48 2.32
C21 83G XB . -11.31 21.56 3.15
C22 83G XB . -10.58 22.87 2.94
C23 83G XB . -14.11 23.37 2.04
C25 83G XB . -15.01 24.41 2.65
C26 83G XB . -14.67 25.11 3.80
C27 83G XB . -15.54 26.06 4.32
C28 83G XB . -16.72 26.36 3.68
C29 83G XB . -17.05 25.69 2.53
C30 83G XB . -16.20 24.73 2.00
N06 83G XB . -5.66 19.12 6.16
N09 83G XB . -7.37 17.50 5.68
N16 83G XB . -11.68 21.37 4.57
N19 83G XB . -13.60 22.38 2.81
O02 83G XB . -8.65 21.96 5.37
O13 83G XB . -11.09 18.52 4.08
O15 83G XB . -11.25 20.57 6.62
O24 83G XB . -13.88 23.43 0.84
C1 NAG YB . -56.07 24.76 16.93
C2 NAG YB . -56.68 24.40 18.28
C3 NAG YB . -58.17 24.05 18.13
C4 NAG YB . -58.91 25.10 17.32
C5 NAG YB . -58.15 25.36 16.02
C6 NAG YB . -58.86 26.39 15.16
C7 NAG YB . -54.96 23.44 19.75
C8 NAG YB . -54.24 22.19 20.16
N2 NAG YB . -55.98 23.28 18.89
O3 NAG YB . -58.74 23.88 19.44
O4 NAG YB . -60.20 24.64 16.91
O5 NAG YB . -56.83 25.79 16.31
O6 NAG YB . -58.80 27.63 15.85
O7 NAG YB . -54.63 24.54 20.19
C1 NAG ZB . -55.37 34.66 -1.55
C2 NAG ZB . -56.52 34.49 -2.55
C3 NAG ZB . -57.17 35.84 -2.76
C4 NAG ZB . -57.64 36.40 -1.42
C5 NAG ZB . -56.46 36.52 -0.47
C6 NAG ZB . -56.86 36.99 0.91
C7 NAG ZB . -54.83 33.98 -4.32
C8 NAG ZB . -54.47 35.20 -5.10
N2 NAG ZB . -56.08 33.92 -3.82
O3 NAG ZB . -58.25 35.72 -3.69
O4 NAG ZB . -58.29 37.65 -1.73
O5 NAG ZB . -55.87 35.22 -0.35
O6 NAG ZB . -57.92 36.15 1.39
O7 NAG ZB . -54.04 33.07 -4.17
C14 83G AC . 15.30 12.51 -13.99
C11 83G AC . 13.78 11.96 -11.97
C10 83G AC . 12.48 11.56 -11.70
C12 83G AC . 14.55 11.54 -13.10
C01 83G AC . 16.94 14.81 -11.73
C03 83G AC . 15.27 13.60 -10.55
C04 83G AC . 15.21 14.36 -9.40
C05 83G AC . 14.05 14.35 -8.62
C07 83G AC . 13.03 12.92 -10.05
C08 83G AC . 14.15 12.85 -10.90
C17 83G AC . 17.02 12.85 -15.67
C18 83G AC . 17.41 11.78 -16.64
C20 83G AC . 17.87 10.25 -14.80
C21 83G AC . 17.47 11.29 -13.79
C22 83G AC . 18.67 12.00 -13.19
C23 83G AC . 19.62 10.68 -16.49
C25 83G AC . 20.29 11.78 -17.26
C26 83G AC . 20.62 12.97 -16.63
C27 83G AC . 21.25 13.98 -17.33
C28 83G AC . 21.53 13.82 -18.66
C29 83G AC . 21.21 12.65 -19.30
C30 83G AC . 20.59 11.63 -18.61
N06 83G AC . 12.95 13.64 -8.93
N09 83G AC . 12.04 12.13 -10.55
N16 83G AC . 16.53 12.24 -14.44
N19 83G AC . 18.38 10.88 -16.03
O02 83G AC . 16.36 13.57 -11.37
O13 83G AC . 14.58 10.34 -13.43
O15 83G AC . 14.74 13.57 -14.30
O24 83G AC . 20.22 9.62 -16.31
C1 NAG BC . 35.37 41.60 -13.48
C2 NAG BC . 34.80 43.02 -13.46
C3 NAG BC . 35.28 43.77 -14.70
C4 NAG BC . 36.80 43.74 -14.76
C5 NAG BC . 37.29 42.29 -14.72
C6 NAG BC . 38.81 42.19 -14.70
C7 NAG BC . 32.48 42.30 -14.06
C8 NAG BC . 31.75 43.02 -15.17
N2 NAG BC . 33.34 43.04 -13.35
O3 NAG BC . 34.81 45.12 -14.63
O4 NAG BC . 37.24 44.38 -15.97
O5 NAG BC . 36.79 41.62 -13.57
O6 NAG BC . 39.30 42.76 -13.47
O7 NAG BC . 32.26 41.13 -13.83
C1 NAG CC . 13.46 13.75 -57.84
C2 NAG CC . 12.22 13.01 -57.37
C3 NAG CC . 11.09 13.29 -58.34
C4 NAG CC . 10.90 14.79 -58.49
C5 NAG CC . 12.20 15.46 -58.93
C6 NAG CC . 12.08 16.97 -59.01
C7 NAG CC . 12.86 10.91 -56.28
C8 NAG CC . 13.25 9.47 -56.53
N2 NAG CC . 12.43 11.57 -57.35
O3 NAG CC . 9.89 12.68 -57.86
O4 NAG CC . 9.85 15.03 -59.46
O5 NAG CC . 13.23 15.14 -57.99
O6 NAG CC . 11.80 17.50 -57.71
O7 NAG CC . 12.93 11.42 -55.17
C1 NAG DC . 33.58 3.51 -54.88
C2 NAG DC . 34.88 3.66 -55.66
C3 NAG DC . 34.66 3.32 -57.12
C4 NAG DC . 34.08 1.93 -57.25
C5 NAG DC . 32.79 1.83 -56.42
C6 NAG DC . 32.22 0.44 -56.39
C7 NAG DC . 36.53 5.26 -54.83
C8 NAG DC . 36.95 6.70 -54.77
N2 NAG DC . 35.42 5.00 -55.52
O3 NAG DC . 35.92 3.43 -57.79
O4 NAG DC . 33.74 1.63 -58.60
O5 NAG DC . 33.06 2.20 -55.04
O6 NAG DC . 33.11 -0.48 -55.77
O7 NAG DC . 37.17 4.37 -54.26
#